data_7X6A
#
_entry.id   7X6A
#
_cell.length_a   1.00
_cell.length_b   1.00
_cell.length_c   1.00
_cell.angle_alpha   90.00
_cell.angle_beta   90.00
_cell.angle_gamma   90.00
#
_symmetry.space_group_name_H-M   'P 1'
#
loop_
_entity.id
_entity.type
_entity.pdbx_description
1 polymer 'Spike glycoprotein'
2 polymer 'Heavy chain of Fab BD55-5840'
3 polymer 'Light chain of Fab BD55-5840'
#
loop_
_entity_poly.entity_id
_entity_poly.type
_entity_poly.pdbx_seq_one_letter_code
_entity_poly.pdbx_strand_id
1 'polypeptide(L)'
;MFVFLVLLPLVSSQCVNLITRTQSYTNSFTRGVYYPDKVFRSSVLHSTQDLFLPFFSNVTWFHAIHVSGTNGTKRFDNPV
LPFNDGVYFASTEKSNIIRGWIFGTTLDSKTQSLLIVNNATNVVIKVCEFQFCNDPFLDVYYHKNNKSWMESEFRVYSSA
NNCTFEYVSQPFLMDLEGKQGNFKNLREFVFKNIDGYFKIYSKHTPINLGRDLPQGFSALEPLVDLPIGINITRFQTLLA
LHRSYLTPGDSSSGWTAGAAAYYVGYLQPRTFLLKYNENGTITDAVDCALDPLSETKCTLKSFTVEKGIYQTSNFRVQPT
ESIVRFPNITNLCPFDEVFNATRFASVYAWNRKRISNCVADYSVLYNFAPFFAFKCYGVSPTKLNDLCFTNVYADSFVIR
GNEVSQIAPGQTGNIADYNYKLPDDFTGCVIAWNSNKLDSKVGGNYNYLYRLFRKSNLKPFERDISTEIYQAGNKPCNGV
AGFNCYFPLRSYGFRPTYGVGHQPYRVVVLSFELLHAPATVCGPKKSTNLVKNKCVNFNFNGLTGTGVLTESNKKFLPFQ
QFGRDIADTTDAVRDPQTLEILDITPCSFGGVSVITPGTNTSNQVAVLYQGVNCTEVPVAIHADQLTPTWRVYSTGSNVF
QTRAGCLIGAEYVNNSYECDIPIGAGICASYQTQTKSHRAAASVASQSIIAYTMSLGAENSVAYSNNSIAIPTNFTISVT
TEILPVSMTKTSVDCTMYICGDSTECSNLLLQYGSFCTQLKRALTGIAVEQDKNTQEVFAQVKQIYKTPPIKYFGGFNFS
QILPDPSKPSKRSPIEDLLFNKVTLADAGFIKQYGDCLGDIAARDLICAQKFNGLTVLPPLLTDEMIAQYTSALLAGTIT
SGWTFGAGPALQIPFPMQMAYRFNGIGVTQNVLYENQKLIANQFNSAIGKIQDSLSSTPSALGKLQDVVNHNAQALNTLV
KQLSSKFGAISSVLNDILSRLDPPEAEVQIDRLITGRLQSLQTYVTQQLIRAAEIRASANLAATKMSECVLGQSKRVDFC
GKGYHLMSFPQSAPHGVVFLHVTYVPAQEKNFTTAPAICHDGKAHFPREGVFVSNGTHWFVTQRNFYEPQIITTDNTFVS
GNCDVVIGIVNNTVYDPLQPELDSFKEELDKYFKNHTSPDVDLGDISGINASVVNIQKEIDRLNEVAKNLNESLIDLQEL
GKYEQYIKWPWYIWLGFIAGLIAIVMVTIMLCCMTSCCSCLKGCCSCGSCCKFDEDDSEPVLKGVKLHYT
;
A,B,D
2 'polypeptide(L)'
;VQLAQSGSELRKPGASVKVSCDTSGHSFTSNAIHWVRQAPGQGLEWMGWINTDTGTPTYAQGFTGRFVFSLDTSARTAYL
QISSLKADDTAVFYCARERDYSDYFFDYWGQGTLVTVSS
;
H,G,I
3 'polypeptide(L)'
;EVVMTQSPASLSVSPGERATLSCRARASLGISTDLAWYQQRPGQAPRLLIYGASTRATGIPARFSGSGSGTEFTLTISSL
QSEDSAVYYCQQYSNWPLTFGGGTKVEIK
;
L,J,K
#
# COMPACT_ATOMS: atom_id res chain seq x y z
N THR A 22 -2.27 34.76 51.70
CA THR A 22 -3.65 34.31 51.54
C THR A 22 -3.77 33.31 50.39
N GLN A 23 -4.16 32.08 50.71
CA GLN A 23 -4.31 31.02 49.72
C GLN A 23 -5.58 30.25 49.99
N SER A 24 -6.25 29.83 48.92
CA SER A 24 -7.47 29.05 49.05
C SER A 24 -7.66 28.23 47.77
N TYR A 25 -8.52 27.21 47.88
CA TYR A 25 -8.76 26.28 46.79
C TYR A 25 -10.26 26.22 46.47
N THR A 26 -10.57 25.98 45.21
CA THR A 26 -11.95 25.85 44.78
C THR A 26 -11.98 25.05 43.48
N ASN A 27 -13.16 24.53 43.16
CA ASN A 27 -13.33 23.69 41.98
C ASN A 27 -13.42 24.51 40.71
N SER A 28 -12.99 23.91 39.61
CA SER A 28 -13.11 24.48 38.26
C SER A 28 -13.93 23.49 37.45
N PHE A 29 -15.26 23.65 37.50
CA PHE A 29 -16.18 22.63 37.00
C PHE A 29 -16.08 22.41 35.49
N THR A 30 -16.46 23.41 34.70
CA THR A 30 -16.55 23.25 33.26
C THR A 30 -16.02 24.49 32.53
N ARG A 31 -14.88 25.01 32.98
CA ARG A 31 -14.26 26.17 32.35
C ARG A 31 -12.86 25.81 31.88
N GLY A 32 -12.41 26.50 30.83
CA GLY A 32 -11.10 26.25 30.27
C GLY A 32 -11.13 25.46 28.98
N VAL A 33 -12.06 25.78 28.10
CA VAL A 33 -12.19 25.13 26.79
C VAL A 33 -12.16 26.19 25.71
N TYR A 34 -11.41 25.93 24.65
CA TYR A 34 -11.21 26.87 23.55
C TYR A 34 -11.45 26.19 22.23
N TYR A 35 -11.58 26.99 21.18
CA TYR A 35 -11.72 26.46 19.84
C TYR A 35 -10.42 25.80 19.42
N PRO A 36 -10.41 24.50 19.08
CA PRO A 36 -9.16 23.83 18.74
C PRO A 36 -8.49 24.39 17.49
N ASP A 37 -9.23 24.44 16.38
CA ASP A 37 -8.69 24.88 15.10
C ASP A 37 -9.55 26.01 14.54
N LYS A 38 -8.97 26.72 13.57
CA LYS A 38 -9.64 27.83 12.90
C LYS A 38 -10.58 27.38 11.79
N VAL A 39 -10.92 26.10 11.75
CA VAL A 39 -11.81 25.55 10.74
C VAL A 39 -13.23 25.54 11.29
N PHE A 40 -14.20 25.71 10.39
CA PHE A 40 -15.61 25.82 10.77
C PHE A 40 -16.30 24.47 10.70
N ARG A 41 -17.19 24.22 11.65
CA ARG A 41 -18.02 23.03 11.65
C ARG A 41 -19.39 23.40 12.23
N SER A 42 -20.38 22.56 11.95
CA SER A 42 -21.74 22.85 12.37
C SER A 42 -22.50 21.56 12.60
N SER A 43 -23.12 21.43 13.78
CA SER A 43 -23.95 20.30 14.15
C SER A 43 -23.22 18.97 13.93
N VAL A 44 -22.12 18.80 14.66
CA VAL A 44 -21.31 17.59 14.57
C VAL A 44 -20.63 17.38 15.91
N LEU A 45 -20.28 16.12 16.20
CA LEU A 45 -19.57 15.74 17.41
C LEU A 45 -18.12 15.43 17.03
N HIS A 46 -17.22 16.33 17.38
CA HIS A 46 -15.81 16.21 17.03
C HIS A 46 -14.99 15.75 18.24
N SER A 47 -13.95 14.97 17.97
CA SER A 47 -13.03 14.50 18.99
C SER A 47 -11.64 15.01 18.67
N THR A 48 -10.94 15.54 19.67
CA THR A 48 -9.63 16.14 19.49
C THR A 48 -8.68 15.63 20.58
N GLN A 49 -7.42 16.02 20.46
CA GLN A 49 -6.40 15.65 21.44
C GLN A 49 -5.42 16.81 21.54
N ASP A 50 -5.43 17.51 22.68
CA ASP A 50 -4.61 18.68 22.88
C ASP A 50 -4.52 18.94 24.38
N LEU A 51 -3.65 19.88 24.76
CA LEU A 51 -3.57 20.30 26.14
C LEU A 51 -4.87 20.98 26.56
N PHE A 52 -5.40 20.57 27.71
CA PHE A 52 -6.69 21.07 28.20
C PHE A 52 -6.68 21.08 29.71
N LEU A 53 -7.60 21.86 30.28
CA LEU A 53 -7.80 21.89 31.72
C LEU A 53 -8.76 20.79 32.13
N PRO A 54 -8.35 19.83 32.95
CA PRO A 54 -9.26 18.75 33.34
C PRO A 54 -10.48 19.27 34.08
N PHE A 55 -11.61 18.59 33.86
CA PHE A 55 -12.86 18.99 34.49
C PHE A 55 -12.83 18.68 35.98
N PHE A 56 -13.53 19.52 36.74
CA PHE A 56 -13.68 19.35 38.19
C PHE A 56 -12.33 19.27 38.90
N SER A 57 -11.42 20.16 38.52
CA SER A 57 -10.12 20.27 39.17
C SER A 57 -10.11 21.46 40.13
N ASN A 58 -9.06 21.54 40.93
CA ASN A 58 -8.93 22.58 41.94
C ASN A 58 -7.95 23.65 41.47
N VAL A 59 -8.33 24.91 41.65
CA VAL A 59 -7.51 26.05 41.28
C VAL A 59 -7.19 26.84 42.55
N THR A 60 -5.92 27.21 42.71
CA THR A 60 -5.48 27.92 43.89
C THR A 60 -5.67 29.43 43.70
N TRP A 61 -6.09 30.10 44.77
CA TRP A 61 -6.26 31.54 44.76
C TRP A 61 -5.11 32.21 45.49
N PHE A 62 -4.56 33.26 44.89
CA PHE A 62 -3.51 34.07 45.49
C PHE A 62 -4.00 35.50 45.60
N HIS A 63 -3.95 36.06 46.81
CA HIS A 63 -4.53 37.36 47.10
C HIS A 63 -3.45 38.38 47.42
N ALA A 64 -3.81 39.65 47.27
CA ALA A 64 -2.92 40.77 47.52
C ALA A 64 -3.51 41.65 48.62
N ILE A 65 -2.69 42.01 49.60
CA ILE A 65 -3.09 42.87 50.71
C ILE A 65 -2.05 43.98 50.87
N HIS A 66 -2.37 45.16 50.34
CA HIS A 66 -1.52 46.34 50.56
C HIS A 66 -2.40 47.58 50.35
N VAL A 67 -2.85 48.18 51.46
CA VAL A 67 -3.65 49.40 51.43
C VAL A 67 -3.22 50.29 52.59
N SER A 68 -3.71 51.54 52.55
CA SER A 68 -3.51 52.55 53.59
C SER A 68 -2.07 53.05 53.63
N GLY A 69 -1.90 54.35 53.87
CA GLY A 69 -0.57 54.94 53.90
C GLY A 69 0.01 55.07 55.28
N THR A 70 -0.78 55.59 56.23
CA THR A 70 -0.30 55.75 57.60
C THR A 70 0.02 54.39 58.23
N ASN A 71 -0.84 53.41 58.01
CA ASN A 71 -0.63 52.06 58.50
C ASN A 71 -0.51 51.10 57.32
N GLY A 72 0.25 50.04 57.50
CA GLY A 72 0.43 49.07 56.43
C GLY A 72 1.31 47.93 56.89
N THR A 73 1.47 46.97 56.00
CA THR A 73 2.29 45.78 56.23
C THR A 73 3.00 45.44 54.93
N LYS A 74 4.12 44.72 55.06
CA LYS A 74 4.87 44.30 53.88
C LYS A 74 3.97 43.48 52.96
N ARG A 75 4.00 43.81 51.67
CA ARG A 75 3.02 43.25 50.75
C ARG A 75 3.34 41.79 50.40
N PHE A 76 4.47 41.56 49.71
CA PHE A 76 4.85 40.22 49.25
C PHE A 76 3.69 39.51 48.58
N ASP A 77 2.96 40.25 47.74
CA ASP A 77 1.64 39.84 47.26
C ASP A 77 1.64 39.28 45.86
N ASN A 78 2.82 38.95 45.30
CA ASN A 78 2.92 38.40 43.95
C ASN A 78 3.76 37.13 44.00
N PRO A 79 3.15 36.01 44.39
CA PRO A 79 3.87 34.73 44.33
C PRO A 79 4.22 34.38 42.89
N VAL A 80 5.35 33.70 42.73
CA VAL A 80 5.91 33.36 41.42
C VAL A 80 5.69 31.88 41.18
N LEU A 81 5.15 31.54 40.01
CA LEU A 81 4.69 30.19 39.76
C LEU A 81 5.52 29.49 38.68
N PRO A 82 5.64 28.16 38.75
CA PRO A 82 6.52 27.45 37.80
C PRO A 82 6.12 27.58 36.34
N PHE A 83 4.82 27.66 36.03
CA PHE A 83 4.34 27.67 34.65
C PHE A 83 4.82 26.42 33.90
N ASN A 84 4.30 25.29 34.36
CA ASN A 84 4.67 23.97 33.82
C ASN A 84 3.66 23.55 32.75
N ASP A 85 4.06 23.72 31.49
CA ASP A 85 3.31 23.25 30.33
C ASP A 85 1.92 23.89 30.26
N GLY A 86 1.91 25.22 30.17
CA GLY A 86 0.67 25.95 29.98
C GLY A 86 -0.13 26.14 31.24
N VAL A 87 -0.75 27.31 31.39
CA VAL A 87 -1.56 27.63 32.56
C VAL A 87 -2.88 28.24 32.12
N TYR A 88 -3.84 28.24 33.03
CA TYR A 88 -5.15 28.85 32.83
C TYR A 88 -5.28 30.03 33.78
N PHE A 89 -5.65 31.19 33.23
CA PHE A 89 -5.74 32.42 34.00
C PHE A 89 -7.15 32.97 33.95
N ALA A 90 -7.62 33.45 35.10
CA ALA A 90 -8.94 34.07 35.21
C ALA A 90 -8.93 35.06 36.35
N SER A 91 -9.59 36.19 36.16
CA SER A 91 -9.66 37.23 37.18
C SER A 91 -10.83 38.15 36.88
N THR A 92 -11.43 38.67 37.94
CA THR A 92 -12.53 39.62 37.83
C THR A 92 -12.07 40.94 38.46
N GLU A 93 -12.06 41.99 37.65
CA GLU A 93 -11.60 43.31 38.08
C GLU A 93 -12.48 44.36 37.40
N LYS A 94 -12.11 45.64 37.53
CA LYS A 94 -12.94 46.71 36.97
C LYS A 94 -12.48 47.09 35.57
N SER A 95 -11.28 47.66 35.45
CA SER A 95 -10.79 47.92 34.10
C SER A 95 -9.33 47.50 33.88
N ASN A 96 -8.44 47.82 34.83
CA ASN A 96 -7.01 47.63 34.56
C ASN A 96 -6.20 47.20 35.78
N ILE A 97 -6.81 46.54 36.77
CA ILE A 97 -6.07 46.23 38.00
C ILE A 97 -4.90 45.30 37.72
N ILE A 98 -5.13 44.26 36.92
CA ILE A 98 -4.06 43.35 36.52
C ILE A 98 -3.50 43.81 35.18
N ARG A 99 -2.17 43.90 35.10
CA ARG A 99 -1.50 44.38 33.90
C ARG A 99 -0.27 43.51 33.62
N GLY A 100 -0.15 43.04 32.39
CA GLY A 100 1.06 42.39 31.93
C GLY A 100 1.39 41.06 32.55
N TRP A 101 2.33 40.34 31.93
CA TRP A 101 2.80 39.05 32.42
C TRP A 101 4.27 38.90 32.05
N ILE A 102 5.04 38.25 32.92
CA ILE A 102 6.47 38.07 32.73
C ILE A 102 6.78 36.58 32.72
N PHE A 103 7.56 36.15 31.73
CA PHE A 103 8.01 34.77 31.60
C PHE A 103 9.54 34.72 31.64
N GLY A 104 10.08 33.52 31.53
CA GLY A 104 11.50 33.29 31.55
C GLY A 104 11.81 31.99 32.26
N THR A 105 13.06 31.84 32.68
CA THR A 105 13.48 30.65 33.41
C THR A 105 14.23 31.02 34.68
N THR A 106 14.90 32.17 34.68
CA THR A 106 15.65 32.61 35.85
C THR A 106 15.34 34.06 36.17
N LEU A 107 14.91 34.82 35.15
CA LEU A 107 14.59 36.25 35.30
C LEU A 107 15.77 37.03 35.86
N ASP A 108 16.95 36.79 35.28
CA ASP A 108 18.17 37.49 35.67
C ASP A 108 18.93 37.88 34.43
N SER A 109 20.12 38.47 34.63
CA SER A 109 20.93 38.94 33.52
C SER A 109 21.61 37.82 32.76
N LYS A 110 21.58 36.58 33.27
CA LYS A 110 22.22 35.45 32.61
C LYS A 110 21.26 34.69 31.71
N THR A 111 19.99 35.07 31.65
CA THR A 111 19.01 34.40 30.83
C THR A 111 18.05 35.41 30.22
N GLN A 112 17.39 35.02 29.14
CA GLN A 112 16.39 35.85 28.49
C GLN A 112 15.06 35.71 29.21
N SER A 113 14.27 36.79 29.19
CA SER A 113 12.98 36.81 29.86
C SER A 113 12.01 37.66 29.06
N LEU A 114 10.75 37.22 29.03
CA LEU A 114 9.72 37.92 28.30
C LEU A 114 9.15 39.07 29.12
N LEU A 115 8.67 40.10 28.42
CA LEU A 115 8.23 41.35 29.06
C LEU A 115 6.88 41.80 28.49
N ILE A 116 5.92 40.88 28.40
CA ILE A 116 4.59 41.22 27.93
C ILE A 116 3.97 42.25 28.87
N VAL A 117 3.78 43.47 28.39
CA VAL A 117 3.24 44.56 29.20
C VAL A 117 2.13 45.23 28.39
N ASN A 118 1.01 45.50 29.06
CA ASN A 118 -0.12 46.18 28.44
C ASN A 118 -0.09 47.66 28.80
N ASN A 119 -0.57 48.49 27.88
CA ASN A 119 -0.59 49.93 28.03
C ASN A 119 -2.02 50.45 27.91
N ALA A 120 -2.18 51.78 27.90
CA ALA A 120 -3.50 52.38 27.86
C ALA A 120 -4.25 51.99 26.59
N THR A 121 -3.61 52.15 25.44
CA THR A 121 -4.18 51.73 24.16
C THR A 121 -3.10 51.04 23.32
N ASN A 122 -2.34 50.16 23.96
CA ASN A 122 -1.25 49.46 23.28
C ASN A 122 -0.83 48.27 24.12
N VAL A 123 -0.10 47.35 23.49
CA VAL A 123 0.51 46.22 24.17
C VAL A 123 1.97 46.14 23.72
N VAL A 124 2.87 45.95 24.68
CA VAL A 124 4.30 45.91 24.42
C VAL A 124 4.81 44.53 24.81
N ILE A 125 5.37 43.81 23.83
CA ILE A 125 5.93 42.48 24.05
C ILE A 125 7.33 42.46 23.47
N LYS A 126 8.30 41.99 24.26
CA LYS A 126 9.67 41.92 23.81
C LYS A 126 10.40 40.85 24.60
N VAL A 127 11.49 40.34 24.01
CA VAL A 127 12.39 39.41 24.67
C VAL A 127 13.79 40.03 24.65
N CYS A 128 14.47 39.98 25.79
CA CYS A 128 15.76 40.63 25.92
C CYS A 128 16.51 40.03 27.10
N GLU A 129 17.73 40.52 27.33
CA GLU A 129 18.54 40.09 28.45
C GLU A 129 18.39 41.09 29.60
N PHE A 130 17.21 41.05 30.20
CA PHE A 130 16.88 41.97 31.29
C PHE A 130 17.64 41.56 32.56
N GLN A 131 18.29 42.54 33.19
CA GLN A 131 19.09 42.24 34.37
C GLN A 131 18.23 42.17 35.63
N PHE A 132 17.63 43.29 36.02
CA PHE A 132 16.88 43.40 37.26
C PHE A 132 15.47 43.90 36.99
N CYS A 133 14.54 43.44 37.83
CA CYS A 133 13.17 43.93 37.87
C CYS A 133 12.86 44.17 39.35
N ASN A 134 13.14 45.39 39.82
CA ASN A 134 13.14 45.64 41.25
C ASN A 134 11.73 45.58 41.84
N ASP A 135 10.87 46.54 41.48
CA ASP A 135 9.54 46.72 42.04
C ASP A 135 8.69 47.60 41.14
N PRO A 136 7.37 47.42 41.12
CA PRO A 136 6.50 48.45 40.54
C PRO A 136 6.47 49.67 41.44
N PHE A 137 6.56 50.85 40.84
CA PHE A 137 6.65 52.08 41.62
C PHE A 137 5.32 52.36 42.32
N LEU A 138 5.35 52.37 43.65
CA LEU A 138 4.18 52.61 44.47
C LEU A 138 4.48 53.76 45.43
N ASP A 139 3.55 54.72 45.51
CA ASP A 139 3.70 55.85 46.41
C ASP A 139 3.50 55.49 47.87
N VAL A 140 3.06 54.26 48.15
CA VAL A 140 2.82 53.74 49.50
C VAL A 140 1.59 54.45 50.09
N TYR A 141 0.99 55.34 49.29
CA TYR A 141 -0.26 55.97 49.72
C TYR A 141 -1.37 54.92 49.86
N TYR A 142 -1.58 54.12 48.82
CA TYR A 142 -2.44 52.92 48.88
C TYR A 142 -3.80 53.22 49.49
N HIS A 143 -4.38 54.36 49.11
CA HIS A 143 -5.68 54.77 49.64
C HIS A 143 -6.52 55.32 48.49
N LYS A 144 -7.39 54.47 47.95
CA LYS A 144 -8.33 54.89 46.91
C LYS A 144 -9.71 55.23 47.47
N ASN A 145 -9.90 55.13 48.79
CA ASN A 145 -11.18 55.44 49.40
C ASN A 145 -11.51 56.93 49.37
N ASN A 146 -10.48 57.78 49.32
CA ASN A 146 -10.67 59.22 49.28
C ASN A 146 -10.24 59.83 47.95
N LYS A 147 -9.01 59.56 47.52
CA LYS A 147 -8.50 60.04 46.24
C LYS A 147 -8.09 58.83 45.41
N SER A 148 -8.62 58.74 44.20
CA SER A 148 -8.43 57.58 43.33
C SER A 148 -7.80 57.97 42.00
N TRP A 149 -6.79 58.84 42.05
CA TRP A 149 -6.03 59.23 40.86
C TRP A 149 -4.75 58.38 40.83
N MET A 150 -4.70 57.44 39.90
CA MET A 150 -3.63 56.44 39.86
C MET A 150 -3.28 56.10 38.43
N GLU A 151 -2.02 56.29 38.06
CA GLU A 151 -1.50 55.93 36.74
C GLU A 151 0.01 56.18 36.75
N SER A 152 0.64 55.81 35.64
CA SER A 152 2.04 56.15 35.35
C SER A 152 3.00 55.62 36.43
N GLU A 153 3.06 54.29 36.51
CA GLU A 153 4.03 53.64 37.37
C GLU A 153 5.31 53.30 36.61
N PHE A 154 5.20 52.43 35.59
CA PHE A 154 6.29 52.04 34.72
C PHE A 154 7.52 51.60 35.52
N ARG A 155 8.69 51.61 34.89
CA ARG A 155 9.97 51.29 35.52
C ARG A 155 9.92 49.93 36.22
N VAL A 156 9.68 48.89 35.40
CA VAL A 156 9.67 47.53 35.90
C VAL A 156 11.07 46.93 35.77
N TYR A 157 11.57 46.86 34.55
CA TYR A 157 12.91 46.36 34.31
C TYR A 157 13.94 47.46 34.55
N SER A 158 15.17 47.05 34.84
CA SER A 158 16.26 47.97 35.16
C SER A 158 17.14 48.28 33.96
N SER A 159 17.47 47.29 33.14
CA SER A 159 18.37 47.51 32.02
C SER A 159 18.02 46.53 30.89
N ALA A 160 18.51 46.86 29.70
CA ALA A 160 18.33 46.04 28.51
C ALA A 160 19.69 45.64 27.95
N ASN A 161 19.67 44.85 26.89
CA ASN A 161 20.87 44.34 26.26
C ASN A 161 20.59 44.16 24.77
N ASN A 162 21.41 43.36 24.10
CA ASN A 162 21.26 43.12 22.67
C ASN A 162 19.93 42.41 22.38
N CYS A 163 18.98 43.15 21.82
CA CYS A 163 17.67 42.59 21.50
C CYS A 163 16.94 43.56 20.56
N THR A 164 16.37 43.02 19.49
CA THR A 164 15.68 43.82 18.48
C THR A 164 14.34 43.16 18.14
N PHE A 165 13.59 42.79 19.16
CA PHE A 165 12.28 42.17 19.01
C PHE A 165 11.23 42.99 19.72
N GLU A 166 10.14 43.31 19.01
CA GLU A 166 9.06 44.12 19.56
C GLU A 166 7.75 43.70 18.92
N TYR A 167 6.67 43.80 19.69
CA TYR A 167 5.33 43.50 19.18
C TYR A 167 4.37 44.60 19.63
N VAL A 168 4.74 45.85 19.37
CA VAL A 168 3.84 46.97 19.62
C VAL A 168 2.58 46.76 18.79
N SER A 169 1.44 46.58 19.47
CA SER A 169 0.20 46.24 18.80
C SER A 169 -0.98 46.72 19.63
N GLN A 170 -2.18 46.43 19.13
CA GLN A 170 -3.41 46.80 19.82
C GLN A 170 -3.54 46.04 21.13
N PRO A 171 -3.97 46.69 22.22
CA PRO A 171 -4.02 46.00 23.52
C PRO A 171 -5.02 44.85 23.52
N PHE A 172 -4.70 43.83 24.31
CA PHE A 172 -5.51 42.61 24.32
C PHE A 172 -6.74 42.76 25.20
N LEU A 173 -6.53 42.97 26.49
CA LEU A 173 -7.64 43.06 27.44
C LEU A 173 -8.30 44.43 27.38
N MET A 174 -9.63 44.43 27.46
CA MET A 174 -10.42 45.65 27.41
C MET A 174 -11.49 45.60 28.50
N ASP A 175 -11.93 46.78 28.92
CA ASP A 175 -12.95 46.89 29.95
C ASP A 175 -14.33 46.95 29.33
N LEU A 176 -15.25 46.17 29.88
CA LEU A 176 -16.64 46.14 29.42
C LEU A 176 -17.50 46.92 30.40
N GLU A 177 -18.25 47.89 29.88
CA GLU A 177 -19.07 48.74 30.73
C GLU A 177 -20.28 47.98 31.25
N GLY A 178 -20.52 48.08 32.56
CA GLY A 178 -21.70 47.49 33.18
C GLY A 178 -22.39 48.48 34.08
N LYS A 179 -23.72 48.56 33.98
CA LYS A 179 -24.50 49.54 34.71
C LYS A 179 -25.43 48.86 35.70
N GLN A 180 -25.88 49.66 36.69
CA GLN A 180 -26.85 49.22 37.70
C GLN A 180 -26.32 48.03 38.51
N GLY A 181 -25.00 47.90 38.60
CA GLY A 181 -24.41 46.83 39.37
C GLY A 181 -24.53 45.48 38.67
N ASN A 182 -24.04 44.45 39.39
CA ASN A 182 -24.13 43.04 39.02
C ASN A 182 -23.81 42.76 37.56
N PHE A 183 -22.98 43.60 36.95
CA PHE A 183 -22.55 43.45 35.56
C PHE A 183 -21.03 43.56 35.53
N LYS A 184 -20.36 42.44 35.73
CA LYS A 184 -18.90 42.38 35.72
C LYS A 184 -18.46 41.30 34.74
N ASN A 185 -17.25 41.48 34.20
CA ASN A 185 -16.69 40.57 33.21
C ASN A 185 -15.57 39.76 33.85
N LEU A 186 -15.60 38.45 33.65
CA LEU A 186 -14.55 37.56 34.09
C LEU A 186 -13.66 37.22 32.89
N ARG A 187 -12.39 37.59 32.99
CA ARG A 187 -11.45 37.33 31.90
C ARG A 187 -10.97 35.89 31.96
N GLU A 188 -10.58 35.37 30.79
CA GLU A 188 -9.99 34.03 30.69
C GLU A 188 -8.88 34.07 29.66
N PHE A 189 -7.65 33.83 30.11
CA PHE A 189 -6.50 33.71 29.23
C PHE A 189 -5.83 32.37 29.46
N VAL A 190 -5.53 31.67 28.38
CA VAL A 190 -4.80 30.41 28.42
C VAL A 190 -3.57 30.56 27.54
N PHE A 191 -2.42 30.14 28.06
CA PHE A 191 -1.13 30.36 27.42
C PHE A 191 -0.55 29.03 26.98
N LYS A 192 -0.13 28.95 25.73
CA LYS A 192 0.43 27.74 25.15
C LYS A 192 1.81 28.05 24.58
N ASN A 193 2.77 27.16 24.83
CA ASN A 193 4.15 27.35 24.37
C ASN A 193 4.68 26.00 23.90
N ILE A 194 4.55 25.72 22.61
CA ILE A 194 5.14 24.54 21.99
C ILE A 194 5.78 24.96 20.67
N ASP A 195 6.69 24.11 20.19
CA ASP A 195 7.48 24.31 18.98
C ASP A 195 7.97 25.75 18.81
N GLY A 196 8.39 26.37 19.91
CA GLY A 196 8.95 27.70 19.86
C GLY A 196 7.96 28.80 19.54
N TYR A 197 6.67 28.57 19.74
CA TYR A 197 5.63 29.56 19.46
C TYR A 197 4.79 29.79 20.71
N PHE A 198 4.23 31.00 20.80
CA PHE A 198 3.40 31.40 21.92
C PHE A 198 1.97 31.64 21.44
N LYS A 199 1.00 31.11 22.18
CA LYS A 199 -0.41 31.17 21.81
C LYS A 199 -1.22 31.77 22.94
N ILE A 200 -2.16 32.64 22.59
CA ILE A 200 -3.03 33.30 23.56
C ILE A 200 -4.46 33.21 23.08
N TYR A 201 -5.33 32.66 23.92
CA TYR A 201 -6.77 32.61 23.66
C TYR A 201 -7.48 33.44 24.70
N SER A 202 -8.35 34.34 24.24
CA SER A 202 -9.04 35.26 25.13
C SER A 202 -10.53 35.29 24.80
N LYS A 203 -11.34 35.48 25.85
CA LYS A 203 -12.78 35.61 25.70
C LYS A 203 -13.33 36.28 26.96
N HIS A 204 -14.27 37.20 26.79
CA HIS A 204 -14.86 37.93 27.88
C HIS A 204 -16.23 37.36 28.20
N THR A 205 -16.40 36.85 29.43
CA THR A 205 -17.64 36.23 29.84
C THR A 205 -18.43 37.17 30.72
N PRO A 206 -19.60 37.65 30.30
CA PRO A 206 -20.41 38.51 31.16
C PRO A 206 -21.12 37.72 32.26
N ILE A 207 -21.97 38.41 33.02
CA ILE A 207 -22.80 37.80 34.06
C ILE A 207 -21.91 37.17 35.14
N ASN A 208 -21.48 37.99 36.10
CA ASN A 208 -20.73 37.55 37.27
C ASN A 208 -21.40 38.04 38.55
N LEU A 209 -22.72 37.82 38.63
CA LEU A 209 -23.52 38.43 39.68
C LEU A 209 -23.10 37.93 41.06
N GLY A 210 -23.27 36.63 41.30
CA GLY A 210 -23.04 36.07 42.63
C GLY A 210 -22.04 34.93 42.64
N ARG A 211 -21.83 34.20 41.54
CA ARG A 211 -20.94 33.07 41.54
C ARG A 211 -19.52 33.50 41.17
N ASP A 212 -18.56 33.14 42.01
CA ASP A 212 -17.16 33.46 41.70
C ASP A 212 -16.70 32.74 40.44
N LEU A 213 -17.07 31.47 40.29
CA LEU A 213 -16.80 30.68 39.10
C LEU A 213 -18.14 30.16 38.58
N PRO A 214 -18.81 30.91 37.71
CA PRO A 214 -20.18 30.53 37.31
C PRO A 214 -20.21 29.22 36.56
N GLN A 215 -21.30 28.47 36.75
CA GLN A 215 -21.52 27.23 36.04
C GLN A 215 -22.24 27.49 34.73
N GLY A 216 -21.96 26.65 33.74
CA GLY A 216 -22.49 26.81 32.41
C GLY A 216 -21.48 26.30 31.40
N PHE A 217 -21.27 27.10 30.35
CA PHE A 217 -20.29 26.74 29.33
C PHE A 217 -19.96 27.97 28.49
N SER A 218 -18.67 28.20 28.28
CA SER A 218 -18.19 29.25 27.39
C SER A 218 -16.90 28.78 26.74
N ALA A 219 -16.60 29.34 25.57
CA ALA A 219 -15.46 28.93 24.78
C ALA A 219 -14.56 30.11 24.47
N LEU A 220 -13.26 29.88 24.50
CA LEU A 220 -12.26 30.89 24.19
C LEU A 220 -11.92 30.84 22.71
N GLU A 221 -11.31 31.92 22.22
CA GLU A 221 -11.02 32.06 20.81
C GLU A 221 -9.57 32.47 20.60
N PRO A 222 -8.94 31.99 19.52
CA PRO A 222 -7.55 32.38 19.24
C PRO A 222 -7.42 33.88 19.04
N LEU A 223 -6.32 34.45 19.52
CA LEU A 223 -6.09 35.88 19.43
C LEU A 223 -4.78 36.24 18.75
N VAL A 224 -3.70 35.53 19.03
CA VAL A 224 -2.37 35.93 18.55
C VAL A 224 -1.45 34.72 18.61
N ASP A 225 -0.42 34.74 17.76
CA ASP A 225 0.67 33.77 17.78
C ASP A 225 1.99 34.51 17.70
N LEU A 226 3.03 33.95 18.32
CA LEU A 226 4.33 34.62 18.35
C LEU A 226 5.47 33.62 18.49
N PRO A 227 6.42 33.61 17.54
CA PRO A 227 7.57 32.68 17.60
C PRO A 227 8.68 33.13 18.55
N ILE A 228 8.52 32.79 19.82
CA ILE A 228 9.48 33.21 20.85
C ILE A 228 10.60 32.18 20.96
N GLY A 229 10.25 30.95 21.35
CA GLY A 229 11.25 29.94 21.60
C GLY A 229 11.63 29.83 23.06
N ILE A 230 12.91 29.59 23.33
CA ILE A 230 13.48 29.53 24.68
C ILE A 230 12.83 28.36 25.42
N ASN A 231 13.17 28.18 26.70
CA ASN A 231 12.71 27.06 27.52
C ASN A 231 12.03 27.58 28.79
N ILE A 232 11.08 28.51 28.59
CA ILE A 232 10.40 29.20 29.68
C ILE A 232 9.83 28.21 30.70
N THR A 233 10.28 28.35 31.96
CA THR A 233 9.80 27.53 33.06
C THR A 233 9.59 28.40 34.30
N ARG A 234 9.13 29.64 34.10
CA ARG A 234 8.98 30.56 35.21
C ARG A 234 7.91 31.58 34.81
N PHE A 235 7.17 32.08 35.80
CA PHE A 235 6.05 32.96 35.50
C PHE A 235 5.88 33.99 36.62
N GLN A 236 5.82 35.26 36.24
CA GLN A 236 5.71 36.37 37.18
C GLN A 236 4.48 37.19 36.85
N THR A 237 3.87 37.77 37.88
CA THR A 237 2.68 38.60 37.75
C THR A 237 3.01 40.04 38.12
N LEU A 238 2.40 40.99 37.41
CA LEU A 238 2.69 42.40 37.60
C LEU A 238 1.47 43.18 38.02
N LEU A 239 0.74 42.68 39.01
CA LEU A 239 -0.42 43.40 39.56
C LEU A 239 -0.03 44.80 40.00
N ALA A 240 -0.84 45.78 39.60
CA ALA A 240 -0.57 47.18 39.89
C ALA A 240 -1.07 47.49 41.29
N LEU A 241 -0.16 47.51 42.26
CA LEU A 241 -0.47 47.82 43.64
C LEU A 241 -0.42 49.31 43.93
N HIS A 242 -0.41 50.15 42.90
CA HIS A 242 -0.36 51.59 43.10
C HIS A 242 -1.60 52.09 43.84
N ARG A 243 -2.77 51.57 43.48
CA ARG A 243 -4.01 51.88 44.20
C ARG A 243 -4.94 50.68 44.03
N SER A 244 -5.00 49.83 45.04
CA SER A 244 -5.77 48.60 44.99
C SER A 244 -7.00 48.69 45.89
N TYR A 245 -7.85 47.67 45.78
CA TYR A 245 -9.08 47.59 46.57
C TYR A 245 -9.46 46.11 46.68
N LEU A 246 -10.56 45.86 47.39
CA LEU A 246 -11.08 44.51 47.60
C LEU A 246 -10.01 43.59 48.18
N THR A 247 -9.63 43.92 49.41
CA THR A 247 -8.47 43.31 50.08
C THR A 247 -8.84 42.73 51.44
N PRO A 248 -9.56 41.62 51.46
CA PRO A 248 -9.74 40.88 52.72
C PRO A 248 -8.49 40.06 53.03
N GLY A 249 -8.44 39.59 54.27
CA GLY A 249 -7.28 38.81 54.69
C GLY A 249 -7.64 37.82 55.79
N ASP A 250 -6.90 36.73 55.81
CA ASP A 250 -7.08 35.66 56.79
C ASP A 250 -5.88 34.73 56.71
N SER A 251 -5.88 33.71 57.57
CA SER A 251 -4.82 32.71 57.62
C SER A 251 -5.23 31.42 56.92
N SER A 252 -5.99 31.51 55.83
CA SER A 252 -6.47 30.34 55.14
C SER A 252 -5.30 29.56 54.52
N SER A 253 -5.31 28.24 54.72
CA SER A 253 -4.27 27.38 54.19
C SER A 253 -4.83 25.97 54.08
N GLY A 254 -4.14 25.13 53.31
CA GLY A 254 -4.59 23.77 53.09
C GLY A 254 -5.62 23.69 51.98
N TRP A 255 -6.89 23.53 52.35
CA TRP A 255 -8.00 23.50 51.39
C TRP A 255 -9.18 24.25 52.03
N THR A 256 -9.26 25.56 51.75
CA THR A 256 -10.32 26.40 52.27
C THR A 256 -10.79 27.32 51.16
N ALA A 257 -11.61 28.30 51.51
CA ALA A 257 -12.15 29.26 50.57
C ALA A 257 -11.84 30.68 51.02
N GLY A 258 -11.68 31.58 50.06
CA GLY A 258 -11.36 32.95 50.36
C GLY A 258 -11.83 33.93 49.29
N ALA A 259 -10.98 34.89 48.95
CA ALA A 259 -11.30 35.87 47.90
C ALA A 259 -9.99 36.46 47.38
N ALA A 260 -9.67 36.20 46.12
CA ALA A 260 -8.40 36.65 45.57
C ALA A 260 -8.56 37.41 44.27
N ALA A 261 -9.58 37.04 43.47
CA ALA A 261 -9.72 37.54 42.10
C ALA A 261 -8.45 37.29 41.29
N TYR A 262 -7.86 36.10 41.49
CA TYR A 262 -6.61 35.74 40.85
C TYR A 262 -6.59 34.21 40.78
N TYR A 263 -6.89 33.66 39.62
CA TYR A 263 -7.11 32.23 39.45
C TYR A 263 -5.99 31.63 38.61
N VAL A 264 -5.53 30.44 38.99
CA VAL A 264 -4.46 29.74 38.29
C VAL A 264 -4.84 28.28 38.13
N GLY A 265 -4.75 27.77 36.91
CA GLY A 265 -5.00 26.37 36.65
C GLY A 265 -4.02 25.84 35.63
N TYR A 266 -3.71 24.54 35.75
CA TYR A 266 -2.71 23.90 34.91
C TYR A 266 -3.38 22.96 33.91
N LEU A 267 -2.82 22.91 32.70
CA LEU A 267 -3.35 22.11 31.62
C LEU A 267 -2.66 20.76 31.54
N GLN A 268 -3.42 19.73 31.15
CA GLN A 268 -2.89 18.40 30.90
C GLN A 268 -3.29 17.96 29.49
N PRO A 269 -2.50 17.08 28.87
CA PRO A 269 -2.86 16.60 27.53
C PRO A 269 -3.99 15.59 27.55
N ARG A 270 -5.23 16.08 27.61
CA ARG A 270 -6.41 15.24 27.68
C ARG A 270 -7.10 15.16 26.32
N THR A 271 -8.10 14.29 26.24
CA THR A 271 -8.89 14.10 25.04
C THR A 271 -10.33 14.53 25.31
N PHE A 272 -10.87 15.37 24.45
CA PHE A 272 -12.20 15.94 24.62
C PHE A 272 -13.12 15.46 23.50
N LEU A 273 -14.40 15.83 23.63
CA LEU A 273 -15.40 15.52 22.61
C LEU A 273 -16.47 16.60 22.69
N LEU A 274 -16.45 17.52 21.73
CA LEU A 274 -17.31 18.70 21.76
C LEU A 274 -18.57 18.47 20.92
N LYS A 275 -19.64 19.15 21.32
CA LYS A 275 -20.93 19.08 20.64
C LYS A 275 -21.15 20.42 19.92
N TYR A 276 -20.77 20.48 18.66
CA TYR A 276 -20.99 21.69 17.87
C TYR A 276 -22.47 21.91 17.65
N ASN A 277 -22.90 23.16 17.80
CA ASN A 277 -24.29 23.52 17.58
C ASN A 277 -24.56 23.74 16.10
N GLU A 278 -25.83 23.97 15.75
CA GLU A 278 -26.17 24.27 14.37
C GLU A 278 -25.74 25.67 13.97
N ASN A 279 -25.38 26.51 14.94
CA ASN A 279 -24.84 27.84 14.67
C ASN A 279 -23.32 27.83 14.55
N GLY A 280 -22.67 26.68 14.73
CA GLY A 280 -21.23 26.58 14.65
C GLY A 280 -20.50 26.75 15.96
N THR A 281 -21.20 27.09 17.04
CA THR A 281 -20.56 27.28 18.34
C THR A 281 -20.59 25.99 19.14
N ILE A 282 -19.76 25.94 20.17
CA ILE A 282 -19.68 24.79 21.07
C ILE A 282 -20.61 25.03 22.26
N THR A 283 -21.47 24.05 22.53
CA THR A 283 -22.41 24.12 23.65
C THR A 283 -22.05 23.17 24.77
N ASP A 284 -21.79 21.91 24.45
CA ASP A 284 -21.48 20.89 25.44
C ASP A 284 -20.14 20.23 25.13
N ALA A 285 -19.57 19.57 26.14
CA ALA A 285 -18.34 18.83 25.98
C ALA A 285 -18.29 17.76 27.07
N VAL A 286 -17.40 16.79 26.88
CA VAL A 286 -17.24 15.69 27.82
C VAL A 286 -15.76 15.33 27.89
N ASP A 287 -15.27 15.07 29.10
CA ASP A 287 -13.89 14.64 29.31
C ASP A 287 -13.80 13.14 29.19
N CYS A 288 -12.90 12.66 28.34
CA CYS A 288 -12.84 11.24 27.98
C CYS A 288 -12.13 10.38 29.01
N ALA A 289 -11.54 10.98 30.06
CA ALA A 289 -10.81 10.19 31.03
C ALA A 289 -11.17 10.54 32.47
N LEU A 290 -12.32 11.15 32.71
CA LEU A 290 -12.73 11.50 34.06
C LEU A 290 -13.48 10.36 34.74
N ASP A 291 -14.58 9.92 34.13
CA ASP A 291 -15.53 8.98 34.69
C ASP A 291 -15.66 7.84 33.70
N PRO A 292 -15.74 6.58 34.18
CA PRO A 292 -15.98 5.48 33.24
C PRO A 292 -17.25 5.66 32.41
N LEU A 293 -18.29 6.29 32.98
CA LEU A 293 -19.42 6.71 32.15
C LEU A 293 -18.98 7.70 31.09
N SER A 294 -18.14 8.67 31.47
CA SER A 294 -17.65 9.65 30.50
C SER A 294 -16.79 8.99 29.43
N GLU A 295 -15.94 8.04 29.82
CA GLU A 295 -15.10 7.36 28.85
C GLU A 295 -15.94 6.47 27.92
N THR A 296 -17.01 5.87 28.45
CA THR A 296 -17.93 5.12 27.59
C THR A 296 -18.61 6.05 26.59
N LYS A 297 -19.05 7.23 27.04
CA LYS A 297 -19.64 8.19 26.12
C LYS A 297 -18.63 8.60 25.05
N CYS A 298 -17.38 8.80 25.43
CA CYS A 298 -16.33 9.12 24.48
C CYS A 298 -16.14 8.00 23.46
N THR A 299 -16.16 6.75 23.93
CA THR A 299 -16.00 5.62 23.02
C THR A 299 -17.15 5.52 22.03
N LEU A 300 -18.38 5.72 22.50
CA LEU A 300 -19.55 5.60 21.63
C LEU A 300 -19.79 6.83 20.77
N LYS A 301 -19.02 7.91 20.98
CA LYS A 301 -19.18 9.16 20.22
C LYS A 301 -20.60 9.69 20.32
N SER A 302 -21.18 9.61 21.52
CA SER A 302 -22.53 10.10 21.76
C SER A 302 -22.59 10.70 23.16
N PHE A 303 -23.77 11.19 23.53
CA PHE A 303 -23.98 11.80 24.84
C PHE A 303 -24.96 11.05 25.72
N THR A 304 -25.76 10.14 25.17
CA THR A 304 -26.69 9.33 25.93
C THR A 304 -26.42 7.87 25.64
N VAL A 305 -26.09 7.10 26.68
CA VAL A 305 -25.80 5.67 26.55
C VAL A 305 -26.98 4.88 27.11
N GLU A 306 -27.40 3.86 26.37
CA GLU A 306 -28.49 3.02 26.82
C GLU A 306 -27.98 1.93 27.77
N LYS A 307 -28.93 1.23 28.39
CA LYS A 307 -28.58 0.19 29.34
C LYS A 307 -27.86 -0.96 28.65
N GLY A 308 -26.85 -1.51 29.32
CA GLY A 308 -26.11 -2.63 28.79
C GLY A 308 -24.71 -2.69 29.40
N ILE A 309 -23.91 -3.59 28.84
CA ILE A 309 -22.52 -3.78 29.24
C ILE A 309 -21.64 -3.57 28.02
N TYR A 310 -20.58 -2.79 28.18
CA TYR A 310 -19.72 -2.39 27.07
C TYR A 310 -18.27 -2.72 27.37
N GLN A 311 -17.53 -3.08 26.32
CA GLN A 311 -16.09 -3.32 26.42
C GLN A 311 -15.39 -2.03 26.03
N THR A 312 -14.97 -1.27 27.03
CA THR A 312 -14.51 0.10 26.79
C THR A 312 -13.04 0.14 26.37
N SER A 313 -12.14 -0.28 27.25
CA SER A 313 -10.71 -0.07 27.02
C SER A 313 -9.94 -1.19 27.69
N ASN A 314 -8.64 -0.98 27.89
CA ASN A 314 -7.76 -1.93 28.54
C ASN A 314 -6.90 -1.21 29.58
N PHE A 315 -6.56 -1.92 30.65
CA PHE A 315 -5.72 -1.37 31.71
C PHE A 315 -4.41 -2.12 31.76
N ARG A 316 -3.32 -1.38 31.97
CA ARG A 316 -1.99 -1.96 32.11
C ARG A 316 -1.27 -1.29 33.26
N VAL A 317 -0.25 -1.97 33.78
CA VAL A 317 0.52 -1.50 34.93
C VAL A 317 1.78 -0.80 34.41
N GLN A 318 2.00 0.43 34.86
CA GLN A 318 3.14 1.22 34.42
C GLN A 318 4.41 0.82 35.17
N PRO A 319 5.57 1.01 34.57
CA PRO A 319 6.82 0.63 35.24
C PRO A 319 7.17 1.59 36.38
N THR A 320 8.01 1.11 37.29
CA THR A 320 8.45 1.88 38.44
C THR A 320 9.77 2.62 38.16
N GLU A 321 10.76 1.94 37.59
CA GLU A 321 12.03 2.55 37.26
C GLU A 321 12.64 1.80 36.08
N SER A 322 13.85 2.21 35.70
CA SER A 322 14.58 1.58 34.62
C SER A 322 15.95 1.12 35.13
N ILE A 323 16.34 -0.09 34.75
CA ILE A 323 17.63 -0.65 35.15
C ILE A 323 18.47 -0.87 33.90
N VAL A 324 19.78 -0.82 34.09
CA VAL A 324 20.75 -0.96 33.00
C VAL A 324 21.85 -1.92 33.45
N ARG A 325 22.16 -2.91 32.62
CA ARG A 325 23.18 -3.91 32.93
C ARG A 325 24.15 -3.98 31.77
N PHE A 326 25.44 -3.84 32.05
CA PHE A 326 26.49 -3.87 31.03
C PHE A 326 27.69 -4.66 31.53
N PRO A 327 28.46 -5.27 30.63
CA PRO A 327 29.68 -5.96 31.05
C PRO A 327 30.72 -4.98 31.56
N ASN A 328 31.58 -5.48 32.45
CA ASN A 328 32.60 -4.67 33.09
C ASN A 328 33.82 -4.56 32.18
N ILE A 329 33.89 -3.48 31.40
CA ILE A 329 35.04 -3.18 30.56
C ILE A 329 35.39 -1.71 30.72
N THR A 330 36.69 -1.42 30.84
CA THR A 330 37.15 -0.08 31.15
C THR A 330 38.15 0.47 30.14
N ASN A 331 38.98 -0.38 29.55
CA ASN A 331 40.03 0.10 28.65
C ASN A 331 39.43 0.71 27.39
N LEU A 332 40.12 1.71 26.85
CA LEU A 332 39.67 2.40 25.65
C LEU A 332 40.02 1.60 24.41
N CYS A 333 39.16 1.73 23.39
CA CYS A 333 39.37 0.99 22.15
C CYS A 333 40.48 1.64 21.32
N PRO A 334 41.33 0.83 20.68
CA PRO A 334 42.44 1.36 19.87
C PRO A 334 42.03 1.65 18.44
N PHE A 335 41.22 2.70 18.27
CA PHE A 335 40.76 3.10 16.95
C PHE A 335 41.71 4.05 16.23
N ASP A 336 42.74 4.57 16.93
CA ASP A 336 43.65 5.52 16.30
C ASP A 336 44.62 4.82 15.35
N GLU A 337 44.99 3.58 15.65
CA GLU A 337 45.89 2.85 14.74
C GLU A 337 45.22 2.60 13.39
N VAL A 338 43.93 2.27 13.40
CA VAL A 338 43.24 1.92 12.16
C VAL A 338 43.12 3.14 11.25
N PHE A 339 42.68 4.27 11.79
CA PHE A 339 42.41 5.46 11.00
C PHE A 339 43.63 6.35 10.79
N ASN A 340 44.73 6.08 11.48
CA ASN A 340 45.98 6.82 11.30
C ASN A 340 47.09 5.80 11.11
N ALA A 341 47.29 5.38 9.85
CA ALA A 341 48.29 4.37 9.51
C ALA A 341 49.30 4.99 8.54
N THR A 342 50.59 4.76 8.81
CA THR A 342 51.63 5.30 7.95
C THR A 342 51.57 4.69 6.55
N ARG A 343 51.37 3.37 6.46
CA ARG A 343 51.36 2.67 5.19
C ARG A 343 50.10 1.83 5.08
N PHE A 344 49.58 1.73 3.85
CA PHE A 344 48.34 1.02 3.56
C PHE A 344 48.60 -0.08 2.55
N ALA A 345 47.93 -1.22 2.74
CA ALA A 345 48.13 -2.36 1.88
C ALA A 345 47.36 -2.21 0.57
N SER A 346 47.71 -3.05 -0.40
CA SER A 346 47.03 -3.04 -1.68
C SER A 346 45.65 -3.69 -1.56
N VAL A 347 44.88 -3.58 -2.65
CA VAL A 347 43.50 -4.07 -2.62
C VAL A 347 43.46 -5.59 -2.55
N TYR A 348 44.38 -6.28 -3.24
CA TYR A 348 44.37 -7.73 -3.24
C TYR A 348 44.92 -8.33 -1.96
N ALA A 349 45.66 -7.54 -1.18
CA ALA A 349 46.31 -8.01 0.04
C ALA A 349 45.80 -7.20 1.23
N TRP A 350 44.49 -6.99 1.29
CA TRP A 350 43.88 -6.29 2.40
C TRP A 350 44.17 -7.01 3.71
N ASN A 351 44.45 -6.23 4.75
CA ASN A 351 44.80 -6.76 6.06
C ASN A 351 43.66 -6.56 7.04
N ARG A 352 43.35 -7.60 7.81
CA ARG A 352 42.25 -7.59 8.74
C ARG A 352 42.76 -7.37 10.16
N LYS A 353 42.09 -6.49 10.90
CA LYS A 353 42.45 -6.17 12.27
C LYS A 353 41.30 -6.52 13.20
N ARG A 354 41.62 -7.10 14.35
CA ARG A 354 40.64 -7.51 15.34
C ARG A 354 40.67 -6.54 16.51
N ILE A 355 39.50 -5.99 16.85
CA ILE A 355 39.35 -5.06 17.97
C ILE A 355 38.37 -5.67 18.95
N SER A 356 38.80 -5.86 20.19
CA SER A 356 37.96 -6.47 21.20
C SER A 356 38.45 -6.08 22.58
N ASN A 357 37.59 -6.31 23.58
CA ASN A 357 37.89 -6.07 24.99
C ASN A 357 38.24 -4.60 25.23
N CYS A 358 37.28 -3.73 24.89
CA CYS A 358 37.44 -2.29 25.12
C CYS A 358 36.08 -1.63 24.98
N VAL A 359 36.03 -0.35 25.35
CA VAL A 359 34.84 0.48 25.22
C VAL A 359 35.01 1.38 24.01
N ALA A 360 34.06 1.32 23.09
CA ALA A 360 34.15 2.05 21.83
C ALA A 360 33.18 3.23 21.84
N ASP A 361 33.70 4.41 21.54
CA ASP A 361 32.89 5.62 21.38
C ASP A 361 33.02 6.05 19.93
N TYR A 362 31.88 6.18 19.24
CA TYR A 362 31.86 6.43 17.81
C TYR A 362 31.73 7.91 17.48
N SER A 363 31.74 8.79 18.47
CA SER A 363 31.68 10.22 18.23
C SER A 363 33.06 10.86 18.16
N VAL A 364 34.13 10.08 18.34
CA VAL A 364 35.50 10.60 18.24
C VAL A 364 36.18 10.19 16.95
N LEU A 365 35.55 9.36 16.13
CA LEU A 365 36.15 8.94 14.86
C LEU A 365 35.98 9.98 13.76
N TYR A 366 35.12 10.99 13.96
CA TYR A 366 34.98 12.04 12.96
C TYR A 366 36.20 12.95 12.94
N ASN A 367 36.81 13.19 14.10
CA ASN A 367 37.93 14.12 14.19
C ASN A 367 39.20 13.56 13.57
N PHE A 368 39.28 12.26 13.35
CA PHE A 368 40.51 11.63 12.87
C PHE A 368 40.62 11.59 11.35
N ALA A 369 39.57 12.00 10.62
CA ALA A 369 39.61 11.99 9.16
C ALA A 369 38.61 13.00 8.64
N PRO A 370 38.92 13.71 7.55
CA PRO A 370 38.03 14.75 7.03
C PRO A 370 36.96 14.22 6.07
N PHE A 371 36.27 13.16 6.48
CA PHE A 371 35.17 12.62 5.70
C PHE A 371 33.85 13.28 6.12
N PHE A 372 32.87 13.21 5.23
CA PHE A 372 31.57 13.82 5.48
C PHE A 372 30.38 12.93 5.15
N ALA A 373 30.54 11.92 4.30
CA ALA A 373 29.40 11.10 3.89
C ALA A 373 29.05 10.06 4.95
N PHE A 374 29.97 9.13 5.21
CA PHE A 374 29.78 8.06 6.19
C PHE A 374 28.46 7.32 5.94
N LYS A 375 28.23 6.94 4.69
CA LYS A 375 27.05 6.16 4.34
C LYS A 375 27.12 4.79 5.03
N CYS A 376 26.04 4.40 5.68
CA CYS A 376 26.04 3.17 6.46
C CYS A 376 24.81 2.34 6.10
N TYR A 377 24.96 1.01 6.18
CA TYR A 377 24.00 0.09 5.60
C TYR A 377 23.02 -0.49 6.62
N GLY A 378 23.53 -1.20 7.62
CA GLY A 378 22.67 -2.01 8.48
C GLY A 378 22.20 -1.34 9.76
N VAL A 379 22.80 -0.21 10.11
CA VAL A 379 22.51 0.44 11.38
C VAL A 379 22.85 1.92 11.24
N SER A 380 22.03 2.76 11.86
CA SER A 380 22.23 4.21 11.75
C SER A 380 23.47 4.63 12.51
N PRO A 381 24.34 5.45 11.93
CA PRO A 381 25.52 5.94 12.67
C PRO A 381 25.15 6.81 13.86
N THR A 382 23.94 7.35 13.91
CA THR A 382 23.57 8.27 14.99
C THR A 382 23.58 7.57 16.35
N LYS A 383 23.15 6.32 16.41
CA LYS A 383 23.06 5.62 17.68
C LYS A 383 23.84 4.32 17.69
N LEU A 384 25.08 4.36 17.20
CA LEU A 384 25.99 3.23 17.31
C LEU A 384 26.55 3.04 18.71
N ASN A 385 26.36 4.01 19.60
CA ASN A 385 26.94 3.96 20.93
C ASN A 385 26.07 3.24 21.95
N ASP A 386 24.90 2.74 21.54
CA ASP A 386 23.98 2.07 22.45
C ASP A 386 23.80 0.59 22.14
N LEU A 387 24.70 0.01 21.36
CA LEU A 387 24.62 -1.39 20.98
C LEU A 387 25.91 -2.10 21.36
N CYS A 388 25.77 -3.27 22.00
CA CYS A 388 26.92 -4.10 22.35
C CYS A 388 27.17 -5.11 21.24
N PHE A 389 28.34 -5.04 20.62
CA PHE A 389 28.71 -5.95 19.55
C PHE A 389 29.45 -7.15 20.16
N THR A 390 29.92 -8.05 19.31
CA THR A 390 30.77 -9.16 19.74
C THR A 390 32.24 -8.92 19.40
N ASN A 391 32.51 -8.29 18.26
CA ASN A 391 33.88 -7.95 17.87
C ASN A 391 33.81 -6.90 16.77
N VAL A 392 34.95 -6.28 16.50
CA VAL A 392 35.07 -5.24 15.47
C VAL A 392 36.15 -5.66 14.49
N TYR A 393 35.84 -5.61 13.20
CA TYR A 393 36.75 -5.98 12.14
C TYR A 393 37.04 -4.75 11.29
N ALA A 394 38.27 -4.25 11.35
CA ALA A 394 38.68 -3.06 10.61
C ALA A 394 39.73 -3.47 9.59
N ASP A 395 39.29 -3.63 8.34
CA ASP A 395 40.18 -3.96 7.23
C ASP A 395 40.09 -2.88 6.16
N SER A 396 41.24 -2.46 5.66
CA SER A 396 41.31 -1.30 4.77
C SER A 396 42.26 -1.57 3.62
N PHE A 397 42.10 -0.78 2.56
CA PHE A 397 42.94 -0.85 1.37
C PHE A 397 42.77 0.45 0.61
N VAL A 398 43.58 0.61 -0.44
CA VAL A 398 43.60 1.82 -1.25
C VAL A 398 43.22 1.46 -2.67
N ILE A 399 42.20 2.15 -3.21
CA ILE A 399 41.73 1.95 -4.57
C ILE A 399 41.51 3.32 -5.21
N ARG A 400 41.39 3.32 -6.54
CA ARG A 400 41.11 4.54 -7.27
C ARG A 400 39.72 5.05 -6.92
N GLY A 401 39.57 6.38 -6.96
CA GLY A 401 38.29 7.00 -6.66
C GLY A 401 37.17 6.59 -7.60
N ASN A 402 37.51 6.11 -8.79
CA ASN A 402 36.50 5.66 -9.74
C ASN A 402 35.75 4.43 -9.24
N GLU A 403 36.32 3.69 -8.30
CA GLU A 403 35.74 2.44 -7.80
C GLU A 403 35.24 2.55 -6.38
N VAL A 404 35.02 3.77 -5.88
CA VAL A 404 34.53 3.94 -4.51
C VAL A 404 33.12 3.40 -4.38
N SER A 405 32.25 3.68 -5.35
CA SER A 405 30.86 3.23 -5.30
C SER A 405 30.73 1.73 -5.53
N GLN A 406 31.78 1.05 -5.96
CA GLN A 406 31.71 -0.38 -6.24
C GLN A 406 31.75 -1.23 -4.97
N ILE A 407 32.15 -0.66 -3.83
CA ILE A 407 32.20 -1.40 -2.58
C ILE A 407 30.81 -1.37 -1.94
N ALA A 408 29.98 -2.34 -2.28
CA ALA A 408 28.62 -2.43 -1.74
C ALA A 408 28.11 -3.85 -1.97
N PRO A 409 27.18 -4.31 -1.14
CA PRO A 409 26.60 -5.65 -1.36
C PRO A 409 25.99 -5.78 -2.75
N GLY A 410 26.24 -6.93 -3.37
CA GLY A 410 25.66 -7.25 -4.66
C GLY A 410 26.31 -6.59 -5.85
N GLN A 411 27.39 -5.84 -5.65
CA GLN A 411 28.04 -5.15 -6.77
C GLN A 411 28.94 -6.10 -7.54
N THR A 412 29.19 -5.76 -8.80
CA THR A 412 30.11 -6.50 -9.64
C THR A 412 30.97 -5.50 -10.41
N GLY A 413 32.10 -5.99 -10.90
CA GLY A 413 33.00 -5.16 -11.66
C GLY A 413 34.41 -5.74 -11.64
N ASN A 414 35.37 -4.91 -12.01
CA ASN A 414 36.75 -5.34 -12.13
C ASN A 414 37.47 -5.42 -10.79
N ILE A 415 36.95 -4.78 -9.75
CA ILE A 415 37.60 -4.80 -8.44
C ILE A 415 36.77 -5.54 -7.39
N ALA A 416 35.47 -5.71 -7.61
CA ALA A 416 34.59 -6.40 -6.67
C ALA A 416 34.37 -7.87 -7.03
N ASP A 417 35.00 -8.37 -8.10
CA ASP A 417 34.83 -9.75 -8.53
C ASP A 417 36.12 -10.55 -8.45
N TYR A 418 37.27 -9.91 -8.30
CA TYR A 418 38.55 -10.61 -8.25
C TYR A 418 39.38 -10.30 -7.01
N ASN A 419 39.12 -9.17 -6.33
CA ASN A 419 39.98 -8.72 -5.24
C ASN A 419 39.27 -8.73 -3.90
N TYR A 420 38.13 -8.05 -3.78
CA TYR A 420 37.46 -7.90 -2.49
C TYR A 420 35.95 -7.88 -2.72
N LYS A 421 35.23 -8.75 -2.02
CA LYS A 421 33.79 -8.90 -2.21
C LYS A 421 33.07 -8.74 -0.88
N LEU A 422 31.88 -8.13 -0.94
CA LEU A 422 31.03 -7.92 0.22
C LEU A 422 29.77 -8.77 0.11
N PRO A 423 29.36 -9.46 1.16
CA PRO A 423 28.16 -10.30 1.08
C PRO A 423 26.90 -9.46 0.97
N ASP A 424 25.84 -10.10 0.47
CA ASP A 424 24.57 -9.41 0.29
C ASP A 424 23.89 -9.11 1.62
N ASP A 425 24.10 -9.96 2.63
CA ASP A 425 23.54 -9.77 3.96
C ASP A 425 24.56 -9.13 4.91
N PHE A 426 25.40 -8.26 4.38
CA PHE A 426 26.44 -7.63 5.18
C PHE A 426 25.84 -6.65 6.19
N THR A 427 26.24 -6.78 7.45
CA THR A 427 25.89 -5.83 8.49
C THR A 427 27.16 -5.11 8.93
N GLY A 428 27.03 -3.82 9.18
CA GLY A 428 28.16 -2.92 9.25
C GLY A 428 28.20 -2.04 8.02
N CYS A 429 29.29 -1.29 7.89
CA CYS A 429 29.39 -0.33 6.79
C CYS A 429 30.83 0.18 6.66
N VAL A 430 31.01 1.14 5.76
CA VAL A 430 32.30 1.50 5.20
C VAL A 430 32.51 3.01 5.32
N ILE A 431 33.78 3.41 5.38
CA ILE A 431 34.17 4.82 5.43
C ILE A 431 35.21 5.06 4.35
N ALA A 432 35.01 6.12 3.56
CA ALA A 432 35.93 6.45 2.48
C ALA A 432 36.20 7.95 2.47
N TRP A 433 37.44 8.32 2.21
CA TRP A 433 37.82 9.73 2.09
C TRP A 433 39.03 9.84 1.18
N ASN A 434 39.21 11.04 0.62
CA ASN A 434 40.28 11.28 -0.32
C ASN A 434 41.65 11.22 0.35
N SER A 435 42.62 10.65 -0.35
CA SER A 435 43.99 10.57 0.13
C SER A 435 44.97 10.92 -0.97
N ASN A 436 44.56 11.81 -1.88
CA ASN A 436 45.46 12.26 -2.93
C ASN A 436 46.64 13.07 -2.38
N LYS A 437 46.53 13.55 -1.14
CA LYS A 437 47.52 14.42 -0.55
C LYS A 437 48.85 13.72 -0.28
N LEU A 438 48.85 12.40 -0.05
CA LEU A 438 50.09 11.70 0.28
C LEU A 438 50.19 10.35 -0.42
N ASP A 439 49.39 10.10 -1.45
CA ASP A 439 49.40 8.81 -2.14
C ASP A 439 49.66 8.98 -3.64
N SER A 440 50.42 9.99 -4.02
CA SER A 440 50.71 10.21 -5.43
C SER A 440 51.98 11.03 -5.57
N LYS A 441 52.69 10.82 -6.67
CA LYS A 441 53.88 11.59 -7.03
C LYS A 441 53.72 12.13 -8.44
N VAL A 442 54.53 13.14 -8.76
CA VAL A 442 54.50 13.72 -10.10
C VAL A 442 54.94 12.69 -11.13
N GLY A 443 55.92 11.85 -10.78
CA GLY A 443 56.34 10.78 -11.67
C GLY A 443 55.34 9.63 -11.67
N GLY A 444 54.60 9.45 -10.58
CA GLY A 444 53.60 8.38 -10.50
C GLY A 444 53.95 7.38 -9.42
N ASN A 445 52.98 7.11 -8.56
CA ASN A 445 53.13 6.15 -7.47
C ASN A 445 52.73 4.78 -7.99
N TYR A 446 53.73 3.90 -8.17
CA TYR A 446 53.50 2.55 -8.69
C TYR A 446 53.62 1.49 -7.60
N ASN A 447 53.33 1.86 -6.36
CA ASN A 447 53.42 0.94 -5.23
C ASN A 447 52.14 0.15 -5.01
N TYR A 448 51.12 0.35 -5.84
CA TYR A 448 49.83 -0.30 -5.67
C TYR A 448 49.58 -1.25 -6.83
N LEU A 449 49.13 -2.47 -6.51
CA LEU A 449 48.84 -3.50 -7.50
C LEU A 449 47.41 -3.99 -7.29
N TYR A 450 46.77 -4.40 -8.38
CA TYR A 450 45.42 -4.95 -8.34
C TYR A 450 45.29 -6.09 -9.32
N ARG A 451 44.56 -7.13 -8.93
CA ARG A 451 44.35 -8.28 -9.79
C ARG A 451 43.43 -7.92 -10.94
N LEU A 452 43.68 -8.53 -12.11
CA LEU A 452 42.89 -8.23 -13.29
C LEU A 452 42.29 -9.50 -13.89
N PHE A 453 43.01 -10.61 -13.82
CA PHE A 453 42.59 -11.87 -14.41
C PHE A 453 42.50 -12.94 -13.34
N ARG A 454 41.41 -13.71 -13.38
CA ARG A 454 41.21 -14.81 -12.45
C ARG A 454 40.41 -15.90 -13.14
N LYS A 455 40.55 -17.13 -12.64
CA LYS A 455 39.82 -18.25 -13.21
C LYS A 455 38.32 -18.09 -13.04
N SER A 456 37.88 -17.66 -11.85
CA SER A 456 36.47 -17.48 -11.58
C SER A 456 36.31 -16.44 -10.47
N ASN A 457 35.10 -15.88 -10.38
CA ASN A 457 34.80 -14.92 -9.33
C ASN A 457 34.85 -15.60 -7.97
N LEU A 458 35.50 -14.94 -7.00
CA LEU A 458 35.70 -15.54 -5.70
C LEU A 458 34.47 -15.36 -4.82
N LYS A 459 34.42 -16.13 -3.75
CA LYS A 459 33.37 -16.02 -2.76
C LYS A 459 33.61 -14.79 -1.87
N PRO A 460 32.55 -14.28 -1.22
CA PRO A 460 32.74 -13.10 -0.37
C PRO A 460 33.67 -13.39 0.80
N PHE A 461 34.42 -12.36 1.19
CA PHE A 461 35.34 -12.41 2.33
C PHE A 461 36.40 -13.49 2.13
N GLU A 462 37.14 -13.37 1.04
CA GLU A 462 38.25 -14.27 0.73
C GLU A 462 39.45 -13.47 0.28
N ARG A 463 40.63 -14.06 0.46
CA ARG A 463 41.89 -13.43 0.10
C ARG A 463 42.68 -14.36 -0.80
N ASP A 464 43.31 -13.80 -1.84
CA ASP A 464 44.11 -14.57 -2.78
C ASP A 464 45.29 -13.71 -3.21
N ILE A 465 46.46 -13.96 -2.63
CA ILE A 465 47.68 -13.23 -2.97
C ILE A 465 48.58 -14.04 -3.91
N SER A 466 48.03 -15.08 -4.53
CA SER A 466 48.83 -15.92 -5.41
C SER A 466 49.22 -15.16 -6.68
N THR A 467 50.46 -15.36 -7.12
CA THR A 467 50.96 -14.78 -8.36
C THR A 467 51.34 -15.90 -9.31
N GLU A 468 50.88 -15.78 -10.56
CA GLU A 468 51.05 -16.82 -11.58
C GLU A 468 50.68 -16.19 -12.93
N ILE A 469 50.68 -17.00 -13.98
CA ILE A 469 50.46 -16.52 -15.34
C ILE A 469 49.18 -17.14 -15.86
N TYR A 470 48.19 -16.30 -16.14
CA TYR A 470 46.87 -16.78 -16.58
C TYR A 470 46.94 -17.35 -17.98
N GLN A 471 46.19 -18.42 -18.21
CA GLN A 471 46.11 -19.08 -19.51
C GLN A 471 45.15 -18.27 -20.38
N ALA A 472 45.71 -17.32 -21.14
CA ALA A 472 44.93 -16.44 -21.99
C ALA A 472 45.16 -16.73 -23.47
N GLY A 473 45.39 -18.00 -23.79
CA GLY A 473 45.60 -18.40 -25.18
C GLY A 473 45.61 -19.90 -25.30
N ASN A 474 45.53 -20.36 -26.55
CA ASN A 474 45.55 -21.80 -26.81
C ASN A 474 46.89 -22.42 -26.41
N LYS A 475 48.00 -21.76 -26.71
CA LYS A 475 49.30 -22.27 -26.34
C LYS A 475 49.46 -22.19 -24.82
N PRO A 476 49.84 -23.28 -24.15
CA PRO A 476 50.03 -23.23 -22.69
C PRO A 476 51.11 -22.24 -22.30
N CYS A 477 50.84 -21.47 -21.23
CA CYS A 477 51.77 -20.47 -20.74
C CYS A 477 52.89 -21.17 -19.98
N ASN A 478 54.04 -21.32 -20.62
CA ASN A 478 55.17 -21.99 -19.97
C ASN A 478 55.70 -21.16 -18.81
N GLY A 479 55.93 -19.87 -19.03
CA GLY A 479 56.44 -19.02 -17.98
C GLY A 479 56.85 -17.67 -18.52
N VAL A 480 57.50 -16.90 -17.65
CA VAL A 480 57.98 -15.55 -17.95
C VAL A 480 56.80 -14.70 -18.39
N ALA A 481 56.61 -14.53 -19.69
CA ALA A 481 55.54 -13.72 -20.25
C ALA A 481 55.54 -13.92 -21.76
N GLY A 482 54.61 -13.26 -22.43
CA GLY A 482 54.53 -13.34 -23.87
C GLY A 482 53.11 -13.06 -24.34
N PHE A 483 52.92 -13.20 -25.66
CA PHE A 483 51.61 -13.00 -26.25
C PHE A 483 50.66 -14.11 -25.81
N ASN A 484 49.40 -13.75 -25.59
CA ASN A 484 48.36 -14.67 -25.13
C ASN A 484 48.72 -15.28 -23.77
N CYS A 485 49.49 -14.53 -22.97
CA CYS A 485 49.84 -14.95 -21.60
C CYS A 485 49.95 -13.66 -20.79
N TYR A 486 48.85 -13.30 -20.12
CA TYR A 486 48.74 -12.03 -19.41
C TYR A 486 49.06 -12.22 -17.94
N PHE A 487 49.91 -11.36 -17.41
CA PHE A 487 50.15 -11.33 -15.97
C PHE A 487 49.02 -10.57 -15.29
N PRO A 488 48.32 -11.17 -14.33
CA PRO A 488 47.11 -10.52 -13.80
C PRO A 488 47.37 -9.24 -13.02
N LEU A 489 48.42 -9.21 -12.21
CA LEU A 489 48.66 -8.09 -11.31
C LEU A 489 49.24 -6.91 -12.09
N ARG A 490 48.39 -5.93 -12.37
CA ARG A 490 48.84 -4.68 -12.98
C ARG A 490 48.89 -3.57 -11.93
N SER A 491 49.54 -2.46 -12.31
CA SER A 491 49.79 -1.36 -11.41
C SER A 491 48.85 -0.19 -11.70
N TYR A 492 48.75 0.71 -10.72
CA TYR A 492 48.04 1.95 -10.89
C TYR A 492 48.99 3.07 -11.32
N GLY A 493 48.42 4.18 -11.76
CA GLY A 493 49.18 5.30 -12.31
C GLY A 493 48.74 6.62 -11.66
N PHE A 494 48.67 6.63 -10.33
CA PHE A 494 48.24 7.82 -9.62
C PHE A 494 49.24 8.96 -9.80
N ARG A 495 48.70 10.16 -10.03
CA ARG A 495 49.51 11.38 -10.11
C ARG A 495 48.60 12.57 -9.80
N PRO A 496 49.13 13.62 -9.17
CA PRO A 496 48.28 14.74 -8.78
C PRO A 496 47.66 15.50 -9.95
N THR A 497 48.20 15.36 -11.16
CA THR A 497 47.66 16.10 -12.30
C THR A 497 46.26 15.64 -12.67
N TYR A 498 45.93 14.37 -12.39
CA TYR A 498 44.62 13.84 -12.77
C TYR A 498 43.50 14.53 -12.00
N GLY A 499 42.33 14.57 -12.62
CA GLY A 499 41.17 15.17 -12.00
C GLY A 499 40.48 14.23 -11.02
N VAL A 500 39.35 14.70 -10.50
CA VAL A 500 38.59 13.90 -9.54
C VAL A 500 38.06 12.65 -10.21
N GLY A 501 38.03 11.56 -9.46
CA GLY A 501 37.62 10.28 -10.01
C GLY A 501 38.79 9.37 -10.30
N HIS A 502 39.89 9.95 -10.76
CA HIS A 502 41.11 9.22 -11.03
C HIS A 502 42.14 9.34 -9.90
N GLN A 503 41.96 10.28 -8.99
CA GLN A 503 42.87 10.41 -7.86
C GLN A 503 42.73 9.19 -6.94
N PRO A 504 43.82 8.74 -6.31
CA PRO A 504 43.72 7.63 -5.39
C PRO A 504 42.86 7.98 -4.18
N TYR A 505 42.13 6.99 -3.69
CA TYR A 505 41.26 7.17 -2.54
C TYR A 505 41.59 6.13 -1.47
N ARG A 506 41.39 6.52 -0.21
CA ARG A 506 41.67 5.66 0.94
C ARG A 506 40.34 5.28 1.58
N VAL A 507 40.11 3.98 1.75
CA VAL A 507 38.84 3.46 2.20
C VAL A 507 39.06 2.42 3.29
N VAL A 508 38.20 2.44 4.30
CA VAL A 508 38.20 1.44 5.37
C VAL A 508 36.77 1.02 5.64
N VAL A 509 36.55 -0.28 5.80
CA VAL A 509 35.24 -0.84 6.04
C VAL A 509 35.24 -1.57 7.38
N LEU A 510 34.24 -1.29 8.20
CA LEU A 510 34.09 -1.91 9.51
C LEU A 510 33.01 -2.97 9.45
N SER A 511 33.35 -4.18 9.89
CA SER A 511 32.42 -5.31 9.85
C SER A 511 31.98 -5.65 11.27
N PHE A 512 30.68 -5.77 11.46
CA PHE A 512 30.08 -6.12 12.75
C PHE A 512 29.18 -7.34 12.57
N GLU A 513 28.65 -7.82 13.69
CA GLU A 513 27.61 -8.85 13.66
C GLU A 513 26.90 -8.86 15.00
N LEU A 514 25.58 -8.68 14.98
CA LEU A 514 24.78 -8.64 16.20
C LEU A 514 24.01 -9.96 16.32
N LEU A 515 24.69 -10.97 16.85
CA LEU A 515 24.06 -12.25 17.16
C LEU A 515 23.96 -12.42 18.67
N HIS A 516 23.36 -13.54 19.09
CA HIS A 516 23.21 -13.85 20.51
C HIS A 516 24.50 -14.51 21.02
N ALA A 517 25.52 -13.68 21.18
CA ALA A 517 26.84 -14.09 21.61
C ALA A 517 27.28 -13.20 22.76
N PRO A 518 28.17 -13.68 23.63
CA PRO A 518 28.66 -12.84 24.74
C PRO A 518 29.32 -11.57 24.23
N ALA A 519 28.81 -10.44 24.67
CA ALA A 519 29.33 -9.15 24.22
C ALA A 519 30.75 -8.93 24.73
N THR A 520 31.58 -8.35 23.88
CA THR A 520 32.97 -8.02 24.23
C THR A 520 33.25 -6.53 24.15
N VAL A 521 32.75 -5.84 23.13
CA VAL A 521 32.85 -4.40 23.03
C VAL A 521 31.45 -3.82 23.20
N CYS A 522 31.39 -2.63 23.80
CA CYS A 522 30.10 -2.00 24.10
C CYS A 522 30.26 -0.49 23.93
N GLY A 523 29.20 0.25 24.27
CA GLY A 523 29.20 1.68 24.14
C GLY A 523 29.40 2.39 25.46
N PRO A 524 29.46 3.72 25.42
CA PRO A 524 29.67 4.49 26.65
C PRO A 524 28.45 4.53 27.54
N LYS A 525 28.23 3.47 28.30
CA LYS A 525 27.10 3.35 29.21
C LYS A 525 27.59 3.01 30.62
N LYS A 526 26.66 3.04 31.57
CA LYS A 526 26.98 2.78 32.97
C LYS A 526 26.00 1.77 33.53
N SER A 527 26.51 0.83 34.33
CA SER A 527 25.67 -0.20 34.92
C SER A 527 24.86 0.36 36.09
N THR A 528 23.79 -0.35 36.44
CA THR A 528 22.94 0.01 37.56
C THR A 528 22.65 -1.23 38.38
N ASN A 529 22.02 -1.02 39.54
CA ASN A 529 21.68 -2.12 40.42
C ASN A 529 20.57 -2.97 39.79
N LEU A 530 20.56 -4.26 40.17
CA LEU A 530 19.58 -5.21 39.67
C LEU A 530 18.35 -5.19 40.57
N VAL A 531 17.17 -5.06 39.96
CA VAL A 531 15.90 -5.00 40.69
C VAL A 531 15.08 -6.22 40.32
N LYS A 532 14.53 -6.89 41.32
CA LYS A 532 13.76 -8.11 41.13
C LYS A 532 12.34 -7.93 41.66
N ASN A 533 11.42 -8.70 41.07
CA ASN A 533 10.02 -8.74 41.50
C ASN A 533 9.33 -7.37 41.40
N LYS A 534 9.80 -6.54 40.49
CA LYS A 534 9.17 -5.26 40.21
C LYS A 534 9.17 -5.00 38.71
N CYS A 535 8.13 -4.32 38.23
CA CYS A 535 8.00 -3.99 36.82
C CYS A 535 8.96 -2.87 36.48
N VAL A 536 10.06 -3.21 35.80
CA VAL A 536 11.10 -2.25 35.45
C VAL A 536 11.43 -2.39 33.97
N ASN A 537 11.99 -1.32 33.41
CA ASN A 537 12.43 -1.31 32.02
C ASN A 537 13.84 -1.86 31.95
N PHE A 538 13.94 -3.18 31.80
CA PHE A 538 15.25 -3.83 31.77
C PHE A 538 15.96 -3.54 30.45
N ASN A 539 17.29 -3.61 30.49
CA ASN A 539 18.11 -3.41 29.31
C ASN A 539 19.36 -4.29 29.46
N PHE A 540 19.31 -5.47 28.86
CA PHE A 540 20.41 -6.43 28.95
C PHE A 540 21.14 -6.44 27.60
N ASN A 541 22.24 -5.68 27.54
CA ASN A 541 23.12 -5.55 26.39
C ASN A 541 22.43 -4.94 25.17
N GLY A 542 21.19 -4.46 25.31
CA GLY A 542 20.48 -3.88 24.18
C GLY A 542 19.06 -4.40 24.06
N LEU A 543 18.72 -5.43 24.84
CA LEU A 543 17.40 -6.04 24.79
C LEU A 543 16.47 -5.31 25.76
N THR A 544 16.00 -4.15 25.32
CA THR A 544 15.10 -3.35 26.15
C THR A 544 13.70 -3.97 26.17
N GLY A 545 12.98 -3.68 27.24
CA GLY A 545 11.63 -4.20 27.39
C GLY A 545 11.10 -3.93 28.78
N THR A 546 9.84 -4.29 28.97
CA THR A 546 9.14 -4.06 30.23
C THR A 546 8.54 -5.36 30.73
N GLY A 547 8.74 -5.65 32.01
CA GLY A 547 8.19 -6.83 32.62
C GLY A 547 8.86 -7.14 33.93
N VAL A 548 8.23 -8.05 34.68
CA VAL A 548 8.80 -8.46 35.96
C VAL A 548 9.98 -9.38 35.75
N LEU A 549 10.85 -9.46 36.75
CA LEU A 549 12.04 -10.29 36.71
C LEU A 549 12.08 -11.20 37.92
N THR A 550 12.43 -12.47 37.69
CA THR A 550 12.55 -13.44 38.76
C THR A 550 13.51 -14.54 38.34
N GLU A 551 14.05 -15.24 39.33
CA GLU A 551 14.97 -16.33 39.06
C GLU A 551 14.22 -17.52 38.46
N SER A 552 14.92 -18.27 37.61
CA SER A 552 14.34 -19.43 36.94
C SER A 552 15.24 -20.64 37.13
N ASN A 553 14.63 -21.82 37.00
CA ASN A 553 15.34 -23.09 37.11
C ASN A 553 15.68 -23.67 35.75
N LYS A 554 15.73 -22.84 34.71
CA LYS A 554 16.09 -23.33 33.38
C LYS A 554 17.55 -23.74 33.35
N LYS A 555 17.82 -24.91 32.77
CA LYS A 555 19.18 -25.46 32.71
C LYS A 555 19.91 -24.88 31.51
N PHE A 556 20.32 -23.62 31.66
CA PHE A 556 21.10 -22.95 30.63
C PHE A 556 22.48 -23.57 30.51
N LEU A 557 22.78 -24.17 29.36
CA LEU A 557 24.09 -24.71 29.12
C LEU A 557 25.11 -23.57 28.96
N PRO A 558 26.40 -23.86 29.16
CA PRO A 558 27.40 -22.78 29.07
C PRO A 558 27.40 -22.04 27.74
N PHE A 559 27.11 -22.71 26.63
CA PHE A 559 27.06 -22.03 25.35
C PHE A 559 25.73 -21.34 25.09
N GLN A 560 24.70 -21.62 25.89
CA GLN A 560 23.43 -20.93 25.78
C GLN A 560 23.52 -19.55 26.44
N GLN A 561 22.83 -18.58 25.86
CA GLN A 561 22.89 -17.21 26.37
C GLN A 561 21.49 -16.62 26.53
N PHE A 562 20.53 -17.05 25.71
CA PHE A 562 19.17 -16.55 25.76
C PHE A 562 18.19 -17.72 25.79
N GLY A 563 16.93 -17.39 26.01
CA GLY A 563 15.87 -18.38 25.99
C GLY A 563 14.67 -17.82 25.26
N ARG A 564 13.88 -18.73 24.67
CA ARG A 564 12.78 -18.31 23.82
C ARG A 564 11.63 -19.31 23.91
N ASP A 565 10.45 -18.83 23.55
CA ASP A 565 9.25 -19.63 23.32
C ASP A 565 8.88 -19.47 21.85
N ILE A 566 7.69 -19.97 21.48
CA ILE A 566 7.31 -19.83 20.08
C ILE A 566 6.60 -18.50 19.86
N ALA A 567 7.39 -17.43 19.86
CA ALA A 567 6.95 -16.13 19.34
C ALA A 567 8.08 -15.37 18.67
N ASP A 568 9.28 -15.94 18.57
CA ASP A 568 10.50 -15.21 18.18
C ASP A 568 10.70 -13.97 19.05
N THR A 569 10.47 -14.14 20.36
CA THR A 569 10.66 -13.08 21.33
C THR A 569 11.44 -13.61 22.53
N THR A 570 12.16 -12.71 23.19
CA THR A 570 12.99 -13.10 24.33
C THR A 570 12.12 -13.50 25.52
N ASP A 571 12.52 -14.57 26.21
CA ASP A 571 11.82 -15.07 27.38
C ASP A 571 12.69 -15.13 28.62
N ALA A 572 13.94 -15.56 28.49
CA ALA A 572 14.86 -15.65 29.61
C ALA A 572 16.19 -15.03 29.23
N VAL A 573 16.85 -14.39 30.19
CA VAL A 573 18.11 -13.69 29.95
C VAL A 573 19.10 -14.07 31.04
N ARG A 574 20.38 -13.93 30.72
CA ARG A 574 21.47 -14.18 31.64
C ARG A 574 22.18 -12.88 31.96
N ASP A 575 22.39 -12.60 33.24
CA ASP A 575 23.00 -11.35 33.65
C ASP A 575 24.46 -11.30 33.18
N PRO A 576 24.91 -10.18 32.60
CA PRO A 576 26.30 -10.10 32.11
C PRO A 576 27.32 -9.83 33.19
N GLN A 577 26.92 -9.67 34.46
CA GLN A 577 27.86 -9.37 35.53
C GLN A 577 27.73 -10.40 36.65
N THR A 578 26.53 -10.94 36.84
CA THR A 578 26.28 -11.94 37.87
C THR A 578 26.25 -13.36 37.33
N LEU A 579 25.99 -13.55 36.03
CA LEU A 579 25.94 -14.86 35.39
C LEU A 579 24.84 -15.72 35.99
N GLU A 580 23.66 -15.12 36.16
CA GLU A 580 22.49 -15.82 36.67
C GLU A 580 21.35 -15.73 35.64
N ILE A 581 20.58 -16.81 35.54
CA ILE A 581 19.50 -16.90 34.57
C ILE A 581 18.24 -16.30 35.18
N LEU A 582 17.63 -15.35 34.47
CA LEU A 582 16.42 -14.69 34.91
C LEU A 582 15.21 -15.27 34.18
N ASP A 583 14.04 -14.70 34.44
CA ASP A 583 12.79 -15.18 33.84
C ASP A 583 11.89 -13.96 33.61
N ILE A 584 11.85 -13.50 32.36
CA ILE A 584 11.03 -12.34 32.00
C ILE A 584 9.58 -12.78 31.84
N THR A 585 8.67 -12.06 32.51
CA THR A 585 7.24 -12.33 32.42
C THR A 585 6.55 -10.99 32.19
N PRO A 586 5.65 -10.89 31.22
CA PRO A 586 4.97 -9.62 30.95
C PRO A 586 4.12 -9.16 32.13
N CYS A 587 3.67 -7.92 32.05
CA CYS A 587 2.93 -7.30 33.14
C CYS A 587 1.51 -7.87 33.20
N SER A 588 0.72 -7.33 34.13
CA SER A 588 -0.66 -7.71 34.28
C SER A 588 -1.55 -6.80 33.44
N PHE A 589 -2.53 -7.40 32.77
CA PHE A 589 -3.45 -6.64 31.93
C PHE A 589 -4.73 -7.45 31.76
N GLY A 590 -5.77 -6.77 31.30
CA GLY A 590 -7.05 -7.43 31.06
C GLY A 590 -8.07 -6.41 30.62
N GLY A 591 -9.13 -6.93 30.01
CA GLY A 591 -10.21 -6.08 29.57
C GLY A 591 -11.01 -5.53 30.75
N VAL A 592 -11.52 -4.31 30.57
CA VAL A 592 -12.36 -3.65 31.57
C VAL A 592 -13.70 -3.34 30.91
N SER A 593 -14.78 -3.70 31.61
CA SER A 593 -16.13 -3.52 31.10
C SER A 593 -16.93 -2.66 32.08
N VAL A 594 -17.81 -1.82 31.54
CA VAL A 594 -18.62 -0.89 32.33
C VAL A 594 -20.07 -1.34 32.24
N ILE A 595 -20.66 -1.67 33.38
CA ILE A 595 -22.07 -2.05 33.48
C ILE A 595 -22.85 -0.84 33.98
N THR A 596 -23.82 -0.38 33.19
CA THR A 596 -24.58 0.78 33.58
C THR A 596 -26.04 0.64 33.18
N PRO A 597 -26.97 1.18 33.97
CA PRO A 597 -28.35 1.31 33.50
C PRO A 597 -28.46 2.48 32.53
N GLY A 598 -29.67 2.68 32.02
CA GLY A 598 -29.93 3.77 31.10
C GLY A 598 -29.59 5.13 31.68
N THR A 599 -28.81 5.93 30.95
CA THR A 599 -28.45 7.26 31.42
C THR A 599 -29.66 8.18 31.51
N ASN A 600 -30.76 7.83 30.85
CA ASN A 600 -32.00 8.59 31.00
C ASN A 600 -32.67 8.32 32.34
N THR A 601 -32.31 7.22 33.01
CA THR A 601 -32.91 6.85 34.27
C THR A 601 -32.00 7.10 35.47
N SER A 602 -30.77 6.61 35.42
CA SER A 602 -29.85 6.75 36.55
C SER A 602 -28.52 7.32 36.13
N ASN A 603 -27.56 7.37 37.05
CA ASN A 603 -26.25 7.94 36.76
C ASN A 603 -25.10 7.12 37.35
N GLN A 604 -25.36 5.92 37.86
CA GLN A 604 -24.33 5.09 38.46
C GLN A 604 -23.85 4.03 37.47
N VAL A 605 -22.60 3.61 37.65
CA VAL A 605 -21.98 2.61 36.79
C VAL A 605 -21.24 1.59 37.66
N ALA A 606 -20.96 0.43 37.07
CA ALA A 606 -20.18 -0.61 37.69
C ALA A 606 -19.08 -1.04 36.73
N VAL A 607 -17.97 -1.52 37.30
CA VAL A 607 -16.78 -1.87 36.54
C VAL A 607 -16.48 -3.35 36.75
N LEU A 608 -16.28 -4.08 35.66
CA LEU A 608 -15.93 -5.50 35.70
C LEU A 608 -14.54 -5.67 35.11
N TYR A 609 -13.66 -6.31 35.88
CA TYR A 609 -12.31 -6.63 35.42
C TYR A 609 -12.28 -8.09 35.00
N GLN A 610 -12.08 -8.33 33.70
CA GLN A 610 -12.30 -9.65 33.12
C GLN A 610 -11.17 -10.60 33.46
N GLY A 611 -11.53 -11.77 34.01
CA GLY A 611 -10.60 -12.88 34.17
C GLY A 611 -9.39 -12.59 35.04
N VAL A 612 -9.59 -11.87 36.15
CA VAL A 612 -8.51 -11.55 37.07
C VAL A 612 -8.96 -11.85 38.48
N ASN A 613 -8.17 -12.66 39.20
CA ASN A 613 -8.38 -12.84 40.64
C ASN A 613 -8.10 -11.51 41.33
N CYS A 614 -9.12 -10.92 41.96
CA CYS A 614 -9.01 -9.56 42.45
C CYS A 614 -8.57 -9.47 43.90
N THR A 615 -7.74 -10.42 44.37
CA THR A 615 -6.91 -10.17 45.53
C THR A 615 -5.63 -9.44 45.14
N GLU A 616 -5.37 -9.29 43.84
CA GLU A 616 -4.21 -8.60 43.30
C GLU A 616 -4.57 -7.13 43.07
N VAL A 617 -3.76 -6.45 42.26
CA VAL A 617 -3.87 -5.03 41.93
C VAL A 617 -5.30 -4.49 41.82
N PRO A 618 -6.25 -5.19 41.17
CA PRO A 618 -7.60 -4.60 41.03
C PRO A 618 -8.24 -4.15 42.33
N VAL A 619 -8.01 -4.85 43.44
CA VAL A 619 -8.52 -4.38 44.74
C VAL A 619 -7.57 -3.37 45.38
N ALA A 620 -6.29 -3.38 45.01
CA ALA A 620 -5.30 -2.50 45.63
C ALA A 620 -4.65 -1.59 44.60
N ILE A 621 -5.47 -0.97 43.73
CA ILE A 621 -4.93 -0.05 42.73
C ILE A 621 -4.25 1.13 43.42
N HIS A 622 -3.31 1.75 42.70
CA HIS A 622 -2.54 2.86 43.22
C HIS A 622 -2.47 3.96 42.18
N ALA A 623 -2.44 5.20 42.66
CA ALA A 623 -2.35 6.35 41.77
C ALA A 623 -1.00 6.39 41.07
N ASP A 624 -1.02 6.87 39.83
CA ASP A 624 0.19 6.95 38.98
C ASP A 624 0.85 5.58 38.83
N GLN A 625 0.03 4.54 38.73
CA GLN A 625 0.53 3.18 38.57
C GLN A 625 -0.20 2.38 37.52
N LEU A 626 -1.36 2.82 37.03
CA LEU A 626 -2.12 2.09 36.03
C LEU A 626 -2.33 2.96 34.80
N THR A 627 -2.53 2.31 33.65
CA THR A 627 -2.74 3.02 32.40
C THR A 627 -3.96 3.93 32.44
N PRO A 628 -5.14 3.49 32.88
CA PRO A 628 -6.28 4.41 32.95
C PRO A 628 -6.04 5.50 34.00
N THR A 629 -6.24 6.76 33.59
CA THR A 629 -6.04 7.86 34.51
C THR A 629 -7.06 7.84 35.65
N TRP A 630 -8.31 7.51 35.35
CA TRP A 630 -9.33 7.45 36.39
C TRP A 630 -9.08 6.26 37.30
N ARG A 631 -9.06 6.53 38.61
CA ARG A 631 -8.88 5.48 39.60
C ARG A 631 -9.73 5.73 40.85
N VAL A 632 -10.78 6.54 40.74
CA VAL A 632 -11.52 6.98 41.91
C VAL A 632 -12.26 5.83 42.58
N TYR A 633 -12.76 4.87 41.80
CA TYR A 633 -13.57 3.79 42.36
C TYR A 633 -12.76 2.95 43.35
N SER A 634 -11.51 2.62 42.99
CA SER A 634 -10.62 1.86 43.86
C SER A 634 -11.28 0.56 44.33
N THR A 635 -11.61 0.49 45.62
CA THR A 635 -12.33 -0.65 46.18
C THR A 635 -13.75 -0.27 46.58
N GLY A 636 -13.90 0.71 47.48
CA GLY A 636 -15.19 1.22 47.90
C GLY A 636 -16.22 0.17 48.25
N SER A 637 -15.76 -0.92 48.89
CA SER A 637 -16.62 -2.06 49.22
C SER A 637 -17.33 -2.60 47.99
N ASN A 638 -18.37 -3.40 48.20
CA ASN A 638 -19.16 -3.99 47.11
C ASN A 638 -18.27 -4.76 46.14
N VAL A 639 -17.29 -5.47 46.66
CA VAL A 639 -16.34 -6.24 45.86
C VAL A 639 -16.74 -7.70 45.92
N PHE A 640 -17.04 -8.27 44.76
CA PHE A 640 -17.48 -9.66 44.65
C PHE A 640 -16.69 -10.36 43.56
N GLN A 641 -16.23 -11.58 43.86
CA GLN A 641 -15.43 -12.36 42.92
C GLN A 641 -16.33 -13.28 42.12
N THR A 642 -16.14 -13.30 40.80
CA THR A 642 -16.95 -14.07 39.88
C THR A 642 -16.06 -14.96 39.03
N ARG A 643 -16.63 -16.06 38.52
CA ARG A 643 -15.90 -16.93 37.62
C ARG A 643 -15.59 -16.27 36.29
N ALA A 644 -16.19 -15.12 35.99
CA ALA A 644 -15.93 -14.39 34.76
C ALA A 644 -15.14 -13.10 34.99
N GLY A 645 -14.61 -12.90 36.20
CA GLY A 645 -13.87 -11.71 36.54
C GLY A 645 -14.25 -11.23 37.93
N CYS A 646 -13.92 -9.98 38.23
CA CYS A 646 -14.26 -9.38 39.51
C CYS A 646 -15.10 -8.13 39.29
N LEU A 647 -16.16 -8.00 40.07
CA LEU A 647 -17.14 -6.93 39.92
C LEU A 647 -16.97 -5.92 41.04
N ILE A 648 -16.97 -4.64 40.67
CA ILE A 648 -16.80 -3.54 41.62
C ILE A 648 -17.95 -2.57 41.43
N GLY A 649 -18.59 -2.19 42.54
CA GLY A 649 -19.69 -1.24 42.51
C GLY A 649 -21.06 -1.84 42.65
N ALA A 650 -21.17 -3.15 42.84
CA ALA A 650 -22.44 -3.81 43.03
C ALA A 650 -22.36 -4.74 44.23
N GLU A 651 -23.49 -4.92 44.91
CA GLU A 651 -23.57 -5.73 46.12
C GLU A 651 -24.33 -7.02 45.82
N TYR A 652 -23.75 -8.15 46.19
CA TYR A 652 -24.39 -9.44 45.97
C TYR A 652 -25.61 -9.58 46.87
N VAL A 653 -26.67 -10.17 46.32
CA VAL A 653 -27.89 -10.44 47.07
C VAL A 653 -28.30 -11.89 46.86
N ASN A 654 -29.08 -12.41 47.81
CA ASN A 654 -29.56 -13.79 47.75
C ASN A 654 -30.99 -13.77 47.21
N ASN A 655 -31.10 -13.60 45.90
CA ASN A 655 -32.41 -13.56 45.23
C ASN A 655 -32.30 -14.34 43.93
N SER A 656 -33.39 -14.35 43.17
CA SER A 656 -33.44 -15.07 41.89
C SER A 656 -34.48 -14.38 41.02
N TYR A 657 -34.03 -13.63 40.03
CA TYR A 657 -34.89 -12.84 39.15
C TYR A 657 -34.66 -13.24 37.70
N GLU A 658 -35.50 -12.71 36.82
CA GLU A 658 -35.28 -12.79 35.38
C GLU A 658 -34.31 -11.65 35.03
N CYS A 659 -33.02 -11.97 35.02
CA CYS A 659 -32.00 -10.93 35.08
C CYS A 659 -32.00 -10.07 33.82
N ASP A 660 -31.73 -8.78 34.02
CA ASP A 660 -31.81 -7.81 32.93
C ASP A 660 -30.51 -7.73 32.14
N ILE A 661 -29.41 -7.41 32.82
CA ILE A 661 -28.11 -7.25 32.17
C ILE A 661 -27.27 -8.47 32.51
N PRO A 662 -26.95 -9.32 31.53
CA PRO A 662 -26.10 -10.49 31.81
C PRO A 662 -24.66 -10.09 32.09
N ILE A 663 -23.97 -10.94 32.84
CA ILE A 663 -22.55 -10.76 33.15
C ILE A 663 -21.73 -11.96 32.69
N GLY A 664 -22.17 -13.17 33.02
CA GLY A 664 -21.47 -14.38 32.63
C GLY A 664 -21.36 -15.36 33.77
N ALA A 665 -21.27 -16.65 33.41
CA ALA A 665 -21.15 -17.74 34.38
C ALA A 665 -22.31 -17.74 35.38
N GLY A 666 -23.51 -17.45 34.88
CA GLY A 666 -24.70 -17.49 35.72
C GLY A 666 -24.91 -16.28 36.60
N ILE A 667 -24.19 -15.19 36.36
CA ILE A 667 -24.29 -13.98 37.17
C ILE A 667 -24.91 -12.88 36.31
N CYS A 668 -25.83 -12.13 36.90
CA CYS A 668 -26.51 -11.03 36.22
C CYS A 668 -26.58 -9.84 37.15
N ALA A 669 -26.81 -8.67 36.57
CA ALA A 669 -26.92 -7.42 37.32
C ALA A 669 -28.12 -6.63 36.81
N SER A 670 -28.69 -5.81 37.69
CA SER A 670 -29.83 -4.97 37.36
C SER A 670 -29.87 -3.79 38.31
N TYR A 671 -30.63 -2.76 37.90
CA TYR A 671 -30.77 -1.53 38.68
C TYR A 671 -32.15 -1.52 39.32
N GLN A 672 -32.20 -1.78 40.62
CA GLN A 672 -33.45 -1.78 41.37
C GLN A 672 -33.14 -1.35 42.80
N THR A 673 -34.08 -1.59 43.71
CA THR A 673 -33.88 -1.26 45.12
C THR A 673 -33.03 -2.34 45.78
N GLN A 674 -32.96 -2.33 47.11
CA GLN A 674 -32.15 -3.29 47.86
C GLN A 674 -32.67 -4.71 47.67
N SER A 686 -32.36 5.56 47.32
CA SER A 686 -32.14 4.25 47.92
C SER A 686 -31.86 3.20 46.86
N GLN A 687 -32.04 3.58 45.59
CA GLN A 687 -31.82 2.67 44.48
C GLN A 687 -30.33 2.42 44.30
N SER A 688 -29.97 1.15 44.10
CA SER A 688 -28.57 0.77 43.91
C SER A 688 -28.45 -0.25 42.79
N ILE A 689 -27.26 -0.84 42.63
CA ILE A 689 -27.01 -1.86 41.62
C ILE A 689 -26.65 -3.15 42.34
N ILE A 690 -27.38 -4.21 42.03
CA ILE A 690 -27.19 -5.50 42.66
C ILE A 690 -26.71 -6.51 41.62
N ALA A 691 -26.14 -7.61 42.11
CA ALA A 691 -25.61 -8.69 41.25
C ALA A 691 -26.02 -10.02 41.85
N TYR A 692 -27.17 -10.53 41.43
CA TYR A 692 -27.72 -11.78 41.93
C TYR A 692 -27.36 -12.93 40.99
N THR A 693 -27.95 -14.09 41.23
CA THR A 693 -27.77 -15.27 40.40
C THR A 693 -29.03 -15.50 39.57
N MET A 694 -28.83 -15.80 38.28
CA MET A 694 -29.95 -15.94 37.36
C MET A 694 -30.86 -17.09 37.78
N SER A 695 -32.16 -16.91 37.56
CA SER A 695 -33.16 -17.92 37.88
C SER A 695 -33.72 -18.53 36.59
N LEU A 696 -34.04 -19.82 36.65
CA LEU A 696 -34.56 -20.52 35.49
C LEU A 696 -36.08 -20.56 35.45
N GLY A 697 -36.74 -20.42 36.58
CA GLY A 697 -38.19 -20.45 36.61
C GLY A 697 -38.69 -20.78 38.00
N ALA A 698 -40.00 -21.01 38.07
CA ALA A 698 -40.67 -21.34 39.33
C ALA A 698 -40.84 -22.86 39.42
N GLU A 699 -40.48 -23.41 40.57
CA GLU A 699 -40.60 -24.85 40.77
C GLU A 699 -42.05 -25.29 40.74
N ASN A 700 -42.30 -26.47 40.20
CA ASN A 700 -43.65 -27.02 40.11
C ASN A 700 -43.55 -28.53 40.00
N SER A 701 -43.94 -29.23 41.06
CA SER A 701 -43.90 -30.69 41.09
C SER A 701 -45.22 -31.22 40.57
N VAL A 702 -45.16 -32.05 39.53
CA VAL A 702 -46.35 -32.63 38.92
C VAL A 702 -46.69 -33.93 39.64
N ALA A 703 -47.98 -34.17 39.81
CA ALA A 703 -48.48 -35.39 40.43
C ALA A 703 -48.70 -36.46 39.37
N TYR A 704 -48.29 -37.69 39.68
CA TYR A 704 -48.39 -38.80 38.75
C TYR A 704 -49.00 -40.00 39.46
N SER A 705 -49.80 -40.77 38.71
CA SER A 705 -50.43 -41.97 39.24
C SER A 705 -50.66 -42.95 38.10
N ASN A 706 -50.84 -44.21 38.45
CA ASN A 706 -51.01 -45.27 37.47
C ASN A 706 -52.47 -45.55 37.14
N ASN A 707 -53.42 -44.83 37.76
CA ASN A 707 -54.83 -45.00 37.45
C ASN A 707 -55.57 -43.67 37.42
N SER A 708 -54.88 -42.59 37.05
CA SER A 708 -55.48 -41.26 37.02
C SER A 708 -55.19 -40.57 35.70
N ILE A 709 -56.16 -39.79 35.23
CA ILE A 709 -56.03 -39.02 34.00
C ILE A 709 -56.73 -37.69 34.17
N ALA A 710 -56.32 -36.70 33.38
CA ALA A 710 -56.90 -35.37 33.40
C ALA A 710 -57.42 -35.02 32.02
N ILE A 711 -58.65 -34.49 31.96
CA ILE A 711 -59.29 -34.16 30.69
C ILE A 711 -59.82 -32.73 30.75
N PRO A 712 -59.49 -31.89 29.78
CA PRO A 712 -60.02 -30.52 29.78
C PRO A 712 -61.51 -30.49 29.50
N THR A 713 -62.16 -29.44 29.99
CA THR A 713 -63.59 -29.24 29.79
C THR A 713 -63.93 -27.94 29.08
N ASN A 714 -62.93 -27.14 28.72
CA ASN A 714 -63.16 -25.87 28.03
C ASN A 714 -61.92 -25.54 27.21
N PHE A 715 -62.05 -24.54 26.35
CA PHE A 715 -60.95 -24.15 25.49
C PHE A 715 -60.72 -22.64 25.49
N THR A 716 -59.80 -22.18 24.63
CA THR A 716 -59.49 -20.77 24.51
C THR A 716 -58.88 -20.52 23.14
N ILE A 717 -59.35 -19.50 22.44
CA ILE A 717 -58.86 -19.13 21.12
C ILE A 717 -57.93 -17.93 21.28
N SER A 718 -56.68 -18.09 20.85
CA SER A 718 -55.67 -17.06 21.00
C SER A 718 -55.02 -16.76 19.65
N VAL A 719 -54.59 -15.51 19.48
CA VAL A 719 -53.93 -15.06 18.26
C VAL A 719 -52.58 -14.47 18.63
N THR A 720 -51.53 -14.96 18.01
CA THR A 720 -50.17 -14.51 18.24
C THR A 720 -49.61 -13.85 16.97
N THR A 721 -48.34 -13.47 17.04
CA THR A 721 -47.69 -12.77 15.94
C THR A 721 -46.34 -13.42 15.64
N GLU A 722 -45.81 -13.10 14.46
CA GLU A 722 -44.54 -13.65 14.01
C GLU A 722 -43.98 -12.75 12.93
N ILE A 723 -42.81 -12.16 13.18
CA ILE A 723 -42.18 -11.21 12.27
C ILE A 723 -40.96 -11.86 11.66
N LEU A 724 -40.85 -11.81 10.33
CA LEU A 724 -39.75 -12.43 9.63
C LEU A 724 -39.23 -11.51 8.52
N PRO A 725 -37.95 -11.11 8.57
CA PRO A 725 -37.39 -10.31 7.48
C PRO A 725 -37.34 -11.11 6.18
N VAL A 726 -37.48 -10.39 5.07
CA VAL A 726 -37.50 -11.03 3.76
C VAL A 726 -36.49 -10.45 2.78
N SER A 727 -36.04 -9.21 2.94
CA SER A 727 -35.12 -8.61 1.98
C SER A 727 -34.36 -7.48 2.64
N MET A 728 -33.44 -6.88 1.90
CA MET A 728 -32.64 -5.76 2.38
C MET A 728 -32.57 -4.72 1.27
N THR A 729 -31.70 -3.73 1.46
CA THR A 729 -31.62 -2.59 0.54
C THR A 729 -30.59 -2.85 -0.55
N LYS A 730 -31.01 -2.68 -1.80
CA LYS A 730 -30.09 -2.78 -2.93
C LYS A 730 -29.17 -1.57 -2.97
N THR A 731 -27.94 -1.77 -3.45
CA THR A 731 -26.95 -0.72 -3.46
C THR A 731 -25.99 -0.92 -4.64
N SER A 732 -25.24 0.14 -4.95
CA SER A 732 -24.24 0.11 -6.00
C SER A 732 -23.13 1.06 -5.64
N VAL A 733 -21.95 0.81 -6.20
CA VAL A 733 -20.74 1.57 -5.87
C VAL A 733 -20.01 1.92 -7.16
N ASP A 734 -19.50 3.15 -7.23
CA ASP A 734 -18.69 3.62 -8.35
C ASP A 734 -17.25 3.72 -7.87
N CYS A 735 -16.36 2.91 -8.46
CA CYS A 735 -14.97 2.89 -8.02
C CYS A 735 -14.26 4.21 -8.32
N THR A 736 -14.38 4.70 -9.56
CA THR A 736 -13.51 5.78 -10.01
C THR A 736 -13.67 7.02 -9.15
N MET A 737 -14.91 7.37 -8.80
CA MET A 737 -15.13 8.58 -8.00
C MET A 737 -14.78 8.36 -6.53
N TYR A 738 -15.07 7.17 -5.99
CA TYR A 738 -14.73 6.90 -4.60
C TYR A 738 -13.23 6.84 -4.37
N ILE A 739 -12.53 6.07 -5.21
CA ILE A 739 -11.09 5.91 -5.03
C ILE A 739 -10.36 7.19 -5.44
N CYS A 740 -10.74 7.79 -6.55
CA CYS A 740 -10.06 8.96 -7.10
C CYS A 740 -10.99 10.16 -7.11
N GLY A 741 -10.49 11.30 -6.65
CA GLY A 741 -11.28 12.51 -6.62
C GLY A 741 -11.44 13.12 -8.00
N ASP A 742 -12.16 12.43 -8.88
CA ASP A 742 -12.47 12.89 -10.25
C ASP A 742 -11.25 13.42 -10.98
N SER A 743 -10.06 12.93 -10.62
CA SER A 743 -8.82 13.35 -11.26
C SER A 743 -8.59 12.53 -12.52
N THR A 744 -7.41 12.68 -13.13
CA THR A 744 -7.05 11.94 -14.34
C THR A 744 -5.85 11.04 -14.14
N GLU A 745 -4.77 11.56 -13.56
CA GLU A 745 -3.62 10.72 -13.29
C GLU A 745 -3.93 9.65 -12.24
N CYS A 746 -4.82 9.95 -11.30
CA CYS A 746 -5.27 8.94 -10.36
C CYS A 746 -5.98 7.80 -11.08
N SER A 747 -6.81 8.13 -12.07
CA SER A 747 -7.46 7.09 -12.88
C SER A 747 -6.43 6.32 -13.69
N ASN A 748 -5.40 7.01 -14.20
CA ASN A 748 -4.36 6.33 -14.95
C ASN A 748 -3.63 5.31 -14.07
N LEU A 749 -3.34 5.67 -12.83
CA LEU A 749 -2.73 4.73 -11.90
C LEU A 749 -3.69 3.62 -11.49
N LEU A 750 -4.99 3.93 -11.35
CA LEU A 750 -5.97 2.91 -11.01
C LEU A 750 -6.12 1.87 -12.12
N LEU A 751 -5.94 2.28 -13.38
CA LEU A 751 -6.05 1.35 -14.49
C LEU A 751 -5.00 0.24 -14.42
N GLN A 752 -3.92 0.42 -13.67
CA GLN A 752 -2.86 -0.57 -13.57
C GLN A 752 -3.19 -1.73 -12.65
N TYR A 753 -4.32 -1.68 -11.94
CA TYR A 753 -4.69 -2.72 -10.99
C TYR A 753 -5.61 -3.78 -11.60
N GLY A 754 -5.88 -3.70 -12.90
CA GLY A 754 -6.63 -4.75 -13.55
C GLY A 754 -8.11 -4.68 -13.26
N SER A 755 -8.71 -5.84 -13.00
CA SER A 755 -10.16 -6.00 -12.86
C SER A 755 -10.59 -6.03 -11.42
N PHE A 756 -9.94 -5.25 -10.55
CA PHE A 756 -10.32 -5.18 -9.14
C PHE A 756 -11.62 -4.41 -8.90
N CYS A 757 -12.33 -4.03 -9.96
CA CYS A 757 -13.65 -3.43 -9.83
C CYS A 757 -14.73 -4.04 -10.71
N THR A 758 -14.37 -4.73 -11.79
CA THR A 758 -15.35 -5.56 -12.48
C THR A 758 -15.81 -6.69 -11.58
N GLN A 759 -14.91 -7.20 -10.73
CA GLN A 759 -15.33 -8.17 -9.72
C GLN A 759 -16.22 -7.53 -8.67
N LEU A 760 -15.91 -6.29 -8.27
CA LEU A 760 -16.70 -5.61 -7.26
C LEU A 760 -18.06 -5.14 -7.77
N LYS A 761 -18.18 -4.87 -9.06
CA LYS A 761 -19.43 -4.42 -9.64
C LYS A 761 -20.35 -5.57 -10.03
N ARG A 762 -19.89 -6.82 -9.91
CA ARG A 762 -20.71 -7.98 -10.23
C ARG A 762 -21.39 -8.56 -9.00
N ALA A 763 -20.70 -8.59 -7.86
CA ALA A 763 -21.29 -9.13 -6.65
C ALA A 763 -22.48 -8.30 -6.19
N LEU A 764 -22.37 -6.97 -6.30
CA LEU A 764 -23.48 -6.10 -5.88
C LEU A 764 -24.69 -6.29 -6.78
N THR A 765 -24.48 -6.43 -8.10
CA THR A 765 -25.60 -6.67 -9.00
C THR A 765 -26.24 -8.03 -8.72
N GLY A 766 -25.43 -9.05 -8.44
CA GLY A 766 -25.98 -10.33 -8.06
C GLY A 766 -26.81 -10.26 -6.79
N ILE A 767 -26.32 -9.50 -5.81
CA ILE A 767 -27.05 -9.32 -4.56
C ILE A 767 -28.38 -8.62 -4.82
N ALA A 768 -28.37 -7.58 -5.67
CA ALA A 768 -29.60 -6.86 -5.99
C ALA A 768 -30.61 -7.77 -6.67
N VAL A 769 -30.16 -8.57 -7.63
CA VAL A 769 -31.05 -9.51 -8.32
C VAL A 769 -31.62 -10.52 -7.34
N GLU A 770 -30.77 -11.02 -6.43
CA GLU A 770 -31.23 -11.96 -5.41
C GLU A 770 -32.29 -11.33 -4.52
N GLN A 771 -32.09 -10.07 -4.12
CA GLN A 771 -33.07 -9.37 -3.30
C GLN A 771 -34.38 -9.19 -4.04
N ASP A 772 -34.31 -8.87 -5.34
CA ASP A 772 -35.54 -8.74 -6.12
C ASP A 772 -36.27 -10.07 -6.24
N LYS A 773 -35.53 -11.18 -6.34
CA LYS A 773 -36.17 -12.49 -6.44
C LYS A 773 -36.74 -12.94 -5.09
N ASN A 774 -36.13 -12.51 -3.99
CA ASN A 774 -36.56 -12.96 -2.67
C ASN A 774 -38.01 -12.57 -2.38
N THR A 775 -38.35 -11.29 -2.61
CA THR A 775 -39.72 -10.85 -2.34
C THR A 775 -40.71 -11.47 -3.30
N GLN A 776 -40.29 -11.71 -4.55
CA GLN A 776 -41.19 -12.34 -5.51
C GLN A 776 -41.48 -13.79 -5.14
N GLU A 777 -40.50 -14.50 -4.58
CA GLU A 777 -40.71 -15.90 -4.23
C GLU A 777 -41.71 -16.09 -3.10
N VAL A 778 -41.89 -15.08 -2.25
CA VAL A 778 -42.74 -15.22 -1.06
C VAL A 778 -44.18 -14.84 -1.34
N PHE A 779 -44.40 -13.69 -1.99
CA PHE A 779 -45.74 -13.17 -2.16
C PHE A 779 -46.42 -13.64 -3.44
N ALA A 780 -45.67 -13.85 -4.52
CA ALA A 780 -46.26 -14.23 -5.80
C ALA A 780 -46.48 -15.74 -5.82
N GLN A 781 -47.56 -16.15 -5.14
CA GLN A 781 -47.95 -17.55 -5.07
C GLN A 781 -49.37 -17.80 -5.57
N VAL A 782 -50.00 -16.80 -6.19
CA VAL A 782 -51.37 -16.92 -6.68
C VAL A 782 -51.40 -16.57 -8.16
N LYS A 783 -52.18 -17.34 -8.93
CA LYS A 783 -52.26 -17.10 -10.37
C LYS A 783 -53.04 -15.83 -10.68
N GLN A 784 -54.13 -15.59 -9.96
CA GLN A 784 -55.01 -14.45 -10.21
C GLN A 784 -55.10 -13.58 -8.95
N ILE A 785 -55.86 -12.50 -9.06
CA ILE A 785 -56.02 -11.54 -7.97
C ILE A 785 -57.49 -11.56 -7.59
N TYR A 786 -57.84 -12.36 -6.58
CA TYR A 786 -59.20 -12.43 -6.11
C TYR A 786 -59.56 -11.20 -5.29
N LYS A 787 -60.86 -10.89 -5.25
CA LYS A 787 -61.37 -9.78 -4.47
C LYS A 787 -62.59 -10.25 -3.68
N THR A 788 -62.72 -9.74 -2.45
CA THR A 788 -63.80 -10.17 -1.57
C THR A 788 -65.15 -9.68 -2.09
N PRO A 789 -66.22 -10.45 -1.84
CA PRO A 789 -67.54 -10.00 -2.25
C PRO A 789 -67.96 -8.77 -1.46
N PRO A 790 -68.84 -7.93 -2.01
CA PRO A 790 -69.25 -6.72 -1.28
C PRO A 790 -69.91 -7.01 0.06
N ILE A 791 -70.69 -8.08 0.15
CA ILE A 791 -71.33 -8.46 1.40
C ILE A 791 -70.30 -9.15 2.30
N LYS A 792 -70.25 -8.76 3.57
CA LYS A 792 -69.27 -9.28 4.53
C LYS A 792 -70.01 -9.69 5.80
N TYR A 793 -70.49 -10.94 5.82
CA TYR A 793 -71.12 -11.51 7.01
C TYR A 793 -70.72 -12.99 7.04
N PHE A 794 -69.70 -13.31 7.83
CA PHE A 794 -69.14 -14.66 7.88
C PHE A 794 -69.56 -15.43 9.11
N GLY A 795 -70.80 -15.25 9.55
CA GLY A 795 -71.33 -16.01 10.67
C GLY A 795 -70.99 -15.50 12.04
N GLY A 796 -70.34 -14.34 12.14
CA GLY A 796 -70.04 -13.78 13.45
C GLY A 796 -68.60 -13.35 13.63
N PHE A 797 -67.74 -13.69 12.68
CA PHE A 797 -66.34 -13.34 12.73
C PHE A 797 -66.12 -12.00 12.04
N ASN A 798 -65.46 -11.08 12.73
CA ASN A 798 -65.24 -9.72 12.22
C ASN A 798 -63.82 -9.63 11.68
N PHE A 799 -63.70 -9.60 10.35
CA PHE A 799 -62.42 -9.52 9.67
C PHE A 799 -62.08 -8.12 9.20
N SER A 800 -62.76 -7.10 9.74
CA SER A 800 -62.54 -5.73 9.28
C SER A 800 -61.11 -5.26 9.58
N GLN A 801 -60.48 -5.80 10.61
CA GLN A 801 -59.14 -5.35 11.00
C GLN A 801 -58.05 -5.82 10.04
N ILE A 802 -58.34 -6.75 9.14
CA ILE A 802 -57.31 -7.29 8.25
C ILE A 802 -57.67 -7.05 6.80
N LEU A 803 -58.96 -6.88 6.52
CA LEU A 803 -59.39 -6.61 5.15
C LEU A 803 -58.95 -5.21 4.73
N PRO A 804 -58.74 -5.00 3.42
CA PRO A 804 -58.32 -3.68 2.95
C PRO A 804 -59.37 -2.61 3.24
N ASP A 805 -58.89 -1.38 3.44
CA ASP A 805 -59.75 -0.25 3.72
C ASP A 805 -59.86 0.63 2.49
N PRO A 806 -61.00 0.67 1.80
CA PRO A 806 -61.10 1.52 0.60
C PRO A 806 -61.17 3.01 0.91
N SER A 807 -61.47 3.40 2.16
CA SER A 807 -61.52 4.81 2.49
C SER A 807 -60.15 5.47 2.34
N LYS A 808 -59.10 4.79 2.76
CA LYS A 808 -57.76 5.32 2.62
C LYS A 808 -57.36 5.39 1.15
N PRO A 809 -56.42 6.28 0.80
CA PRO A 809 -55.96 6.32 -0.60
C PRO A 809 -55.39 5.01 -1.08
N SER A 810 -54.72 4.27 -0.20
CA SER A 810 -54.18 2.96 -0.53
C SER A 810 -55.02 1.88 0.13
N LYS A 811 -55.03 0.70 -0.49
CA LYS A 811 -55.82 -0.44 0.00
C LYS A 811 -55.02 -1.16 1.09
N ARG A 812 -54.93 -0.50 2.24
CA ARG A 812 -54.18 -1.01 3.39
C ARG A 812 -55.09 -1.13 4.59
N SER A 813 -55.02 -2.27 5.28
CA SER A 813 -55.79 -2.48 6.50
C SER A 813 -55.19 -1.66 7.64
N PRO A 814 -55.97 -1.41 8.70
CA PRO A 814 -55.43 -0.66 9.84
C PRO A 814 -54.19 -1.30 10.44
N ILE A 815 -54.14 -2.62 10.52
CA ILE A 815 -52.96 -3.30 11.05
C ILE A 815 -51.75 -3.04 10.16
N GLU A 816 -51.95 -3.08 8.84
CA GLU A 816 -50.85 -2.81 7.91
C GLU A 816 -50.34 -1.39 8.07
N ASP A 817 -51.25 -0.42 8.23
CA ASP A 817 -50.83 0.97 8.43
C ASP A 817 -50.09 1.14 9.75
N LEU A 818 -50.55 0.47 10.81
CA LEU A 818 -49.86 0.54 12.08
C LEU A 818 -48.45 -0.04 11.97
N LEU A 819 -48.31 -1.17 11.26
CA LEU A 819 -46.98 -1.74 11.04
C LEU A 819 -46.11 -0.80 10.22
N PHE A 820 -46.67 -0.19 9.18
CA PHE A 820 -45.92 0.69 8.30
C PHE A 820 -45.50 1.98 8.99
N ASN A 821 -46.23 2.42 10.02
CA ASN A 821 -45.91 3.65 10.72
C ASN A 821 -44.94 3.44 11.88
N LYS A 822 -44.46 2.22 12.11
CA LYS A 822 -43.57 1.92 13.21
C LYS A 822 -42.13 1.64 12.78
N VAL A 823 -41.82 1.74 11.48
CA VAL A 823 -40.49 1.52 10.97
C VAL A 823 -40.06 2.77 10.20
N THR A 824 -39.00 3.41 10.67
CA THR A 824 -38.50 4.64 10.07
C THR A 824 -37.23 4.35 9.28
N LEU A 825 -37.21 4.77 8.02
CA LEU A 825 -36.05 4.54 7.16
C LEU A 825 -35.08 5.71 7.21
N LEU A 846 -29.22 14.83 6.15
CA LEU A 846 -28.12 15.50 5.47
C LEU A 846 -27.14 14.49 4.88
N ILE A 847 -26.96 13.37 5.59
CA ILE A 847 -26.07 12.32 5.10
C ILE A 847 -26.66 11.65 3.87
N CYS A 848 -27.98 11.45 3.84
CA CYS A 848 -28.62 10.81 2.70
C CYS A 848 -28.41 11.62 1.43
N ALA A 849 -28.34 12.94 1.53
CA ALA A 849 -28.02 13.80 0.39
C ALA A 849 -26.54 14.03 0.24
N GLN A 850 -25.72 13.51 1.15
CA GLN A 850 -24.27 13.68 1.08
C GLN A 850 -23.59 12.58 0.26
N LYS A 851 -24.22 11.41 0.12
CA LYS A 851 -23.56 10.29 -0.52
C LYS A 851 -23.45 10.50 -2.02
N PHE A 852 -22.67 11.50 -2.43
CA PHE A 852 -22.31 11.70 -3.83
C PHE A 852 -20.89 11.25 -4.12
N ASN A 853 -20.33 10.38 -3.28
CA ASN A 853 -19.01 9.79 -3.51
C ASN A 853 -19.07 8.56 -4.39
N GLY A 854 -20.25 8.17 -4.86
CA GLY A 854 -20.41 6.99 -5.68
C GLY A 854 -21.28 5.91 -5.07
N LEU A 855 -21.85 6.11 -3.89
CA LEU A 855 -22.69 5.11 -3.23
C LEU A 855 -24.14 5.53 -3.38
N THR A 856 -24.95 4.68 -4.02
CA THR A 856 -26.35 4.97 -4.28
C THR A 856 -27.22 3.86 -3.71
N VAL A 857 -28.54 4.05 -3.82
CA VAL A 857 -29.52 3.07 -3.39
C VAL A 857 -30.52 2.87 -4.51
N LEU A 858 -30.80 1.60 -4.85
CA LEU A 858 -31.72 1.34 -5.94
C LEU A 858 -33.12 1.03 -5.41
N PRO A 859 -34.16 1.39 -6.15
CA PRO A 859 -35.53 1.15 -5.69
C PRO A 859 -35.96 -0.28 -5.98
N PRO A 860 -36.76 -0.86 -5.10
CA PRO A 860 -37.24 -2.24 -5.34
C PRO A 860 -38.16 -2.31 -6.55
N LEU A 861 -38.17 -3.49 -7.19
CA LEU A 861 -38.99 -3.68 -8.38
C LEU A 861 -40.48 -3.69 -8.03
N LEU A 862 -40.85 -4.29 -6.90
CA LEU A 862 -42.25 -4.42 -6.50
C LEU A 862 -42.60 -3.28 -5.56
N THR A 863 -43.57 -2.47 -5.95
CA THR A 863 -44.05 -1.37 -5.11
C THR A 863 -44.94 -1.92 -4.00
N ASP A 864 -44.95 -1.20 -2.88
CA ASP A 864 -45.73 -1.64 -1.72
C ASP A 864 -47.21 -1.78 -2.05
N GLU A 865 -47.71 -0.94 -2.97
CA GLU A 865 -49.11 -1.03 -3.35
C GLU A 865 -49.43 -2.30 -4.14
N MET A 866 -48.40 -3.01 -4.62
CA MET A 866 -48.62 -4.31 -5.24
C MET A 866 -48.51 -5.45 -4.23
N ILE A 867 -47.63 -5.31 -3.24
CA ILE A 867 -47.57 -6.27 -2.16
C ILE A 867 -48.89 -6.26 -1.39
N ALA A 868 -49.48 -5.07 -1.22
CA ALA A 868 -50.80 -4.99 -0.59
C ALA A 868 -51.85 -5.71 -1.41
N GLN A 869 -51.80 -5.59 -2.73
CA GLN A 869 -52.73 -6.31 -3.59
C GLN A 869 -52.56 -7.81 -3.45
N TYR A 870 -51.31 -8.28 -3.42
CA TYR A 870 -51.04 -9.70 -3.23
C TYR A 870 -51.59 -10.20 -1.89
N THR A 871 -51.36 -9.43 -0.83
CA THR A 871 -51.85 -9.81 0.49
C THR A 871 -53.38 -9.85 0.52
N SER A 872 -54.03 -8.88 -0.12
CA SER A 872 -55.48 -8.88 -0.20
C SER A 872 -55.98 -10.09 -0.97
N ALA A 873 -55.30 -10.47 -2.05
CA ALA A 873 -55.71 -11.65 -2.81
C ALA A 873 -55.59 -12.92 -1.97
N LEU A 874 -54.48 -13.08 -1.25
CA LEU A 874 -54.34 -14.23 -0.36
C LEU A 874 -55.42 -14.25 0.71
N LEU A 875 -55.72 -13.09 1.31
CA LEU A 875 -56.74 -13.04 2.35
C LEU A 875 -58.10 -13.43 1.80
N ALA A 876 -58.46 -12.90 0.63
CA ALA A 876 -59.75 -13.24 0.03
C ALA A 876 -59.83 -14.71 -0.29
N GLY A 877 -58.75 -15.28 -0.85
CA GLY A 877 -58.76 -16.69 -1.17
C GLY A 877 -58.87 -17.58 0.05
N THR A 878 -58.17 -17.22 1.12
CA THR A 878 -58.18 -18.05 2.33
C THR A 878 -59.40 -17.81 3.20
N ILE A 879 -60.17 -16.74 2.97
CA ILE A 879 -61.41 -16.52 3.71
C ILE A 879 -62.63 -16.98 2.93
N THR A 880 -62.55 -17.08 1.61
CA THR A 880 -63.69 -17.49 0.79
C THR A 880 -63.66 -18.96 0.42
N SER A 881 -62.48 -19.52 0.15
CA SER A 881 -62.37 -20.89 -0.35
C SER A 881 -61.67 -21.85 0.60
N GLY A 882 -61.03 -21.37 1.66
CA GLY A 882 -60.31 -22.26 2.55
C GLY A 882 -58.95 -22.64 2.02
N TRP A 883 -58.58 -23.92 2.14
CA TRP A 883 -57.32 -24.41 1.61
C TRP A 883 -57.49 -25.10 0.26
N THR A 884 -58.68 -25.06 -0.32
CA THR A 884 -58.91 -25.72 -1.60
C THR A 884 -58.24 -24.97 -2.76
N PHE A 885 -57.96 -23.68 -2.60
CA PHE A 885 -57.37 -22.90 -3.68
C PHE A 885 -55.87 -23.05 -3.77
N GLY A 886 -55.25 -23.80 -2.85
CA GLY A 886 -53.82 -24.07 -2.95
C GLY A 886 -53.45 -25.15 -3.94
N ALA A 887 -54.42 -25.95 -4.38
CA ALA A 887 -54.18 -27.02 -5.35
C ALA A 887 -54.62 -26.61 -6.75
N GLY A 888 -55.88 -26.16 -6.89
CA GLY A 888 -56.39 -25.71 -8.16
C GLY A 888 -57.11 -24.39 -8.03
N PRO A 889 -58.36 -24.33 -8.48
CA PRO A 889 -59.16 -23.12 -8.36
C PRO A 889 -59.90 -23.05 -7.03
N ALA A 890 -60.34 -21.85 -6.71
CA ALA A 890 -61.10 -21.64 -5.48
C ALA A 890 -62.41 -22.40 -5.50
N LEU A 891 -62.80 -22.93 -4.35
CA LEU A 891 -64.04 -23.70 -4.22
C LEU A 891 -64.87 -23.10 -3.09
N GLN A 892 -66.16 -22.93 -3.34
CA GLN A 892 -67.04 -22.30 -2.36
C GLN A 892 -67.22 -23.17 -1.14
N ILE A 893 -67.27 -22.52 0.03
CA ILE A 893 -67.56 -23.19 1.30
C ILE A 893 -67.92 -22.14 2.34
N PRO A 894 -69.00 -22.34 3.11
CA PRO A 894 -69.30 -21.39 4.19
C PRO A 894 -68.22 -21.43 5.25
N PHE A 895 -67.97 -20.27 5.86
CA PHE A 895 -66.91 -20.16 6.87
C PHE A 895 -67.15 -21.05 8.08
N PRO A 896 -68.35 -21.12 8.68
CA PRO A 896 -68.54 -22.07 9.79
C PRO A 896 -68.25 -23.51 9.40
N MET A 897 -68.60 -23.90 8.18
CA MET A 897 -68.28 -25.26 7.73
C MET A 897 -66.78 -25.49 7.66
N GLN A 898 -66.04 -24.49 7.17
CA GLN A 898 -64.59 -24.60 7.12
C GLN A 898 -63.99 -24.69 8.51
N MET A 899 -64.52 -23.91 9.47
CA MET A 899 -64.00 -23.96 10.82
C MET A 899 -64.31 -25.30 11.48
N ALA A 900 -65.49 -25.87 11.22
CA ALA A 900 -65.80 -27.21 11.71
C ALA A 900 -64.85 -28.24 11.10
N TYR A 901 -64.54 -28.09 9.82
CA TYR A 901 -63.58 -28.97 9.17
C TYR A 901 -62.22 -28.89 9.87
N ARG A 902 -61.79 -27.67 10.20
CA ARG A 902 -60.49 -27.50 10.84
C ARG A 902 -60.47 -28.04 12.26
N PHE A 903 -61.57 -27.89 13.01
CA PHE A 903 -61.66 -28.56 14.31
C PHE A 903 -61.63 -30.08 14.17
N ASN A 904 -62.21 -30.60 13.10
CA ASN A 904 -62.19 -32.04 12.88
C ASN A 904 -60.78 -32.58 12.64
N GLY A 905 -59.83 -31.71 12.32
CA GLY A 905 -58.47 -32.13 12.07
C GLY A 905 -57.56 -32.19 13.28
N ILE A 906 -58.01 -31.74 14.44
CA ILE A 906 -57.20 -31.75 15.65
C ILE A 906 -57.77 -32.68 16.71
N GLY A 907 -58.62 -33.63 16.31
CA GLY A 907 -59.17 -34.59 17.23
C GLY A 907 -60.39 -34.15 18.00
N VAL A 908 -61.02 -33.05 17.60
CA VAL A 908 -62.21 -32.53 18.27
C VAL A 908 -63.38 -32.67 17.32
N THR A 909 -64.48 -33.25 17.82
CA THR A 909 -65.66 -33.46 17.00
C THR A 909 -66.24 -32.13 16.54
N GLN A 910 -66.76 -32.10 15.31
CA GLN A 910 -67.24 -30.86 14.71
C GLN A 910 -68.46 -30.30 15.41
N ASN A 911 -69.16 -31.09 16.20
CA ASN A 911 -70.34 -30.59 16.91
C ASN A 911 -69.98 -29.52 17.94
N VAL A 912 -68.72 -29.48 18.39
CA VAL A 912 -68.32 -28.51 19.39
C VAL A 912 -68.45 -27.09 18.83
N LEU A 913 -68.02 -26.88 17.58
CA LEU A 913 -68.15 -25.56 16.98
C LEU A 913 -69.60 -25.16 16.79
N TYR A 914 -70.43 -26.08 16.28
CA TYR A 914 -71.82 -25.76 16.01
C TYR A 914 -72.57 -25.46 17.30
N GLU A 915 -72.24 -26.17 18.37
CA GLU A 915 -72.89 -25.92 19.66
C GLU A 915 -72.27 -24.76 20.43
N ASN A 916 -71.15 -24.21 19.96
CA ASN A 916 -70.49 -23.08 20.62
C ASN A 916 -70.02 -22.07 19.59
N GLN A 917 -70.85 -21.80 18.58
CA GLN A 917 -70.43 -20.91 17.49
C GLN A 917 -70.33 -19.46 17.96
N LYS A 918 -71.35 -18.98 18.67
CA LYS A 918 -71.36 -17.58 19.11
C LYS A 918 -70.21 -17.30 20.07
N LEU A 919 -69.98 -18.20 21.02
CA LEU A 919 -68.89 -18.00 21.98
C LEU A 919 -67.54 -18.00 21.28
N ILE A 920 -67.33 -18.91 20.33
CA ILE A 920 -66.06 -18.97 19.61
C ILE A 920 -65.86 -17.71 18.79
N ALA A 921 -66.91 -17.23 18.12
CA ALA A 921 -66.80 -15.99 17.35
C ALA A 921 -66.46 -14.81 18.26
N ASN A 922 -67.11 -14.73 19.42
CA ASN A 922 -66.80 -13.65 20.35
C ASN A 922 -65.36 -13.73 20.86
N GLN A 923 -64.89 -14.94 21.15
CA GLN A 923 -63.51 -15.10 21.61
C GLN A 923 -62.52 -14.67 20.53
N PHE A 924 -62.78 -15.07 19.28
CA PHE A 924 -61.90 -14.66 18.19
C PHE A 924 -61.91 -13.14 18.00
N ASN A 925 -63.09 -12.53 18.06
CA ASN A 925 -63.19 -11.09 17.90
C ASN A 925 -62.45 -10.36 19.01
N SER A 926 -62.57 -10.84 20.25
CA SER A 926 -61.85 -10.22 21.35
C SER A 926 -60.35 -10.43 21.24
N ALA A 927 -59.91 -11.61 20.78
CA ALA A 927 -58.48 -11.88 20.67
C ALA A 927 -57.84 -11.03 19.58
N ILE A 928 -58.52 -10.90 18.43
CA ILE A 928 -57.96 -10.10 17.34
C ILE A 928 -57.97 -8.61 17.68
N GLY A 929 -58.74 -8.20 18.69
CA GLY A 929 -58.79 -6.82 19.09
C GLY A 929 -57.68 -6.35 20.00
N LYS A 930 -56.77 -7.24 20.39
CA LYS A 930 -55.65 -6.89 21.25
C LYS A 930 -54.32 -6.79 20.51
N ILE A 931 -54.25 -7.29 19.28
CA ILE A 931 -53.00 -7.20 18.52
C ILE A 931 -52.64 -5.74 18.25
N GLN A 932 -53.64 -4.94 17.87
CA GLN A 932 -53.39 -3.54 17.58
C GLN A 932 -52.88 -2.81 18.82
N ASP A 933 -53.50 -3.07 19.98
CA ASP A 933 -53.02 -2.46 21.22
C ASP A 933 -51.64 -2.96 21.59
N SER A 934 -51.41 -4.27 21.46
CA SER A 934 -50.11 -4.83 21.82
C SER A 934 -49.00 -4.36 20.90
N LEU A 935 -49.34 -3.87 19.70
CA LEU A 935 -48.34 -3.31 18.81
C LEU A 935 -48.16 -1.81 19.04
N SER A 936 -49.25 -1.07 19.23
CA SER A 936 -49.15 0.37 19.46
C SER A 936 -48.55 0.70 20.83
N SER A 937 -48.63 -0.22 21.78
CA SER A 937 -48.08 0.02 23.12
C SER A 937 -46.60 -0.35 23.18
N THR A 938 -46.28 -1.60 22.86
CA THR A 938 -44.89 -2.04 22.89
C THR A 938 -44.18 -1.59 21.63
N PRO A 939 -43.11 -0.80 21.72
CA PRO A 939 -42.39 -0.36 20.52
C PRO A 939 -41.31 -1.31 20.04
N SER A 940 -40.95 -2.32 20.85
CA SER A 940 -39.88 -3.25 20.49
C SER A 940 -40.38 -4.49 19.78
N ALA A 941 -41.68 -4.59 19.49
CA ALA A 941 -42.20 -5.75 18.80
C ALA A 941 -41.61 -5.88 17.40
N LEU A 942 -41.52 -4.77 16.67
CA LEU A 942 -40.94 -4.77 15.33
C LEU A 942 -39.45 -4.41 15.38
N GLY A 943 -38.74 -5.13 16.24
CA GLY A 943 -37.32 -4.88 16.42
C GLY A 943 -36.44 -5.62 15.43
N LYS A 944 -36.96 -6.72 14.87
CA LYS A 944 -36.16 -7.50 13.94
C LYS A 944 -36.00 -6.79 12.60
N LEU A 945 -37.03 -6.07 12.16
CA LEU A 945 -36.97 -5.40 10.87
C LEU A 945 -36.09 -4.15 10.91
N GLN A 946 -35.98 -3.51 12.08
CA GLN A 946 -35.20 -2.28 12.18
C GLN A 946 -33.72 -2.53 12.02
N ASP A 947 -33.22 -3.68 12.46
CA ASP A 947 -31.80 -3.99 12.34
C ASP A 947 -31.39 -4.08 10.88
N VAL A 948 -32.29 -4.55 10.01
CA VAL A 948 -31.96 -4.72 8.60
C VAL A 948 -31.57 -3.39 7.97
N VAL A 949 -32.29 -2.32 8.32
CA VAL A 949 -31.93 -1.00 7.81
C VAL A 949 -30.84 -0.32 8.62
N ASN A 950 -30.77 -0.59 9.93
CA ASN A 950 -29.74 0.05 10.75
C ASN A 950 -28.34 -0.41 10.34
N HIS A 951 -28.17 -1.71 10.11
CA HIS A 951 -26.87 -2.22 9.70
C HIS A 951 -26.46 -1.66 8.33
N ASN A 952 -27.40 -1.61 7.39
CA ASN A 952 -27.10 -1.10 6.06
C ASN A 952 -26.80 0.40 6.05
N ALA A 953 -27.41 1.18 6.95
CA ALA A 953 -27.06 2.58 7.11
C ALA A 953 -25.70 2.76 7.78
N GLN A 954 -25.43 2.00 8.84
CA GLN A 954 -24.18 2.15 9.57
C GLN A 954 -22.98 1.74 8.72
N ALA A 955 -23.15 0.69 7.90
CA ALA A 955 -22.05 0.26 7.03
C ALA A 955 -21.69 1.35 6.03
N LEU A 956 -22.70 1.97 5.41
CA LEU A 956 -22.44 3.06 4.48
C LEU A 956 -21.81 4.25 5.18
N ASN A 957 -22.28 4.56 6.40
CA ASN A 957 -21.71 5.68 7.13
C ASN A 957 -20.24 5.44 7.45
N THR A 958 -19.89 4.22 7.88
CA THR A 958 -18.49 3.91 8.15
C THR A 958 -17.66 3.94 6.88
N LEU A 959 -18.21 3.45 5.77
CA LEU A 959 -17.48 3.47 4.51
C LEU A 959 -17.21 4.90 4.06
N VAL A 960 -18.17 5.80 4.25
CA VAL A 960 -17.96 7.21 3.89
C VAL A 960 -16.94 7.84 4.81
N LYS A 961 -17.04 7.58 6.12
CA LYS A 961 -16.11 8.17 7.08
C LYS A 961 -14.69 7.67 6.87
N GLN A 962 -14.53 6.46 6.35
CA GLN A 962 -13.20 5.90 6.11
C GLN A 962 -12.41 6.67 5.06
N LEU A 963 -13.06 7.52 4.27
CA LEU A 963 -12.37 8.25 3.21
C LEU A 963 -11.36 9.26 3.74
N SER A 964 -11.56 9.76 4.97
CA SER A 964 -10.67 10.76 5.55
C SER A 964 -9.55 10.12 6.37
N SER A 965 -8.79 9.22 5.75
CA SER A 965 -7.68 8.55 6.41
C SER A 965 -6.39 8.79 5.63
N LYS A 966 -5.31 9.03 6.34
CA LYS A 966 -4.03 9.30 5.68
C LYS A 966 -3.42 8.04 5.09
N PHE A 967 -3.67 6.89 5.71
CA PHE A 967 -3.15 5.60 5.24
C PHE A 967 -1.63 5.61 5.13
N GLY A 968 -0.98 6.28 6.08
CA GLY A 968 0.47 6.38 6.08
C GLY A 968 1.02 7.18 4.92
N ALA A 969 0.34 8.23 4.49
CA ALA A 969 0.77 9.10 3.41
C ALA A 969 0.85 10.53 3.93
N ILE A 970 1.13 11.46 3.01
CA ILE A 970 1.28 12.86 3.38
C ILE A 970 -0.06 13.43 3.84
N SER A 971 -1.11 13.20 3.06
CA SER A 971 -2.43 13.73 3.38
C SER A 971 -3.48 12.89 2.67
N SER A 972 -4.73 13.05 3.09
CA SER A 972 -5.85 12.31 2.52
C SER A 972 -6.52 13.07 1.37
N VAL A 973 -6.01 14.23 1.00
CA VAL A 973 -6.58 15.04 -0.07
C VAL A 973 -5.64 14.97 -1.26
N LEU A 974 -6.16 14.53 -2.42
CA LEU A 974 -5.33 14.37 -3.60
C LEU A 974 -4.79 15.72 -4.09
N ASN A 975 -5.65 16.74 -4.16
CA ASN A 975 -5.19 18.04 -4.64
C ASN A 975 -4.09 18.60 -3.74
N ASP A 976 -4.21 18.40 -2.43
CA ASP A 976 -3.19 18.88 -1.52
C ASP A 976 -1.86 18.17 -1.71
N ILE A 977 -1.88 16.88 -2.07
CA ILE A 977 -0.63 16.16 -2.28
C ILE A 977 -0.04 16.42 -3.66
N LEU A 978 -0.85 16.79 -4.64
CA LEU A 978 -0.28 17.21 -5.93
C LEU A 978 0.25 18.64 -5.88
N SER A 979 -0.37 19.52 -5.09
CA SER A 979 0.06 20.92 -5.05
C SER A 979 1.39 21.12 -4.34
N ARG A 980 1.91 20.10 -3.66
CA ARG A 980 3.15 20.24 -2.91
C ARG A 980 4.31 19.41 -3.43
N LEU A 981 4.05 18.35 -4.19
CA LEU A 981 5.11 17.47 -4.68
C LEU A 981 4.98 17.30 -6.19
N ASP A 982 6.13 17.21 -6.85
CA ASP A 982 6.21 16.95 -8.27
C ASP A 982 5.84 15.49 -8.57
N PRO A 983 5.50 15.18 -9.82
CA PRO A 983 5.01 13.84 -10.18
C PRO A 983 5.94 12.70 -9.77
N PRO A 984 7.27 12.81 -9.93
CA PRO A 984 8.10 11.59 -9.83
C PRO A 984 7.93 10.80 -8.53
N GLU A 985 7.74 11.44 -7.38
CA GLU A 985 7.44 10.68 -6.17
C GLU A 985 6.04 10.94 -5.62
N ALA A 986 5.33 11.96 -6.11
CA ALA A 986 3.91 12.06 -5.79
C ALA A 986 3.14 10.88 -6.36
N GLU A 987 3.61 10.32 -7.47
CA GLU A 987 3.02 9.10 -8.01
C GLU A 987 3.18 7.94 -7.02
N VAL A 988 4.34 7.83 -6.38
CA VAL A 988 4.55 6.79 -5.40
C VAL A 988 3.71 7.04 -4.16
N GLN A 989 3.64 8.31 -3.72
CA GLN A 989 2.92 8.63 -2.48
C GLN A 989 1.43 8.30 -2.59
N ILE A 990 0.80 8.62 -3.71
CA ILE A 990 -0.64 8.42 -3.82
C ILE A 990 -0.99 6.95 -3.89
N ASP A 991 -0.06 6.10 -4.36
CA ASP A 991 -0.35 4.67 -4.51
C ASP A 991 -0.83 4.06 -3.20
N ARG A 992 -0.29 4.52 -2.07
CA ARG A 992 -0.75 4.07 -0.78
C ARG A 992 -2.24 4.33 -0.59
N LEU A 993 -2.72 5.49 -1.03
CA LEU A 993 -4.15 5.81 -0.92
C LEU A 993 -5.02 4.88 -1.74
N ILE A 994 -4.62 4.58 -2.99
CA ILE A 994 -5.40 3.64 -3.79
C ILE A 994 -5.42 2.26 -3.15
N THR A 995 -4.28 1.80 -2.67
CA THR A 995 -4.23 0.47 -2.04
C THR A 995 -5.13 0.44 -0.80
N GLY A 996 -5.05 1.47 0.04
CA GLY A 996 -5.86 1.49 1.24
C GLY A 996 -7.34 1.58 0.94
N ARG A 997 -7.72 2.37 -0.06
CA ARG A 997 -9.13 2.52 -0.39
C ARG A 997 -9.69 1.23 -1.01
N LEU A 998 -8.90 0.55 -1.85
CA LEU A 998 -9.33 -0.75 -2.37
C LEU A 998 -9.50 -1.76 -1.24
N GLN A 999 -8.55 -1.79 -0.30
CA GLN A 999 -8.65 -2.73 0.80
C GLN A 999 -9.88 -2.43 1.66
N SER A 1000 -10.17 -1.15 1.89
CA SER A 1000 -11.34 -0.78 2.67
C SER A 1000 -12.64 -1.12 1.93
N LEU A 1001 -12.64 -0.97 0.60
CA LEU A 1001 -13.85 -1.22 -0.16
C LEU A 1001 -14.12 -2.73 -0.30
N GLN A 1002 -13.08 -3.55 -0.24
CA GLN A 1002 -13.28 -5.00 -0.31
C GLN A 1002 -14.12 -5.51 0.85
N THR A 1003 -13.84 -5.02 2.06
CA THR A 1003 -14.52 -5.52 3.25
C THR A 1003 -16.02 -5.26 3.20
N TYR A 1004 -16.43 -4.14 2.61
CA TYR A 1004 -17.86 -3.82 2.53
C TYR A 1004 -18.62 -4.90 1.76
N VAL A 1005 -18.17 -5.22 0.55
CA VAL A 1005 -18.85 -6.25 -0.23
C VAL A 1005 -18.67 -7.62 0.43
N THR A 1006 -17.54 -7.85 1.11
CA THR A 1006 -17.34 -9.13 1.79
C THR A 1006 -18.41 -9.34 2.87
N GLN A 1007 -18.71 -8.29 3.63
CA GLN A 1007 -19.75 -8.40 4.67
C GLN A 1007 -21.13 -8.46 4.06
N GLN A 1008 -21.36 -7.71 2.98
CA GLN A 1008 -22.67 -7.74 2.32
C GLN A 1008 -22.98 -9.12 1.75
N LEU A 1009 -21.95 -9.85 1.29
CA LEU A 1009 -22.18 -11.18 0.76
C LEU A 1009 -22.68 -12.13 1.84
N ILE A 1010 -22.19 -12.00 3.07
CA ILE A 1010 -22.66 -12.85 4.16
C ILE A 1010 -24.05 -12.42 4.60
N ARG A 1011 -24.29 -11.11 4.70
CA ARG A 1011 -25.62 -10.65 5.10
C ARG A 1011 -26.68 -11.05 4.09
N ALA A 1012 -26.33 -11.11 2.80
CA ALA A 1012 -27.29 -11.54 1.79
C ALA A 1012 -27.72 -12.98 2.02
N ALA A 1013 -26.77 -13.86 2.32
CA ALA A 1013 -27.12 -15.25 2.61
C ALA A 1013 -27.96 -15.36 3.88
N GLU A 1014 -27.61 -14.57 4.90
CA GLU A 1014 -28.40 -14.59 6.14
C GLU A 1014 -29.83 -14.17 5.88
N ILE A 1015 -30.03 -13.15 5.04
CA ILE A 1015 -31.39 -12.71 4.70
C ILE A 1015 -32.09 -13.76 3.85
N ARG A 1016 -31.36 -14.42 2.95
CA ARG A 1016 -31.97 -15.42 2.07
C ARG A 1016 -32.51 -16.60 2.87
N ALA A 1017 -31.78 -17.01 3.91
CA ALA A 1017 -32.26 -18.11 4.74
C ALA A 1017 -33.61 -17.77 5.37
N SER A 1018 -33.73 -16.56 5.93
CA SER A 1018 -34.99 -16.14 6.52
C SER A 1018 -36.09 -15.99 5.47
N ALA A 1019 -35.74 -15.54 4.26
CA ALA A 1019 -36.72 -15.44 3.19
C ALA A 1019 -37.28 -16.81 2.82
N ASN A 1020 -36.39 -17.82 2.75
CA ASN A 1020 -36.85 -19.18 2.47
C ASN A 1020 -37.73 -19.70 3.58
N LEU A 1021 -37.36 -19.41 4.84
CA LEU A 1021 -38.21 -19.83 5.95
C LEU A 1021 -39.59 -19.17 5.88
N ALA A 1022 -39.63 -17.88 5.55
CA ALA A 1022 -40.90 -17.19 5.43
C ALA A 1022 -41.74 -17.76 4.29
N ALA A 1023 -41.10 -18.10 3.17
CA ALA A 1023 -41.82 -18.71 2.07
C ALA A 1023 -42.42 -20.05 2.47
N THR A 1024 -41.65 -20.87 3.20
CA THR A 1024 -42.16 -22.14 3.67
C THR A 1024 -43.35 -21.95 4.62
N LYS A 1025 -43.23 -20.99 5.54
CA LYS A 1025 -44.33 -20.73 6.47
C LYS A 1025 -45.58 -20.26 5.72
N MET A 1026 -45.42 -19.38 4.74
CA MET A 1026 -46.56 -18.91 3.97
C MET A 1026 -47.20 -20.04 3.17
N SER A 1027 -46.38 -20.97 2.67
CA SER A 1027 -46.93 -22.08 1.89
C SER A 1027 -47.62 -23.11 2.77
N GLU A 1028 -47.17 -23.28 4.02
CA GLU A 1028 -47.74 -24.35 4.84
C GLU A 1028 -48.83 -23.86 5.79
N CYS A 1029 -48.55 -22.85 6.63
CA CYS A 1029 -49.52 -22.44 7.63
C CYS A 1029 -50.71 -21.71 7.02
N VAL A 1030 -50.51 -20.98 5.91
CA VAL A 1030 -51.56 -20.15 5.33
C VAL A 1030 -52.39 -20.95 4.34
N LEU A 1031 -51.74 -21.50 3.32
CA LEU A 1031 -52.43 -22.25 2.26
C LEU A 1031 -52.96 -23.59 2.74
N GLY A 1032 -52.82 -23.94 4.01
CA GLY A 1032 -53.31 -25.21 4.49
C GLY A 1032 -53.29 -25.27 6.00
N GLN A 1033 -53.38 -26.49 6.52
CA GLN A 1033 -53.34 -26.74 7.95
C GLN A 1033 -52.14 -27.62 8.26
N SER A 1034 -51.42 -27.27 9.33
CA SER A 1034 -50.15 -27.89 9.67
C SER A 1034 -50.29 -28.77 10.89
N LYS A 1035 -49.66 -29.95 10.84
CA LYS A 1035 -49.60 -30.86 11.98
C LYS A 1035 -48.29 -30.78 12.73
N ARG A 1036 -47.30 -30.05 12.20
CA ARG A 1036 -46.01 -29.93 12.89
C ARG A 1036 -46.19 -29.15 14.19
N VAL A 1037 -45.60 -29.66 15.26
CA VAL A 1037 -45.77 -29.09 16.59
C VAL A 1037 -44.92 -27.83 16.70
N ASP A 1038 -45.52 -26.76 17.22
CA ASP A 1038 -44.82 -25.49 17.48
C ASP A 1038 -44.19 -24.93 16.20
N PHE A 1039 -44.92 -25.02 15.10
CA PHE A 1039 -44.49 -24.45 13.83
C PHE A 1039 -45.28 -23.22 13.42
N CYS A 1040 -46.60 -23.26 13.54
CA CYS A 1040 -47.47 -22.12 13.26
C CYS A 1040 -48.07 -21.55 14.54
N GLY A 1041 -47.27 -21.50 15.60
CA GLY A 1041 -47.70 -20.95 16.87
C GLY A 1041 -47.82 -22.01 17.94
N LYS A 1042 -48.06 -21.54 19.16
CA LYS A 1042 -48.21 -22.42 20.31
C LYS A 1042 -49.63 -22.97 20.37
N GLY A 1043 -49.75 -24.28 20.59
CA GLY A 1043 -51.04 -24.91 20.64
C GLY A 1043 -51.35 -25.72 19.41
N TYR A 1044 -52.64 -25.84 19.06
CA TYR A 1044 -53.07 -26.54 17.86
C TYR A 1044 -53.41 -25.52 16.78
N HIS A 1045 -52.68 -25.57 15.68
CA HIS A 1045 -52.85 -24.58 14.62
C HIS A 1045 -54.18 -24.76 13.90
N LEU A 1046 -54.85 -23.65 13.64
CA LEU A 1046 -56.10 -23.66 12.88
C LEU A 1046 -55.98 -22.93 11.55
N MET A 1047 -55.64 -21.64 11.56
CA MET A 1047 -55.57 -20.83 10.35
C MET A 1047 -54.46 -19.79 10.52
N SER A 1048 -54.25 -19.00 9.47
CA SER A 1048 -53.26 -17.93 9.52
C SER A 1048 -53.59 -16.88 8.47
N PHE A 1049 -53.16 -15.64 8.74
CA PHE A 1049 -53.34 -14.53 7.82
C PHE A 1049 -52.02 -13.76 7.73
N PRO A 1050 -51.56 -13.45 6.53
CA PRO A 1050 -50.34 -12.65 6.39
C PRO A 1050 -50.63 -11.16 6.29
N GLN A 1051 -49.63 -10.36 6.68
CA GLN A 1051 -49.68 -8.92 6.54
C GLN A 1051 -48.34 -8.43 6.02
N SER A 1052 -48.35 -7.29 5.33
CA SER A 1052 -47.17 -6.75 4.69
C SER A 1052 -46.51 -5.71 5.58
N ALA A 1053 -45.20 -5.81 5.74
CA ALA A 1053 -44.40 -4.91 6.52
C ALA A 1053 -43.19 -4.47 5.70
N PRO A 1054 -42.61 -3.32 6.00
CA PRO A 1054 -41.43 -2.87 5.23
C PRO A 1054 -40.27 -3.84 5.36
N HIS A 1055 -39.85 -4.39 4.22
CA HIS A 1055 -38.75 -5.35 4.15
C HIS A 1055 -39.01 -6.55 5.07
N GLY A 1056 -40.23 -7.05 5.07
CA GLY A 1056 -40.56 -8.18 5.91
C GLY A 1056 -42.01 -8.60 5.73
N VAL A 1057 -42.42 -9.56 6.55
CA VAL A 1057 -43.79 -10.07 6.53
C VAL A 1057 -44.17 -10.42 7.96
N VAL A 1058 -45.47 -10.31 8.26
CA VAL A 1058 -46.00 -10.57 9.58
C VAL A 1058 -47.14 -11.59 9.47
N PHE A 1059 -47.09 -12.63 10.28
CA PHE A 1059 -48.11 -13.67 10.29
C PHE A 1059 -48.97 -13.54 11.54
N LEU A 1060 -50.24 -13.95 11.41
CA LEU A 1060 -51.18 -13.97 12.50
C LEU A 1060 -51.70 -15.40 12.66
N HIS A 1061 -51.36 -16.04 13.76
CA HIS A 1061 -51.67 -17.45 13.96
C HIS A 1061 -52.85 -17.60 14.91
N VAL A 1062 -53.88 -18.31 14.47
CA VAL A 1062 -55.05 -18.63 15.28
C VAL A 1062 -54.89 -20.07 15.77
N THR A 1063 -54.93 -20.26 17.08
CA THR A 1063 -54.65 -21.55 17.68
C THR A 1063 -55.75 -21.96 18.63
N TYR A 1064 -55.63 -23.17 19.16
CA TYR A 1064 -56.59 -23.75 20.08
C TYR A 1064 -55.85 -24.18 21.33
N VAL A 1065 -56.28 -23.70 22.50
CA VAL A 1065 -55.60 -23.93 23.76
C VAL A 1065 -56.60 -24.45 24.78
N PRO A 1066 -56.38 -25.64 25.35
CA PRO A 1066 -57.33 -26.15 26.35
C PRO A 1066 -57.36 -25.29 27.60
N ALA A 1067 -58.57 -25.11 28.12
CA ALA A 1067 -58.83 -24.35 29.34
C ALA A 1067 -58.83 -25.29 30.54
N GLN A 1068 -59.37 -24.83 31.66
CA GLN A 1068 -59.37 -25.53 32.95
C GLN A 1068 -59.66 -27.02 32.84
N GLU A 1069 -59.02 -27.81 33.69
CA GLU A 1069 -58.98 -29.26 33.59
C GLU A 1069 -59.81 -29.90 34.71
N LYS A 1070 -59.79 -31.23 34.74
CA LYS A 1070 -60.45 -31.99 35.78
C LYS A 1070 -59.89 -33.41 35.77
N ASN A 1071 -59.40 -33.88 36.92
CA ASN A 1071 -58.85 -35.21 37.01
C ASN A 1071 -59.96 -36.25 37.12
N PHE A 1072 -59.62 -37.49 36.78
CA PHE A 1072 -60.58 -38.59 36.80
C PHE A 1072 -59.85 -39.88 37.17
N THR A 1073 -60.55 -41.00 37.02
CA THR A 1073 -59.98 -42.33 37.20
C THR A 1073 -60.21 -43.13 35.93
N THR A 1074 -59.15 -43.72 35.40
CA THR A 1074 -59.18 -44.37 34.10
C THR A 1074 -58.82 -45.84 34.21
N ALA A 1075 -59.25 -46.60 33.20
CA ALA A 1075 -58.97 -48.02 33.10
C ALA A 1075 -58.55 -48.34 31.67
N PRO A 1076 -57.71 -49.35 31.48
CA PRO A 1076 -57.27 -49.67 30.10
C PRO A 1076 -58.34 -50.36 29.28
N ALA A 1077 -59.12 -51.26 29.88
CA ALA A 1077 -60.11 -52.01 29.13
C ALA A 1077 -61.21 -52.46 30.09
N ILE A 1078 -62.33 -52.88 29.49
CA ILE A 1078 -63.50 -53.35 30.24
C ILE A 1078 -63.86 -54.74 29.73
N CYS A 1079 -64.05 -55.68 30.67
CA CYS A 1079 -64.34 -57.07 30.35
C CYS A 1079 -65.74 -57.41 30.84
N HIS A 1080 -66.67 -57.60 29.90
CA HIS A 1080 -68.05 -57.89 30.30
C HIS A 1080 -68.38 -59.37 30.32
N ASP A 1081 -68.36 -60.02 29.16
CA ASP A 1081 -68.63 -61.46 29.07
C ASP A 1081 -67.33 -62.25 28.91
N GLY A 1082 -66.42 -62.05 29.87
CA GLY A 1082 -65.13 -62.70 29.77
C GLY A 1082 -64.30 -62.28 28.57
N LYS A 1083 -64.68 -61.20 27.91
CA LYS A 1083 -64.00 -60.70 26.71
C LYS A 1083 -63.61 -59.24 26.92
N ALA A 1084 -62.35 -58.93 26.62
CA ALA A 1084 -61.88 -57.57 26.78
C ALA A 1084 -62.47 -56.65 25.73
N HIS A 1085 -62.85 -55.44 26.14
CA HIS A 1085 -63.37 -54.43 25.23
C HIS A 1085 -62.44 -53.21 25.28
N PHE A 1086 -62.08 -52.71 24.10
CA PHE A 1086 -61.25 -51.53 23.98
C PHE A 1086 -62.01 -50.41 23.29
N PRO A 1087 -61.72 -49.15 23.61
CA PRO A 1087 -62.44 -48.04 22.97
C PRO A 1087 -62.02 -47.89 21.51
N ARG A 1088 -63.03 -47.71 20.65
CA ARG A 1088 -62.74 -47.47 19.23
C ARG A 1088 -61.97 -46.16 19.05
N GLU A 1089 -62.39 -45.12 19.76
CA GLU A 1089 -61.65 -43.87 19.82
C GLU A 1089 -62.01 -43.17 21.12
N GLY A 1090 -61.00 -42.76 21.87
CA GLY A 1090 -61.20 -42.14 23.17
C GLY A 1090 -60.60 -42.99 24.27
N VAL A 1091 -60.94 -42.62 25.50
CA VAL A 1091 -60.43 -43.29 26.70
C VAL A 1091 -61.59 -43.57 27.64
N PHE A 1092 -61.59 -44.76 28.24
CA PHE A 1092 -62.57 -45.08 29.26
C PHE A 1092 -62.34 -44.22 30.50
N VAL A 1093 -63.44 -43.73 31.08
CA VAL A 1093 -63.36 -42.79 32.19
C VAL A 1093 -64.57 -43.01 33.09
N SER A 1094 -64.37 -42.75 34.39
CA SER A 1094 -65.43 -42.86 35.37
C SER A 1094 -65.37 -41.68 36.32
N ASN A 1095 -66.54 -41.24 36.78
CA ASN A 1095 -66.65 -40.19 37.78
C ASN A 1095 -66.64 -40.74 39.20
N GLY A 1096 -66.61 -42.05 39.36
CA GLY A 1096 -66.62 -42.66 40.68
C GLY A 1096 -67.64 -43.77 40.81
N THR A 1097 -68.77 -43.63 40.13
CA THR A 1097 -69.86 -44.60 40.19
C THR A 1097 -70.11 -45.28 38.87
N HIS A 1098 -70.29 -44.51 37.78
CA HIS A 1098 -70.59 -45.06 36.47
C HIS A 1098 -69.44 -44.82 35.52
N TRP A 1099 -69.21 -45.78 34.62
CA TRP A 1099 -68.12 -45.73 33.67
C TRP A 1099 -68.63 -45.16 32.34
N PHE A 1100 -67.82 -44.31 31.73
CA PHE A 1100 -68.19 -43.64 30.48
C PHE A 1100 -67.01 -43.68 29.52
N VAL A 1101 -67.31 -43.39 28.26
CA VAL A 1101 -66.31 -43.25 27.21
C VAL A 1101 -66.38 -41.84 26.65
N THR A 1102 -65.24 -41.18 26.54
CA THR A 1102 -65.17 -39.80 26.08
C THR A 1102 -63.93 -39.59 25.22
N GLN A 1103 -63.96 -38.52 24.44
CA GLN A 1103 -62.82 -38.17 23.62
C GLN A 1103 -61.73 -37.53 24.48
N ARG A 1104 -60.56 -37.33 23.87
CA ARG A 1104 -59.36 -36.99 24.62
C ARG A 1104 -59.15 -35.50 24.81
N ASN A 1105 -59.63 -34.67 23.87
CA ASN A 1105 -59.36 -33.24 23.90
C ASN A 1105 -60.56 -32.42 24.38
N PHE A 1106 -61.64 -33.07 24.80
CA PHE A 1106 -62.82 -32.37 25.30
C PHE A 1106 -63.66 -33.35 26.10
N TYR A 1107 -64.23 -32.87 27.21
CA TYR A 1107 -65.02 -33.72 28.08
C TYR A 1107 -66.42 -33.88 27.51
N GLU A 1108 -66.81 -35.12 27.24
CA GLU A 1108 -68.15 -35.43 26.74
C GLU A 1108 -68.47 -36.88 27.05
N PRO A 1109 -68.91 -37.18 28.28
CA PRO A 1109 -69.19 -38.57 28.65
C PRO A 1109 -70.32 -39.16 27.82
N GLN A 1110 -70.23 -40.47 27.59
CA GLN A 1110 -71.24 -41.19 26.83
C GLN A 1110 -71.36 -42.60 27.38
N ILE A 1111 -72.47 -43.25 27.05
CA ILE A 1111 -72.74 -44.60 27.53
C ILE A 1111 -71.92 -45.60 26.71
N ILE A 1112 -71.26 -46.52 27.40
CA ILE A 1112 -70.45 -47.54 26.73
C ILE A 1112 -71.39 -48.53 26.06
N THR A 1113 -71.36 -48.58 24.73
CA THR A 1113 -72.20 -49.47 23.95
C THR A 1113 -71.33 -50.39 23.10
N THR A 1114 -72.00 -51.22 22.30
CA THR A 1114 -71.30 -52.14 21.40
C THR A 1114 -70.86 -51.50 20.11
N ASP A 1115 -71.21 -50.22 19.87
CA ASP A 1115 -70.76 -49.50 18.70
C ASP A 1115 -69.55 -48.63 18.95
N ASN A 1116 -69.30 -48.25 20.21
CA ASN A 1116 -68.15 -47.44 20.55
C ASN A 1116 -66.93 -48.26 20.93
N THR A 1117 -67.05 -49.58 21.02
CA THR A 1117 -65.98 -50.44 21.47
C THR A 1117 -65.82 -51.62 20.52
N PHE A 1118 -64.63 -52.22 20.55
CA PHE A 1118 -64.35 -53.43 19.78
C PHE A 1118 -63.70 -54.46 20.70
N VAL A 1119 -63.95 -55.74 20.40
CA VAL A 1119 -63.52 -56.84 21.24
C VAL A 1119 -62.32 -57.53 20.61
N SER A 1120 -61.33 -57.86 21.44
CA SER A 1120 -60.13 -58.55 20.95
C SER A 1120 -59.46 -59.21 22.14
N GLY A 1121 -59.38 -60.54 22.11
CA GLY A 1121 -58.70 -61.29 23.15
C GLY A 1121 -59.64 -61.79 24.22
N ASN A 1122 -59.03 -62.24 25.32
CA ASN A 1122 -59.74 -62.79 26.47
C ASN A 1122 -59.58 -61.86 27.68
N CYS A 1123 -60.08 -62.31 28.82
CA CYS A 1123 -60.22 -61.47 30.01
C CYS A 1123 -59.05 -61.56 30.97
N ASP A 1124 -58.02 -62.35 30.67
CA ASP A 1124 -56.95 -62.60 31.64
C ASP A 1124 -55.57 -62.41 31.02
N VAL A 1125 -55.40 -61.36 30.20
CA VAL A 1125 -54.08 -61.01 29.70
C VAL A 1125 -53.79 -59.55 30.03
N VAL A 1126 -54.85 -58.74 30.15
CA VAL A 1126 -54.70 -57.31 30.36
C VAL A 1126 -54.42 -57.05 31.84
N ILE A 1127 -53.58 -56.05 32.09
CA ILE A 1127 -53.23 -55.64 33.44
C ILE A 1127 -54.02 -54.39 33.79
N GLY A 1128 -54.67 -54.39 34.94
CA GLY A 1128 -55.50 -53.27 35.36
C GLY A 1128 -56.90 -53.26 34.81
N ILE A 1129 -57.36 -54.37 34.23
CA ILE A 1129 -58.71 -54.41 33.68
C ILE A 1129 -59.74 -54.30 34.81
N VAL A 1130 -60.94 -53.84 34.44
CA VAL A 1130 -62.04 -53.66 35.38
C VAL A 1130 -63.27 -54.38 34.83
N ASN A 1131 -64.23 -54.61 35.72
CA ASN A 1131 -65.46 -55.32 35.38
C ASN A 1131 -66.61 -54.34 35.30
N ASN A 1132 -67.38 -54.42 34.21
CA ASN A 1132 -68.54 -53.57 34.01
C ASN A 1132 -69.44 -54.24 32.97
N THR A 1133 -70.49 -53.53 32.57
CA THR A 1133 -71.45 -54.02 31.59
C THR A 1133 -71.52 -53.05 30.42
N VAL A 1134 -71.59 -53.61 29.21
CA VAL A 1134 -71.72 -52.83 27.98
C VAL A 1134 -73.14 -52.97 27.46
N TYR A 1135 -73.80 -51.84 27.25
CA TYR A 1135 -75.18 -51.85 26.78
C TYR A 1135 -75.25 -52.15 25.29
N ASP A 1136 -76.13 -53.09 24.93
CA ASP A 1136 -76.35 -53.43 23.52
C ASP A 1136 -77.67 -52.82 23.08
N PRO A 1137 -77.67 -51.84 22.19
CA PRO A 1137 -78.96 -51.25 21.74
C PRO A 1137 -79.86 -52.25 21.06
N LEU A 1138 -79.29 -53.30 20.46
CA LEU A 1138 -80.10 -54.28 19.74
C LEU A 1138 -81.07 -55.01 20.67
N GLN A 1139 -80.57 -55.45 21.83
CA GLN A 1139 -81.32 -56.39 22.65
C GLN A 1139 -82.68 -55.86 23.11
N PRO A 1140 -82.79 -54.71 23.79
CA PRO A 1140 -84.11 -54.33 24.35
C PRO A 1140 -85.13 -54.05 23.27
N GLU A 1141 -84.77 -53.18 22.32
CA GLU A 1141 -85.72 -52.74 21.31
C GLU A 1141 -86.04 -53.84 20.29
N LEU A 1142 -85.15 -54.81 20.09
CA LEU A 1142 -85.41 -55.88 19.13
C LEU A 1142 -85.85 -57.17 19.80
N ASP A 1143 -85.95 -57.21 21.12
CA ASP A 1143 -86.59 -58.32 21.80
C ASP A 1143 -87.96 -57.98 22.35
N SER A 1144 -88.18 -56.72 22.75
CA SER A 1144 -89.51 -56.31 23.19
C SER A 1144 -90.53 -56.40 22.05
N PHE A 1145 -90.13 -55.96 20.85
CA PHE A 1145 -91.03 -56.04 19.70
C PHE A 1145 -91.14 -57.48 19.19
N LYS A 1146 -90.05 -58.24 19.26
CA LYS A 1146 -90.06 -59.62 18.80
C LYS A 1146 -90.89 -60.53 19.67
N GLU A 1147 -91.32 -60.07 20.84
CA GLU A 1147 -92.14 -60.88 21.75
C GLU A 1147 -93.46 -61.28 21.10
N THR B 22 43.27 -49.15 1.60
CA THR B 22 42.23 -49.96 2.21
C THR B 22 40.97 -49.14 2.46
N GLN B 23 40.09 -49.08 1.46
CA GLN B 23 38.86 -48.31 1.54
C GLN B 23 37.67 -49.24 1.76
N SER B 24 36.91 -48.99 2.81
CA SER B 24 35.72 -49.76 3.13
C SER B 24 34.60 -48.81 3.54
N TYR B 25 33.36 -49.26 3.35
CA TYR B 25 32.18 -48.43 3.58
C TYR B 25 31.30 -49.05 4.66
N THR B 26 30.61 -48.18 5.40
CA THR B 26 29.68 -48.60 6.45
C THR B 26 28.45 -47.71 6.37
N ASN B 27 27.57 -47.83 7.37
CA ASN B 27 26.34 -47.08 7.43
C ASN B 27 26.37 -46.13 8.63
N SER B 28 26.13 -44.85 8.37
CA SER B 28 26.00 -43.84 9.42
C SER B 28 24.50 -43.59 9.62
N PHE B 29 23.91 -44.31 10.57
CA PHE B 29 22.46 -44.34 10.73
C PHE B 29 21.89 -42.98 11.10
N THR B 30 22.20 -42.50 12.31
CA THR B 30 21.63 -41.26 12.83
C THR B 30 22.68 -40.44 13.55
N ARG B 31 23.88 -40.33 12.98
CA ARG B 31 24.96 -39.59 13.59
C ARG B 31 25.37 -38.42 12.70
N GLY B 32 25.84 -37.35 13.33
CA GLY B 32 26.27 -36.17 12.60
C GLY B 32 25.30 -35.00 12.67
N VAL B 33 24.73 -34.76 13.86
CA VAL B 33 23.81 -33.67 14.09
C VAL B 33 24.39 -32.75 15.14
N TYR B 34 24.20 -31.44 14.96
CA TYR B 34 24.75 -30.44 15.85
C TYR B 34 23.69 -29.39 16.17
N TYR B 35 23.92 -28.65 17.24
CA TYR B 35 23.00 -27.60 17.65
C TYR B 35 23.00 -26.48 16.61
N PRO B 36 21.86 -26.09 16.06
CA PRO B 36 21.84 -25.04 15.04
C PRO B 36 22.27 -23.67 15.56
N ASP B 37 21.64 -23.22 16.64
CA ASP B 37 21.87 -21.88 17.18
C ASP B 37 22.18 -21.98 18.66
N LYS B 38 22.44 -20.82 19.27
CA LYS B 38 22.84 -20.74 20.67
C LYS B 38 21.69 -20.38 21.59
N VAL B 39 20.46 -20.39 21.09
CA VAL B 39 19.28 -19.98 21.87
C VAL B 39 18.69 -21.20 22.54
N PHE B 40 18.49 -21.11 23.85
CA PHE B 40 17.93 -22.22 24.61
C PHE B 40 16.44 -22.37 24.30
N ARG B 41 16.02 -23.61 24.04
CA ARG B 41 14.63 -23.93 23.77
C ARG B 41 14.27 -25.22 24.50
N SER B 42 12.98 -25.39 24.77
CA SER B 42 12.52 -26.53 25.54
C SER B 42 11.11 -26.92 25.11
N SER B 43 10.90 -28.22 24.93
CA SER B 43 9.58 -28.80 24.65
C SER B 43 8.93 -28.14 23.43
N VAL B 44 9.60 -28.29 22.29
CA VAL B 44 9.12 -27.73 21.03
C VAL B 44 9.75 -28.51 19.90
N LEU B 45 9.06 -28.56 18.76
CA LEU B 45 9.56 -29.20 17.55
C LEU B 45 9.98 -28.09 16.58
N HIS B 46 11.27 -27.77 16.58
CA HIS B 46 11.79 -26.70 15.76
C HIS B 46 12.29 -27.24 14.42
N SER B 47 12.24 -26.38 13.40
CA SER B 47 12.70 -26.72 12.07
C SER B 47 13.75 -25.70 11.63
N THR B 48 14.86 -26.19 11.10
CA THR B 48 15.96 -25.34 10.65
C THR B 48 16.41 -25.78 9.27
N GLN B 49 17.40 -25.06 8.72
CA GLN B 49 17.90 -25.36 7.38
C GLN B 49 19.36 -24.94 7.32
N ASP B 50 20.26 -25.92 7.27
CA ASP B 50 21.69 -25.65 7.24
C ASP B 50 22.37 -26.91 6.72
N LEU B 51 23.71 -26.94 6.76
CA LEU B 51 24.45 -28.12 6.34
C LEU B 51 24.29 -29.24 7.35
N PHE B 52 24.00 -30.44 6.86
CA PHE B 52 23.80 -31.59 7.73
C PHE B 52 24.26 -32.85 7.00
N LEU B 53 24.52 -33.90 7.78
CA LEU B 53 24.89 -35.19 7.23
C LEU B 53 23.63 -36.00 6.94
N PRO B 54 23.36 -36.37 5.69
CA PRO B 54 22.14 -37.12 5.38
C PRO B 54 22.11 -38.46 6.11
N PHE B 55 20.90 -38.85 6.52
CA PHE B 55 20.75 -40.09 7.27
C PHE B 55 20.96 -41.31 6.36
N PHE B 56 21.44 -42.39 6.97
CA PHE B 56 21.66 -43.67 6.29
C PHE B 56 22.56 -43.50 5.06
N SER B 57 23.65 -42.78 5.24
CA SER B 57 24.64 -42.58 4.20
C SER B 57 25.83 -43.50 4.42
N ASN B 58 26.66 -43.61 3.39
CA ASN B 58 27.85 -44.46 3.43
C ASN B 58 29.09 -43.60 3.58
N VAL B 59 29.93 -43.95 4.56
CA VAL B 59 31.16 -43.21 4.84
C VAL B 59 32.34 -44.15 4.67
N THR B 60 33.36 -43.68 3.94
CA THR B 60 34.53 -44.50 3.67
C THR B 60 35.40 -44.63 4.92
N TRP B 61 36.20 -45.71 4.96
CA TRP B 61 37.17 -45.93 6.01
C TRP B 61 38.56 -45.94 5.42
N PHE B 62 39.48 -45.18 6.03
CA PHE B 62 40.88 -45.18 5.67
C PHE B 62 41.67 -45.69 6.87
N HIS B 63 42.46 -46.74 6.66
CA HIS B 63 43.20 -47.39 7.73
C HIS B 63 44.69 -47.13 7.58
N ALA B 64 45.36 -46.99 8.72
CA ALA B 64 46.80 -46.79 8.78
C ALA B 64 47.46 -48.14 9.02
N ILE B 65 48.35 -48.54 8.11
CA ILE B 65 49.05 -49.82 8.20
C ILE B 65 50.55 -49.55 8.09
N HIS B 66 51.21 -49.42 9.24
CA HIS B 66 52.67 -49.33 9.29
C HIS B 66 53.13 -49.72 10.68
N VAL B 67 53.69 -50.91 10.81
CA VAL B 67 54.26 -51.41 12.06
C VAL B 67 55.52 -52.19 11.75
N SER B 68 56.17 -52.70 12.80
CA SER B 68 57.35 -53.56 12.72
C SER B 68 58.59 -52.77 12.28
N GLY B 69 59.72 -53.08 12.88
CA GLY B 69 60.97 -52.41 12.54
C GLY B 69 61.84 -53.21 11.61
N THR B 70 61.88 -54.54 11.82
CA THR B 70 62.65 -55.41 10.94
C THR B 70 62.10 -55.39 9.53
N ASN B 71 60.78 -55.40 9.39
CA ASN B 71 60.12 -55.38 8.09
C ASN B 71 59.35 -54.08 7.93
N GLY B 72 59.58 -53.40 6.81
CA GLY B 72 58.92 -52.13 6.55
C GLY B 72 58.37 -52.08 5.14
N THR B 73 57.23 -51.41 5.00
CA THR B 73 56.57 -51.29 3.71
C THR B 73 55.93 -49.91 3.63
N LYS B 74 55.67 -49.46 2.41
CA LYS B 74 55.07 -48.15 2.18
C LYS B 74 53.76 -48.02 2.93
N ARG B 75 53.61 -46.93 3.69
CA ARG B 75 52.43 -46.74 4.51
C ARG B 75 51.27 -46.15 3.72
N PHE B 76 51.45 -44.94 3.17
CA PHE B 76 50.38 -44.24 2.44
C PHE B 76 49.09 -44.20 3.25
N ASP B 77 49.25 -43.91 4.55
CA ASP B 77 48.15 -44.02 5.51
C ASP B 77 47.28 -42.76 5.58
N ASN B 78 47.68 -41.66 4.96
CA ASN B 78 46.95 -40.40 5.02
C ASN B 78 46.70 -39.89 3.60
N PRO B 79 45.70 -40.42 2.92
CA PRO B 79 45.40 -39.94 1.56
C PRO B 79 44.90 -38.51 1.54
N VAL B 80 44.70 -37.95 0.35
CA VAL B 80 44.22 -36.59 0.17
C VAL B 80 42.72 -36.63 -0.07
N LEU B 81 41.97 -35.84 0.70
CA LEU B 81 40.52 -35.82 0.56
C LEU B 81 40.05 -34.50 -0.04
N PRO B 82 38.99 -34.54 -0.86
CA PRO B 82 38.55 -33.30 -1.53
C PRO B 82 38.10 -32.20 -0.58
N PHE B 83 37.49 -32.54 0.56
CA PHE B 83 36.91 -31.57 1.49
C PHE B 83 35.90 -30.68 0.78
N ASN B 84 34.81 -31.32 0.33
CA ASN B 84 33.75 -30.64 -0.38
C ASN B 84 32.58 -30.31 0.55
N ASP B 85 32.38 -29.00 0.78
CA ASP B 85 31.23 -28.49 1.54
C ASP B 85 31.16 -29.11 2.93
N GLY B 86 32.28 -29.06 3.66
CA GLY B 86 32.31 -29.54 5.02
C GLY B 86 32.38 -31.05 5.14
N VAL B 87 33.08 -31.55 6.16
CA VAL B 87 33.24 -32.99 6.38
C VAL B 87 32.90 -33.31 7.82
N TYR B 88 32.62 -34.60 8.06
CA TYR B 88 32.29 -35.11 9.38
C TYR B 88 33.36 -36.12 9.79
N PHE B 89 33.89 -35.97 10.99
CA PHE B 89 35.03 -36.75 11.46
C PHE B 89 34.66 -37.50 12.72
N ALA B 90 34.98 -38.79 12.76
CA ALA B 90 34.76 -39.63 13.94
C ALA B 90 35.82 -40.72 13.96
N SER B 91 36.41 -40.94 15.14
CA SER B 91 37.47 -41.93 15.28
C SER B 91 37.48 -42.45 16.71
N THR B 92 38.03 -43.65 16.88
CA THR B 92 38.24 -44.27 18.18
C THR B 92 39.73 -44.57 18.32
N GLU B 93 40.33 -44.07 19.39
CA GLU B 93 41.77 -44.22 19.63
C GLU B 93 41.99 -44.40 21.12
N LYS B 94 43.25 -44.59 21.51
CA LYS B 94 43.56 -44.93 22.91
C LYS B 94 43.81 -43.69 23.76
N SER B 95 44.91 -42.97 23.49
CA SER B 95 45.13 -41.72 24.20
C SER B 95 45.58 -40.57 23.31
N ASN B 96 46.50 -40.83 22.39
CA ASN B 96 47.14 -39.75 21.66
C ASN B 96 47.47 -40.10 20.20
N ILE B 97 46.76 -41.04 19.61
CA ILE B 97 47.17 -41.56 18.30
C ILE B 97 47.08 -40.46 17.23
N ILE B 98 45.98 -39.71 17.22
CA ILE B 98 45.79 -38.65 16.23
C ILE B 98 46.22 -37.32 16.81
N ARG B 99 46.58 -36.39 15.94
CA ARG B 99 46.99 -35.06 16.38
C ARG B 99 46.85 -34.09 15.21
N GLY B 100 45.89 -33.17 15.33
CA GLY B 100 45.81 -32.03 14.43
C GLY B 100 45.15 -32.34 13.10
N TRP B 101 44.88 -31.27 12.36
CA TRP B 101 44.33 -31.34 11.01
C TRP B 101 44.91 -30.20 10.20
N ILE B 102 45.04 -30.42 8.89
CA ILE B 102 45.60 -29.43 7.97
C ILE B 102 44.64 -29.23 6.81
N PHE B 103 44.46 -27.97 6.41
CA PHE B 103 43.52 -27.59 5.37
C PHE B 103 44.20 -26.66 4.37
N GLY B 104 43.59 -26.52 3.20
CA GLY B 104 44.10 -25.66 2.15
C GLY B 104 43.41 -25.97 0.84
N THR B 105 44.05 -25.54 -0.24
CA THR B 105 43.54 -25.80 -1.59
C THR B 105 44.59 -26.48 -2.44
N THR B 106 45.87 -26.26 -2.12
CA THR B 106 46.97 -26.87 -2.86
C THR B 106 48.02 -27.50 -1.94
N LEU B 107 48.18 -27.01 -0.71
CA LEU B 107 49.20 -27.52 0.22
C LEU B 107 50.61 -27.38 -0.36
N ASP B 108 50.86 -26.25 -1.00
CA ASP B 108 52.17 -25.94 -1.58
C ASP B 108 52.65 -24.58 -1.07
N SER B 109 53.79 -24.12 -1.60
CA SER B 109 54.39 -22.88 -1.16
C SER B 109 53.67 -21.65 -1.69
N LYS B 110 52.96 -21.76 -2.80
CA LYS B 110 52.32 -20.61 -3.44
C LYS B 110 50.97 -20.25 -2.83
N THR B 111 50.39 -21.14 -2.03
CA THR B 111 49.07 -20.93 -1.46
C THR B 111 49.11 -21.07 0.06
N GLN B 112 48.23 -20.33 0.73
CA GLN B 112 48.14 -20.38 2.18
C GLN B 112 47.47 -21.67 2.63
N SER B 113 47.80 -22.11 3.84
CA SER B 113 47.24 -23.35 4.38
C SER B 113 47.26 -23.28 5.90
N LEU B 114 46.33 -24.00 6.51
CA LEU B 114 46.22 -24.04 7.97
C LEU B 114 47.28 -24.97 8.56
N LEU B 115 47.51 -24.83 9.87
CA LEU B 115 48.43 -25.68 10.60
C LEU B 115 47.83 -26.06 11.96
N ILE B 116 46.55 -26.44 11.97
CA ILE B 116 45.90 -26.84 13.21
C ILE B 116 46.60 -28.09 13.75
N VAL B 117 47.28 -27.95 14.89
CA VAL B 117 48.00 -29.04 15.51
C VAL B 117 47.61 -29.13 16.99
N ASN B 118 47.49 -30.35 17.48
CA ASN B 118 47.11 -30.58 18.88
C ASN B 118 48.35 -30.81 19.73
N ASN B 119 48.26 -30.37 20.99
CA ASN B 119 49.32 -30.54 21.97
C ASN B 119 48.72 -31.22 23.21
N ALA B 120 49.60 -31.65 24.10
CA ALA B 120 49.14 -32.34 25.32
C ALA B 120 48.24 -31.43 26.16
N THR B 121 48.63 -30.17 26.31
CA THR B 121 47.82 -29.20 27.05
C THR B 121 47.81 -27.87 26.30
N ASN B 122 47.65 -27.93 24.98
CA ASN B 122 47.66 -26.73 24.14
C ASN B 122 47.13 -27.09 22.76
N VAL B 123 46.89 -26.06 21.95
CA VAL B 123 46.57 -26.23 20.54
C VAL B 123 47.08 -24.99 19.81
N VAL B 124 47.72 -25.21 18.66
CA VAL B 124 48.32 -24.14 17.88
C VAL B 124 47.62 -24.07 16.54
N ILE B 125 47.03 -22.91 16.23
CA ILE B 125 46.41 -22.65 14.94
C ILE B 125 47.01 -21.37 14.38
N LYS B 126 47.74 -21.50 13.27
CA LYS B 126 48.34 -20.33 12.63
C LYS B 126 48.40 -20.59 11.13
N VAL B 127 47.40 -20.10 10.41
CA VAL B 127 47.37 -20.26 8.96
C VAL B 127 48.44 -19.36 8.34
N CYS B 128 49.31 -19.97 7.54
CA CYS B 128 50.40 -19.25 6.90
C CYS B 128 50.67 -19.87 5.54
N GLU B 129 51.50 -19.17 4.75
CA GLU B 129 51.89 -19.66 3.42
C GLU B 129 53.08 -20.61 3.59
N PHE B 130 52.77 -21.77 4.16
CA PHE B 130 53.80 -22.78 4.41
C PHE B 130 54.35 -23.33 3.10
N GLN B 131 55.66 -23.57 3.07
CA GLN B 131 56.30 -24.00 1.83
C GLN B 131 56.05 -25.48 1.57
N PHE B 132 56.67 -26.35 2.37
CA PHE B 132 56.59 -27.79 2.19
C PHE B 132 56.07 -28.44 3.47
N CYS B 133 55.46 -29.61 3.29
CA CYS B 133 55.05 -30.47 4.40
C CYS B 133 55.46 -31.89 4.01
N ASN B 134 56.68 -32.28 4.40
CA ASN B 134 57.26 -33.52 3.91
C ASN B 134 56.58 -34.76 4.47
N ASP B 135 56.66 -34.96 5.78
CA ASP B 135 56.08 -36.12 6.44
C ASP B 135 56.29 -36.02 7.95
N PRO B 136 55.43 -36.67 8.75
CA PRO B 136 55.74 -36.81 10.18
C PRO B 136 57.02 -37.60 10.37
N PHE B 137 57.80 -37.20 11.38
CA PHE B 137 59.09 -37.85 11.62
C PHE B 137 58.88 -39.26 12.15
N LEU B 138 59.47 -40.24 11.45
CA LEU B 138 59.35 -41.65 11.79
C LEU B 138 60.74 -42.24 11.97
N ASP B 139 60.89 -43.09 12.98
CA ASP B 139 62.14 -43.75 13.27
C ASP B 139 62.23 -45.15 12.66
N VAL B 140 61.33 -45.48 11.73
CA VAL B 140 61.31 -46.73 10.97
C VAL B 140 60.95 -47.91 11.88
N TYR B 141 61.11 -47.74 13.19
CA TYR B 141 60.81 -48.83 14.11
C TYR B 141 59.32 -49.11 14.18
N TYR B 142 58.54 -48.13 14.65
CA TYR B 142 57.08 -48.23 14.69
C TYR B 142 56.60 -49.50 15.39
N HIS B 143 57.30 -49.86 16.47
CA HIS B 143 57.00 -51.08 17.21
C HIS B 143 56.78 -50.72 18.67
N LYS B 144 55.61 -51.05 19.20
CA LYS B 144 55.25 -50.76 20.59
C LYS B 144 54.96 -52.02 21.39
N ASN B 145 55.21 -53.21 20.84
CA ASN B 145 54.96 -54.44 21.57
C ASN B 145 55.95 -54.65 22.72
N ASN B 146 57.11 -53.99 22.67
CA ASN B 146 58.13 -54.13 23.69
C ASN B 146 58.34 -52.86 24.50
N LYS B 147 58.49 -51.71 23.84
CA LYS B 147 58.72 -50.45 24.50
C LYS B 147 57.57 -49.49 24.21
N SER B 148 57.27 -48.64 25.18
CA SER B 148 56.15 -47.70 25.10
C SER B 148 56.63 -46.26 25.29
N TRP B 149 57.74 -45.90 24.63
CA TRP B 149 58.30 -44.57 24.70
C TRP B 149 58.35 -43.99 23.28
N MET B 150 57.52 -42.99 23.01
CA MET B 150 57.47 -42.39 21.69
C MET B 150 56.77 -41.03 21.80
N GLU B 151 57.44 -39.98 21.31
CA GLU B 151 56.91 -38.63 21.33
C GLU B 151 57.85 -37.74 20.52
N SER B 152 57.51 -36.45 20.47
CA SER B 152 58.36 -35.40 19.91
C SER B 152 58.70 -35.67 18.44
N GLU B 153 57.65 -35.62 17.61
CA GLU B 153 57.86 -35.73 16.18
C GLU B 153 58.23 -34.39 15.56
N PHE B 154 57.44 -33.34 15.85
CA PHE B 154 57.62 -31.96 15.41
C PHE B 154 58.02 -31.81 13.95
N ARG B 155 58.49 -30.61 13.58
CA ARG B 155 59.02 -30.32 12.25
C ARG B 155 58.06 -30.77 11.14
N VAL B 156 56.78 -30.40 11.29
CA VAL B 156 55.79 -30.79 10.30
C VAL B 156 56.01 -30.04 8.99
N TYR B 157 56.37 -28.76 9.07
CA TYR B 157 56.53 -27.92 7.89
C TYR B 157 58.01 -27.61 7.67
N SER B 158 58.28 -26.89 6.59
CA SER B 158 59.65 -26.53 6.20
C SER B 158 59.93 -25.05 6.34
N SER B 159 59.03 -24.19 5.87
CA SER B 159 59.22 -22.75 5.93
C SER B 159 57.87 -22.06 6.02
N ALA B 160 57.91 -20.81 6.47
CA ALA B 160 56.71 -19.99 6.60
C ALA B 160 56.93 -18.66 5.89
N ASN B 161 55.87 -17.89 5.78
CA ASN B 161 55.90 -16.61 5.08
C ASN B 161 54.91 -15.67 5.77
N ASN B 162 54.55 -14.58 5.08
CA ASN B 162 53.68 -13.56 5.65
C ASN B 162 52.34 -14.15 6.08
N CYS B 163 51.99 -13.93 7.34
CA CYS B 163 50.72 -14.39 7.90
C CYS B 163 50.50 -13.67 9.23
N THR B 164 49.25 -13.35 9.52
CA THR B 164 48.87 -12.56 10.70
C THR B 164 47.68 -13.20 11.40
N PHE B 165 47.75 -14.52 11.63
CA PHE B 165 46.71 -15.22 12.36
C PHE B 165 47.36 -16.20 13.33
N GLU B 166 47.11 -16.01 14.62
CA GLU B 166 47.65 -16.89 15.66
C GLU B 166 46.57 -17.10 16.71
N TYR B 167 46.23 -18.36 16.98
CA TYR B 167 45.19 -18.66 17.95
C TYR B 167 45.68 -19.81 18.86
N VAL B 168 46.86 -19.63 19.45
CA VAL B 168 47.29 -20.55 20.50
C VAL B 168 46.34 -20.42 21.69
N SER B 169 45.82 -21.55 22.14
CA SER B 169 44.79 -21.55 23.18
C SER B 169 44.69 -22.94 23.79
N GLN B 170 43.64 -23.15 24.59
CA GLN B 170 43.43 -24.42 25.27
C GLN B 170 43.09 -25.51 24.26
N PRO B 171 43.59 -26.72 24.45
CA PRO B 171 43.39 -27.78 23.45
C PRO B 171 41.93 -28.17 23.30
N PHE B 172 41.64 -28.80 22.16
CA PHE B 172 40.27 -29.18 21.83
C PHE B 172 39.87 -30.49 22.47
N LEU B 173 40.58 -31.57 22.14
CA LEU B 173 40.18 -32.92 22.54
C LEU B 173 40.72 -33.27 23.92
N MET B 174 39.88 -33.94 24.70
CA MET B 174 40.26 -34.50 26.00
C MET B 174 40.00 -36.00 25.98
N ASP B 175 41.01 -36.77 26.39
CA ASP B 175 40.89 -38.23 26.38
C ASP B 175 40.42 -38.68 27.77
N LEU B 176 39.15 -39.06 27.85
CA LEU B 176 38.61 -39.58 29.10
C LEU B 176 39.23 -40.93 29.43
N GLU B 177 39.41 -41.18 30.73
CA GLU B 177 40.04 -42.42 31.17
C GLU B 177 39.15 -43.62 30.82
N GLY B 178 39.76 -44.65 30.25
CA GLY B 178 39.07 -45.88 29.90
C GLY B 178 39.57 -47.03 30.77
N LYS B 179 38.63 -47.76 31.36
CA LYS B 179 38.95 -48.80 32.31
C LYS B 179 38.11 -50.04 32.05
N GLN B 180 38.62 -51.18 32.51
CA GLN B 180 37.95 -52.48 32.48
C GLN B 180 37.61 -52.95 31.07
N GLY B 181 38.15 -52.31 30.04
CA GLY B 181 37.86 -52.70 28.67
C GLY B 181 36.44 -52.31 28.27
N ASN B 182 36.15 -52.55 26.98
CA ASN B 182 34.83 -52.28 26.37
C ASN B 182 34.30 -50.90 26.76
N PHE B 183 35.21 -49.95 26.99
CA PHE B 183 34.85 -48.62 27.45
C PHE B 183 35.79 -47.62 26.78
N LYS B 184 35.34 -47.04 25.67
CA LYS B 184 36.11 -46.07 24.91
C LYS B 184 35.22 -44.90 24.54
N ASN B 185 35.87 -43.76 24.31
CA ASN B 185 35.18 -42.53 23.95
C ASN B 185 35.33 -42.28 22.45
N LEU B 186 34.22 -42.00 21.78
CA LEU B 186 34.19 -41.76 20.34
C LEU B 186 34.27 -40.26 20.11
N ARG B 187 35.43 -39.80 19.64
CA ARG B 187 35.58 -38.39 19.30
C ARG B 187 34.75 -38.05 18.08
N GLU B 188 34.00 -36.96 18.16
CA GLU B 188 33.15 -36.50 17.07
C GLU B 188 33.51 -35.07 16.73
N PHE B 189 33.75 -34.82 15.44
CA PHE B 189 34.14 -33.49 14.98
C PHE B 189 33.52 -33.22 13.62
N VAL B 190 33.05 -31.99 13.43
CA VAL B 190 32.51 -31.54 12.15
C VAL B 190 33.00 -30.13 11.88
N PHE B 191 33.46 -29.88 10.66
CA PHE B 191 34.01 -28.59 10.27
C PHE B 191 33.25 -28.05 9.08
N LYS B 192 32.94 -26.75 9.11
CA LYS B 192 32.25 -26.07 8.03
C LYS B 192 32.90 -24.73 7.77
N ASN B 193 32.78 -24.25 6.54
CA ASN B 193 33.38 -22.98 6.12
C ASN B 193 32.39 -22.22 5.26
N ILE B 194 31.80 -21.17 5.83
CA ILE B 194 30.92 -20.26 5.10
C ILE B 194 31.28 -18.83 5.47
N ASP B 195 31.18 -17.94 4.49
CA ASP B 195 31.46 -16.50 4.64
C ASP B 195 32.72 -16.24 5.45
N GLY B 196 33.77 -17.01 5.16
CA GLY B 196 35.06 -16.78 5.77
C GLY B 196 35.14 -17.08 7.25
N TYR B 197 34.29 -17.97 7.75
CA TYR B 197 34.29 -18.35 9.16
C TYR B 197 34.47 -19.85 9.27
N PHE B 198 35.37 -20.27 10.15
CA PHE B 198 35.67 -21.69 10.36
C PHE B 198 35.04 -22.12 11.68
N LYS B 199 34.11 -23.05 11.62
CA LYS B 199 33.35 -23.50 12.79
C LYS B 199 33.69 -24.95 13.12
N ILE B 200 33.80 -25.24 14.41
CA ILE B 200 34.09 -26.59 14.89
C ILE B 200 33.07 -26.95 15.96
N TYR B 201 32.45 -28.12 15.80
CA TYR B 201 31.53 -28.67 16.78
C TYR B 201 32.06 -30.03 17.23
N SER B 202 31.97 -30.29 18.54
CA SER B 202 32.55 -31.51 19.07
C SER B 202 31.71 -32.00 20.25
N LYS B 203 31.74 -33.31 20.45
CA LYS B 203 31.12 -33.94 21.62
C LYS B 203 31.81 -35.28 21.85
N HIS B 204 32.36 -35.47 23.05
CA HIS B 204 33.07 -36.70 23.39
C HIS B 204 32.04 -37.73 23.82
N THR B 205 31.68 -38.62 22.90
CA THR B 205 30.64 -39.61 23.16
C THR B 205 31.26 -40.90 23.68
N PRO B 206 30.93 -41.33 24.90
CA PRO B 206 31.45 -42.62 25.38
C PRO B 206 30.73 -43.81 24.76
N ILE B 207 31.01 -45.01 25.26
CA ILE B 207 30.33 -46.24 24.88
C ILE B 207 30.63 -46.59 23.43
N ASN B 208 31.69 -47.37 23.22
CA ASN B 208 32.07 -47.92 21.93
C ASN B 208 32.40 -49.41 22.06
N LEU B 209 31.51 -50.14 22.72
CA LEU B 209 31.78 -51.49 23.19
C LEU B 209 32.14 -52.44 22.04
N GLY B 210 31.21 -52.64 21.11
CA GLY B 210 31.42 -53.65 20.08
C GLY B 210 31.19 -53.07 18.68
N ARG B 211 30.36 -52.04 18.58
CA ARG B 211 29.97 -51.50 17.29
C ARG B 211 30.91 -50.39 16.86
N ASP B 212 31.34 -50.45 15.59
CA ASP B 212 32.21 -49.42 15.04
C ASP B 212 31.50 -48.06 15.01
N LEU B 213 30.24 -48.05 14.58
CA LEU B 213 29.42 -46.83 14.55
C LEU B 213 28.10 -47.16 15.25
N PRO B 214 28.08 -47.09 16.57
CA PRO B 214 26.87 -47.48 17.31
C PRO B 214 25.71 -46.54 17.04
N GLN B 215 24.50 -47.10 17.13
CA GLN B 215 23.29 -46.32 16.90
C GLN B 215 22.92 -45.53 18.16
N GLY B 216 21.91 -44.69 18.03
CA GLY B 216 21.49 -43.82 19.11
C GLY B 216 21.27 -42.41 18.61
N PHE B 217 21.59 -41.41 19.43
CA PHE B 217 21.48 -40.02 19.01
C PHE B 217 22.33 -39.15 19.94
N SER B 218 23.26 -38.41 19.35
CA SER B 218 24.09 -37.47 20.09
C SER B 218 24.25 -36.20 19.26
N ALA B 219 24.19 -35.06 19.92
CA ALA B 219 24.27 -33.76 19.26
C ALA B 219 25.56 -33.05 19.66
N LEU B 220 26.25 -32.50 18.66
CA LEU B 220 27.54 -31.86 18.88
C LEU B 220 27.34 -30.39 19.24
N GLU B 221 28.12 -29.93 20.24
CA GLU B 221 28.05 -28.57 20.74
C GLU B 221 29.11 -27.69 20.10
N PRO B 222 28.84 -26.40 19.93
CA PRO B 222 29.83 -25.50 19.34
C PRO B 222 31.05 -25.36 20.24
N LEU B 223 32.21 -25.19 19.61
CA LEU B 223 33.47 -25.04 20.34
C LEU B 223 34.10 -23.66 20.13
N VAL B 224 34.35 -23.27 18.89
CA VAL B 224 35.02 -22.00 18.60
C VAL B 224 34.80 -21.65 17.13
N ASP B 225 34.93 -20.37 16.81
CA ASP B 225 34.82 -19.88 15.45
C ASP B 225 36.07 -19.08 15.13
N LEU B 226 36.55 -19.19 13.88
CA LEU B 226 37.78 -18.53 13.48
C LEU B 226 37.57 -17.76 12.19
N PRO B 227 38.19 -16.57 12.07
CA PRO B 227 38.11 -15.78 10.82
C PRO B 227 39.21 -16.15 9.83
N ILE B 228 39.09 -17.34 9.24
CA ILE B 228 40.14 -17.82 8.35
C ILE B 228 40.00 -17.22 6.96
N GLY B 229 38.83 -17.36 6.34
CA GLY B 229 38.64 -16.94 4.97
C GLY B 229 39.19 -17.97 4.00
N ILE B 230 39.86 -17.49 2.93
CA ILE B 230 40.56 -18.33 1.97
C ILE B 230 39.53 -19.22 1.25
N ASN B 231 40.01 -20.08 0.35
CA ASN B 231 39.14 -20.92 -0.46
C ASN B 231 39.51 -22.39 -0.28
N ILE B 232 39.60 -22.83 0.97
CA ILE B 232 40.00 -24.20 1.33
C ILE B 232 39.20 -25.23 0.56
N THR B 233 39.89 -26.09 -0.20
CA THR B 233 39.27 -27.16 -0.97
C THR B 233 40.11 -28.43 -0.87
N ARG B 234 40.66 -28.72 0.31
CA ARG B 234 41.53 -29.87 0.47
C ARG B 234 41.52 -30.31 1.93
N PHE B 235 41.53 -31.62 2.15
CA PHE B 235 41.54 -32.20 3.48
C PHE B 235 42.72 -33.14 3.61
N GLN B 236 43.38 -33.12 4.77
CA GLN B 236 44.54 -33.96 5.02
C GLN B 236 44.73 -34.09 6.52
N THR B 237 45.35 -35.19 6.94
CA THR B 237 45.52 -35.52 8.35
C THR B 237 47.00 -35.63 8.69
N LEU B 238 47.32 -35.43 9.97
CA LEU B 238 48.69 -35.49 10.44
C LEU B 238 48.85 -36.60 11.47
N LEU B 239 48.35 -37.79 11.15
CA LEU B 239 48.44 -38.92 12.06
C LEU B 239 49.90 -39.23 12.38
N ALA B 240 50.20 -39.41 13.66
CA ALA B 240 51.56 -39.67 14.12
C ALA B 240 51.78 -41.18 14.05
N LEU B 241 52.50 -41.61 13.02
CA LEU B 241 52.77 -43.03 12.78
C LEU B 241 54.13 -43.46 13.32
N HIS B 242 54.68 -42.72 14.30
CA HIS B 242 55.93 -43.14 14.93
C HIS B 242 55.75 -44.43 15.70
N ARG B 243 54.59 -44.64 16.32
CA ARG B 243 54.28 -45.88 17.02
C ARG B 243 52.80 -46.14 16.91
N SER B 244 52.43 -47.30 16.35
CA SER B 244 51.04 -47.63 16.11
C SER B 244 50.80 -49.11 16.40
N TYR B 245 49.54 -49.45 16.63
CA TYR B 245 49.15 -50.83 16.90
C TYR B 245 47.68 -50.99 16.50
N LEU B 246 47.18 -52.22 16.57
CA LEU B 246 45.81 -52.56 16.23
C LEU B 246 45.48 -52.15 14.79
N THR B 247 46.29 -52.66 13.86
CA THR B 247 46.22 -52.29 12.44
C THR B 247 46.17 -53.53 11.56
N PRO B 248 45.01 -54.19 11.48
CA PRO B 248 44.84 -55.27 10.50
C PRO B 248 44.71 -54.70 9.09
N GLY B 249 44.49 -55.56 8.10
CA GLY B 249 44.35 -55.07 6.73
C GLY B 249 43.93 -56.19 5.81
N ASP B 250 43.57 -55.79 4.59
CA ASP B 250 43.15 -56.71 3.54
C ASP B 250 43.15 -55.94 2.23
N SER B 251 42.69 -56.60 1.16
CA SER B 251 42.62 -56.02 -0.17
C SER B 251 41.19 -55.64 -0.54
N SER B 252 40.41 -55.15 0.42
CA SER B 252 39.03 -54.80 0.16
C SER B 252 38.94 -53.56 -0.73
N SER B 253 38.02 -53.60 -1.69
CA SER B 253 37.79 -52.49 -2.60
C SER B 253 36.36 -52.56 -3.11
N GLY B 254 35.89 -51.42 -3.62
CA GLY B 254 34.51 -51.34 -4.11
C GLY B 254 33.56 -50.86 -3.03
N TRP B 255 32.78 -51.77 -2.47
CA TRP B 255 31.87 -51.47 -1.36
C TRP B 255 31.88 -52.68 -0.42
N THR B 256 32.76 -52.64 0.58
CA THR B 256 32.90 -53.72 1.55
C THR B 256 33.09 -53.08 2.93
N ALA B 257 33.43 -53.92 3.91
CA ALA B 257 33.64 -53.49 5.28
C ALA B 257 35.01 -53.94 5.76
N GLY B 258 35.59 -53.18 6.68
CA GLY B 258 36.90 -53.50 7.22
C GLY B 258 37.08 -53.03 8.66
N ALA B 259 38.22 -52.41 8.94
CA ALA B 259 38.50 -51.86 10.26
C ALA B 259 39.56 -50.78 10.10
N ALA B 260 39.20 -49.52 10.36
CA ALA B 260 40.13 -48.42 10.16
C ALA B 260 40.22 -47.50 11.36
N ALA B 261 39.13 -47.37 12.11
CA ALA B 261 39.04 -46.42 13.22
C ALA B 261 39.35 -44.99 12.77
N TYR B 262 38.97 -44.65 11.54
CA TYR B 262 39.24 -43.33 10.98
C TYR B 262 38.18 -43.08 9.91
N TYR B 263 37.17 -42.29 10.25
CA TYR B 263 35.99 -42.11 9.43
C TYR B 263 35.98 -40.72 8.79
N VAL B 264 35.17 -40.59 7.73
CA VAL B 264 35.02 -39.32 7.05
C VAL B 264 33.71 -39.35 6.27
N GLY B 265 32.97 -38.25 6.32
CA GLY B 265 31.73 -38.13 5.59
C GLY B 265 31.44 -36.68 5.27
N TYR B 266 30.81 -36.45 4.12
CA TYR B 266 30.54 -35.12 3.63
C TYR B 266 29.10 -34.70 3.92
N LEU B 267 28.91 -33.41 4.16
CA LEU B 267 27.62 -32.84 4.47
C LEU B 267 26.95 -32.26 3.22
N GLN B 268 25.63 -32.11 3.31
CA GLN B 268 24.84 -31.50 2.25
C GLN B 268 23.83 -30.56 2.88
N PRO B 269 23.41 -29.50 2.16
CA PRO B 269 22.43 -28.54 2.71
C PRO B 269 21.00 -29.09 2.72
N ARG B 270 20.70 -29.87 3.76
CA ARG B 270 19.39 -30.50 3.93
C ARG B 270 18.53 -29.70 4.89
N THR B 271 17.31 -30.19 5.12
CA THR B 271 16.37 -29.59 6.05
C THR B 271 15.94 -30.65 7.06
N PHE B 272 15.99 -30.30 8.34
CA PHE B 272 15.68 -31.23 9.42
C PHE B 272 14.47 -30.74 10.20
N LEU B 273 14.08 -31.54 11.21
CA LEU B 273 13.00 -31.19 12.12
C LEU B 273 13.35 -31.78 13.48
N LEU B 274 13.97 -30.96 14.33
CA LEU B 274 14.47 -31.42 15.61
C LEU B 274 13.36 -31.39 16.67
N LYS B 275 13.61 -32.10 17.77
CA LYS B 275 12.71 -32.11 18.91
C LYS B 275 13.50 -31.82 20.17
N TYR B 276 13.00 -30.89 20.98
CA TYR B 276 13.68 -30.47 22.19
C TYR B 276 13.00 -31.10 23.41
N ASN B 277 13.81 -31.66 24.30
CA ASN B 277 13.30 -32.28 25.50
C ASN B 277 12.89 -31.22 26.51
N GLU B 278 12.22 -31.66 27.59
CA GLU B 278 11.81 -30.70 28.61
C GLU B 278 12.99 -30.09 29.36
N ASN B 279 14.15 -30.72 29.30
CA ASN B 279 15.36 -30.21 29.94
C ASN B 279 16.20 -29.37 28.99
N GLY B 280 15.72 -29.11 27.77
CA GLY B 280 16.44 -28.32 26.80
C GLY B 280 17.35 -29.09 25.88
N THR B 281 17.49 -30.40 26.07
CA THR B 281 18.35 -31.21 25.22
C THR B 281 17.62 -31.62 23.95
N ILE B 282 18.38 -32.12 22.98
CA ILE B 282 17.84 -32.63 21.73
C ILE B 282 17.85 -34.15 21.81
N THR B 283 16.68 -34.77 21.69
CA THR B 283 16.53 -36.20 21.86
C THR B 283 16.23 -36.94 20.55
N ASP B 284 15.35 -36.41 19.71
CA ASP B 284 14.96 -37.08 18.49
C ASP B 284 14.92 -36.07 17.34
N ALA B 285 15.13 -36.58 16.13
CA ALA B 285 15.09 -35.75 14.93
C ALA B 285 14.60 -36.59 13.76
N VAL B 286 14.15 -35.92 12.72
CA VAL B 286 13.66 -36.57 11.50
C VAL B 286 14.11 -35.76 10.30
N ASP B 287 14.41 -36.45 9.21
CA ASP B 287 14.78 -35.78 7.96
C ASP B 287 13.53 -35.34 7.21
N CYS B 288 13.70 -34.28 6.41
CA CYS B 288 12.60 -33.71 5.64
C CYS B 288 12.67 -34.02 4.16
N ALA B 289 13.79 -34.59 3.68
CA ALA B 289 13.95 -34.85 2.25
C ALA B 289 14.59 -36.22 2.01
N LEU B 290 14.29 -37.20 2.85
CA LEU B 290 14.86 -38.53 2.71
C LEU B 290 13.88 -39.51 2.04
N ASP B 291 12.69 -39.66 2.59
CA ASP B 291 11.68 -40.60 2.14
C ASP B 291 10.36 -39.88 1.97
N PRO B 292 9.44 -40.42 1.16
CA PRO B 292 8.09 -39.84 1.12
C PRO B 292 7.42 -39.81 2.47
N LEU B 293 7.60 -40.84 3.29
CA LEU B 293 7.09 -40.82 4.65
C LEU B 293 7.74 -39.70 5.46
N SER B 294 9.04 -39.50 5.28
CA SER B 294 9.74 -38.43 5.99
C SER B 294 9.18 -37.07 5.58
N GLU B 295 8.93 -36.87 4.29
CA GLU B 295 8.35 -35.61 3.82
C GLU B 295 6.95 -35.41 4.39
N THR B 296 6.13 -36.47 4.42
CA THR B 296 4.80 -36.36 5.00
C THR B 296 4.87 -36.00 6.47
N LYS B 297 5.78 -36.64 7.21
CA LYS B 297 5.93 -36.38 8.64
C LYS B 297 6.50 -34.99 8.90
N CYS B 298 7.26 -34.43 7.96
CA CYS B 298 7.87 -33.13 8.11
C CYS B 298 6.91 -31.98 7.77
N THR B 299 6.15 -32.11 6.68
CA THR B 299 5.18 -31.07 6.33
C THR B 299 4.09 -30.96 7.39
N LEU B 300 3.62 -32.09 7.91
CA LEU B 300 2.61 -32.08 8.96
C LEU B 300 3.15 -31.61 10.29
N LYS B 301 4.47 -31.53 10.44
CA LYS B 301 5.12 -31.06 11.67
C LYS B 301 4.71 -31.92 12.88
N SER B 302 5.04 -33.20 12.79
CA SER B 302 4.75 -34.16 13.85
C SER B 302 5.65 -35.37 13.66
N PHE B 303 5.52 -36.34 14.57
CA PHE B 303 6.24 -37.60 14.46
C PHE B 303 5.32 -38.80 14.21
N THR B 304 4.02 -38.64 14.35
CA THR B 304 3.06 -39.71 14.08
C THR B 304 1.98 -39.18 13.14
N VAL B 305 1.65 -39.97 12.13
CA VAL B 305 0.65 -39.60 11.13
C VAL B 305 -0.42 -40.68 11.09
N GLU B 306 -1.68 -40.26 11.14
CA GLU B 306 -2.79 -41.19 11.08
C GLU B 306 -3.05 -41.63 9.64
N LYS B 307 -3.89 -42.64 9.50
CA LYS B 307 -4.23 -43.16 8.17
C LYS B 307 -4.94 -42.09 7.34
N GLY B 308 -4.52 -41.97 6.09
CA GLY B 308 -5.13 -41.01 5.19
C GLY B 308 -4.25 -40.75 4.00
N ILE B 309 -4.66 -39.77 3.20
CA ILE B 309 -3.95 -39.33 2.00
C ILE B 309 -3.59 -37.86 2.17
N TYR B 310 -2.35 -37.52 1.85
CA TYR B 310 -1.82 -36.18 2.07
C TYR B 310 -1.15 -35.67 0.80
N GLN B 311 -1.20 -34.36 0.60
CA GLN B 311 -0.56 -33.70 -0.53
C GLN B 311 0.69 -32.99 0.00
N THR B 312 1.85 -33.59 -0.24
CA THR B 312 3.09 -33.09 0.35
C THR B 312 3.69 -31.93 -0.44
N SER B 313 4.07 -32.17 -1.69
CA SER B 313 4.82 -31.18 -2.45
C SER B 313 4.49 -31.36 -3.93
N ASN B 314 5.33 -30.78 -4.79
CA ASN B 314 5.17 -30.84 -6.24
C ASN B 314 6.51 -31.18 -6.87
N PHE B 315 6.48 -32.05 -7.88
CA PHE B 315 7.69 -32.48 -8.56
C PHE B 315 7.81 -31.76 -9.90
N ARG B 316 9.06 -31.50 -10.29
CA ARG B 316 9.35 -30.82 -11.55
C ARG B 316 10.69 -31.29 -12.07
N VAL B 317 10.90 -31.06 -13.37
CA VAL B 317 12.10 -31.53 -14.06
C VAL B 317 13.07 -30.35 -14.20
N GLN B 318 14.30 -30.56 -13.75
CA GLN B 318 15.33 -29.53 -13.80
C GLN B 318 15.93 -29.42 -15.19
N PRO B 319 16.42 -28.24 -15.56
CA PRO B 319 17.08 -28.09 -16.86
C PRO B 319 18.42 -28.80 -16.89
N THR B 320 18.86 -29.13 -18.11
CA THR B 320 20.12 -29.83 -18.33
C THR B 320 21.25 -28.87 -18.70
N GLU B 321 21.07 -28.07 -19.75
CA GLU B 321 22.08 -27.14 -20.22
C GLU B 321 21.43 -25.81 -20.55
N SER B 322 22.27 -24.81 -20.81
CA SER B 322 21.82 -23.46 -21.14
C SER B 322 22.42 -23.02 -22.47
N ILE B 323 21.61 -22.36 -23.29
CA ILE B 323 22.05 -21.87 -24.59
C ILE B 323 21.79 -20.37 -24.68
N VAL B 324 22.57 -19.70 -25.52
CA VAL B 324 22.46 -18.26 -25.74
C VAL B 324 22.50 -17.99 -27.23
N ARG B 325 21.60 -17.12 -27.71
CA ARG B 325 21.55 -16.74 -29.11
C ARG B 325 21.50 -15.23 -29.23
N PHE B 326 22.54 -14.65 -29.82
CA PHE B 326 22.65 -13.24 -30.11
C PHE B 326 22.94 -13.02 -31.59
N PRO B 327 22.57 -11.86 -32.14
CA PRO B 327 22.87 -11.58 -33.55
C PRO B 327 24.37 -11.44 -33.78
N ASN B 328 24.78 -11.71 -35.02
CA ASN B 328 26.18 -11.69 -35.40
C ASN B 328 26.55 -10.30 -35.92
N ILE B 329 27.27 -9.55 -35.10
CA ILE B 329 27.82 -8.25 -35.48
C ILE B 329 29.29 -8.21 -35.09
N THR B 330 30.11 -7.65 -35.97
CA THR B 330 31.57 -7.68 -35.80
C THR B 330 32.12 -6.37 -35.26
N ASN B 331 31.81 -5.24 -35.91
CA ASN B 331 32.43 -3.98 -35.55
C ASN B 331 32.01 -3.51 -34.15
N LEU B 332 32.91 -2.78 -33.50
CA LEU B 332 32.66 -2.25 -32.17
C LEU B 332 31.85 -0.96 -32.24
N CYS B 333 31.16 -0.65 -31.14
CA CYS B 333 30.36 0.57 -31.07
C CYS B 333 31.26 1.77 -30.83
N PRO B 334 31.18 2.81 -31.65
CA PRO B 334 32.06 3.98 -31.53
C PRO B 334 31.60 4.96 -30.45
N PHE B 335 31.85 4.58 -29.19
CA PHE B 335 31.53 5.46 -28.07
C PHE B 335 32.58 6.54 -27.84
N ASP B 336 33.77 6.39 -28.42
CA ASP B 336 34.85 7.33 -28.13
C ASP B 336 34.66 8.67 -28.84
N GLU B 337 34.08 8.68 -30.05
CA GLU B 337 33.83 9.95 -30.71
C GLU B 337 32.82 10.80 -29.95
N VAL B 338 31.90 10.17 -29.23
CA VAL B 338 30.92 10.93 -28.46
C VAL B 338 31.58 11.63 -27.27
N PHE B 339 32.47 10.93 -26.56
CA PHE B 339 33.10 11.49 -25.37
C PHE B 339 34.35 12.30 -25.70
N ASN B 340 35.22 11.79 -26.57
CA ASN B 340 36.43 12.49 -26.97
C ASN B 340 36.09 13.40 -28.16
N ALA B 341 35.51 14.55 -27.84
CA ALA B 341 35.13 15.53 -28.84
C ALA B 341 35.75 16.88 -28.49
N THR B 342 36.31 17.55 -29.49
CA THR B 342 36.94 18.85 -29.26
C THR B 342 35.91 19.96 -29.07
N ARG B 343 34.76 19.88 -29.75
CA ARG B 343 33.75 20.92 -29.71
C ARG B 343 32.41 20.33 -29.35
N PHE B 344 31.72 20.97 -28.41
CA PHE B 344 30.40 20.54 -27.96
C PHE B 344 29.36 21.58 -28.34
N ALA B 345 28.16 21.11 -28.62
CA ALA B 345 27.08 21.98 -29.06
C ALA B 345 26.50 22.77 -27.88
N SER B 346 25.69 23.77 -28.22
CA SER B 346 24.99 24.58 -27.22
C SER B 346 23.71 23.90 -26.78
N VAL B 347 23.17 24.37 -25.65
CA VAL B 347 21.98 23.74 -25.08
C VAL B 347 20.76 23.95 -25.97
N TYR B 348 20.65 25.10 -26.63
CA TYR B 348 19.50 25.35 -27.50
C TYR B 348 19.65 24.72 -28.87
N ALA B 349 20.83 24.19 -29.19
CA ALA B 349 21.07 23.54 -30.48
C ALA B 349 21.82 22.23 -30.26
N TRP B 350 21.34 21.44 -29.31
CA TRP B 350 21.98 20.17 -29.01
C TRP B 350 21.90 19.23 -30.22
N ASN B 351 22.96 18.45 -30.42
CA ASN B 351 23.08 17.58 -31.59
C ASN B 351 22.74 16.14 -31.23
N ARG B 352 21.93 15.50 -32.07
CA ARG B 352 21.52 14.12 -31.87
C ARG B 352 22.44 13.21 -32.67
N LYS B 353 23.13 12.30 -31.98
CA LYS B 353 24.04 11.37 -32.60
C LYS B 353 23.49 9.95 -32.44
N ARG B 354 23.51 9.18 -33.52
CA ARG B 354 22.90 7.87 -33.56
C ARG B 354 23.95 6.77 -33.57
N ILE B 355 23.62 5.65 -32.92
CA ILE B 355 24.49 4.48 -32.87
C ILE B 355 23.65 3.26 -33.25
N SER B 356 24.15 2.46 -34.18
CA SER B 356 23.39 1.32 -34.66
C SER B 356 24.34 0.29 -35.27
N ASN B 357 23.95 -0.98 -35.16
CA ASN B 357 24.63 -2.10 -35.80
C ASN B 357 26.10 -2.18 -35.38
N CYS B 358 26.32 -2.42 -34.09
CA CYS B 358 27.66 -2.62 -33.55
C CYS B 358 27.55 -3.44 -32.27
N VAL B 359 28.69 -3.66 -31.64
CA VAL B 359 28.77 -4.37 -30.37
C VAL B 359 29.32 -3.41 -29.33
N ALA B 360 28.55 -3.19 -28.27
CA ALA B 360 28.88 -2.20 -27.25
C ALA B 360 29.54 -2.86 -26.04
N ASP B 361 30.21 -2.02 -25.24
CA ASP B 361 30.81 -2.46 -23.99
C ASP B 361 30.73 -1.28 -23.03
N TYR B 362 29.71 -1.28 -22.18
CA TYR B 362 29.44 -0.15 -21.30
C TYR B 362 30.38 -0.07 -20.12
N SER B 363 31.36 -0.94 -20.01
CA SER B 363 32.33 -0.90 -18.92
C SER B 363 33.64 -0.23 -19.31
N VAL B 364 33.93 -0.10 -20.61
CA VAL B 364 35.18 0.51 -21.02
C VAL B 364 35.13 2.03 -20.88
N LEU B 365 33.92 2.60 -20.80
CA LEU B 365 33.76 4.04 -20.72
C LEU B 365 34.22 4.62 -19.39
N TYR B 366 34.52 3.79 -18.39
CA TYR B 366 35.00 4.31 -17.12
C TYR B 366 36.35 5.01 -17.27
N ASN B 367 37.24 4.45 -18.07
CA ASN B 367 38.57 5.01 -18.26
C ASN B 367 38.60 6.18 -19.24
N PHE B 368 37.49 6.45 -19.94
CA PHE B 368 37.50 7.51 -20.94
C PHE B 368 37.50 8.89 -20.30
N ALA B 369 36.67 9.10 -19.28
CA ALA B 369 36.55 10.42 -18.66
C ALA B 369 36.57 10.27 -17.14
N PRO B 370 37.09 11.27 -16.43
CA PRO B 370 37.15 11.21 -14.95
C PRO B 370 35.84 11.64 -14.30
N PHE B 371 34.77 10.89 -14.58
CA PHE B 371 33.50 11.12 -13.92
C PHE B 371 33.36 10.19 -12.72
N PHE B 372 32.41 10.52 -11.85
CA PHE B 372 32.28 9.78 -10.59
C PHE B 372 30.89 9.23 -10.35
N ALA B 373 29.85 9.94 -10.76
CA ALA B 373 28.48 9.55 -10.40
C ALA B 373 27.91 8.53 -11.37
N PHE B 374 27.82 8.89 -12.65
CA PHE B 374 27.23 8.03 -13.67
C PHE B 374 25.82 7.62 -13.25
N LYS B 375 25.01 8.62 -12.89
CA LYS B 375 23.65 8.36 -12.44
C LYS B 375 22.78 7.91 -13.61
N CYS B 376 22.01 6.85 -13.40
CA CYS B 376 21.21 6.27 -14.47
C CYS B 376 19.83 5.93 -13.91
N TYR B 377 18.83 5.88 -14.78
CA TYR B 377 17.44 5.87 -14.35
C TYR B 377 16.74 4.54 -14.59
N GLY B 378 16.70 4.07 -15.83
CA GLY B 378 15.83 2.95 -16.15
C GLY B 378 16.43 1.58 -15.93
N VAL B 379 17.76 1.48 -15.96
CA VAL B 379 18.47 0.22 -15.80
C VAL B 379 19.69 0.46 -14.93
N SER B 380 20.03 -0.53 -14.12
CA SER B 380 21.19 -0.41 -13.26
C SER B 380 22.47 -0.42 -14.08
N PRO B 381 23.47 0.39 -13.71
CA PRO B 381 24.76 0.32 -14.42
C PRO B 381 25.45 -1.03 -14.26
N THR B 382 25.05 -1.82 -13.27
CA THR B 382 25.65 -3.13 -13.06
C THR B 382 25.46 -4.04 -14.26
N LYS B 383 24.25 -4.05 -14.83
CA LYS B 383 23.86 -5.01 -15.85
C LYS B 383 23.56 -4.33 -17.18
N LEU B 384 24.41 -3.38 -17.58
CA LEU B 384 24.23 -2.70 -18.87
C LEU B 384 24.68 -3.57 -20.03
N ASN B 385 25.71 -4.39 -19.84
CA ASN B 385 26.30 -5.17 -20.93
C ASN B 385 25.65 -6.55 -21.09
N ASP B 386 24.40 -6.71 -20.63
CA ASP B 386 23.67 -7.95 -20.81
C ASP B 386 22.39 -7.80 -21.62
N LEU B 387 21.69 -6.67 -21.49
CA LEU B 387 20.49 -6.43 -22.27
C LEU B 387 20.86 -6.14 -23.73
N CYS B 388 19.92 -6.41 -24.63
CA CYS B 388 20.11 -6.12 -26.05
C CYS B 388 19.04 -5.14 -26.51
N PHE B 389 19.50 -4.04 -27.11
CA PHE B 389 18.64 -2.92 -27.49
C PHE B 389 18.39 -2.95 -28.99
N THR B 390 17.69 -1.93 -29.48
CA THR B 390 17.47 -1.71 -30.91
C THR B 390 18.46 -0.73 -31.49
N ASN B 391 18.51 0.49 -30.95
CA ASN B 391 19.54 1.46 -31.29
C ASN B 391 19.61 2.49 -30.17
N VAL B 392 20.77 3.13 -30.05
CA VAL B 392 21.05 4.04 -28.94
C VAL B 392 21.31 5.43 -29.51
N TYR B 393 20.65 6.43 -28.93
CA TYR B 393 20.84 7.82 -29.32
C TYR B 393 21.64 8.54 -28.24
N ALA B 394 22.67 9.26 -28.67
CA ALA B 394 23.52 10.03 -27.77
C ALA B 394 23.50 11.50 -28.18
N ASP B 395 23.36 12.38 -27.19
CA ASP B 395 23.36 13.81 -27.43
C ASP B 395 24.14 14.51 -26.32
N SER B 396 24.78 15.62 -26.68
CA SER B 396 25.71 16.29 -25.78
C SER B 396 25.48 17.79 -25.81
N PHE B 397 25.81 18.44 -24.69
CA PHE B 397 25.69 19.89 -24.55
C PHE B 397 26.38 20.28 -23.24
N VAL B 398 26.58 21.59 -23.07
CA VAL B 398 27.22 22.15 -21.88
C VAL B 398 26.34 23.23 -21.29
N ILE B 399 26.16 23.20 -19.97
CA ILE B 399 25.34 24.16 -19.25
C ILE B 399 26.04 24.51 -17.93
N ARG B 400 25.45 25.46 -17.21
CA ARG B 400 25.98 25.85 -15.91
C ARG B 400 25.80 24.71 -14.91
N GLY B 401 26.73 24.64 -13.95
CA GLY B 401 26.76 23.54 -13.02
C GLY B 401 25.60 23.51 -12.04
N ASN B 402 24.91 24.64 -11.85
CA ASN B 402 23.82 24.68 -10.88
C ASN B 402 22.65 23.81 -11.32
N GLU B 403 22.35 23.79 -12.63
CA GLU B 403 21.17 23.10 -13.16
C GLU B 403 21.48 21.69 -13.65
N VAL B 404 22.52 21.05 -13.12
CA VAL B 404 22.79 19.66 -13.48
C VAL B 404 21.65 18.76 -12.99
N SER B 405 21.18 18.99 -11.76
CA SER B 405 20.07 18.21 -11.23
C SER B 405 18.75 18.50 -11.94
N GLN B 406 18.70 19.54 -12.76
CA GLN B 406 17.49 19.85 -13.52
C GLN B 406 17.28 18.91 -14.71
N ILE B 407 18.26 18.08 -15.03
CA ILE B 407 18.15 17.13 -16.15
C ILE B 407 17.58 15.85 -15.55
N ALA B 408 16.25 15.75 -15.53
CA ALA B 408 15.55 14.61 -14.97
C ALA B 408 14.09 14.64 -15.42
N PRO B 409 13.42 13.48 -15.51
CA PRO B 409 12.01 13.49 -15.90
C PRO B 409 11.16 14.25 -14.88
N GLY B 410 10.20 15.01 -15.39
CA GLY B 410 9.29 15.77 -14.56
C GLY B 410 9.85 17.05 -14.00
N GLN B 411 11.10 17.38 -14.28
CA GLN B 411 11.70 18.60 -13.76
C GLN B 411 11.22 19.82 -14.57
N THR B 412 11.18 20.96 -13.89
CA THR B 412 10.70 22.20 -14.49
C THR B 412 11.65 23.34 -14.14
N GLY B 413 11.61 24.39 -14.94
CA GLY B 413 12.41 25.56 -14.69
C GLY B 413 12.73 26.28 -16.00
N ASN B 414 13.73 27.16 -15.93
CA ASN B 414 14.06 28.01 -17.07
C ASN B 414 14.60 27.19 -18.24
N ILE B 415 15.48 26.23 -17.97
CA ILE B 415 16.15 25.49 -19.02
C ILE B 415 15.53 24.11 -19.26
N ALA B 416 14.80 23.55 -18.30
CA ALA B 416 14.14 22.27 -18.47
C ALA B 416 12.76 22.40 -19.11
N ASP B 417 12.29 23.62 -19.35
CA ASP B 417 11.00 23.84 -19.99
C ASP B 417 11.06 24.68 -21.26
N TYR B 418 12.20 25.32 -21.54
CA TYR B 418 12.33 26.15 -22.73
C TYR B 418 13.43 25.70 -23.68
N ASN B 419 14.35 24.85 -23.24
CA ASN B 419 15.48 24.43 -24.06
C ASN B 419 15.50 22.94 -24.35
N TYR B 420 15.40 22.10 -23.32
CA TYR B 420 15.56 20.65 -23.50
C TYR B 420 14.80 19.93 -22.40
N LYS B 421 13.83 19.12 -22.79
CA LYS B 421 12.96 18.43 -21.84
C LYS B 421 13.03 16.92 -22.07
N LEU B 422 13.09 16.17 -20.98
CA LEU B 422 13.15 14.72 -20.95
C LEU B 422 11.77 14.11 -20.71
N PRO B 423 11.43 13.05 -21.43
CA PRO B 423 10.13 12.40 -21.23
C PRO B 423 9.95 11.92 -19.80
N ASP B 424 8.69 11.90 -19.36
CA ASP B 424 8.38 11.43 -18.01
C ASP B 424 8.69 9.95 -17.81
N ASP B 425 8.59 9.15 -18.87
CA ASP B 425 8.91 7.73 -18.83
C ASP B 425 10.27 7.47 -19.45
N PHE B 426 11.22 8.39 -19.23
CA PHE B 426 12.55 8.27 -19.80
C PHE B 426 13.30 7.10 -19.18
N THR B 427 14.03 6.37 -20.03
CA THR B 427 14.93 5.32 -19.59
C THR B 427 16.29 5.55 -20.24
N GLY B 428 17.34 5.36 -19.46
CA GLY B 428 18.69 5.65 -19.92
C GLY B 428 19.57 6.19 -18.83
N CYS B 429 20.82 6.47 -19.15
CA CYS B 429 21.82 6.84 -18.17
C CYS B 429 22.30 8.27 -18.41
N VAL B 430 22.82 8.90 -17.36
CA VAL B 430 23.26 10.29 -17.41
C VAL B 430 24.70 10.36 -16.93
N ILE B 431 25.56 11.05 -17.68
CA ILE B 431 26.96 11.23 -17.34
C ILE B 431 27.31 12.71 -17.43
N ALA B 432 27.95 13.23 -16.38
CA ALA B 432 28.36 14.62 -16.35
C ALA B 432 29.63 14.77 -15.52
N TRP B 433 30.46 15.73 -15.90
CA TRP B 433 31.68 16.04 -15.16
C TRP B 433 32.10 17.47 -15.47
N ASN B 434 33.00 17.99 -14.65
CA ASN B 434 33.37 19.40 -14.72
C ASN B 434 34.10 19.72 -16.01
N SER B 435 33.92 20.96 -16.47
CA SER B 435 34.57 21.47 -17.68
C SER B 435 35.10 22.88 -17.44
N ASN B 436 35.56 23.16 -16.22
CA ASN B 436 36.12 24.46 -15.89
C ASN B 436 37.52 24.68 -16.47
N LYS B 437 38.14 23.64 -17.02
CA LYS B 437 39.49 23.73 -17.54
C LYS B 437 39.54 23.93 -19.06
N LEU B 438 38.55 23.42 -19.79
CA LEU B 438 38.55 23.48 -21.25
C LEU B 438 37.49 24.43 -21.81
N ASP B 439 36.75 25.14 -20.96
CA ASP B 439 35.66 25.98 -21.46
C ASP B 439 35.57 27.32 -20.74
N SER B 440 36.68 27.84 -20.19
CA SER B 440 36.65 29.10 -19.47
C SER B 440 37.93 29.87 -19.75
N LYS B 441 37.78 31.10 -20.21
CA LYS B 441 38.89 32.03 -20.40
C LYS B 441 38.94 33.03 -19.25
N VAL B 442 40.15 33.50 -18.95
CA VAL B 442 40.31 34.50 -17.90
C VAL B 442 39.52 35.76 -18.25
N GLY B 443 39.56 36.17 -19.51
CA GLY B 443 38.72 37.28 -19.97
C GLY B 443 37.25 36.91 -19.92
N GLY B 444 36.91 35.69 -20.32
CA GLY B 444 35.53 35.24 -20.30
C GLY B 444 35.08 34.60 -21.60
N ASN B 445 34.50 33.41 -21.52
CA ASN B 445 34.04 32.68 -22.68
C ASN B 445 32.58 33.05 -22.95
N TYR B 446 32.31 33.65 -24.11
CA TYR B 446 30.98 34.10 -24.47
C TYR B 446 30.45 33.34 -25.69
N ASN B 447 30.92 32.11 -25.88
CA ASN B 447 30.56 31.33 -27.06
C ASN B 447 29.35 30.42 -26.84
N TYR B 448 28.77 30.42 -25.64
CA TYR B 448 27.68 29.53 -25.30
C TYR B 448 26.40 30.33 -25.07
N LEU B 449 25.32 29.94 -25.74
CA LEU B 449 24.06 30.65 -25.72
C LEU B 449 22.95 29.74 -25.21
N TYR B 450 21.83 30.34 -24.86
CA TYR B 450 20.66 29.60 -24.39
C TYR B 450 19.41 30.42 -24.65
N ARG B 451 18.26 29.74 -24.58
CA ARG B 451 16.97 30.35 -24.83
C ARG B 451 16.27 30.65 -23.51
N LEU B 452 15.66 31.83 -23.43
CA LEU B 452 14.99 32.27 -22.22
C LEU B 452 13.53 32.65 -22.42
N PHE B 453 13.17 33.24 -23.56
CA PHE B 453 11.82 33.73 -23.80
C PHE B 453 11.13 32.86 -24.84
N ARG B 454 9.91 32.41 -24.54
CA ARG B 454 9.14 31.61 -25.46
C ARG B 454 7.66 31.80 -25.14
N LYS B 455 6.82 31.48 -26.12
CA LYS B 455 5.38 31.62 -25.92
C LYS B 455 4.83 30.55 -24.99
N SER B 456 5.40 29.34 -25.02
CA SER B 456 4.93 28.26 -24.17
C SER B 456 6.02 27.21 -24.06
N ASN B 457 5.92 26.38 -23.03
CA ASN B 457 6.86 25.29 -22.84
C ASN B 457 6.72 24.26 -23.97
N LEU B 458 7.85 23.70 -24.39
CA LEU B 458 7.86 22.76 -25.50
C LEU B 458 7.75 21.33 -24.97
N LYS B 459 7.35 20.43 -25.86
CA LYS B 459 7.20 19.02 -25.51
C LYS B 459 8.57 18.38 -25.31
N PRO B 460 8.63 17.25 -24.60
CA PRO B 460 9.91 16.56 -24.45
C PRO B 460 10.46 16.08 -25.78
N PHE B 461 11.79 16.21 -25.93
CA PHE B 461 12.51 15.79 -27.14
C PHE B 461 12.08 16.58 -28.37
N GLU B 462 12.18 17.90 -28.27
CA GLU B 462 12.10 18.79 -29.42
C GLU B 462 13.14 19.90 -29.28
N ARG B 463 13.46 20.53 -30.40
CA ARG B 463 14.44 21.60 -30.44
C ARG B 463 13.90 22.75 -31.29
N ASP B 464 14.49 23.93 -31.09
CA ASP B 464 14.10 25.11 -31.86
C ASP B 464 15.30 26.06 -31.89
N ILE B 465 15.90 26.21 -33.06
CA ILE B 465 17.05 27.09 -33.23
C ILE B 465 16.65 28.39 -33.91
N SER B 466 15.35 28.65 -34.04
CA SER B 466 14.88 29.86 -34.68
C SER B 466 15.16 31.08 -33.80
N THR B 467 15.49 32.20 -34.44
CA THR B 467 15.77 33.45 -33.74
C THR B 467 14.77 34.50 -34.18
N GLU B 468 14.14 35.16 -33.22
CA GLU B 468 13.18 36.22 -33.50
C GLU B 468 13.02 37.07 -32.24
N ILE B 469 12.50 38.28 -32.42
CA ILE B 469 12.35 39.22 -31.31
C ILE B 469 11.02 38.96 -30.63
N TYR B 470 11.07 38.59 -29.36
CA TYR B 470 9.85 38.29 -28.60
C TYR B 470 9.13 39.58 -28.21
N GLN B 471 7.79 39.51 -28.23
CA GLN B 471 6.96 40.64 -27.84
C GLN B 471 6.64 40.51 -26.35
N ALA B 472 7.11 41.47 -25.56
CA ALA B 472 6.93 41.46 -24.11
C ALA B 472 6.21 42.72 -23.64
N GLY B 473 5.25 43.18 -24.42
CA GLY B 473 4.50 44.37 -24.06
C GLY B 473 3.52 44.72 -25.15
N ASN B 474 2.70 45.74 -24.86
CA ASN B 474 1.72 46.20 -25.84
C ASN B 474 2.38 46.82 -27.06
N LYS B 475 3.58 47.37 -26.89
CA LYS B 475 4.30 47.93 -28.02
C LYS B 475 4.75 46.81 -28.96
N PRO B 476 4.39 46.87 -30.25
CA PRO B 476 4.82 45.81 -31.17
C PRO B 476 6.33 45.76 -31.31
N CYS B 477 6.86 44.54 -31.42
CA CYS B 477 8.29 44.33 -31.65
C CYS B 477 8.49 44.07 -33.14
N ASN B 478 8.45 45.16 -33.91
CA ASN B 478 8.63 45.04 -35.36
C ASN B 478 10.02 44.52 -35.71
N GLY B 479 11.04 45.00 -35.01
CA GLY B 479 12.40 44.55 -35.28
C GLY B 479 13.37 45.10 -34.27
N VAL B 480 14.63 44.70 -34.44
CA VAL B 480 15.75 45.14 -33.61
C VAL B 480 15.43 44.78 -32.15
N ALA B 481 15.10 45.78 -31.34
CA ALA B 481 14.85 45.60 -29.91
C ALA B 481 14.19 46.88 -29.40
N GLY B 482 14.07 46.97 -28.08
CA GLY B 482 13.50 48.16 -27.46
C GLY B 482 12.85 47.79 -26.15
N PHE B 483 12.22 48.79 -25.54
CA PHE B 483 11.47 48.56 -24.31
C PHE B 483 10.31 47.60 -24.58
N ASN B 484 10.16 46.62 -23.70
CA ASN B 484 9.20 45.53 -23.89
C ASN B 484 9.47 44.77 -25.20
N CYS B 485 10.74 44.67 -25.57
CA CYS B 485 11.16 43.92 -26.76
C CYS B 485 12.47 43.24 -26.41
N TYR B 486 12.48 41.91 -26.33
CA TYR B 486 13.58 41.16 -25.79
C TYR B 486 14.15 40.19 -26.83
N PHE B 487 15.47 40.18 -26.94
CA PHE B 487 16.15 39.16 -27.74
C PHE B 487 16.37 37.92 -26.89
N PRO B 488 15.83 36.76 -27.28
CA PRO B 488 15.80 35.63 -26.34
C PRO B 488 17.16 34.98 -26.11
N LEU B 489 18.10 35.10 -27.05
CA LEU B 489 19.36 34.37 -26.97
C LEU B 489 20.32 35.12 -26.05
N ARG B 490 20.08 35.00 -24.75
CA ARG B 490 21.03 35.49 -23.78
C ARG B 490 22.22 34.53 -23.67
N SER B 491 23.33 35.05 -23.16
CA SER B 491 24.58 34.31 -23.10
C SER B 491 25.00 34.05 -21.66
N TYR B 492 25.93 33.13 -21.50
CA TYR B 492 26.53 32.83 -20.21
C TYR B 492 27.84 33.59 -20.03
N GLY B 493 28.40 33.52 -18.83
CA GLY B 493 29.56 34.32 -18.44
C GLY B 493 30.59 33.45 -17.72
N PHE B 494 30.94 32.32 -18.33
CA PHE B 494 31.90 31.41 -17.72
C PHE B 494 33.25 32.10 -17.51
N ARG B 495 33.81 31.94 -16.30
CA ARG B 495 35.12 32.45 -15.94
C ARG B 495 35.74 31.49 -14.93
N PRO B 496 37.04 31.21 -15.03
CA PRO B 496 37.66 30.24 -14.13
C PRO B 496 37.61 30.63 -12.66
N THR B 497 37.57 31.92 -12.35
CA THR B 497 37.62 32.36 -10.96
C THR B 497 36.34 32.03 -10.20
N TYR B 498 35.26 31.67 -10.90
CA TYR B 498 34.01 31.36 -10.23
C TYR B 498 34.13 30.09 -9.40
N GLY B 499 33.35 30.02 -8.32
CA GLY B 499 33.35 28.85 -7.48
C GLY B 499 32.53 27.71 -8.05
N VAL B 500 32.61 26.56 -7.37
CA VAL B 500 31.88 25.39 -7.81
C VAL B 500 30.38 25.64 -7.70
N GLY B 501 29.65 25.31 -8.76
CA GLY B 501 28.23 25.57 -8.86
C GLY B 501 27.89 26.54 -9.97
N HIS B 502 28.79 27.46 -10.29
CA HIS B 502 28.63 28.35 -11.42
C HIS B 502 29.55 28.00 -12.59
N GLN B 503 30.48 27.07 -12.39
CA GLN B 503 31.37 26.67 -13.47
C GLN B 503 30.61 25.90 -14.54
N PRO B 504 31.06 25.96 -15.78
CA PRO B 504 30.42 25.16 -16.84
C PRO B 504 30.74 23.68 -16.66
N TYR B 505 29.72 22.84 -16.83
CA TYR B 505 29.88 21.41 -16.83
C TYR B 505 29.50 20.85 -18.19
N ARG B 506 30.05 19.66 -18.49
CA ARG B 506 29.83 18.98 -19.75
C ARG B 506 29.06 17.69 -19.47
N VAL B 507 27.91 17.53 -20.13
CA VAL B 507 26.99 16.45 -19.82
C VAL B 507 26.54 15.77 -21.12
N VAL B 508 26.52 14.45 -21.10
CA VAL B 508 25.99 13.63 -22.19
C VAL B 508 25.02 12.62 -21.58
N VAL B 509 23.84 12.50 -22.19
CA VAL B 509 22.81 11.58 -21.72
C VAL B 509 22.45 10.62 -22.84
N LEU B 510 22.34 9.34 -22.50
CA LEU B 510 22.02 8.28 -23.45
C LEU B 510 20.56 7.86 -23.31
N SER B 511 19.99 7.41 -24.41
CA SER B 511 18.59 7.01 -24.45
C SER B 511 18.47 5.60 -25.01
N PHE B 512 17.71 4.75 -24.32
CA PHE B 512 17.42 3.40 -24.76
C PHE B 512 15.92 3.23 -24.93
N GLU B 513 15.54 2.14 -25.60
CA GLU B 513 14.14 1.75 -25.69
C GLU B 513 14.06 0.24 -25.90
N LEU B 514 13.45 -0.45 -24.94
CA LEU B 514 13.40 -1.92 -24.95
C LEU B 514 12.06 -2.42 -25.50
N LEU B 515 11.86 -2.18 -26.79
CA LEU B 515 10.68 -2.67 -27.49
C LEU B 515 11.04 -3.93 -28.29
N HIS B 516 10.06 -4.47 -29.01
CA HIS B 516 10.24 -5.67 -29.80
C HIS B 516 10.59 -5.27 -31.23
N ALA B 517 11.87 -5.40 -31.58
CA ALA B 517 12.36 -5.05 -32.91
C ALA B 517 13.68 -5.76 -33.13
N PRO B 518 14.12 -5.91 -34.38
CA PRO B 518 15.43 -6.54 -34.64
C PRO B 518 16.56 -5.82 -33.92
N ALA B 519 17.19 -6.52 -32.98
CA ALA B 519 18.27 -5.93 -32.20
C ALA B 519 19.50 -5.73 -33.07
N THR B 520 20.22 -4.64 -32.81
CA THR B 520 21.43 -4.32 -33.56
C THR B 520 22.65 -4.09 -32.68
N VAL B 521 22.50 -3.52 -31.49
CA VAL B 521 23.62 -3.19 -30.62
C VAL B 521 23.36 -3.77 -29.23
N CYS B 522 24.36 -4.47 -28.69
CA CYS B 522 24.35 -4.90 -27.29
C CYS B 522 25.70 -5.53 -26.95
N GLY B 523 25.80 -6.05 -25.73
CA GLY B 523 27.06 -6.37 -25.11
C GLY B 523 27.78 -7.55 -25.72
N PRO B 524 29.04 -7.75 -25.31
CA PRO B 524 29.89 -8.79 -25.89
C PRO B 524 29.55 -10.16 -25.33
N LYS B 525 29.07 -11.05 -26.19
CA LYS B 525 28.81 -12.43 -25.80
C LYS B 525 28.86 -13.30 -27.05
N LYS B 526 28.97 -14.60 -26.84
CA LYS B 526 29.06 -15.58 -27.92
C LYS B 526 27.89 -16.54 -27.82
N SER B 527 27.41 -16.97 -28.99
CA SER B 527 26.21 -17.79 -29.08
C SER B 527 26.53 -19.26 -28.80
N THR B 528 25.51 -20.09 -28.91
CA THR B 528 25.64 -21.52 -28.66
C THR B 528 24.68 -22.25 -29.61
N ASN B 529 24.99 -23.52 -29.88
CA ASN B 529 24.17 -24.30 -30.80
C ASN B 529 22.74 -24.43 -30.28
N LEU B 530 21.78 -24.39 -31.20
CA LEU B 530 20.36 -24.41 -30.86
C LEU B 530 19.92 -25.86 -30.63
N VAL B 531 19.67 -26.20 -29.37
CA VAL B 531 19.15 -27.53 -29.03
C VAL B 531 17.63 -27.47 -29.04
N LYS B 532 17.01 -28.65 -29.17
CA LYS B 532 15.56 -28.74 -29.27
C LYS B 532 15.08 -29.98 -28.53
N ASN B 533 13.80 -29.96 -28.15
CA ASN B 533 13.11 -31.08 -27.51
C ASN B 533 13.78 -31.50 -26.21
N LYS B 534 14.38 -30.54 -25.50
CA LYS B 534 14.96 -30.79 -24.19
C LYS B 534 14.70 -29.58 -23.30
N CYS B 535 14.68 -29.82 -21.99
CA CYS B 535 14.44 -28.77 -21.02
C CYS B 535 15.74 -28.00 -20.79
N VAL B 536 15.80 -26.77 -21.30
CA VAL B 536 17.01 -25.96 -21.26
C VAL B 536 16.65 -24.56 -20.79
N ASN B 537 17.70 -23.78 -20.49
CA ASN B 537 17.56 -22.39 -20.06
C ASN B 537 17.85 -21.50 -21.27
N PHE B 538 16.82 -21.25 -22.07
CA PHE B 538 16.98 -20.50 -23.30
C PHE B 538 17.26 -19.03 -23.01
N ASN B 539 17.79 -18.34 -24.02
CA ASN B 539 18.10 -16.91 -23.91
C ASN B 539 18.11 -16.34 -25.32
N PHE B 540 17.23 -15.38 -25.57
CA PHE B 540 17.13 -14.74 -26.89
C PHE B 540 17.06 -13.22 -26.67
N ASN B 541 18.23 -12.57 -26.74
CA ASN B 541 18.32 -11.11 -26.63
C ASN B 541 17.74 -10.61 -25.30
N GLY B 542 18.01 -11.35 -24.22
CA GLY B 542 17.58 -10.95 -22.91
C GLY B 542 16.17 -11.41 -22.56
N LEU B 543 15.87 -12.67 -22.88
CA LEU B 543 14.59 -13.30 -22.60
C LEU B 543 14.79 -14.59 -21.83
N THR B 544 15.56 -14.51 -20.74
CA THR B 544 15.86 -15.65 -19.90
C THR B 544 14.58 -16.38 -19.48
N GLY B 545 14.65 -17.70 -19.48
CA GLY B 545 13.50 -18.51 -19.12
C GLY B 545 13.88 -19.95 -18.95
N THR B 546 12.87 -20.81 -18.94
CA THR B 546 13.07 -22.25 -18.79
C THR B 546 11.91 -22.99 -19.43
N GLY B 547 12.23 -23.94 -20.30
CA GLY B 547 11.22 -24.72 -20.97
C GLY B 547 11.80 -25.43 -22.17
N VAL B 548 10.96 -26.25 -22.79
CA VAL B 548 11.37 -27.01 -23.96
C VAL B 548 11.19 -26.16 -25.21
N LEU B 549 12.01 -26.43 -26.21
CA LEU B 549 11.94 -25.74 -27.50
C LEU B 549 11.59 -26.75 -28.57
N THR B 550 10.59 -26.42 -29.40
CA THR B 550 10.09 -27.36 -30.39
C THR B 550 9.77 -26.62 -31.68
N GLU B 551 9.67 -27.38 -32.75
CA GLU B 551 9.32 -26.82 -34.06
C GLU B 551 7.93 -26.24 -34.03
N SER B 552 7.75 -25.09 -34.67
CA SER B 552 6.47 -24.39 -34.69
C SER B 552 6.06 -24.10 -36.13
N ASN B 553 4.76 -23.95 -36.31
CA ASN B 553 4.17 -23.66 -37.62
C ASN B 553 3.27 -22.43 -37.57
N LYS B 554 3.65 -21.46 -36.74
CA LYS B 554 2.95 -20.18 -36.68
C LYS B 554 3.43 -19.27 -37.80
N LYS B 555 2.50 -18.53 -38.39
CA LYS B 555 2.80 -17.66 -39.52
C LYS B 555 3.03 -16.24 -39.00
N PHE B 556 4.26 -15.97 -38.58
CA PHE B 556 4.59 -14.61 -38.17
C PHE B 556 4.70 -13.71 -39.40
N LEU B 557 4.56 -12.41 -39.15
CA LEU B 557 4.72 -11.40 -40.17
C LEU B 557 6.12 -10.81 -40.11
N PRO B 558 6.60 -10.21 -41.21
CA PRO B 558 7.97 -9.69 -41.20
C PRO B 558 8.24 -8.66 -40.12
N PHE B 559 7.24 -7.88 -39.72
CA PHE B 559 7.44 -6.89 -38.67
C PHE B 559 7.10 -7.42 -37.28
N GLN B 560 6.73 -8.69 -37.16
CA GLN B 560 6.45 -9.32 -35.89
C GLN B 560 7.61 -10.22 -35.49
N GLN B 561 7.90 -10.26 -34.19
CA GLN B 561 9.00 -11.07 -33.67
C GLN B 561 8.62 -11.95 -32.48
N PHE B 562 7.63 -11.57 -31.68
CA PHE B 562 7.26 -12.29 -30.48
C PHE B 562 5.80 -12.68 -30.51
N GLY B 563 5.48 -13.75 -29.79
CA GLY B 563 4.10 -14.18 -29.64
C GLY B 563 3.70 -14.23 -28.18
N ARG B 564 2.40 -14.19 -27.90
CA ARG B 564 1.94 -14.10 -26.52
C ARG B 564 0.58 -14.77 -26.38
N ASP B 565 0.41 -15.51 -25.29
CA ASP B 565 -0.91 -15.95 -24.85
C ASP B 565 -1.49 -14.86 -23.94
N ILE B 566 -2.62 -15.12 -23.29
CA ILE B 566 -3.16 -14.12 -22.40
C ILE B 566 -2.59 -14.29 -21.00
N ALA B 567 -1.32 -13.91 -20.84
CA ALA B 567 -0.72 -13.75 -19.53
C ALA B 567 0.32 -12.64 -19.49
N ASP B 568 0.52 -11.90 -20.59
CA ASP B 568 1.69 -11.05 -20.78
C ASP B 568 2.97 -11.85 -20.58
N THR B 569 2.97 -13.09 -21.09
CA THR B 569 4.12 -13.98 -21.02
C THR B 569 4.47 -14.45 -22.42
N THR B 570 5.77 -14.56 -22.69
CA THR B 570 6.23 -14.97 -24.01
C THR B 570 5.79 -16.39 -24.32
N ASP B 571 5.32 -16.60 -25.55
CA ASP B 571 4.85 -17.91 -26.01
C ASP B 571 5.63 -18.42 -27.21
N ALA B 572 5.95 -17.55 -28.17
CA ALA B 572 6.73 -17.93 -29.35
C ALA B 572 7.81 -16.90 -29.58
N VAL B 573 8.99 -17.36 -29.96
CA VAL B 573 10.15 -16.50 -30.18
C VAL B 573 10.77 -16.85 -31.52
N ARG B 574 11.47 -15.88 -32.11
CA ARG B 574 12.15 -16.06 -33.39
C ARG B 574 13.66 -16.00 -33.18
N ASP B 575 14.38 -16.94 -33.79
CA ASP B 575 15.82 -17.01 -33.59
C ASP B 575 16.49 -15.78 -34.18
N PRO B 576 17.51 -15.23 -33.51
CA PRO B 576 18.23 -14.09 -34.08
C PRO B 576 19.07 -14.44 -35.30
N GLN B 577 19.88 -15.48 -35.21
CA GLN B 577 20.82 -15.79 -36.29
C GLN B 577 20.07 -16.34 -37.50
N THR B 578 19.43 -17.49 -37.36
CA THR B 578 18.57 -17.99 -38.43
C THR B 578 17.17 -17.42 -38.27
N LEU B 579 16.42 -17.41 -39.37
CA LEU B 579 15.08 -16.82 -39.40
C LEU B 579 14.06 -17.95 -39.45
N GLU B 580 13.68 -18.43 -38.27
CA GLU B 580 12.68 -19.48 -38.15
C GLU B 580 12.02 -19.35 -36.78
N ILE B 581 10.75 -19.69 -36.71
CA ILE B 581 9.93 -19.45 -35.53
C ILE B 581 9.94 -20.68 -34.63
N LEU B 582 10.31 -20.48 -33.37
CA LEU B 582 10.31 -21.53 -32.36
C LEU B 582 9.04 -21.46 -31.51
N ASP B 583 8.86 -22.49 -30.69
CA ASP B 583 7.73 -22.56 -29.77
C ASP B 583 8.25 -22.93 -28.38
N ILE B 584 7.66 -22.31 -27.36
CA ILE B 584 8.10 -22.46 -25.98
C ILE B 584 6.97 -23.10 -25.18
N THR B 585 7.29 -24.19 -24.48
CA THR B 585 6.34 -24.90 -23.63
C THR B 585 7.02 -25.18 -22.29
N PRO B 586 6.33 -24.97 -21.17
CA PRO B 586 6.97 -25.20 -19.86
C PRO B 586 7.33 -26.67 -19.63
N CYS B 587 7.94 -26.95 -18.48
CA CYS B 587 8.44 -28.28 -18.17
C CYS B 587 7.27 -29.18 -17.76
N SER B 588 7.59 -30.37 -17.29
CA SER B 588 6.59 -31.31 -16.79
C SER B 588 6.51 -31.19 -15.27
N PHE B 589 5.27 -31.16 -14.76
CA PHE B 589 5.05 -30.98 -13.33
C PHE B 589 3.67 -31.52 -12.97
N GLY B 590 3.44 -31.65 -11.67
CA GLY B 590 2.17 -32.13 -11.17
C GLY B 590 2.23 -32.48 -9.70
N GLY B 591 1.10 -32.37 -9.01
CA GLY B 591 1.08 -32.66 -7.59
C GLY B 591 1.33 -34.13 -7.30
N VAL B 592 1.99 -34.39 -6.18
CA VAL B 592 2.29 -35.74 -5.72
C VAL B 592 1.65 -35.95 -4.36
N SER B 593 0.93 -37.06 -4.21
CA SER B 593 0.22 -37.38 -2.99
C SER B 593 0.76 -38.68 -2.39
N VAL B 594 0.74 -38.75 -1.07
CA VAL B 594 1.27 -39.90 -0.33
C VAL B 594 0.12 -40.59 0.38
N ILE B 595 -0.05 -41.88 0.10
CA ILE B 595 -1.07 -42.69 0.74
C ILE B 595 -0.39 -43.61 1.75
N THR B 596 -0.81 -43.53 3.01
CA THR B 596 -0.19 -44.34 4.06
C THR B 596 -1.23 -44.79 5.07
N PRO B 597 -1.11 -46.02 5.58
CA PRO B 597 -1.93 -46.42 6.72
C PRO B 597 -1.42 -45.78 8.00
N GLY B 598 -2.03 -46.12 9.13
CA GLY B 598 -1.58 -45.58 10.40
C GLY B 598 -0.13 -45.90 10.68
N THR B 599 0.66 -44.87 10.99
CA THR B 599 2.08 -45.09 11.28
C THR B 599 2.29 -45.95 12.52
N ASN B 600 1.29 -46.07 13.38
CA ASN B 600 1.37 -46.97 14.52
C ASN B 600 1.19 -48.43 14.09
N THR B 601 0.60 -48.68 12.91
CA THR B 601 0.36 -50.03 12.45
C THR B 601 1.47 -50.53 11.53
N SER B 602 1.71 -49.82 10.43
CA SER B 602 2.70 -50.26 9.45
C SER B 602 3.67 -49.15 9.11
N ASN B 603 4.53 -49.37 8.11
CA ASN B 603 5.54 -48.38 7.76
C ASN B 603 5.70 -48.22 6.25
N GLN B 604 4.74 -48.68 5.45
CA GLN B 604 4.80 -48.59 4.00
C GLN B 604 3.84 -47.52 3.49
N VAL B 605 4.21 -46.88 2.39
CA VAL B 605 3.43 -45.82 1.79
C VAL B 605 3.28 -46.09 0.30
N ALA B 606 2.29 -45.42 -0.30
CA ALA B 606 2.03 -45.49 -1.73
C ALA B 606 1.99 -44.08 -2.29
N VAL B 607 2.72 -43.85 -3.38
CA VAL B 607 2.87 -42.52 -3.97
C VAL B 607 1.95 -42.41 -5.17
N LEU B 608 1.14 -41.35 -5.22
CA LEU B 608 0.22 -41.08 -6.31
C LEU B 608 0.66 -39.81 -7.03
N TYR B 609 0.83 -39.90 -8.34
CA TYR B 609 1.14 -38.74 -9.18
C TYR B 609 -0.15 -38.27 -9.83
N GLN B 610 -0.49 -37.00 -9.61
CA GLN B 610 -1.80 -36.46 -10.00
C GLN B 610 -1.75 -35.94 -11.43
N GLY B 611 -2.65 -36.45 -12.27
CA GLY B 611 -2.82 -35.93 -13.62
C GLY B 611 -1.63 -36.13 -14.53
N VAL B 612 -0.93 -37.25 -14.39
CA VAL B 612 0.21 -37.59 -15.24
C VAL B 612 0.04 -39.03 -15.70
N ASN B 613 0.26 -39.26 -17.00
CA ASN B 613 0.20 -40.61 -17.53
C ASN B 613 1.36 -41.45 -16.99
N CYS B 614 1.14 -42.76 -16.92
CA CYS B 614 2.13 -43.65 -16.32
C CYS B 614 3.37 -43.82 -17.19
N THR B 615 3.30 -43.47 -18.47
CA THR B 615 4.46 -43.60 -19.36
C THR B 615 5.45 -42.47 -19.19
N GLU B 616 5.10 -41.41 -18.49
CA GLU B 616 5.98 -40.26 -18.30
C GLU B 616 6.94 -40.50 -17.13
N VAL B 617 7.56 -39.43 -16.64
CA VAL B 617 8.55 -39.44 -15.57
C VAL B 617 8.15 -40.37 -14.41
N PRO B 618 6.85 -40.51 -14.06
CA PRO B 618 6.45 -41.54 -13.09
C PRO B 618 7.06 -42.92 -13.33
N VAL B 619 7.49 -43.22 -14.56
CA VAL B 619 8.24 -44.44 -14.83
C VAL B 619 9.66 -44.14 -15.29
N ALA B 620 9.97 -42.91 -15.69
CA ALA B 620 11.28 -42.53 -16.19
C ALA B 620 12.09 -41.74 -15.17
N ILE B 621 12.01 -42.13 -13.89
CA ILE B 621 12.74 -41.42 -12.85
C ILE B 621 14.24 -41.52 -13.09
N HIS B 622 14.92 -40.39 -12.97
CA HIS B 622 16.37 -40.34 -13.14
C HIS B 622 16.98 -39.48 -12.04
N ALA B 623 18.22 -39.80 -11.69
CA ALA B 623 18.94 -39.04 -10.69
C ALA B 623 19.42 -37.71 -11.25
N ASP B 624 19.50 -36.71 -10.38
CA ASP B 624 19.89 -35.35 -10.75
C ASP B 624 18.98 -34.77 -11.82
N GLN B 625 17.71 -35.18 -11.82
CA GLN B 625 16.74 -34.71 -12.81
C GLN B 625 15.42 -34.26 -12.21
N LEU B 626 15.11 -34.61 -10.96
CA LEU B 626 13.84 -34.27 -10.33
C LEU B 626 14.09 -33.50 -9.05
N THR B 627 13.21 -32.54 -8.77
CA THR B 627 13.33 -31.77 -7.53
C THR B 627 13.21 -32.64 -6.27
N PRO B 628 12.23 -33.55 -6.14
CA PRO B 628 12.20 -34.40 -4.96
C PRO B 628 13.45 -35.26 -4.85
N THR B 629 14.03 -35.29 -3.66
CA THR B 629 15.26 -36.05 -3.45
C THR B 629 14.99 -37.55 -3.45
N TRP B 630 13.85 -37.97 -2.89
CA TRP B 630 13.56 -39.39 -2.80
C TRP B 630 13.17 -39.95 -4.18
N ARG B 631 13.91 -40.98 -4.60
CA ARG B 631 13.60 -41.67 -5.85
C ARG B 631 13.81 -43.17 -5.76
N VAL B 632 13.96 -43.72 -4.55
CA VAL B 632 14.31 -45.13 -4.39
C VAL B 632 13.21 -46.06 -4.90
N TYR B 633 11.96 -45.58 -4.94
CA TYR B 633 10.86 -46.44 -5.38
C TYR B 633 11.02 -46.81 -6.85
N SER B 634 11.45 -45.86 -7.69
CA SER B 634 11.67 -46.11 -9.11
C SER B 634 10.41 -46.67 -9.76
N THR B 635 10.53 -47.87 -10.34
CA THR B 635 9.38 -48.56 -10.92
C THR B 635 8.99 -49.79 -10.11
N GLY B 636 9.92 -50.74 -9.94
CA GLY B 636 9.71 -51.93 -9.12
C GLY B 636 8.41 -52.66 -9.34
N SER B 637 7.87 -52.59 -10.57
CA SER B 637 6.57 -53.16 -10.89
C SER B 637 5.48 -52.61 -9.99
N ASN B 638 4.32 -53.27 -9.97
CA ASN B 638 3.17 -52.85 -9.17
C ASN B 638 2.77 -51.41 -9.49
N VAL B 639 2.81 -51.06 -10.77
CA VAL B 639 2.45 -49.73 -11.24
C VAL B 639 1.13 -49.85 -11.98
N PHE B 640 0.10 -49.16 -11.47
CA PHE B 640 -1.24 -49.22 -12.03
C PHE B 640 -1.66 -47.82 -12.46
N GLN B 641 -2.40 -47.76 -13.57
CA GLN B 641 -2.85 -46.50 -14.14
C GLN B 641 -4.33 -46.29 -13.82
N THR B 642 -4.65 -45.15 -13.23
CA THR B 642 -6.02 -44.78 -12.91
C THR B 642 -6.46 -43.61 -13.79
N ARG B 643 -7.75 -43.26 -13.67
CA ARG B 643 -8.26 -42.10 -14.37
C ARG B 643 -7.80 -40.80 -13.72
N ALA B 644 -7.39 -40.84 -12.45
CA ALA B 644 -6.95 -39.66 -11.72
C ALA B 644 -5.43 -39.50 -11.71
N GLY B 645 -4.68 -40.52 -12.09
CA GLY B 645 -3.24 -40.42 -12.12
C GLY B 645 -2.60 -41.80 -12.01
N CYS B 646 -1.27 -41.78 -11.94
CA CYS B 646 -0.45 -42.99 -11.87
C CYS B 646 -0.19 -43.32 -10.41
N LEU B 647 -0.51 -44.55 -10.01
CA LEU B 647 -0.32 -45.02 -8.65
C LEU B 647 0.87 -45.96 -8.59
N ILE B 648 1.76 -45.72 -7.63
CA ILE B 648 2.99 -46.49 -7.48
C ILE B 648 3.08 -46.98 -6.04
N GLY B 649 3.34 -48.28 -5.88
CA GLY B 649 3.49 -48.88 -4.57
C GLY B 649 2.34 -49.73 -4.11
N ALA B 650 1.29 -49.86 -4.90
CA ALA B 650 0.14 -50.70 -4.57
C ALA B 650 -0.24 -51.54 -5.76
N GLU B 651 -0.67 -52.78 -5.50
CA GLU B 651 -1.02 -53.71 -6.55
C GLU B 651 -2.54 -53.79 -6.71
N TYR B 652 -3.00 -53.82 -7.95
CA TYR B 652 -4.42 -53.92 -8.22
C TYR B 652 -4.92 -55.33 -7.96
N VAL B 653 -6.14 -55.43 -7.45
CA VAL B 653 -6.78 -56.71 -7.17
C VAL B 653 -8.18 -56.70 -7.78
N ASN B 654 -8.67 -57.90 -8.12
CA ASN B 654 -10.00 -58.05 -8.71
C ASN B 654 -10.97 -58.47 -7.60
N ASN B 655 -11.33 -57.51 -6.77
CA ASN B 655 -12.26 -57.75 -5.67
C ASN B 655 -13.01 -56.45 -5.38
N SER B 656 -13.74 -56.43 -4.27
CA SER B 656 -14.52 -55.26 -3.89
C SER B 656 -14.69 -55.24 -2.38
N TYR B 657 -14.48 -54.05 -1.80
CA TYR B 657 -14.67 -53.83 -0.38
C TYR B 657 -15.26 -52.43 -0.19
N GLU B 658 -15.31 -51.98 1.06
CA GLU B 658 -15.65 -50.60 1.34
C GLU B 658 -14.45 -49.69 1.07
N CYS B 659 -14.71 -48.40 0.97
CA CYS B 659 -13.66 -47.42 0.67
C CYS B 659 -13.01 -46.97 1.97
N ASP B 660 -11.71 -47.24 2.10
CA ASP B 660 -10.94 -46.86 3.28
C ASP B 660 -10.19 -45.54 3.08
N ILE B 661 -9.35 -45.48 2.05
CA ILE B 661 -8.63 -44.26 1.70
C ILE B 661 -8.98 -43.91 0.26
N PRO B 662 -9.99 -43.06 0.04
CA PRO B 662 -10.41 -42.77 -1.33
C PRO B 662 -9.30 -42.10 -2.14
N ILE B 663 -9.22 -42.46 -3.41
CA ILE B 663 -8.25 -41.90 -4.34
C ILE B 663 -8.93 -41.00 -5.38
N GLY B 664 -10.01 -41.48 -5.96
CA GLY B 664 -10.76 -40.73 -6.96
C GLY B 664 -11.16 -41.62 -8.12
N ALA B 665 -12.29 -41.27 -8.74
CA ALA B 665 -12.83 -42.00 -9.89
C ALA B 665 -13.09 -43.47 -9.56
N GLY B 666 -13.51 -43.74 -8.33
CA GLY B 666 -13.91 -45.08 -7.95
C GLY B 666 -12.81 -46.02 -7.55
N ILE B 667 -11.64 -45.51 -7.14
CA ILE B 667 -10.52 -46.34 -6.73
C ILE B 667 -10.23 -46.05 -5.26
N CYS B 668 -10.14 -47.11 -4.46
CA CYS B 668 -9.84 -46.99 -3.04
C CYS B 668 -8.67 -47.90 -2.70
N ALA B 669 -7.90 -47.51 -1.68
CA ALA B 669 -6.74 -48.26 -1.25
C ALA B 669 -6.82 -48.49 0.25
N SER B 670 -6.32 -49.66 0.68
CA SER B 670 -6.35 -50.01 2.09
C SER B 670 -5.19 -50.95 2.41
N TYR B 671 -4.86 -51.04 3.69
CA TYR B 671 -3.78 -51.89 4.17
C TYR B 671 -4.41 -53.17 4.72
N GLN B 672 -4.27 -54.25 3.96
CA GLN B 672 -4.86 -55.54 4.33
C GLN B 672 -3.87 -56.64 4.00
N THR B 673 -4.35 -57.88 4.01
CA THR B 673 -3.51 -59.04 3.72
C THR B 673 -3.33 -59.17 2.21
N GLN B 674 -2.78 -60.30 1.78
CA GLN B 674 -2.51 -60.55 0.37
C GLN B 674 -3.79 -60.60 -0.46
N SER B 686 4.60 -59.88 4.41
CA SER B 686 3.32 -60.57 4.41
C SER B 686 2.19 -59.63 4.01
N GLN B 687 1.99 -58.59 4.81
CA GLN B 687 0.92 -57.62 4.55
C GLN B 687 1.40 -56.59 3.52
N SER B 688 0.55 -56.30 2.55
CA SER B 688 0.88 -55.33 1.50
C SER B 688 -0.21 -54.27 1.39
N ILE B 689 -0.11 -53.42 0.36
CA ILE B 689 -1.08 -52.37 0.11
C ILE B 689 -1.73 -52.65 -1.24
N ILE B 690 -3.06 -52.70 -1.25
CA ILE B 690 -3.82 -53.01 -2.45
C ILE B 690 -4.71 -51.83 -2.81
N ALA B 691 -5.09 -51.75 -4.08
CA ALA B 691 -5.92 -50.68 -4.62
C ALA B 691 -7.05 -51.33 -5.41
N TYR B 692 -8.17 -51.59 -4.75
CA TYR B 692 -9.31 -52.22 -5.37
C TYR B 692 -10.25 -51.17 -5.94
N THR B 693 -11.45 -51.59 -6.33
CA THR B 693 -12.49 -50.70 -6.84
C THR B 693 -13.63 -50.64 -5.85
N MET B 694 -14.17 -49.44 -5.63
CA MET B 694 -15.20 -49.25 -4.63
C MET B 694 -16.44 -50.08 -4.95
N SER B 695 -17.06 -50.61 -3.90
CA SER B 695 -18.29 -51.40 -4.03
C SER B 695 -19.44 -50.63 -3.42
N LEU B 696 -20.54 -50.52 -4.17
CA LEU B 696 -21.71 -49.80 -3.69
C LEU B 696 -22.50 -50.61 -2.67
N GLY B 697 -22.46 -51.92 -2.73
CA GLY B 697 -23.20 -52.75 -1.79
C GLY B 697 -23.34 -54.16 -2.32
N ALA B 698 -24.15 -54.94 -1.62
CA ALA B 698 -24.41 -56.34 -1.96
C ALA B 698 -25.67 -56.44 -2.80
N GLU B 699 -25.58 -57.16 -3.91
CA GLU B 699 -26.72 -57.33 -4.79
C GLU B 699 -27.83 -58.11 -4.08
N ASN B 700 -29.07 -57.67 -4.27
CA ASN B 700 -30.21 -58.30 -3.63
C ASN B 700 -31.43 -58.11 -4.52
N SER B 701 -31.82 -59.18 -5.21
CA SER B 701 -33.00 -59.13 -6.06
C SER B 701 -34.27 -59.09 -5.20
N VAL B 702 -35.35 -58.62 -5.81
CA VAL B 702 -36.64 -58.53 -5.14
C VAL B 702 -37.65 -59.40 -5.88
N ALA B 703 -38.67 -59.83 -5.15
CA ALA B 703 -39.73 -60.68 -5.68
C ALA B 703 -41.00 -59.86 -5.84
N TYR B 704 -41.59 -59.90 -7.03
CA TYR B 704 -42.81 -59.15 -7.32
C TYR B 704 -43.81 -60.07 -8.00
N SER B 705 -45.06 -60.01 -7.54
CA SER B 705 -46.13 -60.80 -8.13
C SER B 705 -47.43 -60.03 -8.00
N ASN B 706 -48.27 -60.11 -9.03
CA ASN B 706 -49.50 -59.33 -9.07
C ASN B 706 -50.57 -59.82 -8.10
N ASN B 707 -50.37 -60.97 -7.45
CA ASN B 707 -51.34 -61.48 -6.49
C ASN B 707 -50.64 -62.02 -5.26
N SER B 708 -49.60 -61.31 -4.80
CA SER B 708 -48.85 -61.72 -3.62
C SER B 708 -48.53 -60.50 -2.77
N ILE B 709 -48.67 -60.66 -1.45
CA ILE B 709 -48.35 -59.59 -0.49
C ILE B 709 -47.59 -60.21 0.67
N ALA B 710 -46.89 -59.35 1.41
CA ALA B 710 -46.11 -59.76 2.57
C ALA B 710 -46.56 -58.95 3.79
N ILE B 711 -46.70 -59.63 4.92
CA ILE B 711 -47.17 -58.99 6.15
C ILE B 711 -46.30 -59.44 7.32
N PRO B 712 -45.73 -58.51 8.09
CA PRO B 712 -44.92 -58.93 9.25
C PRO B 712 -45.79 -59.52 10.35
N THR B 713 -45.16 -60.38 11.16
CA THR B 713 -45.84 -61.03 12.27
C THR B 713 -45.26 -60.66 13.62
N ASN B 714 -44.20 -59.86 13.66
CA ASN B 714 -43.56 -59.47 14.92
C ASN B 714 -42.93 -58.10 14.72
N PHE B 715 -42.30 -57.59 15.79
CA PHE B 715 -41.72 -56.26 15.75
C PHE B 715 -40.47 -56.23 16.63
N THR B 716 -39.77 -55.09 16.60
CA THR B 716 -38.58 -54.88 17.40
C THR B 716 -38.50 -53.41 17.79
N ILE B 717 -38.00 -53.15 18.99
CA ILE B 717 -37.81 -51.79 19.50
C ILE B 717 -36.32 -51.48 19.47
N SER B 718 -35.95 -50.38 18.82
CA SER B 718 -34.56 -49.99 18.69
C SER B 718 -34.39 -48.52 19.07
N VAL B 719 -33.21 -48.20 19.58
CA VAL B 719 -32.89 -46.84 20.01
C VAL B 719 -31.58 -46.42 19.34
N THR B 720 -31.60 -45.26 18.67
CA THR B 720 -30.44 -44.71 18.01
C THR B 720 -30.08 -43.36 18.62
N THR B 721 -28.93 -42.83 18.22
CA THR B 721 -28.43 -41.58 18.77
C THR B 721 -28.19 -40.59 17.65
N GLU B 722 -28.08 -39.31 18.02
CA GLU B 722 -27.90 -38.24 17.06
C GLU B 722 -27.27 -37.06 17.77
N ILE B 723 -26.12 -36.59 17.27
CA ILE B 723 -25.33 -35.54 17.89
C ILE B 723 -25.34 -34.31 17.00
N LEU B 724 -25.68 -33.16 17.58
CA LEU B 724 -25.75 -31.91 16.84
C LEU B 724 -25.09 -30.78 17.62
N PRO B 725 -24.13 -30.08 17.03
CA PRO B 725 -23.55 -28.91 17.69
C PRO B 725 -24.57 -27.79 17.81
N VAL B 726 -24.41 -26.98 18.86
CA VAL B 726 -25.36 -25.89 19.13
C VAL B 726 -24.64 -24.56 19.21
N SER B 727 -23.38 -24.57 19.62
CA SER B 727 -22.63 -23.33 19.81
C SER B 727 -21.14 -23.62 19.78
N MET B 728 -20.36 -22.55 19.70
CA MET B 728 -18.90 -22.65 19.74
C MET B 728 -18.32 -21.69 20.78
N THR B 729 -17.01 -21.57 20.82
CA THR B 729 -16.35 -20.77 21.84
C THR B 729 -16.37 -19.29 21.48
N LYS B 730 -16.57 -18.45 22.50
CA LYS B 730 -16.55 -17.00 22.34
C LYS B 730 -15.12 -16.48 22.52
N THR B 731 -14.84 -15.34 21.91
CA THR B 731 -13.48 -14.79 21.93
C THR B 731 -13.54 -13.29 21.72
N SER B 732 -12.42 -12.63 22.01
CA SER B 732 -12.26 -11.20 21.80
C SER B 732 -10.80 -10.91 21.52
N VAL B 733 -10.54 -9.77 20.88
CA VAL B 733 -9.20 -9.40 20.45
C VAL B 733 -8.93 -7.95 20.84
N ASP B 734 -7.65 -7.64 21.03
CA ASP B 734 -7.18 -6.28 21.30
C ASP B 734 -6.11 -5.93 20.27
N CYS B 735 -6.43 -4.98 19.39
CA CYS B 735 -5.48 -4.59 18.34
C CYS B 735 -4.22 -3.98 18.92
N THR B 736 -4.37 -3.09 19.90
CA THR B 736 -3.22 -2.31 20.35
C THR B 736 -2.11 -3.20 20.91
N MET B 737 -2.47 -4.22 21.69
CA MET B 737 -1.46 -5.10 22.26
C MET B 737 -0.95 -6.11 21.23
N TYR B 738 -1.83 -6.64 20.38
CA TYR B 738 -1.41 -7.69 19.44
C TYR B 738 -0.52 -7.12 18.35
N ILE B 739 -0.94 -6.03 17.71
CA ILE B 739 -0.17 -5.47 16.61
C ILE B 739 1.10 -4.80 17.13
N CYS B 740 1.00 -4.05 18.23
CA CYS B 740 2.10 -3.26 18.75
C CYS B 740 2.49 -3.78 20.13
N GLY B 741 3.78 -4.01 20.33
CA GLY B 741 4.27 -4.43 21.63
C GLY B 741 4.39 -3.28 22.60
N ASP B 742 3.25 -2.78 23.08
CA ASP B 742 3.14 -1.65 24.01
C ASP B 742 4.11 -0.53 23.68
N SER B 743 4.24 -0.19 22.40
CA SER B 743 5.11 0.88 21.95
C SER B 743 4.28 2.10 21.55
N THR B 744 4.70 3.28 22.02
CA THR B 744 3.96 4.50 21.75
C THR B 744 4.00 4.87 20.27
N GLU B 745 5.17 4.72 19.64
CA GLU B 745 5.29 5.08 18.23
C GLU B 745 4.41 4.19 17.36
N CYS B 746 4.36 2.90 17.67
CA CYS B 746 3.51 1.99 16.90
C CYS B 746 2.04 2.36 17.02
N SER B 747 1.59 2.73 18.22
CA SER B 747 0.21 3.18 18.39
C SER B 747 -0.04 4.47 17.63
N ASN B 748 0.92 5.40 17.67
CA ASN B 748 0.75 6.66 16.95
C ASN B 748 0.62 6.43 15.45
N LEU B 749 1.40 5.50 14.91
CA LEU B 749 1.25 5.16 13.50
C LEU B 749 -0.01 4.34 13.22
N LEU B 750 -0.51 3.62 14.22
CA LEU B 750 -1.72 2.83 14.03
C LEU B 750 -2.98 3.67 14.00
N LEU B 751 -3.02 4.76 14.78
CA LEU B 751 -4.16 5.67 14.71
C LEU B 751 -4.37 6.26 13.32
N GLN B 752 -3.34 6.28 12.47
CA GLN B 752 -3.48 6.86 11.14
C GLN B 752 -4.37 6.03 10.22
N TYR B 753 -4.69 4.79 10.58
CA TYR B 753 -5.49 3.93 9.71
C TYR B 753 -6.98 4.07 9.92
N GLY B 754 -7.41 4.79 10.94
CA GLY B 754 -8.84 5.05 11.14
C GLY B 754 -9.50 3.98 11.99
N SER B 755 -10.56 3.37 11.46
CA SER B 755 -11.45 2.48 12.21
C SER B 755 -11.33 1.03 11.76
N PHE B 756 -10.11 0.54 11.51
CA PHE B 756 -9.93 -0.85 11.10
C PHE B 756 -10.14 -1.84 12.24
N CYS B 757 -10.26 -1.37 13.49
CA CYS B 757 -10.55 -2.24 14.61
C CYS B 757 -11.88 -2.00 15.27
N THR B 758 -12.47 -0.81 15.10
CA THR B 758 -13.84 -0.62 15.56
C THR B 758 -14.80 -1.56 14.84
N GLN B 759 -14.51 -1.87 13.57
CA GLN B 759 -15.27 -2.88 12.85
C GLN B 759 -14.89 -4.27 13.31
N LEU B 760 -13.60 -4.51 13.56
CA LEU B 760 -13.15 -5.84 13.98
C LEU B 760 -13.62 -6.17 15.39
N LYS B 761 -13.70 -5.17 16.27
CA LYS B 761 -14.11 -5.40 17.64
C LYS B 761 -15.62 -5.56 17.79
N ARG B 762 -16.38 -5.29 16.74
CA ARG B 762 -17.84 -5.38 16.79
C ARG B 762 -18.35 -6.73 16.29
N ALA B 763 -17.69 -7.29 15.27
CA ALA B 763 -18.10 -8.59 14.75
C ALA B 763 -17.97 -9.67 15.81
N LEU B 764 -16.90 -9.63 16.60
CA LEU B 764 -16.71 -10.64 17.64
C LEU B 764 -17.77 -10.54 18.72
N THR B 765 -18.14 -9.31 19.11
CA THR B 765 -19.23 -9.15 20.07
C THR B 765 -20.55 -9.65 19.51
N GLY B 766 -20.80 -9.39 18.22
CA GLY B 766 -22.00 -9.92 17.59
C GLY B 766 -22.02 -11.45 17.61
N ILE B 767 -20.87 -12.06 17.31
CA ILE B 767 -20.76 -13.52 17.33
C ILE B 767 -21.00 -14.05 18.74
N ALA B 768 -20.45 -13.37 19.76
CA ALA B 768 -20.65 -13.81 21.14
C ALA B 768 -22.11 -13.73 21.54
N VAL B 769 -22.79 -12.64 21.18
CA VAL B 769 -24.22 -12.50 21.48
C VAL B 769 -25.01 -13.59 20.77
N GLU B 770 -24.68 -13.86 19.51
CA GLU B 770 -25.37 -14.91 18.78
C GLU B 770 -25.17 -16.27 19.43
N GLN B 771 -23.94 -16.55 19.90
CA GLN B 771 -23.68 -17.82 20.58
C GLN B 771 -24.47 -17.92 21.87
N ASP B 772 -24.57 -16.82 22.63
CA ASP B 772 -25.37 -16.83 23.84
C ASP B 772 -26.84 -17.06 23.55
N LYS B 773 -27.33 -16.52 22.44
CA LYS B 773 -28.73 -16.73 22.08
C LYS B 773 -29.00 -18.14 21.57
N ASN B 774 -28.00 -18.74 20.92
CA ASN B 774 -28.20 -20.06 20.31
C ASN B 774 -28.52 -21.12 21.37
N THR B 775 -27.77 -21.12 22.47
CA THR B 775 -28.00 -22.12 23.51
C THR B 775 -29.33 -21.90 24.23
N GLN B 776 -29.81 -20.66 24.27
CA GLN B 776 -31.10 -20.38 24.91
C GLN B 776 -32.28 -20.72 24.01
N GLU B 777 -32.12 -20.58 22.68
CA GLU B 777 -33.23 -20.89 21.78
C GLU B 777 -33.55 -22.38 21.74
N VAL B 778 -32.64 -23.24 22.18
CA VAL B 778 -32.84 -24.68 22.08
C VAL B 778 -33.40 -25.25 23.38
N PHE B 779 -32.79 -24.91 24.52
CA PHE B 779 -33.13 -25.54 25.79
C PHE B 779 -34.24 -24.81 26.52
N ALA B 780 -34.22 -23.47 26.52
CA ALA B 780 -35.21 -22.68 27.25
C ALA B 780 -36.53 -22.69 26.47
N GLN B 781 -37.28 -23.77 26.66
CA GLN B 781 -38.56 -23.94 25.98
C GLN B 781 -39.70 -24.26 26.95
N VAL B 782 -39.46 -24.22 28.25
CA VAL B 782 -40.46 -24.55 29.26
C VAL B 782 -40.62 -23.36 30.20
N LYS B 783 -41.88 -23.06 30.55
CA LYS B 783 -42.16 -21.94 31.43
C LYS B 783 -41.63 -22.20 32.85
N GLN B 784 -41.84 -23.41 33.36
CA GLN B 784 -41.48 -23.76 34.73
C GLN B 784 -40.51 -24.93 34.72
N ILE B 785 -40.09 -25.34 35.92
CA ILE B 785 -39.19 -26.47 36.11
C ILE B 785 -39.94 -27.55 36.87
N TYR B 786 -40.05 -28.73 36.28
CA TYR B 786 -40.76 -29.84 36.89
C TYR B 786 -39.78 -30.80 37.57
N LYS B 787 -40.34 -31.68 38.40
CA LYS B 787 -39.54 -32.67 39.10
C LYS B 787 -40.25 -34.02 39.02
N THR B 788 -39.44 -35.08 38.97
CA THR B 788 -39.99 -36.42 38.91
C THR B 788 -40.62 -36.80 40.25
N PRO B 789 -41.67 -37.63 40.22
CA PRO B 789 -42.26 -38.09 41.49
C PRO B 789 -41.28 -38.94 42.26
N PRO B 790 -41.36 -38.95 43.59
CA PRO B 790 -40.44 -39.77 44.39
C PRO B 790 -40.54 -41.26 44.09
N ILE B 791 -41.73 -41.75 43.76
CA ILE B 791 -41.92 -43.15 43.39
C ILE B 791 -41.68 -43.27 41.89
N LYS B 792 -40.70 -44.08 41.51
CA LYS B 792 -40.29 -44.24 40.11
C LYS B 792 -40.64 -45.66 39.66
N TYR B 793 -41.87 -45.82 39.17
CA TYR B 793 -42.30 -47.10 38.61
C TYR B 793 -43.32 -46.81 37.52
N PHE B 794 -42.96 -47.07 36.27
CA PHE B 794 -43.78 -46.74 35.12
C PHE B 794 -44.22 -47.99 34.37
N GLY B 795 -44.61 -49.03 35.09
CA GLY B 795 -45.14 -50.22 34.47
C GLY B 795 -44.13 -51.10 33.77
N GLY B 796 -42.87 -51.07 34.22
CA GLY B 796 -41.83 -51.93 33.69
C GLY B 796 -40.73 -51.23 32.95
N PHE B 797 -40.93 -49.98 32.55
CA PHE B 797 -39.90 -49.23 31.84
C PHE B 797 -38.93 -48.60 32.83
N ASN B 798 -37.64 -48.85 32.65
CA ASN B 798 -36.59 -48.36 33.53
C ASN B 798 -35.96 -47.12 32.90
N PHE B 799 -36.13 -45.97 33.55
CA PHE B 799 -35.61 -44.70 33.07
C PHE B 799 -34.43 -44.20 33.92
N SER B 800 -33.75 -45.11 34.62
CA SER B 800 -32.67 -44.68 35.51
C SER B 800 -31.47 -44.17 34.73
N GLN B 801 -31.24 -44.68 33.51
CA GLN B 801 -30.05 -44.29 32.75
C GLN B 801 -30.15 -42.88 32.19
N ILE B 802 -31.31 -42.24 32.23
CA ILE B 802 -31.46 -40.90 31.72
C ILE B 802 -31.90 -39.88 32.76
N LEU B 803 -32.53 -40.32 33.86
CA LEU B 803 -32.90 -39.39 34.92
C LEU B 803 -31.67 -38.99 35.73
N PRO B 804 -31.70 -37.81 36.34
CA PRO B 804 -30.53 -37.36 37.11
C PRO B 804 -30.26 -38.25 38.30
N ASP B 805 -28.97 -38.35 38.66
CA ASP B 805 -28.55 -39.14 39.80
C ASP B 805 -28.20 -38.21 40.95
N PRO B 806 -28.97 -38.21 42.05
CA PRO B 806 -28.68 -37.26 43.13
C PRO B 806 -27.43 -37.59 43.93
N SER B 807 -26.93 -38.83 43.86
CA SER B 807 -25.74 -39.19 44.62
C SER B 807 -24.52 -38.42 44.16
N LYS B 808 -24.38 -38.22 42.86
CA LYS B 808 -23.23 -37.52 42.32
C LYS B 808 -23.27 -36.04 42.70
N PRO B 809 -22.11 -35.38 42.79
CA PRO B 809 -22.11 -33.95 43.15
C PRO B 809 -22.91 -33.08 42.20
N SER B 810 -22.91 -33.41 40.91
CA SER B 810 -23.68 -32.70 39.91
C SER B 810 -24.84 -33.57 39.47
N LYS B 811 -26.02 -32.97 39.37
CA LYS B 811 -27.24 -33.70 39.02
C LYS B 811 -27.21 -34.02 37.53
N ARG B 812 -26.46 -35.06 37.19
CA ARG B 812 -26.31 -35.50 35.81
C ARG B 812 -26.56 -36.99 35.72
N SER B 813 -27.25 -37.40 34.65
CA SER B 813 -27.46 -38.81 34.39
C SER B 813 -26.15 -39.48 34.00
N PRO B 814 -26.05 -40.80 34.18
CA PRO B 814 -24.80 -41.48 33.80
C PRO B 814 -24.42 -41.27 32.33
N ILE B 815 -25.41 -41.25 31.43
CA ILE B 815 -25.12 -40.98 30.03
C ILE B 815 -24.53 -39.59 29.86
N GLU B 816 -25.09 -38.60 30.57
CA GLU B 816 -24.57 -37.24 30.47
C GLU B 816 -23.14 -37.17 31.00
N ASP B 817 -22.84 -37.88 32.09
CA ASP B 817 -21.49 -37.90 32.62
C ASP B 817 -20.53 -38.55 31.63
N LEU B 818 -20.95 -39.64 30.98
CA LEU B 818 -20.11 -40.28 29.98
C LEU B 818 -19.84 -39.34 28.81
N LEU B 819 -20.87 -38.63 28.35
CA LEU B 819 -20.68 -37.67 27.27
C LEU B 819 -19.74 -36.55 27.68
N PHE B 820 -19.88 -36.06 28.91
CA PHE B 820 -19.00 -35.01 29.41
C PHE B 820 -17.56 -35.48 29.49
N ASN B 821 -17.33 -36.73 29.90
CA ASN B 821 -15.97 -37.25 30.02
C ASN B 821 -15.34 -37.56 28.67
N LYS B 822 -16.14 -37.99 27.70
CA LYS B 822 -15.58 -38.39 26.41
C LYS B 822 -15.11 -37.22 25.55
N VAL B 823 -15.44 -35.99 25.92
CA VAL B 823 -15.01 -34.81 25.18
C VAL B 823 -14.03 -34.04 26.05
N THR B 824 -12.80 -33.88 25.55
CA THR B 824 -11.73 -33.21 26.28
C THR B 824 -11.48 -31.84 25.66
N LEU B 825 -11.49 -30.80 26.48
CA LEU B 825 -11.26 -29.44 26.01
C LEU B 825 -9.76 -29.17 25.86
N LEU B 846 0.04 -25.28 28.18
CA LEU B 846 1.25 -24.63 27.73
C LEU B 846 0.94 -23.52 26.74
N ILE B 847 0.16 -23.86 25.70
CA ILE B 847 -0.19 -22.90 24.67
C ILE B 847 -1.17 -21.84 25.17
N CYS B 848 -1.96 -22.16 26.19
CA CYS B 848 -2.89 -21.17 26.73
C CYS B 848 -2.15 -20.03 27.42
N ALA B 849 -1.06 -20.34 28.12
CA ALA B 849 -0.32 -19.33 28.86
C ALA B 849 0.53 -18.44 27.97
N GLN B 850 0.69 -18.77 26.69
CA GLN B 850 1.48 -17.97 25.77
C GLN B 850 0.65 -17.00 24.96
N LYS B 851 -0.62 -16.81 25.33
CA LYS B 851 -1.53 -15.90 24.64
C LYS B 851 -1.59 -14.54 25.32
N PHE B 852 -0.46 -14.07 25.84
CA PHE B 852 -0.35 -12.73 26.40
C PHE B 852 -0.44 -11.66 25.33
N ASN B 853 -0.66 -12.08 24.08
CA ASN B 853 -0.69 -11.18 22.94
C ASN B 853 -2.07 -10.61 22.65
N GLY B 854 -2.94 -10.55 23.65
CA GLY B 854 -4.22 -9.89 23.49
C GLY B 854 -5.36 -10.77 23.03
N LEU B 855 -5.23 -12.09 23.12
CA LEU B 855 -6.30 -13.02 22.74
C LEU B 855 -6.85 -13.68 23.99
N THR B 856 -8.16 -13.62 24.17
CA THR B 856 -8.80 -14.14 25.38
C THR B 856 -10.06 -14.90 24.98
N VAL B 857 -10.54 -15.73 25.92
CA VAL B 857 -11.74 -16.53 25.73
C VAL B 857 -12.71 -16.21 26.85
N LEU B 858 -13.98 -15.94 26.49
CA LEU B 858 -15.00 -15.57 27.46
C LEU B 858 -15.85 -16.77 27.83
N PRO B 859 -16.38 -16.81 29.05
CA PRO B 859 -17.18 -17.96 29.48
C PRO B 859 -18.61 -17.85 29.00
N PRO B 860 -19.30 -18.98 28.81
CA PRO B 860 -20.70 -18.93 28.40
C PRO B 860 -21.59 -18.43 29.53
N LEU B 861 -22.75 -17.89 29.13
CA LEU B 861 -23.68 -17.34 30.11
C LEU B 861 -24.38 -18.44 30.90
N LEU B 862 -24.82 -19.51 30.24
CA LEU B 862 -25.57 -20.57 30.88
C LEU B 862 -24.60 -21.64 31.39
N THR B 863 -24.55 -21.81 32.70
CA THR B 863 -23.72 -22.85 33.30
C THR B 863 -24.29 -24.22 32.97
N ASP B 864 -23.40 -25.23 32.96
CA ASP B 864 -23.82 -26.58 32.61
C ASP B 864 -24.89 -27.12 33.55
N GLU B 865 -24.88 -26.69 34.81
CA GLU B 865 -25.90 -27.14 35.75
C GLU B 865 -27.28 -26.62 35.35
N MET B 866 -27.36 -25.40 34.84
CA MET B 866 -28.63 -24.88 34.36
C MET B 866 -29.14 -25.68 33.16
N ILE B 867 -28.24 -26.06 32.25
CA ILE B 867 -28.63 -26.88 31.11
C ILE B 867 -29.12 -28.25 31.58
N ALA B 868 -28.44 -28.82 32.57
CA ALA B 868 -28.88 -30.11 33.13
C ALA B 868 -30.25 -29.98 33.77
N GLN B 869 -30.51 -28.87 34.48
CA GLN B 869 -31.83 -28.65 35.06
C GLN B 869 -32.90 -28.54 33.98
N TYR B 870 -32.61 -27.82 32.90
CA TYR B 870 -33.56 -27.71 31.80
C TYR B 870 -33.85 -29.08 31.19
N THR B 871 -32.80 -29.88 30.97
CA THR B 871 -32.98 -31.20 30.40
C THR B 871 -33.81 -32.09 31.34
N SER B 872 -33.56 -32.02 32.64
CA SER B 872 -34.32 -32.81 33.59
C SER B 872 -35.78 -32.39 33.61
N ALA B 873 -36.05 -31.09 33.53
CA ALA B 873 -37.44 -30.62 33.47
C ALA B 873 -38.13 -31.13 32.22
N LEU B 874 -37.44 -31.07 31.08
CA LEU B 874 -38.02 -31.59 29.84
C LEU B 874 -38.31 -33.08 29.94
N LEU B 875 -37.38 -33.85 30.51
CA LEU B 875 -37.56 -35.28 30.65
C LEU B 875 -38.75 -35.61 31.56
N ALA B 876 -38.85 -34.91 32.70
CA ALA B 876 -39.97 -35.13 33.60
C ALA B 876 -41.28 -34.80 32.93
N GLY B 877 -41.33 -33.69 32.20
CA GLY B 877 -42.56 -33.32 31.51
C GLY B 877 -42.95 -34.32 30.44
N THR B 878 -41.97 -34.86 29.72
CA THR B 878 -42.29 -35.78 28.63
C THR B 878 -42.51 -37.22 29.08
N ILE B 879 -42.13 -37.58 30.29
CA ILE B 879 -42.44 -38.92 30.78
C ILE B 879 -43.63 -38.93 31.74
N THR B 880 -44.01 -37.78 32.30
CA THR B 880 -45.12 -37.74 33.26
C THR B 880 -46.42 -37.29 32.62
N SER B 881 -46.37 -36.38 31.66
CA SER B 881 -47.58 -35.77 31.11
C SER B 881 -47.73 -35.99 29.61
N GLY B 882 -47.02 -36.95 29.03
CA GLY B 882 -47.14 -37.18 27.61
C GLY B 882 -46.66 -35.99 26.80
N TRP B 883 -47.29 -35.77 25.64
CA TRP B 883 -47.00 -34.63 24.80
C TRP B 883 -47.90 -33.43 25.07
N THR B 884 -48.79 -33.54 26.06
CA THR B 884 -49.79 -32.49 26.28
C THR B 884 -49.19 -31.21 26.82
N PHE B 885 -47.96 -31.24 27.33
CA PHE B 885 -47.38 -30.05 27.94
C PHE B 885 -46.87 -29.06 26.91
N GLY B 886 -46.79 -29.45 25.63
CA GLY B 886 -46.33 -28.53 24.60
C GLY B 886 -47.35 -27.49 24.19
N ALA B 887 -48.64 -27.75 24.42
CA ALA B 887 -49.69 -26.80 24.10
C ALA B 887 -50.00 -25.87 25.26
N GLY B 888 -50.35 -26.43 26.41
CA GLY B 888 -50.63 -25.64 27.59
C GLY B 888 -49.94 -26.20 28.81
N PRO B 889 -50.70 -26.46 29.87
CA PRO B 889 -50.13 -27.05 31.08
C PRO B 889 -50.09 -28.57 31.01
N ALA B 890 -49.29 -29.14 31.91
CA ALA B 890 -49.13 -30.60 31.94
C ALA B 890 -50.44 -31.28 32.29
N LEU B 891 -50.69 -32.42 31.68
CA LEU B 891 -51.90 -33.21 31.90
C LEU B 891 -51.52 -34.62 32.32
N GLN B 892 -52.16 -35.11 33.38
CA GLN B 892 -51.84 -36.43 33.90
C GLN B 892 -52.22 -37.52 32.91
N ILE B 893 -51.38 -38.53 32.80
CA ILE B 893 -51.65 -39.71 31.97
C ILE B 893 -50.69 -40.83 32.35
N PRO B 894 -51.17 -42.07 32.51
CA PRO B 894 -50.25 -43.18 32.75
C PRO B 894 -49.39 -43.47 31.53
N PHE B 895 -48.19 -43.96 31.80
CA PHE B 895 -47.25 -44.24 30.70
C PHE B 895 -47.75 -45.32 29.75
N PRO B 896 -48.26 -46.47 30.20
CA PRO B 896 -48.78 -47.46 29.24
C PRO B 896 -49.87 -46.91 28.33
N MET B 897 -50.75 -46.05 28.85
CA MET B 897 -51.78 -45.44 28.00
C MET B 897 -51.15 -44.53 26.96
N GLN B 898 -50.11 -43.79 27.34
CA GLN B 898 -49.41 -42.95 26.38
C GLN B 898 -48.79 -43.79 25.28
N MET B 899 -48.16 -44.91 25.65
CA MET B 899 -47.57 -45.79 24.63
C MET B 899 -48.65 -46.39 23.74
N ALA B 900 -49.81 -46.72 24.31
CA ALA B 900 -50.91 -47.24 23.50
C ALA B 900 -51.37 -46.20 22.49
N TYR B 901 -51.48 -44.94 22.92
CA TYR B 901 -51.87 -43.88 21.99
C TYR B 901 -50.82 -43.70 20.89
N ARG B 902 -49.54 -43.76 21.26
CA ARG B 902 -48.49 -43.62 20.23
C ARG B 902 -48.54 -44.77 19.24
N PHE B 903 -48.80 -45.99 19.72
CA PHE B 903 -48.97 -47.12 18.80
C PHE B 903 -50.18 -46.93 17.90
N ASN B 904 -51.28 -46.43 18.45
CA ASN B 904 -52.45 -46.16 17.63
C ASN B 904 -52.16 -45.07 16.59
N GLY B 905 -51.22 -44.18 16.89
CA GLY B 905 -50.88 -43.11 15.97
C GLY B 905 -50.08 -43.54 14.75
N ILE B 906 -49.59 -44.78 14.71
CA ILE B 906 -48.82 -45.25 13.58
C ILE B 906 -49.53 -46.41 12.87
N GLY B 907 -50.85 -46.52 13.02
CA GLY B 907 -51.63 -47.51 12.30
C GLY B 907 -51.71 -48.87 12.95
N VAL B 908 -51.14 -49.06 14.14
CA VAL B 908 -51.19 -50.33 14.85
C VAL B 908 -52.24 -50.23 15.94
N THR B 909 -53.14 -51.20 16.00
CA THR B 909 -54.21 -51.19 16.99
C THR B 909 -53.63 -51.23 18.40
N GLN B 910 -54.26 -50.50 19.32
CA GLN B 910 -53.72 -50.32 20.66
C GLN B 910 -53.77 -51.58 21.50
N ASN B 911 -54.48 -52.63 21.06
CA ASN B 911 -54.48 -53.87 21.82
C ASN B 911 -53.14 -54.59 21.77
N VAL B 912 -52.31 -54.28 20.77
CA VAL B 912 -51.02 -54.95 20.64
C VAL B 912 -50.13 -54.64 21.83
N LEU B 913 -50.10 -53.38 22.27
CA LEU B 913 -49.26 -53.02 23.41
C LEU B 913 -49.76 -53.70 24.68
N TYR B 914 -51.08 -53.64 24.93
CA TYR B 914 -51.62 -54.22 26.15
C TYR B 914 -51.40 -55.73 26.20
N GLU B 915 -51.50 -56.40 25.05
CA GLU B 915 -51.28 -57.83 25.01
C GLU B 915 -49.79 -58.20 24.98
N ASN B 916 -48.90 -57.23 24.82
CA ASN B 916 -47.46 -57.50 24.77
C ASN B 916 -46.69 -56.45 25.57
N GLN B 917 -47.22 -56.08 26.74
CA GLN B 917 -46.61 -55.00 27.51
C GLN B 917 -45.26 -55.41 28.08
N LYS B 918 -45.19 -56.59 28.71
CA LYS B 918 -43.95 -57.00 29.36
C LYS B 918 -42.83 -57.22 28.36
N LEU B 919 -43.15 -57.84 27.21
CA LEU B 919 -42.13 -58.07 26.19
C LEU B 919 -41.60 -56.75 25.65
N ILE B 920 -42.49 -55.79 25.39
CA ILE B 920 -42.05 -54.49 24.88
C ILE B 920 -41.19 -53.77 25.91
N ALA B 921 -41.60 -53.83 27.17
CA ALA B 921 -40.80 -53.19 28.22
C ALA B 921 -39.41 -53.81 28.31
N ASN B 922 -39.33 -55.14 28.23
CA ASN B 922 -38.03 -55.81 28.28
C ASN B 922 -37.17 -55.44 27.07
N GLN B 923 -37.79 -55.37 25.88
CA GLN B 923 -37.05 -54.98 24.69
C GLN B 923 -36.50 -53.57 24.83
N PHE B 924 -37.32 -52.63 25.33
CA PHE B 924 -36.86 -51.26 25.51
C PHE B 924 -35.74 -51.19 26.54
N ASN B 925 -35.87 -51.93 27.64
CA ASN B 925 -34.83 -51.93 28.67
C ASN B 925 -33.52 -52.49 28.12
N SER B 926 -33.59 -53.56 27.34
CA SER B 926 -32.38 -54.12 26.75
C SER B 926 -31.76 -53.16 25.73
N ALA B 927 -32.59 -52.49 24.94
CA ALA B 927 -32.07 -51.57 23.94
C ALA B 927 -31.39 -50.37 24.58
N ILE B 928 -32.01 -49.79 25.62
CA ILE B 928 -31.44 -48.62 26.25
C ILE B 928 -30.18 -48.95 27.05
N GLY B 929 -29.95 -50.23 27.36
CA GLY B 929 -28.77 -50.62 28.10
C GLY B 929 -27.52 -50.80 27.28
N LYS B 930 -27.63 -50.70 25.95
CA LYS B 930 -26.48 -50.84 25.07
C LYS B 930 -25.94 -49.51 24.57
N ILE B 931 -26.64 -48.41 24.82
CA ILE B 931 -26.18 -47.11 24.34
C ILE B 931 -24.87 -46.72 25.01
N GLN B 932 -24.77 -46.93 26.32
CA GLN B 932 -23.56 -46.55 27.04
C GLN B 932 -22.37 -47.37 26.58
N ASP B 933 -22.55 -48.68 26.38
CA ASP B 933 -21.45 -49.52 25.91
C ASP B 933 -21.03 -49.14 24.51
N SER B 934 -21.99 -48.87 23.61
CA SER B 934 -21.65 -48.48 22.25
C SER B 934 -20.96 -47.12 22.22
N LEU B 935 -21.30 -46.22 23.15
CA LEU B 935 -20.64 -44.93 23.20
C LEU B 935 -19.22 -45.05 23.76
N SER B 936 -19.05 -45.88 24.79
CA SER B 936 -17.73 -46.02 25.40
C SER B 936 -16.76 -46.75 24.48
N SER B 937 -17.22 -47.84 23.86
CA SER B 937 -16.35 -48.62 22.97
C SER B 937 -15.94 -47.79 21.75
N THR B 938 -16.86 -47.05 21.18
CA THR B 938 -16.55 -46.23 20.02
C THR B 938 -15.71 -45.03 20.45
N PRO B 939 -14.50 -44.84 19.91
CA PRO B 939 -13.69 -43.68 20.32
C PRO B 939 -14.02 -42.40 19.57
N SER B 940 -14.68 -42.49 18.43
CA SER B 940 -15.00 -41.33 17.62
C SER B 940 -16.51 -41.12 17.48
N ALA B 941 -17.28 -41.64 18.45
CA ALA B 941 -18.73 -41.44 18.42
C ALA B 941 -19.08 -39.96 18.53
N LEU B 942 -18.42 -39.23 19.42
CA LEU B 942 -18.63 -37.80 19.56
C LEU B 942 -17.53 -37.05 18.80
N GLY B 943 -17.50 -37.28 17.49
CA GLY B 943 -16.50 -36.67 16.64
C GLY B 943 -16.92 -35.32 16.10
N LYS B 944 -18.23 -35.10 15.99
CA LYS B 944 -18.71 -33.82 15.48
C LYS B 944 -18.46 -32.68 16.47
N LEU B 945 -18.56 -32.97 17.77
CA LEU B 945 -18.33 -31.95 18.78
C LEU B 945 -16.85 -31.61 18.95
N GLN B 946 -15.97 -32.60 18.75
CA GLN B 946 -14.55 -32.36 18.93
C GLN B 946 -13.98 -31.47 17.83
N ASP B 947 -14.52 -31.58 16.61
CA ASP B 947 -14.04 -30.74 15.51
C ASP B 947 -14.32 -29.26 15.80
N VAL B 948 -15.46 -28.97 16.43
CA VAL B 948 -15.81 -27.58 16.72
C VAL B 948 -14.78 -26.96 17.64
N VAL B 949 -14.36 -27.68 18.68
CA VAL B 949 -13.39 -27.12 19.61
C VAL B 949 -11.96 -27.20 19.07
N ASN B 950 -11.69 -28.11 18.13
CA ASN B 950 -10.34 -28.16 17.54
C ASN B 950 -10.13 -27.02 16.55
N HIS B 951 -11.15 -26.70 15.76
CA HIS B 951 -11.04 -25.62 14.79
C HIS B 951 -10.94 -24.25 15.46
N ASN B 952 -11.48 -24.11 16.66
CA ASN B 952 -11.40 -22.86 17.39
C ASN B 952 -10.09 -22.68 18.15
N ALA B 953 -9.28 -23.74 18.25
CA ALA B 953 -7.95 -23.65 18.83
C ALA B 953 -6.85 -23.58 17.78
N GLN B 954 -7.02 -24.27 16.65
CA GLN B 954 -6.02 -24.20 15.59
C GLN B 954 -5.89 -22.78 15.05
N ALA B 955 -7.02 -22.08 14.89
CA ALA B 955 -6.97 -20.71 14.38
C ALA B 955 -6.20 -19.80 15.33
N LEU B 956 -6.46 -19.91 16.63
CA LEU B 956 -5.74 -19.09 17.61
C LEU B 956 -4.25 -19.44 17.63
N ASN B 957 -3.92 -20.73 17.52
CA ASN B 957 -2.51 -21.11 17.49
C ASN B 957 -1.80 -20.53 16.28
N THR B 958 -2.45 -20.59 15.12
CA THR B 958 -1.86 -20.01 13.91
C THR B 958 -1.73 -18.50 14.03
N LEU B 959 -2.73 -17.84 14.61
CA LEU B 959 -2.65 -16.40 14.80
C LEU B 959 -1.49 -16.03 15.73
N VAL B 960 -1.28 -16.80 16.79
CA VAL B 960 -0.16 -16.53 17.69
C VAL B 960 1.17 -16.75 16.97
N LYS B 961 1.28 -17.86 16.24
CA LYS B 961 2.54 -18.17 15.57
C LYS B 961 2.83 -17.24 14.39
N GLN B 962 1.83 -16.54 13.87
CA GLN B 962 2.04 -15.64 12.74
C GLN B 962 2.92 -14.44 13.11
N LEU B 963 3.09 -14.14 14.40
CA LEU B 963 3.83 -12.97 14.80
C LEU B 963 5.34 -13.11 14.60
N SER B 964 5.82 -14.29 14.22
CA SER B 964 7.24 -14.53 14.05
C SER B 964 7.71 -14.34 12.61
N SER B 965 6.88 -13.74 11.76
CA SER B 965 7.22 -13.53 10.35
C SER B 965 7.68 -12.11 10.14
N LYS B 966 8.75 -11.94 9.35
CA LYS B 966 9.32 -10.61 9.13
C LYS B 966 8.46 -9.77 8.20
N PHE B 967 7.64 -10.40 7.35
CA PHE B 967 6.85 -9.70 6.34
C PHE B 967 7.73 -8.85 5.43
N GLY B 968 8.90 -9.37 5.09
CA GLY B 968 9.83 -8.65 4.24
C GLY B 968 10.43 -7.41 4.87
N ALA B 969 10.70 -7.47 6.17
CA ALA B 969 11.32 -6.36 6.91
C ALA B 969 12.65 -6.80 7.48
N ILE B 970 13.33 -5.88 8.16
CA ILE B 970 14.62 -6.18 8.75
C ILE B 970 14.49 -7.23 9.85
N SER B 971 13.49 -7.08 10.71
CA SER B 971 13.28 -8.00 11.81
C SER B 971 11.82 -7.98 12.21
N SER B 972 11.42 -9.01 12.96
CA SER B 972 10.05 -9.14 13.43
C SER B 972 9.84 -8.58 14.83
N VAL B 973 10.88 -8.01 15.44
CA VAL B 973 10.79 -7.43 16.78
C VAL B 973 10.90 -5.92 16.64
N LEU B 974 9.91 -5.20 17.17
CA LEU B 974 9.89 -3.75 17.05
C LEU B 974 10.99 -3.09 17.86
N ASN B 975 11.41 -3.72 18.96
CA ASN B 975 12.45 -3.12 19.80
C ASN B 975 13.77 -2.99 19.06
N ASP B 976 14.17 -4.03 18.33
CA ASP B 976 15.42 -3.97 17.58
C ASP B 976 15.35 -2.93 16.47
N ILE B 977 14.21 -2.84 15.79
CA ILE B 977 14.05 -1.82 14.75
C ILE B 977 14.13 -0.42 15.36
N LEU B 978 13.52 -0.22 16.53
CA LEU B 978 13.58 1.07 17.19
C LEU B 978 15.00 1.41 17.61
N SER B 979 15.75 0.43 18.13
CA SER B 979 17.06 0.67 18.68
C SER B 979 18.19 0.53 17.65
N ARG B 980 17.87 0.26 16.39
CA ARG B 980 18.91 0.11 15.38
C ARG B 980 18.77 1.05 14.18
N LEU B 981 17.62 1.68 13.98
CA LEU B 981 17.41 2.55 12.83
C LEU B 981 16.86 3.88 13.27
N ASP B 982 17.27 4.95 12.57
CA ASP B 982 16.79 6.29 12.87
C ASP B 982 15.35 6.47 12.39
N PRO B 983 14.65 7.47 12.93
CA PRO B 983 13.21 7.63 12.63
C PRO B 983 12.87 7.62 11.14
N PRO B 984 13.53 8.43 10.30
CA PRO B 984 13.01 8.61 8.93
C PRO B 984 12.94 7.34 8.11
N GLU B 985 13.70 6.30 8.47
CA GLU B 985 13.54 4.99 7.85
C GLU B 985 12.92 3.95 8.78
N ALA B 986 13.01 4.16 10.09
CA ALA B 986 12.34 3.25 11.02
C ALA B 986 10.83 3.29 10.84
N GLU B 987 10.28 4.49 10.58
CA GLU B 987 8.85 4.58 10.30
C GLU B 987 8.45 3.78 9.07
N VAL B 988 9.30 3.75 8.04
CA VAL B 988 9.04 2.90 6.88
C VAL B 988 9.14 1.43 7.26
N GLN B 989 10.15 1.07 8.05
CA GLN B 989 10.36 -0.33 8.40
C GLN B 989 9.20 -0.89 9.21
N ILE B 990 8.71 -0.13 10.20
CA ILE B 990 7.62 -0.62 11.02
C ILE B 990 6.28 -0.53 10.31
N ASP B 991 6.19 0.25 9.24
CA ASP B 991 4.95 0.29 8.47
C ASP B 991 4.71 -1.00 7.70
N ARG B 992 5.78 -1.69 7.31
CA ARG B 992 5.64 -2.94 6.57
C ARG B 992 5.16 -4.09 7.46
N LEU B 993 5.19 -3.92 8.78
CA LEU B 993 4.69 -4.93 9.70
C LEU B 993 3.22 -4.71 10.04
N ILE B 994 2.80 -3.46 10.14
CA ILE B 994 1.43 -3.15 10.55
C ILE B 994 0.43 -3.68 9.53
N THR B 995 0.71 -3.44 8.24
CA THR B 995 -0.19 -3.90 7.19
C THR B 995 -0.28 -5.43 7.18
N GLY B 996 0.87 -6.10 7.29
CA GLY B 996 0.85 -7.56 7.31
C GLY B 996 0.09 -8.13 8.49
N ARG B 997 0.28 -7.54 9.67
CA ARG B 997 -0.42 -8.02 10.85
C ARG B 997 -1.92 -7.76 10.76
N LEU B 998 -2.32 -6.60 10.20
CA LEU B 998 -3.73 -6.33 10.00
C LEU B 998 -4.35 -7.31 9.02
N GLN B 999 -3.65 -7.61 7.93
CA GLN B 999 -4.15 -8.59 6.97
C GLN B 999 -4.24 -9.98 7.59
N SER B 1000 -3.30 -10.33 8.46
CA SER B 1000 -3.38 -11.62 9.14
C SER B 1000 -4.53 -11.67 10.12
N LEU B 1001 -4.82 -10.55 10.79
CA LEU B 1001 -5.90 -10.51 11.77
C LEU B 1001 -7.27 -10.51 11.11
N GLN B 1002 -7.40 -9.92 9.92
CA GLN B 1002 -8.71 -9.81 9.30
C GLN B 1002 -9.24 -11.16 8.83
N THR B 1003 -8.34 -12.04 8.35
CA THR B 1003 -8.77 -13.35 7.88
C THR B 1003 -9.39 -14.18 8.99
N TYR B 1004 -8.89 -14.01 10.22
CA TYR B 1004 -9.44 -14.77 11.35
C TYR B 1004 -10.91 -14.45 11.56
N VAL B 1005 -11.26 -13.17 11.63
CA VAL B 1005 -12.66 -12.81 11.83
C VAL B 1005 -13.47 -13.13 10.58
N THR B 1006 -12.85 -13.06 9.39
CA THR B 1006 -13.58 -13.41 8.17
C THR B 1006 -14.02 -14.87 8.19
N GLN B 1007 -13.15 -15.76 8.65
CA GLN B 1007 -13.51 -17.18 8.72
C GLN B 1007 -14.43 -17.47 9.90
N GLN B 1008 -14.26 -16.76 11.02
CA GLN B 1008 -15.16 -16.94 12.14
C GLN B 1008 -16.58 -16.53 11.80
N LEU B 1009 -16.75 -15.50 10.96
CA LEU B 1009 -18.09 -15.08 10.56
C LEU B 1009 -18.81 -16.14 9.74
N ILE B 1010 -18.09 -17.03 9.07
CA ILE B 1010 -18.71 -18.11 8.30
C ILE B 1010 -18.97 -19.32 9.20
N ARG B 1011 -18.01 -19.65 10.06
CA ARG B 1011 -18.22 -20.74 11.00
C ARG B 1011 -19.41 -20.45 11.91
N ALA B 1012 -19.58 -19.19 12.31
CA ALA B 1012 -20.72 -18.82 13.14
C ALA B 1012 -22.04 -19.03 12.41
N ALA B 1013 -22.08 -18.69 11.12
CA ALA B 1013 -23.30 -18.91 10.34
C ALA B 1013 -23.63 -20.40 10.24
N GLU B 1014 -22.61 -21.24 10.00
CA GLU B 1014 -22.85 -22.67 9.92
C GLU B 1014 -23.35 -23.20 11.26
N ILE B 1015 -22.76 -22.75 12.38
CA ILE B 1015 -23.20 -23.19 13.69
C ILE B 1015 -24.62 -22.72 13.97
N ARG B 1016 -24.98 -21.51 13.51
CA ARG B 1016 -26.33 -21.02 13.69
C ARG B 1016 -27.33 -21.89 12.94
N ALA B 1017 -27.00 -22.29 11.71
CA ALA B 1017 -27.87 -23.18 10.97
C ALA B 1017 -28.04 -24.51 11.68
N SER B 1018 -26.94 -25.06 12.20
CA SER B 1018 -27.03 -26.33 12.94
C SER B 1018 -27.88 -26.19 14.19
N ALA B 1019 -27.74 -25.06 14.91
CA ALA B 1019 -28.53 -24.83 16.10
C ALA B 1019 -30.01 -24.69 15.79
N ASN B 1020 -30.34 -24.03 14.68
CA ASN B 1020 -31.74 -23.95 14.26
C ASN B 1020 -32.30 -25.33 13.95
N LEU B 1021 -31.51 -26.17 13.26
CA LEU B 1021 -31.95 -27.53 12.98
C LEU B 1021 -32.16 -28.30 14.28
N ALA B 1022 -31.26 -28.15 15.24
CA ALA B 1022 -31.40 -28.85 16.52
C ALA B 1022 -32.65 -28.40 17.27
N ALA B 1023 -32.92 -27.09 17.27
CA ALA B 1023 -34.12 -26.59 17.94
C ALA B 1023 -35.38 -27.13 17.28
N THR B 1024 -35.42 -27.14 15.94
CA THR B 1024 -36.59 -27.70 15.25
C THR B 1024 -36.76 -29.17 15.57
N LYS B 1025 -35.67 -29.94 15.58
CA LYS B 1025 -35.75 -31.35 15.91
C LYS B 1025 -36.26 -31.56 17.33
N MET B 1026 -35.76 -30.77 18.28
CA MET B 1026 -36.25 -30.86 19.66
C MET B 1026 -37.75 -30.61 19.71
N SER B 1027 -38.20 -29.51 19.11
CA SER B 1027 -39.61 -29.15 19.18
C SER B 1027 -40.50 -30.21 18.53
N GLU B 1028 -40.05 -30.80 17.41
CA GLU B 1028 -40.92 -31.68 16.67
C GLU B 1028 -40.86 -33.13 17.12
N CYS B 1029 -39.74 -33.58 17.72
CA CYS B 1029 -39.64 -34.97 18.13
C CYS B 1029 -39.84 -35.16 19.62
N VAL B 1030 -39.46 -34.20 20.46
CA VAL B 1030 -39.57 -34.37 21.89
C VAL B 1030 -40.96 -33.97 22.38
N LEU B 1031 -41.42 -32.79 21.97
CA LEU B 1031 -42.71 -32.28 22.42
C LEU B 1031 -43.90 -32.98 21.80
N GLY B 1032 -43.68 -33.82 20.79
CA GLY B 1032 -44.79 -34.51 20.17
C GLY B 1032 -44.33 -35.72 19.39
N GLN B 1033 -45.15 -36.11 18.43
CA GLN B 1033 -44.86 -37.23 17.55
C GLN B 1033 -44.83 -36.74 16.11
N SER B 1034 -43.84 -37.20 15.35
CA SER B 1034 -43.59 -36.71 14.00
C SER B 1034 -43.98 -37.75 12.97
N LYS B 1035 -44.60 -37.29 11.88
CA LYS B 1035 -44.95 -38.14 10.76
C LYS B 1035 -44.00 -38.01 9.58
N ARG B 1036 -42.98 -37.16 9.70
CA ARG B 1036 -42.00 -37.00 8.64
C ARG B 1036 -41.09 -38.22 8.60
N VAL B 1037 -40.87 -38.76 7.40
CA VAL B 1037 -40.07 -39.97 7.26
C VAL B 1037 -38.60 -39.64 7.48
N ASP B 1038 -37.93 -40.43 8.31
CA ASP B 1038 -36.49 -40.32 8.54
C ASP B 1038 -36.10 -38.95 9.08
N PHE B 1039 -36.92 -38.40 9.97
CA PHE B 1039 -36.63 -37.14 10.63
C PHE B 1039 -36.20 -37.30 12.08
N CYS B 1040 -36.91 -38.14 12.84
CA CYS B 1040 -36.56 -38.44 14.23
C CYS B 1040 -36.13 -39.89 14.38
N GLY B 1041 -35.31 -40.38 13.45
CA GLY B 1041 -34.82 -41.74 13.46
C GLY B 1041 -35.28 -42.52 12.26
N LYS B 1042 -34.75 -43.73 12.15
CA LYS B 1042 -35.08 -44.65 11.06
C LYS B 1042 -36.15 -45.63 11.55
N GLY B 1043 -37.29 -45.63 10.86
CA GLY B 1043 -38.40 -46.47 11.26
C GLY B 1043 -39.63 -45.66 11.57
N TYR B 1044 -40.47 -46.14 12.48
CA TYR B 1044 -41.66 -45.44 12.90
C TYR B 1044 -41.40 -44.77 14.25
N HIS B 1045 -41.41 -43.45 14.27
CA HIS B 1045 -41.04 -42.71 15.47
C HIS B 1045 -42.07 -42.89 16.57
N LEU B 1046 -41.58 -43.08 17.79
CA LEU B 1046 -42.43 -43.18 18.97
C LEU B 1046 -42.19 -42.04 19.95
N MET B 1047 -40.96 -41.90 20.45
CA MET B 1047 -40.64 -40.89 21.45
C MET B 1047 -39.23 -40.37 21.19
N SER B 1048 -38.73 -39.55 22.12
CA SER B 1048 -37.38 -39.03 22.07
C SER B 1048 -37.03 -38.43 23.42
N PHE B 1049 -35.78 -38.58 23.83
CA PHE B 1049 -35.29 -38.02 25.08
C PHE B 1049 -33.99 -37.27 24.80
N PRO B 1050 -33.89 -36.01 25.19
CA PRO B 1050 -32.65 -35.25 24.96
C PRO B 1050 -31.68 -35.36 26.12
N GLN B 1051 -30.39 -35.30 25.76
CA GLN B 1051 -29.31 -35.27 26.74
C GLN B 1051 -28.34 -34.16 26.37
N SER B 1052 -27.75 -33.55 27.39
CA SER B 1052 -26.86 -32.42 27.21
C SER B 1052 -25.41 -32.89 27.04
N ALA B 1053 -24.68 -32.22 26.17
CA ALA B 1053 -23.29 -32.50 25.90
C ALA B 1053 -22.53 -31.19 25.80
N PRO B 1054 -21.21 -31.21 26.00
CA PRO B 1054 -20.44 -29.97 25.83
C PRO B 1054 -20.53 -29.44 24.41
N HIS B 1055 -21.07 -28.22 24.29
CA HIS B 1055 -21.23 -27.54 23.01
C HIS B 1055 -22.08 -28.36 22.04
N GLY B 1056 -23.19 -28.90 22.53
CA GLY B 1056 -24.08 -29.65 21.68
C GLY B 1056 -25.16 -30.35 22.49
N VAL B 1057 -26.02 -31.06 21.77
CA VAL B 1057 -27.11 -31.82 22.36
C VAL B 1057 -27.11 -33.20 21.72
N VAL B 1058 -27.65 -34.17 22.46
CA VAL B 1058 -27.72 -35.57 22.01
C VAL B 1058 -29.15 -36.05 22.17
N PHE B 1059 -29.71 -36.62 21.11
CA PHE B 1059 -31.06 -37.16 21.13
C PHE B 1059 -31.02 -38.68 21.16
N LEU B 1060 -32.10 -39.27 21.67
CA LEU B 1060 -32.26 -40.72 21.73
C LEU B 1060 -33.60 -41.06 21.10
N HIS B 1061 -33.58 -41.45 19.83
CA HIS B 1061 -34.81 -41.74 19.09
C HIS B 1061 -35.26 -43.16 19.33
N VAL B 1062 -36.50 -43.33 19.78
CA VAL B 1062 -37.11 -44.64 19.97
C VAL B 1062 -38.01 -44.91 18.77
N THR B 1063 -37.80 -46.06 18.13
CA THR B 1063 -38.50 -46.35 16.88
C THR B 1063 -39.25 -47.67 16.94
N TYR B 1064 -39.76 -48.11 15.79
CA TYR B 1064 -40.54 -49.35 15.70
C TYR B 1064 -40.24 -49.98 14.35
N VAL B 1065 -39.57 -51.12 14.36
CA VAL B 1065 -39.09 -51.77 13.15
C VAL B 1065 -39.77 -53.13 13.04
N PRO B 1066 -40.46 -53.43 11.94
CA PRO B 1066 -41.10 -54.75 11.81
C PRO B 1066 -40.07 -55.87 11.79
N ALA B 1067 -40.45 -56.99 12.39
CA ALA B 1067 -39.61 -58.19 12.45
C ALA B 1067 -39.96 -59.10 11.27
N GLN B 1068 -39.53 -60.36 11.33
CA GLN B 1068 -39.74 -61.34 10.27
C GLN B 1068 -41.14 -61.29 9.70
N GLU B 1069 -41.24 -61.44 8.38
CA GLU B 1069 -42.49 -61.33 7.64
C GLU B 1069 -42.93 -62.71 7.15
N LYS B 1070 -44.02 -62.71 6.37
CA LYS B 1070 -44.58 -63.95 5.84
C LYS B 1070 -45.48 -63.58 4.66
N ASN B 1071 -45.21 -64.16 3.50
CA ASN B 1071 -45.96 -63.85 2.30
C ASN B 1071 -47.33 -64.52 2.32
N PHE B 1072 -48.28 -63.90 1.63
CA PHE B 1072 -49.64 -64.41 1.55
C PHE B 1072 -50.15 -64.17 0.13
N THR B 1073 -51.43 -64.49 -0.09
CA THR B 1073 -52.11 -64.24 -1.35
C THR B 1073 -53.27 -63.27 -1.08
N THR B 1074 -53.35 -62.21 -1.88
CA THR B 1074 -54.29 -61.13 -1.65
C THR B 1074 -55.23 -60.97 -2.84
N ALA B 1075 -56.34 -60.27 -2.59
CA ALA B 1075 -57.34 -59.96 -3.59
C ALA B 1075 -57.78 -58.52 -3.40
N PRO B 1076 -58.17 -57.84 -4.49
CA PRO B 1076 -58.57 -56.43 -4.37
C PRO B 1076 -59.95 -56.24 -3.77
N ALA B 1077 -60.88 -57.16 -4.05
CA ALA B 1077 -62.24 -57.02 -3.57
C ALA B 1077 -62.89 -58.40 -3.51
N ILE B 1078 -64.04 -58.46 -2.84
CA ILE B 1078 -64.80 -59.70 -2.68
C ILE B 1078 -66.24 -59.40 -3.10
N CYS B 1079 -66.81 -60.28 -3.93
CA CYS B 1079 -68.15 -60.12 -4.47
C CYS B 1079 -69.04 -61.24 -3.96
N HIS B 1080 -69.94 -60.93 -3.03
CA HIS B 1080 -70.79 -61.96 -2.46
C HIS B 1080 -72.15 -62.07 -3.14
N ASP B 1081 -72.98 -61.04 -3.00
CA ASP B 1081 -74.30 -61.01 -3.66
C ASP B 1081 -74.26 -60.15 -4.92
N GLY B 1082 -73.35 -60.49 -5.82
CA GLY B 1082 -73.17 -59.68 -7.01
C GLY B 1082 -72.76 -58.25 -6.73
N LYS B 1083 -72.24 -57.97 -5.54
CA LYS B 1083 -71.84 -56.63 -5.14
C LYS B 1083 -70.41 -56.66 -4.65
N ALA B 1084 -69.59 -55.73 -5.13
CA ALA B 1084 -68.20 -55.66 -4.73
C ALA B 1084 -68.10 -55.12 -3.30
N HIS B 1085 -67.29 -55.78 -2.47
CA HIS B 1085 -67.05 -55.36 -1.10
C HIS B 1085 -65.59 -54.98 -0.95
N PHE B 1086 -65.34 -53.81 -0.36
CA PHE B 1086 -63.98 -53.35 -0.09
C PHE B 1086 -63.77 -53.24 1.41
N PRO B 1087 -62.55 -53.52 1.89
CA PRO B 1087 -62.31 -53.43 3.33
C PRO B 1087 -62.38 -51.99 3.83
N ARG B 1088 -62.96 -51.82 5.01
CA ARG B 1088 -63.03 -50.50 5.62
C ARG B 1088 -61.64 -49.99 5.98
N GLU B 1089 -60.85 -50.84 6.64
CA GLU B 1089 -59.44 -50.56 6.89
C GLU B 1089 -58.74 -51.90 6.97
N GLY B 1090 -57.64 -52.04 6.23
CA GLY B 1090 -56.92 -53.29 6.14
C GLY B 1090 -56.91 -53.83 4.72
N VAL B 1091 -56.33 -55.03 4.58
CA VAL B 1091 -56.18 -55.68 3.30
C VAL B 1091 -56.72 -57.10 3.40
N PHE B 1092 -57.42 -57.55 2.38
CA PHE B 1092 -57.90 -58.93 2.35
C PHE B 1092 -56.72 -59.88 2.22
N VAL B 1093 -56.78 -60.99 2.95
CA VAL B 1093 -55.68 -61.94 3.02
C VAL B 1093 -56.25 -63.35 3.02
N SER B 1094 -55.47 -64.29 2.49
CA SER B 1094 -55.86 -65.70 2.45
C SER B 1094 -54.68 -66.55 2.89
N ASN B 1095 -54.98 -67.62 3.62
CA ASN B 1095 -53.97 -68.58 4.06
C ASN B 1095 -53.85 -69.77 3.11
N GLY B 1096 -54.58 -69.74 2.00
CA GLY B 1096 -54.54 -70.82 1.03
C GLY B 1096 -55.92 -71.38 0.74
N THR B 1097 -56.75 -71.49 1.77
CA THR B 1097 -58.11 -71.99 1.63
C THR B 1097 -59.16 -71.03 2.14
N HIS B 1098 -58.90 -70.35 3.26
CA HIS B 1098 -59.86 -69.44 3.87
C HIS B 1098 -59.42 -68.00 3.68
N TRP B 1099 -60.40 -67.10 3.64
CA TRP B 1099 -60.16 -65.68 3.44
C TRP B 1099 -60.32 -64.93 4.75
N PHE B 1100 -59.43 -63.97 4.99
CA PHE B 1100 -59.43 -63.19 6.22
C PHE B 1100 -59.14 -61.73 5.89
N VAL B 1101 -59.34 -60.87 6.88
CA VAL B 1101 -59.02 -59.45 6.77
C VAL B 1101 -58.13 -59.09 7.95
N THR B 1102 -57.05 -58.34 7.67
CA THR B 1102 -56.09 -58.00 8.70
C THR B 1102 -55.56 -56.59 8.46
N GLN B 1103 -54.97 -56.02 9.50
CA GLN B 1103 -54.37 -54.70 9.41
C GLN B 1103 -53.02 -54.77 8.70
N ARG B 1104 -52.53 -53.60 8.29
CA ARG B 1104 -51.40 -53.56 7.37
C ARG B 1104 -50.09 -53.94 8.05
N ASN B 1105 -49.84 -53.42 9.24
CA ASN B 1105 -48.52 -53.50 9.86
C ASN B 1105 -48.40 -54.62 10.90
N PHE B 1106 -49.41 -55.48 11.00
CA PHE B 1106 -49.36 -56.58 11.95
C PHE B 1106 -50.29 -57.68 11.48
N TYR B 1107 -49.89 -58.93 11.73
CA TYR B 1107 -50.69 -60.08 11.31
C TYR B 1107 -51.73 -60.38 12.39
N GLU B 1108 -53.00 -60.15 12.08
CA GLU B 1108 -54.10 -60.46 12.99
C GLU B 1108 -55.32 -60.82 12.15
N PRO B 1109 -55.39 -62.06 11.66
CA PRO B 1109 -56.51 -62.45 10.82
C PRO B 1109 -57.83 -62.43 11.58
N GLN B 1110 -58.89 -62.07 10.86
CA GLN B 1110 -60.23 -61.98 11.45
C GLN B 1110 -61.23 -62.46 10.42
N ILE B 1111 -62.47 -62.67 10.88
CA ILE B 1111 -63.54 -63.16 10.02
C ILE B 1111 -64.16 -61.98 9.28
N ILE B 1112 -64.33 -62.13 7.97
CA ILE B 1112 -64.94 -61.08 7.16
C ILE B 1112 -66.42 -60.98 7.50
N THR B 1113 -66.84 -59.83 8.00
CA THR B 1113 -68.22 -59.60 8.42
C THR B 1113 -68.74 -58.33 7.76
N THR B 1114 -70.03 -58.07 7.97
CA THR B 1114 -70.69 -56.93 7.32
C THR B 1114 -70.29 -55.59 7.94
N ASP B 1115 -69.66 -55.58 9.11
CA ASP B 1115 -69.23 -54.34 9.75
C ASP B 1115 -67.74 -54.08 9.54
N ASN B 1116 -67.07 -54.88 8.72
CA ASN B 1116 -65.68 -54.64 8.35
C ASN B 1116 -65.50 -54.19 6.92
N THR B 1117 -66.52 -54.35 6.07
CA THR B 1117 -66.44 -53.98 4.67
C THR B 1117 -67.59 -53.05 4.32
N PHE B 1118 -67.40 -52.27 3.26
CA PHE B 1118 -68.44 -51.38 2.74
C PHE B 1118 -68.68 -51.71 1.27
N VAL B 1119 -69.94 -51.73 0.88
CA VAL B 1119 -70.35 -52.12 -0.46
C VAL B 1119 -70.28 -50.90 -1.37
N SER B 1120 -69.80 -51.10 -2.60
CA SER B 1120 -69.73 -50.02 -3.57
C SER B 1120 -69.63 -50.64 -4.97
N GLY B 1121 -70.43 -50.13 -5.89
CA GLY B 1121 -70.39 -50.64 -7.25
C GLY B 1121 -71.02 -52.02 -7.38
N ASN B 1122 -70.74 -52.66 -8.51
CA ASN B 1122 -71.23 -54.00 -8.80
C ASN B 1122 -70.07 -54.95 -9.03
N CYS B 1123 -70.37 -56.16 -9.48
CA CYS B 1123 -69.44 -57.28 -9.48
C CYS B 1123 -68.58 -57.36 -10.75
N ASP B 1124 -68.73 -56.45 -11.70
CA ASP B 1124 -68.06 -56.60 -12.99
C ASP B 1124 -67.36 -55.33 -13.43
N VAL B 1125 -66.73 -54.63 -12.48
CA VAL B 1125 -65.89 -53.48 -12.84
C VAL B 1125 -64.47 -53.71 -12.33
N VAL B 1126 -64.34 -54.47 -11.26
CA VAL B 1126 -63.04 -54.69 -10.63
C VAL B 1126 -62.29 -55.77 -11.38
N ILE B 1127 -60.97 -55.58 -11.50
CA ILE B 1127 -60.09 -56.54 -12.14
C ILE B 1127 -59.40 -57.36 -11.06
N GLY B 1128 -59.62 -58.67 -11.09
CA GLY B 1128 -59.04 -59.56 -10.10
C GLY B 1128 -59.91 -59.87 -8.91
N ILE B 1129 -61.20 -59.50 -8.95
CA ILE B 1129 -62.09 -59.76 -7.83
C ILE B 1129 -62.35 -61.27 -7.72
N VAL B 1130 -62.50 -61.73 -6.48
CA VAL B 1130 -62.75 -63.14 -6.21
C VAL B 1130 -64.15 -63.28 -5.63
N ASN B 1131 -64.64 -64.51 -5.63
CA ASN B 1131 -65.99 -64.83 -5.15
C ASN B 1131 -65.89 -65.54 -3.81
N ASN B 1132 -66.64 -65.05 -2.83
CA ASN B 1132 -66.67 -65.64 -1.49
C ASN B 1132 -67.95 -65.17 -0.81
N THR B 1133 -68.07 -65.46 0.48
CA THR B 1133 -69.23 -65.11 1.27
C THR B 1133 -68.81 -64.22 2.43
N VAL B 1134 -69.68 -63.28 2.80
CA VAL B 1134 -69.45 -62.38 3.92
C VAL B 1134 -70.47 -62.70 5.00
N TYR B 1135 -69.99 -62.90 6.22
CA TYR B 1135 -70.86 -63.26 7.32
C TYR B 1135 -71.66 -62.05 7.80
N ASP B 1136 -72.93 -62.27 8.09
CA ASP B 1136 -73.81 -61.25 8.65
C ASP B 1136 -74.22 -61.67 10.05
N PRO B 1137 -73.62 -61.11 11.10
CA PRO B 1137 -73.95 -61.58 12.46
C PRO B 1137 -75.40 -61.40 12.85
N LEU B 1138 -76.08 -60.40 12.29
CA LEU B 1138 -77.44 -60.09 12.70
C LEU B 1138 -78.40 -61.22 12.37
N GLN B 1139 -78.29 -61.78 11.16
CA GLN B 1139 -79.32 -62.68 10.65
C GLN B 1139 -79.50 -63.94 11.50
N PRO B 1140 -78.47 -64.78 11.72
CA PRO B 1140 -78.72 -66.03 12.45
C PRO B 1140 -79.09 -65.78 13.91
N GLU B 1141 -78.40 -64.84 14.54
CA GLU B 1141 -78.64 -64.57 15.95
C GLU B 1141 -80.05 -64.05 16.18
N LEU B 1142 -80.54 -63.18 15.30
CA LEU B 1142 -81.89 -62.63 15.45
C LEU B 1142 -82.96 -63.57 14.90
N ASP B 1143 -82.59 -64.53 14.05
CA ASP B 1143 -83.56 -65.47 13.50
C ASP B 1143 -83.80 -66.66 14.41
N SER B 1144 -82.77 -67.11 15.13
CA SER B 1144 -82.97 -68.18 16.10
C SER B 1144 -83.89 -67.73 17.22
N PHE B 1145 -83.73 -66.49 17.69
CA PHE B 1145 -84.55 -65.97 18.78
C PHE B 1145 -85.95 -65.57 18.30
N LYS B 1146 -86.08 -65.10 17.06
CA LYS B 1146 -87.37 -64.63 16.57
C LYS B 1146 -88.37 -65.77 16.49
N GLU B 1147 -87.91 -66.99 16.27
CA GLU B 1147 -88.79 -68.15 16.18
C GLU B 1147 -89.39 -68.50 17.54
N THR C 22 -13.90 23.05 -55.31
CA THR C 22 -14.26 21.64 -55.34
C THR C 22 -14.09 21.00 -53.96
N GLN C 23 -15.17 20.98 -53.18
CA GLN C 23 -15.16 20.41 -51.85
C GLN C 23 -16.43 19.58 -51.65
N SER C 24 -16.26 18.35 -51.17
CA SER C 24 -17.37 17.44 -50.95
C SER C 24 -17.03 16.52 -49.79
N TYR C 25 -18.07 16.06 -49.09
CA TYR C 25 -17.90 15.22 -47.91
C TYR C 25 -18.48 13.84 -48.16
N THR C 26 -17.82 12.83 -47.60
CA THR C 26 -18.25 11.44 -47.75
C THR C 26 -17.87 10.68 -46.49
N ASN C 27 -18.69 9.70 -46.13
CA ASN C 27 -18.46 8.91 -44.92
C ASN C 27 -17.34 7.89 -45.11
N SER C 28 -16.74 7.48 -44.00
CA SER C 28 -15.72 6.44 -43.97
C SER C 28 -16.21 5.37 -43.01
N PHE C 29 -16.74 4.28 -43.55
CA PHE C 29 -17.46 3.29 -42.75
C PHE C 29 -16.59 2.60 -41.71
N THR C 30 -15.63 1.78 -42.16
CA THR C 30 -14.83 0.96 -41.25
C THR C 30 -13.37 0.92 -41.70
N ARG C 31 -12.81 2.06 -42.07
CA ARG C 31 -11.43 2.13 -42.53
C ARG C 31 -10.63 3.07 -41.64
N GLY C 32 -9.32 2.79 -41.54
CA GLY C 32 -8.44 3.60 -40.72
C GLY C 32 -7.93 2.89 -39.49
N VAL C 33 -7.69 1.58 -39.59
CA VAL C 33 -7.19 0.78 -38.48
C VAL C 33 -5.81 0.26 -38.82
N TYR C 34 -5.00 0.06 -37.78
CA TYR C 34 -3.63 -0.43 -37.96
C TYR C 34 -3.24 -1.24 -36.74
N TYR C 35 -2.19 -2.03 -36.90
CA TYR C 35 -1.71 -2.86 -35.79
C TYR C 35 -1.07 -1.97 -34.74
N PRO C 36 -1.55 -1.99 -33.49
CA PRO C 36 -1.00 -1.08 -32.47
C PRO C 36 0.43 -1.40 -32.09
N ASP C 37 0.73 -2.65 -31.79
CA ASP C 37 2.04 -3.06 -31.30
C ASP C 37 2.69 -4.03 -32.30
N LYS C 38 3.83 -4.57 -31.91
CA LYS C 38 4.64 -5.43 -32.76
C LYS C 38 4.75 -6.83 -32.18
N VAL C 39 3.64 -7.37 -31.70
CA VAL C 39 3.59 -8.71 -31.14
C VAL C 39 2.49 -9.50 -31.83
N PHE C 40 2.61 -10.83 -31.75
CA PHE C 40 1.70 -11.74 -32.43
C PHE C 40 0.68 -12.29 -31.46
N ARG C 41 -0.60 -12.13 -31.79
CA ARG C 41 -1.70 -12.68 -31.00
C ARG C 41 -2.67 -13.40 -31.93
N SER C 42 -3.27 -14.47 -31.42
CA SER C 42 -4.16 -15.29 -32.23
C SER C 42 -5.41 -15.65 -31.43
N SER C 43 -6.57 -15.47 -32.05
CA SER C 43 -7.86 -15.85 -31.48
C SER C 43 -8.05 -15.22 -30.10
N VAL C 44 -8.08 -13.89 -30.06
CA VAL C 44 -8.26 -13.15 -28.83
C VAL C 44 -8.88 -11.80 -29.16
N LEU C 45 -9.61 -11.25 -28.20
CA LEU C 45 -10.25 -9.93 -28.33
C LEU C 45 -9.46 -8.97 -27.44
N HIS C 46 -8.46 -8.32 -28.01
CA HIS C 46 -7.57 -7.42 -27.29
C HIS C 46 -8.04 -6.00 -27.44
N SER C 47 -8.13 -5.28 -26.32
CA SER C 47 -8.55 -3.88 -26.31
C SER C 47 -7.33 -2.98 -26.15
N THR C 48 -7.17 -2.04 -27.08
CA THR C 48 -6.03 -1.14 -27.12
C THR C 48 -6.50 0.30 -26.91
N GLN C 49 -5.53 1.22 -26.94
CA GLN C 49 -5.81 2.64 -26.76
C GLN C 49 -4.77 3.43 -27.55
N ASP C 50 -5.20 4.07 -28.63
CA ASP C 50 -4.29 4.79 -29.51
C ASP C 50 -5.11 5.78 -30.32
N LEU C 51 -4.40 6.66 -31.03
CA LEU C 51 -5.06 7.61 -31.92
C LEU C 51 -5.61 6.86 -33.13
N PHE C 52 -6.94 6.88 -33.28
CA PHE C 52 -7.62 6.15 -34.34
C PHE C 52 -8.52 7.11 -35.11
N LEU C 53 -9.08 6.60 -36.21
CA LEU C 53 -10.02 7.37 -37.01
C LEU C 53 -11.44 6.96 -36.65
N PRO C 54 -12.27 7.87 -36.13
CA PRO C 54 -13.61 7.48 -35.70
C PRO C 54 -14.44 6.94 -36.86
N PHE C 55 -15.28 5.96 -36.55
CA PHE C 55 -16.12 5.34 -37.57
C PHE C 55 -17.22 6.30 -38.01
N PHE C 56 -17.67 6.12 -39.26
CA PHE C 56 -18.78 6.90 -39.82
C PHE C 56 -18.53 8.40 -39.74
N SER C 57 -17.33 8.82 -40.10
CA SER C 57 -16.94 10.22 -40.12
C SER C 57 -16.78 10.70 -41.55
N ASN C 58 -17.01 12.00 -41.74
CA ASN C 58 -16.93 12.62 -43.06
C ASN C 58 -15.50 13.04 -43.36
N VAL C 59 -15.09 12.84 -44.62
CA VAL C 59 -13.75 13.18 -45.07
C VAL C 59 -13.87 14.19 -46.21
N THR C 60 -13.08 15.25 -46.13
CA THR C 60 -13.11 16.30 -47.15
C THR C 60 -12.50 15.78 -48.45
N TRP C 61 -12.92 16.39 -49.55
CA TRP C 61 -12.44 16.03 -50.88
C TRP C 61 -11.85 17.26 -51.57
N PHE C 62 -10.67 17.10 -52.13
CA PHE C 62 -9.99 18.15 -52.90
C PHE C 62 -9.48 17.53 -54.19
N HIS C 63 -9.72 18.20 -55.31
CA HIS C 63 -9.37 17.67 -56.61
C HIS C 63 -8.37 18.59 -57.32
N ALA C 64 -7.59 18.00 -58.22
CA ALA C 64 -6.66 18.73 -59.06
C ALA C 64 -7.25 18.86 -60.46
N ILE C 65 -7.34 20.09 -60.96
CA ILE C 65 -7.95 20.38 -62.25
C ILE C 65 -6.98 21.26 -63.05
N HIS C 66 -6.21 20.63 -63.93
CA HIS C 66 -5.33 21.37 -64.84
C HIS C 66 -5.08 20.49 -66.07
N VAL C 67 -5.80 20.77 -67.14
CA VAL C 67 -5.66 20.03 -68.40
C VAL C 67 -5.68 21.03 -69.56
N SER C 68 -5.22 20.56 -70.72
CA SER C 68 -5.23 21.29 -71.98
C SER C 68 -4.22 22.44 -71.98
N GLY C 69 -3.57 22.66 -73.11
CA GLY C 69 -2.60 23.73 -73.22
C GLY C 69 -3.15 24.96 -73.93
N THR C 70 -4.05 24.74 -74.89
CA THR C 70 -4.67 25.86 -75.59
C THR C 70 -5.49 26.72 -74.64
N ASN C 71 -6.26 26.08 -73.76
CA ASN C 71 -7.03 26.77 -72.73
C ASN C 71 -6.67 26.19 -71.37
N GLY C 72 -6.36 27.07 -70.41
CA GLY C 72 -5.94 26.63 -69.11
C GLY C 72 -6.59 27.45 -68.01
N THR C 73 -6.41 26.97 -66.77
CA THR C 73 -6.94 27.62 -65.60
C THR C 73 -5.96 27.43 -64.46
N LYS C 74 -5.84 28.45 -63.60
CA LYS C 74 -4.97 28.35 -62.44
C LYS C 74 -5.43 27.20 -61.55
N ARG C 75 -4.48 26.37 -61.13
CA ARG C 75 -4.84 25.13 -60.44
C ARG C 75 -5.31 25.41 -59.01
N PHE C 76 -4.46 26.01 -58.17
CA PHE C 76 -4.76 26.21 -56.75
C PHE C 76 -5.32 24.94 -56.11
N ASP C 77 -4.79 23.79 -56.54
CA ASP C 77 -5.34 22.49 -56.16
C ASP C 77 -4.51 21.80 -55.08
N ASN C 78 -3.53 22.48 -54.50
CA ASN C 78 -2.70 21.93 -53.43
C ASN C 78 -2.73 22.89 -52.24
N PRO C 79 -3.84 22.94 -51.51
CA PRO C 79 -3.91 23.86 -50.36
C PRO C 79 -3.14 23.33 -49.16
N VAL C 80 -3.12 24.10 -48.08
CA VAL C 80 -2.42 23.71 -46.86
C VAL C 80 -3.45 23.24 -45.84
N LEU C 81 -3.19 22.10 -45.23
CA LEU C 81 -4.11 21.52 -44.26
C LEU C 81 -3.59 21.75 -42.84
N PRO C 82 -4.49 21.89 -41.86
CA PRO C 82 -4.03 22.15 -40.48
C PRO C 82 -3.15 21.06 -39.89
N PHE C 83 -3.40 19.79 -40.24
CA PHE C 83 -2.63 18.66 -39.71
C PHE C 83 -2.64 18.67 -38.17
N ASN C 84 -3.84 18.48 -37.63
CA ASN C 84 -4.02 18.43 -36.19
C ASN C 84 -3.97 16.98 -35.69
N ASP C 85 -2.96 16.68 -34.85
CA ASP C 85 -2.79 15.37 -34.24
C ASP C 85 -2.78 14.24 -35.26
N GLY C 86 -2.09 14.49 -36.38
CA GLY C 86 -1.99 13.49 -37.43
C GLY C 86 -3.21 13.49 -38.34
N VAL C 87 -3.00 12.94 -39.55
CA VAL C 87 -4.04 12.89 -40.56
C VAL C 87 -4.10 11.48 -41.16
N TYR C 88 -5.22 11.21 -41.83
CA TYR C 88 -5.44 9.96 -42.55
C TYR C 88 -5.50 10.26 -44.04
N PHE C 89 -4.68 9.57 -44.82
CA PHE C 89 -4.51 9.85 -46.24
C PHE C 89 -4.81 8.61 -47.06
N ALA C 90 -5.54 8.81 -48.17
CA ALA C 90 -5.81 7.74 -49.11
C ALA C 90 -6.09 8.37 -50.47
N SER C 91 -5.89 7.57 -51.53
CA SER C 91 -6.15 8.02 -52.89
C SER C 91 -6.15 6.80 -53.80
N THR C 92 -6.60 7.03 -55.04
CA THR C 92 -6.51 6.03 -56.10
C THR C 92 -5.86 6.69 -57.31
N GLU C 93 -4.81 6.07 -57.84
CA GLU C 93 -4.10 6.56 -59.01
C GLU C 93 -3.63 5.35 -59.82
N LYS C 94 -2.86 5.59 -60.87
CA LYS C 94 -2.42 4.49 -61.74
C LYS C 94 -1.09 3.92 -61.28
N SER C 95 -0.01 4.69 -61.37
CA SER C 95 1.24 4.16 -60.83
C SER C 95 2.02 5.15 -59.98
N ASN C 96 2.14 6.42 -60.43
CA ASN C 96 3.08 7.32 -59.77
C ASN C 96 2.62 8.77 -59.71
N ILE C 97 1.33 9.05 -59.90
CA ILE C 97 0.89 10.44 -60.08
C ILE C 97 1.19 11.26 -58.83
N ILE C 98 0.88 10.71 -57.65
CA ILE C 98 1.18 11.40 -56.40
C ILE C 98 2.64 11.17 -56.04
N ARG C 99 3.24 12.15 -55.37
CA ARG C 99 4.65 12.08 -55.01
C ARG C 99 4.91 12.90 -53.76
N GLY C 100 5.12 12.20 -52.64
CA GLY C 100 5.67 12.82 -51.45
C GLY C 100 4.74 13.74 -50.72
N TRP C 101 5.23 14.27 -49.60
CA TRP C 101 4.48 15.18 -48.74
C TRP C 101 5.47 16.12 -48.07
N ILE C 102 5.06 17.37 -47.86
CA ILE C 102 5.89 18.38 -47.20
C ILE C 102 5.25 18.71 -45.86
N PHE C 103 6.07 18.68 -44.80
CA PHE C 103 5.62 18.96 -43.44
C PHE C 103 6.44 20.10 -42.86
N GLY C 104 5.87 20.76 -41.87
CA GLY C 104 6.52 21.87 -41.21
C GLY C 104 5.54 22.64 -40.35
N THR C 105 6.00 23.79 -39.86
CA THR C 105 5.16 24.68 -39.07
C THR C 105 5.03 26.07 -39.66
N THR C 106 5.97 26.51 -40.50
CA THR C 106 5.90 27.80 -41.15
C THR C 106 6.18 27.74 -42.65
N LEU C 107 6.88 26.71 -43.13
CA LEU C 107 7.25 26.59 -44.54
C LEU C 107 8.09 27.78 -44.99
N ASP C 108 8.99 28.22 -44.12
CA ASP C 108 9.87 29.34 -44.38
C ASP C 108 11.28 28.98 -43.96
N SER C 109 12.24 29.85 -44.31
CA SER C 109 13.64 29.59 -44.01
C SER C 109 13.95 29.69 -42.52
N LYS C 110 13.03 30.22 -41.71
CA LYS C 110 13.27 30.39 -40.29
C LYS C 110 12.98 29.15 -39.47
N THR C 111 12.41 28.10 -40.07
CA THR C 111 12.09 26.87 -39.38
C THR C 111 12.44 25.68 -40.25
N GLN C 112 12.63 24.53 -39.62
CA GLN C 112 12.91 23.30 -40.35
C GLN C 112 11.64 22.76 -40.97
N SER C 113 11.81 21.88 -41.97
CA SER C 113 10.69 21.28 -42.67
C SER C 113 11.10 19.93 -43.21
N LEU C 114 10.11 19.07 -43.45
CA LEU C 114 10.33 17.74 -43.97
C LEU C 114 10.16 17.72 -45.48
N LEU C 115 10.89 16.81 -46.14
CA LEU C 115 10.92 16.76 -47.60
C LEU C 115 10.75 15.30 -48.05
N ILE C 116 9.73 14.62 -47.53
CA ILE C 116 9.42 13.29 -48.01
C ILE C 116 9.09 13.38 -49.49
N VAL C 117 9.92 12.78 -50.33
CA VAL C 117 9.80 12.88 -51.78
C VAL C 117 10.01 11.51 -52.39
N ASN C 118 9.11 11.12 -53.30
CA ASN C 118 9.25 9.85 -54.00
C ASN C 118 10.19 10.01 -55.19
N ASN C 119 10.91 8.93 -55.50
CA ASN C 119 11.81 8.89 -56.65
C ASN C 119 11.44 7.73 -57.56
N ALA C 120 12.28 7.46 -58.57
CA ALA C 120 12.00 6.36 -59.48
C ALA C 120 12.05 5.03 -58.74
N THR C 121 13.13 4.77 -58.01
CA THR C 121 13.25 3.56 -57.19
C THR C 121 13.92 3.93 -55.86
N ASN C 122 13.52 5.05 -55.27
CA ASN C 122 14.11 5.52 -54.03
C ASN C 122 13.15 6.47 -53.34
N VAL C 123 13.49 6.84 -52.11
CA VAL C 123 12.78 7.87 -51.36
C VAL C 123 13.81 8.68 -50.58
N VAL C 124 13.65 10.00 -50.57
CA VAL C 124 14.60 10.91 -49.93
C VAL C 124 13.86 11.66 -48.83
N ILE C 125 14.39 11.60 -47.62
CA ILE C 125 13.86 12.34 -46.48
C ILE C 125 15.03 13.08 -45.85
N LYS C 126 14.92 14.41 -45.78
CA LYS C 126 15.99 15.23 -45.19
C LYS C 126 15.35 16.48 -44.60
N VAL C 127 15.13 16.47 -43.29
CA VAL C 127 14.65 17.67 -42.60
C VAL C 127 15.76 18.71 -42.61
N CYS C 128 15.40 19.95 -42.96
CA CYS C 128 16.41 20.99 -43.14
C CYS C 128 15.74 22.36 -43.08
N GLU C 129 16.57 23.39 -43.00
CA GLU C 129 16.12 24.78 -43.05
C GLU C 129 15.80 25.20 -44.49
N PHE C 130 14.78 24.56 -45.05
CA PHE C 130 14.40 24.83 -46.43
C PHE C 130 13.87 26.25 -46.57
N GLN C 131 14.39 26.97 -47.55
CA GLN C 131 14.06 28.38 -47.71
C GLN C 131 12.71 28.58 -48.37
N PHE C 132 12.54 28.06 -49.59
CA PHE C 132 11.31 28.25 -50.34
C PHE C 132 10.90 26.96 -51.04
N CYS C 133 9.60 26.86 -51.31
CA CYS C 133 9.03 25.84 -52.18
C CYS C 133 8.39 26.59 -53.35
N ASN C 134 9.11 26.70 -54.46
CA ASN C 134 8.71 27.64 -55.51
C ASN C 134 7.49 27.13 -56.28
N ASP C 135 7.63 26.02 -57.00
CA ASP C 135 6.55 25.45 -57.80
C ASP C 135 6.99 24.14 -58.45
N PRO C 136 6.05 23.23 -58.74
CA PRO C 136 6.37 22.08 -59.60
C PRO C 136 6.42 22.53 -61.06
N PHE C 137 7.50 22.17 -61.74
CA PHE C 137 7.70 22.60 -63.12
C PHE C 137 6.74 21.85 -64.03
N LEU C 138 5.59 22.46 -64.31
CA LEU C 138 4.63 21.95 -65.28
C LEU C 138 4.85 22.67 -66.61
N ASP C 139 4.98 21.91 -67.69
CA ASP C 139 5.20 22.48 -69.01
C ASP C 139 3.98 23.19 -69.57
N VAL C 140 2.91 23.32 -68.78
CA VAL C 140 1.67 24.01 -69.15
C VAL C 140 0.95 23.24 -70.27
N TYR C 141 1.61 22.22 -70.83
CA TYR C 141 0.99 21.42 -71.87
C TYR C 141 -0.25 20.70 -71.33
N TYR C 142 -0.09 19.95 -70.24
CA TYR C 142 -1.20 19.31 -69.52
C TYR C 142 -2.09 18.48 -70.44
N HIS C 143 -1.57 18.07 -71.59
CA HIS C 143 -2.37 17.37 -72.61
C HIS C 143 -1.76 16.00 -72.86
N LYS C 144 -2.38 14.97 -72.31
CA LYS C 144 -1.96 13.59 -72.53
C LYS C 144 -2.85 12.87 -73.53
N ASN C 145 -3.81 13.57 -74.14
CA ASN C 145 -4.68 12.95 -75.13
C ASN C 145 -3.96 12.72 -76.45
N ASN C 146 -2.82 13.36 -76.68
CA ASN C 146 -2.05 13.19 -77.91
C ASN C 146 -0.68 12.59 -77.64
N LYS C 147 0.06 13.11 -76.66
CA LYS C 147 1.35 12.58 -76.27
C LYS C 147 1.34 12.26 -74.77
N SER C 148 1.89 11.11 -74.41
CA SER C 148 1.85 10.61 -73.04
C SER C 148 3.25 10.44 -72.46
N TRP C 149 4.11 11.44 -72.67
CA TRP C 149 5.44 11.45 -72.10
C TRP C 149 5.49 12.44 -70.95
N MET C 150 5.98 11.98 -69.79
CA MET C 150 5.95 12.78 -68.58
C MET C 150 7.03 12.28 -67.62
N GLU C 151 8.07 13.09 -67.40
CA GLU C 151 9.13 12.76 -66.48
C GLU C 151 10.03 13.98 -66.32
N SER C 152 11.00 13.87 -65.40
CA SER C 152 12.06 14.85 -65.21
C SER C 152 11.50 16.23 -64.86
N GLU C 153 10.87 16.31 -63.68
CA GLU C 153 10.33 17.58 -63.18
C GLU C 153 11.19 18.16 -62.07
N PHE C 154 11.37 17.42 -60.97
CA PHE C 154 12.27 17.79 -59.88
C PHE C 154 12.04 19.21 -59.37
N ARG C 155 13.06 19.77 -58.69
CA ARG C 155 13.09 21.16 -58.24
C ARG C 155 11.86 21.47 -57.37
N VAL C 156 11.85 20.83 -56.20
CA VAL C 156 10.77 21.03 -55.25
C VAL C 156 11.06 22.16 -54.28
N TYR C 157 12.32 22.33 -53.87
CA TYR C 157 12.70 23.36 -52.91
C TYR C 157 13.66 24.35 -53.57
N SER C 158 14.09 25.34 -52.78
CA SER C 158 15.02 26.36 -53.27
C SER C 158 16.47 25.98 -53.00
N SER C 159 16.83 25.80 -51.74
CA SER C 159 18.19 25.44 -51.36
C SER C 159 18.17 24.81 -49.99
N ALA C 160 19.29 24.16 -49.64
CA ALA C 160 19.46 23.48 -48.37
C ALA C 160 20.24 24.38 -47.41
N ASN C 161 20.34 23.94 -46.16
CA ASN C 161 21.01 24.69 -45.11
C ASN C 161 21.58 23.70 -44.10
N ASN C 162 21.89 24.18 -42.90
CA ASN C 162 22.40 23.33 -41.84
C ASN C 162 21.43 22.21 -41.48
N CYS C 163 21.81 20.96 -41.76
CA CYS C 163 20.99 19.80 -41.43
C CYS C 163 21.82 18.54 -41.63
N THR C 164 21.64 17.57 -40.74
CA THR C 164 22.42 16.33 -40.75
C THR C 164 21.49 15.12 -40.53
N PHE C 165 20.44 15.03 -41.36
CA PHE C 165 19.55 13.88 -41.33
C PHE C 165 19.19 13.49 -42.75
N GLU C 166 19.43 12.22 -43.10
CA GLU C 166 19.11 11.68 -44.41
C GLU C 166 18.58 10.27 -44.25
N TYR C 167 17.55 9.93 -45.03
CA TYR C 167 16.96 8.59 -45.00
C TYR C 167 16.72 8.10 -46.43
N VAL C 168 17.74 8.18 -47.28
CA VAL C 168 17.62 7.63 -48.63
C VAL C 168 17.42 6.12 -48.52
N SER C 169 16.27 5.64 -48.98
CA SER C 169 15.91 4.24 -48.82
C SER C 169 14.98 3.82 -49.95
N GLN C 170 14.44 2.60 -49.83
CA GLN C 170 13.55 2.05 -50.84
C GLN C 170 12.22 2.80 -50.84
N PRO C 171 11.65 3.09 -52.00
CA PRO C 171 10.45 3.94 -52.04
C PRO C 171 9.25 3.30 -51.36
N PHE C 172 8.37 4.15 -50.84
CA PHE C 172 7.25 3.68 -50.03
C PHE C 172 6.18 3.02 -50.90
N LEU C 173 5.59 3.78 -51.81
CA LEU C 173 4.47 3.29 -52.61
C LEU C 173 4.97 2.51 -53.81
N MET C 174 4.23 1.45 -54.15
CA MET C 174 4.52 0.62 -55.31
C MET C 174 3.25 0.45 -56.13
N ASP C 175 3.45 0.18 -57.43
CA ASP C 175 2.36 0.06 -58.39
C ASP C 175 2.21 -1.40 -58.81
N LEU C 176 0.98 -1.88 -58.83
CA LEU C 176 0.67 -3.23 -59.29
C LEU C 176 0.02 -3.16 -60.67
N GLU C 177 0.29 -4.18 -61.49
CA GLU C 177 -0.21 -4.20 -62.85
C GLU C 177 -1.74 -4.26 -62.87
N GLY C 178 -2.34 -3.39 -63.68
CA GLY C 178 -3.78 -3.39 -63.86
C GLY C 178 -4.18 -3.60 -65.30
N LYS C 179 -5.00 -4.61 -65.57
CA LYS C 179 -5.34 -4.98 -66.93
C LYS C 179 -6.82 -5.34 -67.02
N GLN C 180 -7.39 -5.18 -68.22
CA GLN C 180 -8.76 -5.57 -68.54
C GLN C 180 -9.78 -4.87 -67.66
N GLY C 181 -9.50 -3.65 -67.22
CA GLY C 181 -10.41 -2.90 -66.38
C GLY C 181 -10.44 -3.44 -64.96
N ASN C 182 -11.29 -2.81 -64.14
CA ASN C 182 -11.67 -3.21 -62.80
C ASN C 182 -10.52 -3.80 -61.98
N PHE C 183 -9.32 -3.24 -62.15
CA PHE C 183 -8.13 -3.71 -61.46
C PHE C 183 -7.30 -2.48 -61.07
N LYS C 184 -7.47 -2.04 -59.81
CA LYS C 184 -6.75 -0.88 -59.33
C LYS C 184 -6.42 -1.10 -57.85
N ASN C 185 -5.41 -0.36 -57.39
CA ASN C 185 -4.96 -0.45 -56.00
C ASN C 185 -5.28 0.87 -55.28
N LEU C 186 -5.78 0.75 -54.06
CA LEU C 186 -6.12 1.91 -53.25
C LEU C 186 -4.92 2.26 -52.37
N ARG C 187 -4.30 3.40 -52.66
CA ARG C 187 -3.21 3.88 -51.82
C ARG C 187 -3.75 4.25 -50.44
N GLU C 188 -3.05 3.82 -49.41
CA GLU C 188 -3.55 3.93 -48.04
C GLU C 188 -2.40 4.35 -47.13
N PHE C 189 -2.56 5.48 -46.45
CA PHE C 189 -1.48 6.03 -45.63
C PHE C 189 -2.06 6.64 -44.37
N VAL C 190 -1.21 6.76 -43.35
CA VAL C 190 -1.57 7.41 -42.09
C VAL C 190 -0.28 7.86 -41.43
N PHE C 191 -0.31 9.07 -40.88
CA PHE C 191 0.87 9.69 -40.27
C PHE C 191 0.58 10.00 -38.81
N LYS C 192 1.60 9.87 -37.96
CA LYS C 192 1.46 10.12 -36.54
C LYS C 192 2.81 10.57 -35.99
N ASN C 193 2.76 11.55 -35.08
CA ASN C 193 3.97 12.14 -34.50
C ASN C 193 3.80 12.18 -32.99
N ILE C 194 4.56 11.35 -32.28
CA ILE C 194 4.54 11.30 -30.82
C ILE C 194 5.97 11.29 -30.30
N ASP C 195 6.23 12.11 -29.29
CA ASP C 195 7.53 12.21 -28.61
C ASP C 195 8.70 12.28 -29.60
N GLY C 196 8.52 13.07 -30.65
CA GLY C 196 9.58 13.26 -31.63
C GLY C 196 9.83 12.08 -32.53
N TYR C 197 8.85 11.21 -32.72
CA TYR C 197 8.97 10.07 -33.60
C TYR C 197 7.92 10.13 -34.69
N PHE C 198 8.34 9.88 -35.94
CA PHE C 198 7.47 9.92 -37.10
C PHE C 198 7.19 8.50 -37.56
N LYS C 199 5.91 8.11 -37.59
CA LYS C 199 5.51 6.76 -37.92
C LYS C 199 4.57 6.79 -39.12
N ILE C 200 4.76 5.82 -40.02
CA ILE C 200 3.99 5.73 -41.26
C ILE C 200 3.52 4.29 -41.43
N TYR C 201 2.25 4.13 -41.76
CA TYR C 201 1.67 2.82 -42.06
C TYR C 201 1.10 2.84 -43.49
N SER C 202 1.07 1.67 -44.11
CA SER C 202 0.62 1.58 -45.50
C SER C 202 0.05 0.20 -45.77
N LYS C 203 -0.78 0.13 -46.81
CA LYS C 203 -1.33 -1.11 -47.32
C LYS C 203 -1.94 -0.88 -48.70
N HIS C 204 -1.58 -1.72 -49.68
CA HIS C 204 -2.08 -1.60 -51.04
C HIS C 204 -3.28 -2.52 -51.18
N THR C 205 -4.48 -1.94 -51.00
CA THR C 205 -5.71 -2.71 -51.04
C THR C 205 -6.24 -2.76 -52.47
N PRO C 206 -6.44 -3.95 -53.05
CA PRO C 206 -6.98 -4.02 -54.41
C PRO C 206 -8.50 -3.90 -54.45
N ILE C 207 -9.07 -4.10 -55.64
CA ILE C 207 -10.51 -4.11 -55.86
C ILE C 207 -11.10 -2.75 -55.53
N ASN C 208 -11.05 -1.83 -56.49
CA ASN C 208 -11.60 -0.48 -56.37
C ASN C 208 -12.48 -0.18 -57.59
N LEU C 209 -13.39 -1.10 -57.90
CA LEU C 209 -14.10 -1.08 -59.17
C LEU C 209 -14.95 0.19 -59.29
N GLY C 210 -15.93 0.34 -58.41
CA GLY C 210 -16.90 1.43 -58.54
C GLY C 210 -17.07 2.27 -57.28
N ARG C 211 -16.77 1.75 -56.09
CA ARG C 211 -17.01 2.48 -54.86
C ARG C 211 -15.78 3.30 -54.49
N ASP C 212 -16.00 4.59 -54.19
CA ASP C 212 -14.89 5.46 -53.82
C ASP C 212 -14.22 5.00 -52.54
N LEU C 213 -15.00 4.61 -51.53
CA LEU C 213 -14.49 4.06 -50.28
C LEU C 213 -15.19 2.74 -50.04
N PRO C 214 -14.63 1.64 -50.54
CA PRO C 214 -15.30 0.34 -50.42
C PRO C 214 -15.47 -0.07 -48.97
N GLN C 215 -16.63 -0.66 -48.68
CA GLN C 215 -16.89 -1.17 -47.34
C GLN C 215 -16.14 -2.47 -47.12
N GLY C 216 -15.89 -2.78 -45.84
CA GLY C 216 -15.12 -3.95 -45.48
C GLY C 216 -14.19 -3.67 -44.32
N PHE C 217 -13.02 -4.31 -44.32
CA PHE C 217 -12.07 -4.11 -43.24
C PHE C 217 -10.68 -4.49 -43.71
N SER C 218 -9.69 -3.68 -43.31
CA SER C 218 -8.29 -3.93 -43.63
C SER C 218 -7.42 -3.10 -42.71
N ALA C 219 -6.41 -3.75 -42.11
CA ALA C 219 -5.50 -3.10 -41.18
C ALA C 219 -4.18 -2.77 -41.85
N LEU C 220 -3.47 -1.80 -41.30
CA LEU C 220 -2.24 -1.30 -41.87
C LEU C 220 -1.04 -1.72 -41.02
N GLU C 221 0.08 -1.95 -41.69
CA GLU C 221 1.31 -2.42 -41.07
C GLU C 221 2.33 -1.30 -40.94
N PRO C 222 3.18 -1.33 -39.91
CA PRO C 222 4.24 -0.33 -39.81
C PRO C 222 5.18 -0.37 -41.01
N LEU C 223 5.66 0.81 -41.41
CA LEU C 223 6.54 0.93 -42.56
C LEU C 223 7.90 1.49 -42.18
N VAL C 224 7.95 2.58 -41.41
CA VAL C 224 9.22 3.22 -41.08
C VAL C 224 9.02 4.08 -39.84
N ASP C 225 10.10 4.31 -39.10
CA ASP C 225 10.11 5.20 -37.95
C ASP C 225 11.28 6.16 -38.08
N LEU C 226 11.04 7.43 -37.73
CA LEU C 226 12.05 8.45 -37.88
C LEU C 226 12.13 9.32 -36.62
N PRO C 227 13.33 9.59 -36.13
CA PRO C 227 13.50 10.51 -34.98
C PRO C 227 13.62 11.97 -35.43
N ILE C 228 12.54 12.48 -36.04
CA ILE C 228 12.57 13.85 -36.56
C ILE C 228 12.63 14.86 -35.41
N GLY C 229 11.61 14.86 -34.56
CA GLY C 229 11.49 15.88 -33.54
C GLY C 229 10.59 17.02 -33.98
N ILE C 230 10.91 18.24 -33.54
CA ILE C 230 10.24 19.49 -33.91
C ILE C 230 8.72 19.41 -33.78
N ASN C 231 8.02 20.39 -34.33
CA ASN C 231 6.62 20.68 -33.99
C ASN C 231 5.79 20.83 -35.26
N ILE C 232 5.86 19.83 -36.15
CA ILE C 232 5.07 19.81 -37.38
C ILE C 232 3.63 20.23 -37.10
N THR C 233 3.17 21.25 -37.82
CA THR C 233 1.79 21.71 -37.72
C THR C 233 1.19 22.09 -39.06
N ARG C 234 1.78 21.65 -40.17
CA ARG C 234 1.28 21.99 -41.50
C ARG C 234 1.28 20.74 -42.36
N PHE C 235 0.39 20.71 -43.34
CA PHE C 235 0.25 19.55 -44.22
C PHE C 235 0.16 20.04 -45.66
N GLN C 236 0.90 19.39 -46.55
CA GLN C 236 0.92 19.76 -47.96
C GLN C 236 1.14 18.52 -48.80
N THR C 237 0.57 18.54 -50.01
CA THR C 237 0.76 17.48 -50.98
C THR C 237 1.50 18.03 -52.20
N LEU C 238 2.20 17.13 -52.91
CA LEU C 238 3.04 17.52 -54.03
C LEU C 238 2.66 16.77 -55.29
N LEU C 239 1.37 16.73 -55.61
CA LEU C 239 0.90 16.05 -56.81
C LEU C 239 1.55 16.65 -58.05
N ALA C 240 2.03 15.79 -58.95
CA ALA C 240 2.69 16.22 -60.16
C ALA C 240 1.63 16.49 -61.24
N LEU C 241 1.39 17.76 -61.53
CA LEU C 241 0.43 18.17 -62.55
C LEU C 241 1.02 18.15 -63.95
N HIS C 242 2.17 17.49 -64.14
CA HIS C 242 2.80 17.47 -65.45
C HIS C 242 1.91 16.80 -66.49
N ARG C 243 1.27 15.69 -66.12
CA ARG C 243 0.35 14.99 -67.01
C ARG C 243 -0.71 14.31 -66.15
N SER C 244 -1.88 14.93 -66.05
CA SER C 244 -2.97 14.42 -65.23
C SER C 244 -4.21 14.18 -66.09
N TYR C 245 -4.99 13.18 -65.69
CA TYR C 245 -6.20 12.81 -66.41
C TYR C 245 -7.26 12.40 -65.40
N LEU C 246 -8.48 12.20 -65.90
CA LEU C 246 -9.63 11.81 -65.09
C LEU C 246 -9.85 12.81 -63.95
N THR C 247 -10.11 14.06 -64.34
CA THR C 247 -10.22 15.18 -63.39
C THR C 247 -11.49 15.98 -63.63
N PRO C 248 -12.64 15.43 -63.27
CA PRO C 248 -13.87 16.23 -63.24
C PRO C 248 -13.93 17.03 -61.94
N GLY C 249 -15.06 17.71 -61.74
CA GLY C 249 -15.21 18.50 -60.54
C GLY C 249 -16.52 19.27 -60.55
N ASP C 250 -16.67 20.13 -59.56
CA ASP C 250 -17.87 20.93 -59.39
C ASP C 250 -17.53 22.17 -58.57
N SER C 251 -18.43 23.14 -58.59
CA SER C 251 -18.29 24.39 -57.83
C SER C 251 -19.21 24.39 -56.62
N SER C 252 -19.41 23.24 -55.99
CA SER C 252 -20.29 23.13 -54.84
C SER C 252 -19.51 23.31 -53.54
N SER C 253 -20.25 23.51 -52.45
CA SER C 253 -19.66 23.68 -51.13
C SER C 253 -20.64 23.19 -50.08
N GLY C 254 -20.12 22.88 -48.91
CA GLY C 254 -20.95 22.40 -47.80
C GLY C 254 -20.90 20.88 -47.66
N TRP C 255 -22.00 20.22 -48.00
CA TRP C 255 -22.12 18.76 -47.92
C TRP C 255 -22.63 18.26 -49.27
N THR C 256 -21.69 17.94 -50.17
CA THR C 256 -22.05 17.45 -51.49
C THR C 256 -21.22 16.21 -51.84
N ALA C 257 -21.32 15.76 -53.09
CA ALA C 257 -20.54 14.66 -53.60
C ALA C 257 -19.98 15.01 -54.97
N GLY C 258 -18.80 14.49 -55.27
CA GLY C 258 -18.15 14.78 -56.53
C GLY C 258 -17.12 13.73 -56.91
N ALA C 259 -15.96 14.18 -57.41
CA ALA C 259 -14.88 13.27 -57.75
C ALA C 259 -13.57 13.98 -57.46
N ALA C 260 -12.76 13.40 -56.58
CA ALA C 260 -11.49 14.01 -56.21
C ALA C 260 -10.32 13.03 -56.24
N ALA C 261 -10.57 11.73 -56.07
CA ALA C 261 -9.51 10.72 -55.95
C ALA C 261 -8.48 11.14 -54.92
N TYR C 262 -8.97 11.59 -53.76
CA TYR C 262 -8.12 12.23 -52.75
C TYR C 262 -8.90 12.20 -51.44
N TYR C 263 -8.22 11.81 -50.36
CA TYR C 263 -8.89 11.56 -49.09
C TYR C 263 -8.10 12.21 -47.95
N VAL C 264 -8.82 12.90 -47.06
CA VAL C 264 -8.23 13.51 -45.88
C VAL C 264 -9.09 13.18 -44.67
N GLY C 265 -8.48 12.60 -43.65
CA GLY C 265 -9.19 12.30 -42.41
C GLY C 265 -8.32 12.61 -41.22
N TYR C 266 -8.97 12.96 -40.12
CA TYR C 266 -8.29 13.36 -38.89
C TYR C 266 -8.43 12.29 -37.82
N LEU C 267 -7.32 11.99 -37.15
CA LEU C 267 -7.28 10.97 -36.13
C LEU C 267 -7.67 11.54 -34.76
N GLN C 268 -8.26 10.70 -33.92
CA GLN C 268 -8.66 11.08 -32.58
C GLN C 268 -8.27 9.98 -31.61
N PRO C 269 -8.02 10.32 -30.33
CA PRO C 269 -7.67 9.30 -29.32
C PRO C 269 -8.88 8.52 -28.82
N ARG C 270 -9.24 7.48 -29.58
CA ARG C 270 -10.37 6.63 -29.25
C ARG C 270 -9.88 5.32 -28.63
N THR C 271 -10.82 4.40 -28.40
CA THR C 271 -10.51 3.09 -27.83
C THR C 271 -11.16 2.01 -28.69
N PHE C 272 -10.41 0.95 -28.98
CA PHE C 272 -10.85 -0.10 -29.87
C PHE C 272 -10.88 -1.44 -29.15
N LEU C 273 -11.49 -2.42 -29.80
CA LEU C 273 -11.63 -3.78 -29.29
C LEU C 273 -11.26 -4.77 -30.40
N LEU C 274 -10.08 -4.56 -30.98
CA LEU C 274 -9.65 -5.33 -32.16
C LEU C 274 -9.76 -6.83 -31.92
N LYS C 275 -10.31 -7.52 -32.91
CA LYS C 275 -10.43 -8.98 -32.90
C LYS C 275 -9.27 -9.59 -33.69
N TYR C 276 -8.94 -10.83 -33.35
CA TYR C 276 -7.85 -11.54 -34.00
C TYR C 276 -8.37 -12.87 -34.53
N ASN C 277 -7.53 -13.56 -35.29
CA ASN C 277 -7.88 -14.81 -35.95
C ASN C 277 -6.77 -15.80 -35.66
N GLU C 278 -7.00 -17.08 -35.98
CA GLU C 278 -5.94 -18.07 -35.74
C GLU C 278 -4.73 -17.81 -36.64
N ASN C 279 -4.92 -17.12 -37.75
CA ASN C 279 -3.83 -16.73 -38.63
C ASN C 279 -3.17 -15.43 -38.20
N GLY C 280 -3.67 -14.79 -37.14
CA GLY C 280 -3.08 -13.57 -36.63
C GLY C 280 -3.52 -12.29 -37.30
N THR C 281 -4.41 -12.37 -38.29
CA THR C 281 -4.85 -11.19 -39.02
C THR C 281 -6.08 -10.58 -38.37
N ILE C 282 -6.12 -9.25 -38.33
CA ILE C 282 -7.27 -8.54 -37.78
C ILE C 282 -8.44 -8.64 -38.76
N THR C 283 -9.59 -9.10 -38.25
CA THR C 283 -10.76 -9.28 -39.10
C THR C 283 -11.93 -8.38 -38.75
N ASP C 284 -12.02 -7.91 -37.50
CA ASP C 284 -13.15 -7.10 -37.07
C ASP C 284 -12.73 -6.20 -35.92
N ALA C 285 -13.54 -5.17 -35.68
CA ALA C 285 -13.30 -4.24 -34.59
C ALA C 285 -14.61 -3.54 -34.25
N VAL C 286 -14.60 -2.78 -33.16
CA VAL C 286 -15.77 -2.02 -32.73
C VAL C 286 -15.30 -0.85 -31.89
N ASP C 287 -15.92 0.30 -32.10
CA ASP C 287 -15.62 1.48 -31.30
C ASP C 287 -16.12 1.30 -29.87
N CYS C 288 -15.49 2.02 -28.94
CA CYS C 288 -15.86 1.96 -27.54
C CYS C 288 -16.76 3.11 -27.10
N ALA C 289 -16.78 4.21 -27.84
CA ALA C 289 -17.57 5.39 -27.46
C ALA C 289 -18.28 5.97 -28.67
N LEU C 290 -18.88 5.12 -29.50
CA LEU C 290 -19.65 5.58 -30.66
C LEU C 290 -21.15 5.58 -30.38
N ASP C 291 -21.69 4.42 -30.04
CA ASP C 291 -23.10 4.22 -29.74
C ASP C 291 -23.23 3.54 -28.39
N PRO C 292 -24.39 3.66 -27.74
CA PRO C 292 -24.58 2.91 -26.49
C PRO C 292 -24.38 1.41 -26.64
N LEU C 293 -24.82 0.84 -27.76
CA LEU C 293 -24.56 -0.57 -28.00
C LEU C 293 -23.08 -0.85 -28.16
N SER C 294 -22.35 0.05 -28.82
CA SER C 294 -20.91 -0.12 -28.95
C SER C 294 -20.22 -0.07 -27.60
N GLU C 295 -20.65 0.85 -26.73
CA GLU C 295 -20.08 0.90 -25.39
C GLU C 295 -20.40 -0.36 -24.59
N THR C 296 -21.63 -0.86 -24.72
CA THR C 296 -22.00 -2.10 -24.04
C THR C 296 -21.15 -3.26 -24.51
N LYS C 297 -20.93 -3.36 -25.82
CA LYS C 297 -20.04 -4.39 -26.34
C LYS C 297 -18.62 -4.22 -25.81
N CYS C 298 -18.17 -2.96 -25.70
CA CYS C 298 -16.80 -2.68 -25.28
C CYS C 298 -16.58 -3.03 -23.81
N THR C 299 -17.58 -2.82 -22.96
CA THR C 299 -17.46 -3.12 -21.54
C THR C 299 -17.73 -4.58 -21.22
N LEU C 300 -18.11 -5.38 -22.20
CA LEU C 300 -18.30 -6.81 -22.01
C LEU C 300 -17.31 -7.66 -22.80
N LYS C 301 -16.53 -7.07 -23.71
CA LYS C 301 -15.54 -7.78 -24.53
C LYS C 301 -16.20 -8.92 -25.30
N SER C 302 -17.26 -8.58 -26.02
CA SER C 302 -17.95 -9.53 -26.89
C SER C 302 -18.69 -8.77 -27.97
N PHE C 303 -18.98 -9.46 -29.06
CA PHE C 303 -19.71 -8.89 -30.18
C PHE C 303 -21.18 -9.26 -30.18
N THR C 304 -21.65 -10.01 -29.19
CA THR C 304 -23.05 -10.37 -29.05
C THR C 304 -23.50 -10.11 -27.62
N VAL C 305 -24.67 -9.48 -27.49
CA VAL C 305 -25.22 -9.12 -26.19
C VAL C 305 -26.65 -9.65 -26.12
N GLU C 306 -26.93 -10.49 -25.13
CA GLU C 306 -28.28 -10.99 -24.93
C GLU C 306 -29.16 -9.90 -24.32
N LYS C 307 -30.47 -10.12 -24.41
CA LYS C 307 -31.41 -9.12 -23.92
C LYS C 307 -31.29 -8.96 -22.41
N GLY C 308 -31.51 -7.74 -21.95
CA GLY C 308 -31.40 -7.41 -20.55
C GLY C 308 -31.04 -5.95 -20.37
N ILE C 309 -30.67 -5.61 -19.14
CA ILE C 309 -30.26 -4.25 -18.79
C ILE C 309 -28.85 -4.31 -18.22
N TYR C 310 -27.99 -3.42 -18.70
CA TYR C 310 -26.59 -3.41 -18.33
C TYR C 310 -26.21 -2.03 -17.79
N GLN C 311 -25.16 -2.00 -16.98
CA GLN C 311 -24.69 -0.78 -16.34
C GLN C 311 -23.34 -0.39 -16.97
N THR C 312 -23.40 0.57 -17.90
CA THR C 312 -22.21 1.06 -18.58
C THR C 312 -21.50 2.11 -17.74
N SER C 313 -20.56 2.84 -18.35
CA SER C 313 -19.71 3.79 -17.64
C SER C 313 -20.50 4.93 -17.01
N ASN C 314 -19.82 5.78 -16.25
CA ASN C 314 -20.46 6.81 -15.45
C ASN C 314 -20.79 8.04 -16.30
N PHE C 315 -21.79 8.79 -15.84
CA PHE C 315 -22.24 10.02 -16.47
C PHE C 315 -21.82 11.21 -15.60
N ARG C 316 -21.05 12.12 -16.19
CA ARG C 316 -20.44 13.20 -15.43
C ARG C 316 -20.34 14.46 -16.30
N VAL C 317 -20.68 15.60 -15.72
CA VAL C 317 -20.60 16.87 -16.44
C VAL C 317 -19.19 17.46 -16.25
N GLN C 318 -18.50 17.69 -17.36
CA GLN C 318 -17.16 18.25 -17.32
C GLN C 318 -17.21 19.74 -17.02
N PRO C 319 -16.23 20.27 -16.28
CA PRO C 319 -16.24 21.70 -15.94
C PRO C 319 -15.78 22.59 -17.10
N THR C 320 -15.73 23.89 -16.85
CA THR C 320 -15.27 24.85 -17.84
C THR C 320 -14.73 26.09 -17.12
N GLU C 321 -13.97 26.89 -17.86
CA GLU C 321 -13.37 28.13 -17.35
C GLU C 321 -12.41 27.86 -16.21
N SER C 322 -11.91 28.92 -15.57
CA SER C 322 -10.98 28.81 -14.45
C SER C 322 -10.84 30.17 -13.80
N ILE C 323 -10.75 30.18 -12.47
CA ILE C 323 -10.56 31.40 -11.70
C ILE C 323 -9.44 31.18 -10.68
N VAL C 324 -8.73 32.26 -10.37
CA VAL C 324 -7.57 32.23 -9.47
C VAL C 324 -7.75 33.34 -8.44
N ARG C 325 -7.04 33.19 -7.32
CA ARG C 325 -7.10 34.15 -6.23
C ARG C 325 -5.68 34.34 -5.69
N PHE C 326 -5.52 35.27 -4.75
CA PHE C 326 -4.23 35.43 -4.09
C PHE C 326 -4.49 35.44 -2.58
N PRO C 327 -3.47 35.14 -1.77
CA PRO C 327 -3.66 35.07 -0.32
C PRO C 327 -4.07 36.40 0.30
N ASN C 328 -4.50 36.33 1.56
CA ASN C 328 -5.15 37.46 2.23
C ASN C 328 -4.11 38.47 2.74
N ILE C 329 -3.41 39.09 1.79
CA ILE C 329 -2.46 40.17 2.07
C ILE C 329 -2.80 41.33 1.15
N THR C 330 -2.90 42.54 1.72
CA THR C 330 -3.36 43.71 0.98
C THR C 330 -2.44 44.91 1.05
N ASN C 331 -1.76 45.14 2.17
CA ASN C 331 -0.95 46.35 2.32
C ASN C 331 0.23 46.35 1.36
N LEU C 332 0.41 47.45 0.65
CA LEU C 332 1.42 47.57 -0.39
C LEU C 332 2.74 48.09 0.18
N CYS C 333 3.84 47.72 -0.49
CA CYS C 333 5.19 48.07 -0.06
C CYS C 333 5.58 49.46 -0.55
N PRO C 334 6.02 50.34 0.34
CA PRO C 334 6.50 51.68 -0.04
C PRO C 334 7.94 51.68 -0.56
N PHE C 335 8.08 51.41 -1.86
CA PHE C 335 9.39 51.38 -2.49
C PHE C 335 9.88 52.74 -2.95
N ASP C 336 9.07 53.80 -2.81
CA ASP C 336 9.44 55.09 -3.39
C ASP C 336 10.51 55.81 -2.57
N GLU C 337 10.67 55.49 -1.29
CA GLU C 337 11.70 56.16 -0.50
C GLU C 337 13.11 55.75 -0.95
N VAL C 338 13.34 54.46 -1.10
CA VAL C 338 14.67 53.98 -1.49
C VAL C 338 14.99 54.38 -2.92
N PHE C 339 14.02 54.21 -3.84
CA PHE C 339 14.28 54.48 -5.24
C PHE C 339 14.38 55.97 -5.54
N ASN C 340 13.69 56.80 -4.75
CA ASN C 340 13.71 58.25 -4.95
C ASN C 340 13.88 58.92 -3.59
N ALA C 341 15.07 59.46 -3.35
CA ALA C 341 15.36 60.18 -2.12
C ALA C 341 16.06 61.49 -2.45
N THR C 342 15.77 62.52 -1.66
CA THR C 342 16.32 63.84 -1.93
C THR C 342 17.80 63.93 -1.54
N ARG C 343 18.22 63.20 -0.51
CA ARG C 343 19.59 63.24 -0.02
C ARG C 343 20.11 61.81 0.14
N PHE C 344 21.36 61.61 -0.27
CA PHE C 344 22.02 60.32 -0.18
C PHE C 344 23.24 60.43 0.72
N ALA C 345 23.41 59.45 1.60
CA ALA C 345 24.57 59.42 2.47
C ALA C 345 25.82 59.00 1.69
N SER C 346 26.97 59.13 2.33
CA SER C 346 28.23 58.79 1.70
C SER C 346 28.34 57.28 1.51
N VAL C 347 29.31 56.88 0.69
CA VAL C 347 29.52 55.46 0.40
C VAL C 347 29.88 54.71 1.68
N TYR C 348 30.67 55.34 2.55
CA TYR C 348 30.96 54.73 3.85
C TYR C 348 29.75 54.76 4.77
N ALA C 349 28.83 55.70 4.57
CA ALA C 349 27.63 55.83 5.38
C ALA C 349 26.42 55.18 4.73
N TRP C 350 26.62 54.13 3.94
CA TRP C 350 25.52 53.45 3.28
C TRP C 350 24.59 52.83 4.31
N ASN C 351 23.29 52.95 4.05
CA ASN C 351 22.26 52.52 5.00
C ASN C 351 21.99 51.03 4.83
N ARG C 352 21.81 50.34 5.95
CA ARG C 352 21.41 48.93 5.96
C ARG C 352 20.02 48.89 6.60
N LYS C 353 18.99 49.08 5.77
CA LYS C 353 17.62 49.22 6.24
C LYS C 353 16.85 47.93 6.02
N ARG C 354 15.75 47.78 6.76
CA ARG C 354 14.91 46.61 6.71
C ARG C 354 13.53 46.99 6.19
N ILE C 355 13.06 46.27 5.17
CA ILE C 355 11.75 46.50 4.57
C ILE C 355 11.01 45.17 4.51
N SER C 356 9.81 45.15 5.09
CA SER C 356 8.97 43.95 5.12
C SER C 356 7.57 44.36 5.55
N ASN C 357 6.71 43.37 5.80
CA ASN C 357 5.36 43.59 6.31
C ASN C 357 4.52 44.43 5.35
N CYS C 358 4.47 43.99 4.10
CA CYS C 358 3.74 44.68 3.03
C CYS C 358 3.68 43.75 1.82
N VAL C 359 3.13 44.24 0.71
CA VAL C 359 3.06 43.50 -0.54
C VAL C 359 3.79 44.31 -1.60
N ALA C 360 4.81 43.72 -2.20
CA ALA C 360 5.70 44.42 -3.12
C ALA C 360 5.16 44.33 -4.54
N ASP C 361 5.10 45.48 -5.21
CA ASP C 361 4.68 45.57 -6.62
C ASP C 361 5.91 45.95 -7.42
N TYR C 362 6.57 44.94 -8.00
CA TYR C 362 7.78 45.17 -8.77
C TYR C 362 7.50 45.68 -10.19
N SER C 363 6.25 45.66 -10.64
CA SER C 363 5.91 46.13 -11.96
C SER C 363 5.78 47.65 -12.05
N VAL C 364 5.78 48.35 -10.92
CA VAL C 364 5.63 49.79 -10.92
C VAL C 364 6.97 50.53 -10.82
N LEU C 365 8.03 49.84 -10.38
CA LEU C 365 9.32 50.49 -10.20
C LEU C 365 10.06 50.72 -11.52
N TYR C 366 9.56 50.17 -12.63
CA TYR C 366 10.24 50.36 -13.91
C TYR C 366 10.24 51.82 -14.35
N ASN C 367 9.19 52.57 -13.99
CA ASN C 367 9.10 53.97 -14.33
C ASN C 367 9.70 54.90 -13.27
N PHE C 368 10.13 54.35 -12.13
CA PHE C 368 10.67 55.15 -11.05
C PHE C 368 12.13 55.51 -11.23
N ALA C 369 12.84 54.87 -12.16
CA ALA C 369 14.25 55.13 -12.38
C ALA C 369 14.62 54.68 -13.78
N PRO C 370 15.54 55.38 -14.47
CA PRO C 370 15.94 55.01 -15.82
C PRO C 370 17.04 53.94 -15.87
N PHE C 371 16.85 52.88 -15.08
CA PHE C 371 17.79 51.77 -15.09
C PHE C 371 17.57 50.89 -16.31
N PHE C 372 18.66 50.31 -16.80
CA PHE C 372 18.60 49.49 -18.00
C PHE C 372 19.35 48.17 -17.81
N ALA C 373 20.26 48.12 -16.84
CA ALA C 373 21.06 46.91 -16.64
C ALA C 373 20.21 45.80 -16.01
N PHE C 374 19.74 46.02 -14.79
CA PHE C 374 18.89 45.07 -14.06
C PHE C 374 19.56 43.70 -14.00
N LYS C 375 20.75 43.67 -13.39
CA LYS C 375 21.53 42.45 -13.32
C LYS C 375 21.06 41.59 -12.16
N CYS C 376 20.81 40.30 -12.44
CA CYS C 376 20.37 39.35 -11.43
C CYS C 376 21.27 38.12 -11.49
N TYR C 377 21.42 37.46 -10.33
CA TYR C 377 22.35 36.34 -10.21
C TYR C 377 21.64 35.01 -9.95
N GLY C 378 20.84 34.92 -8.90
CA GLY C 378 20.24 33.66 -8.50
C GLY C 378 18.78 33.47 -8.83
N VAL C 379 18.16 34.36 -9.60
CA VAL C 379 16.75 34.26 -9.94
C VAL C 379 16.51 35.04 -11.21
N SER C 380 15.58 34.55 -12.03
CA SER C 380 15.27 35.20 -13.29
C SER C 380 14.63 36.56 -13.05
N PRO C 381 14.98 37.58 -13.85
CA PRO C 381 14.37 38.90 -13.66
C PRO C 381 12.88 38.94 -13.94
N THR C 382 12.34 37.97 -14.68
CA THR C 382 10.95 38.03 -15.10
C THR C 382 9.99 37.49 -14.03
N LYS C 383 10.49 36.66 -13.11
CA LYS C 383 9.64 35.97 -12.15
C LYS C 383 9.89 36.44 -10.72
N LEU C 384 10.01 37.76 -10.53
CA LEU C 384 10.17 38.33 -9.21
C LEU C 384 8.84 38.70 -8.55
N ASN C 385 7.71 38.44 -9.21
CA ASN C 385 6.41 38.78 -8.67
C ASN C 385 5.76 37.61 -7.94
N ASP C 386 5.76 36.43 -8.55
CA ASP C 386 5.10 35.26 -7.99
C ASP C 386 5.95 34.53 -6.96
N LEU C 387 6.99 35.17 -6.44
CA LEU C 387 7.83 34.59 -5.39
C LEU C 387 7.48 35.21 -4.05
N CYS C 388 7.41 34.37 -3.01
CA CYS C 388 7.13 34.80 -1.66
C CYS C 388 8.43 34.77 -0.85
N PHE C 389 8.74 35.89 -0.21
CA PHE C 389 9.96 36.04 0.58
C PHE C 389 9.61 36.56 1.97
N THR C 390 10.29 36.03 2.98
CA THR C 390 10.06 36.49 4.34
C THR C 390 10.61 37.89 4.56
N ASN C 391 11.76 38.20 3.96
CA ASN C 391 12.44 39.46 4.19
C ASN C 391 12.92 40.07 2.87
N VAL C 392 13.04 41.39 2.86
CA VAL C 392 13.51 42.15 1.71
C VAL C 392 14.59 43.10 2.19
N TYR C 393 15.74 43.09 1.52
CA TYR C 393 16.87 43.94 1.87
C TYR C 393 17.00 45.06 0.85
N ALA C 394 17.21 46.28 1.33
CA ALA C 394 17.36 47.45 0.46
C ALA C 394 18.48 48.33 1.00
N ASP C 395 19.32 48.83 0.10
CA ASP C 395 20.41 49.73 0.46
C ASP C 395 20.75 50.62 -0.72
N SER C 396 21.22 51.83 -0.42
CA SER C 396 21.55 52.81 -1.45
C SER C 396 22.72 53.67 -1.00
N PHE C 397 23.63 53.94 -1.94
CA PHE C 397 24.79 54.79 -1.67
C PHE C 397 25.31 55.31 -3.00
N VAL C 398 26.15 56.34 -2.93
CA VAL C 398 26.68 57.02 -4.11
C VAL C 398 28.17 56.70 -4.23
N ILE C 399 28.60 56.36 -5.44
CA ILE C 399 29.99 56.05 -5.76
C ILE C 399 30.35 56.74 -7.06
N ARG C 400 31.57 56.51 -7.53
CA ARG C 400 32.01 56.98 -8.83
C ARG C 400 31.69 55.92 -9.89
N GLY C 401 31.54 56.39 -11.14
CA GLY C 401 31.15 55.49 -12.21
C GLY C 401 32.16 54.40 -12.52
N ASN C 402 33.45 54.70 -12.36
CA ASN C 402 34.49 53.75 -12.71
C ASN C 402 34.44 52.49 -11.84
N GLU C 403 33.78 52.56 -10.68
CA GLU C 403 33.70 51.43 -9.76
C GLU C 403 32.29 50.86 -9.70
N VAL C 404 31.51 51.02 -10.77
CA VAL C 404 30.16 50.48 -10.80
C VAL C 404 30.15 49.03 -11.26
N SER C 405 30.91 48.74 -12.33
CA SER C 405 31.03 47.36 -12.80
C SER C 405 31.66 46.46 -11.74
N GLN C 406 32.49 47.03 -10.87
CA GLN C 406 33.12 46.28 -9.79
C GLN C 406 32.10 45.80 -8.76
N ILE C 407 30.88 46.34 -8.76
CA ILE C 407 29.88 45.94 -7.78
C ILE C 407 29.27 44.62 -8.23
N ALA C 408 29.88 43.52 -7.77
CA ALA C 408 29.48 42.15 -8.12
C ALA C 408 30.26 41.17 -7.26
N PRO C 409 29.71 39.99 -6.96
CA PRO C 409 30.48 39.01 -6.21
C PRO C 409 31.72 38.56 -6.97
N GLY C 410 32.78 38.27 -6.21
CA GLY C 410 34.03 37.82 -6.79
C GLY C 410 34.98 38.90 -7.23
N GLN C 411 34.69 40.16 -6.95
CA GLN C 411 35.54 41.28 -7.34
C GLN C 411 36.44 41.70 -6.19
N THR C 412 37.55 42.35 -6.54
CA THR C 412 38.50 42.86 -5.57
C THR C 412 39.11 44.15 -6.10
N GLY C 413 39.61 44.97 -5.18
CA GLY C 413 40.29 46.19 -5.58
C GLY C 413 39.92 47.43 -4.80
N ASN C 414 39.69 48.53 -5.52
CA ASN C 414 39.45 49.82 -4.88
C ASN C 414 38.15 49.83 -4.08
N ILE C 415 37.05 49.42 -4.71
CA ILE C 415 35.74 49.50 -4.07
C ILE C 415 35.24 48.15 -3.56
N ALA C 416 35.78 47.04 -4.06
CA ALA C 416 35.32 45.72 -3.65
C ALA C 416 36.02 45.21 -2.40
N ASP C 417 36.99 45.96 -1.88
CA ASP C 417 37.70 45.57 -0.66
C ASP C 417 37.73 46.63 0.43
N TYR C 418 37.68 47.92 0.08
CA TYR C 418 37.68 48.99 1.06
C TYR C 418 36.30 49.57 1.34
N ASN C 419 35.35 49.45 0.41
CA ASN C 419 34.06 50.09 0.54
C ASN C 419 32.89 49.11 0.60
N TYR C 420 32.78 48.20 -0.36
CA TYR C 420 31.58 47.38 -0.48
C TYR C 420 31.97 45.99 -0.96
N LYS C 421 31.57 44.96 -0.21
CA LYS C 421 31.82 43.57 -0.57
C LYS C 421 30.55 42.76 -0.38
N LEU C 422 30.37 41.76 -1.24
CA LEU C 422 29.19 40.91 -1.21
C LEU C 422 29.61 39.44 -1.21
N PRO C 423 28.78 38.56 -0.65
CA PRO C 423 29.16 37.14 -0.55
C PRO C 423 29.14 36.45 -1.90
N ASP C 424 29.73 35.26 -1.93
CA ASP C 424 29.85 34.49 -3.16
C ASP C 424 28.52 33.86 -3.57
N ASP C 425 27.69 33.48 -2.59
CA ASP C 425 26.42 32.83 -2.87
C ASP C 425 25.26 33.82 -2.90
N PHE C 426 25.52 35.05 -3.35
CA PHE C 426 24.49 36.08 -3.39
C PHE C 426 23.41 35.73 -4.42
N THR C 427 22.18 36.10 -4.09
CA THR C 427 21.05 35.95 -4.99
C THR C 427 20.20 37.21 -4.92
N GLY C 428 19.46 37.47 -6.00
CA GLY C 428 18.67 38.68 -6.10
C GLY C 428 18.91 39.42 -7.39
N CYS C 429 18.89 40.75 -7.34
CA CYS C 429 19.08 41.56 -8.54
C CYS C 429 19.84 42.82 -8.18
N VAL C 430 20.44 43.44 -9.20
CA VAL C 430 21.23 44.66 -9.05
C VAL C 430 20.68 45.70 -10.00
N ILE C 431 20.42 46.90 -9.48
CA ILE C 431 19.82 47.99 -10.24
C ILE C 431 20.73 49.21 -10.16
N ALA C 432 21.04 49.80 -11.31
CA ALA C 432 21.89 50.98 -11.35
C ALA C 432 21.42 51.89 -12.47
N TRP C 433 21.72 53.18 -12.32
CA TRP C 433 21.34 54.18 -13.31
C TRP C 433 22.26 55.39 -13.18
N ASN C 434 22.24 56.24 -14.21
CA ASN C 434 23.04 57.45 -14.22
C ASN C 434 22.37 58.55 -13.42
N SER C 435 23.15 59.27 -12.64
CA SER C 435 22.66 60.38 -11.82
C SER C 435 23.62 61.56 -11.89
N ASN C 436 24.10 61.88 -13.10
CA ASN C 436 25.07 62.96 -13.24
C ASN C 436 24.43 64.32 -13.09
N LYS C 437 23.23 64.51 -13.65
CA LYS C 437 22.60 65.83 -13.70
C LYS C 437 22.04 66.30 -12.37
N LEU C 438 21.98 65.43 -11.36
CA LEU C 438 21.46 65.82 -10.06
C LEU C 438 22.38 65.47 -8.90
N ASP C 439 23.63 65.07 -9.18
CA ASP C 439 24.57 64.77 -8.12
C ASP C 439 25.98 65.29 -8.41
N SER C 440 26.12 66.28 -9.29
CA SER C 440 27.42 66.82 -9.64
C SER C 440 27.36 68.34 -9.66
N LYS C 441 28.48 68.96 -9.30
CA LYS C 441 28.63 70.41 -9.31
C LYS C 441 29.80 70.80 -10.20
N VAL C 442 29.61 71.85 -11.00
CA VAL C 442 30.67 72.30 -11.91
C VAL C 442 31.84 72.87 -11.12
N GLY C 443 31.55 73.58 -10.03
CA GLY C 443 32.62 74.13 -9.20
C GLY C 443 33.26 73.05 -8.32
N GLY C 444 32.48 72.09 -7.85
CA GLY C 444 32.98 71.04 -6.99
C GLY C 444 31.99 70.62 -5.92
N ASN C 445 31.80 69.31 -5.76
CA ASN C 445 30.84 68.76 -4.80
C ASN C 445 31.60 67.92 -3.79
N TYR C 446 31.66 68.41 -2.55
CA TYR C 446 32.36 67.72 -1.46
C TYR C 446 31.40 67.06 -0.49
N ASN C 447 30.14 66.85 -0.88
CA ASN C 447 29.15 66.27 0.01
C ASN C 447 29.33 64.77 0.21
N TYR C 448 30.17 64.12 -0.59
CA TYR C 448 30.39 62.67 -0.52
C TYR C 448 31.85 62.40 -0.20
N LEU C 449 32.07 61.60 0.84
CA LEU C 449 33.41 61.22 1.28
C LEU C 449 33.58 59.72 1.16
N TYR C 450 34.81 59.28 0.85
CA TYR C 450 35.11 57.86 0.76
C TYR C 450 36.44 57.56 1.43
N ARG C 451 36.46 56.49 2.22
CA ARG C 451 37.69 56.06 2.87
C ARG C 451 38.54 55.24 1.90
N LEU C 452 39.86 55.47 1.93
CA LEU C 452 40.78 54.72 1.08
C LEU C 452 41.90 54.03 1.85
N PHE C 453 42.27 54.52 3.04
CA PHE C 453 43.14 53.78 3.95
C PHE C 453 42.30 53.10 5.03
N ARG C 454 42.51 51.81 5.19
CA ARG C 454 41.85 51.03 6.24
C ARG C 454 42.81 49.96 6.73
N LYS C 455 42.50 49.41 7.91
CA LYS C 455 43.37 48.39 8.50
C LYS C 455 43.47 47.17 7.60
N SER C 456 42.36 46.72 7.05
CA SER C 456 42.32 45.58 6.13
C SER C 456 41.01 45.65 5.36
N ASN C 457 40.70 44.57 4.63
CA ASN C 457 39.44 44.49 3.91
C ASN C 457 38.32 44.17 4.89
N LEU C 458 37.33 45.05 4.98
CA LEU C 458 36.27 44.88 5.95
C LEU C 458 35.37 43.71 5.57
N LYS C 459 34.63 43.22 6.57
CA LYS C 459 33.76 42.08 6.37
C LYS C 459 32.59 42.44 5.46
N PRO C 460 32.07 41.48 4.70
CA PRO C 460 30.89 41.74 3.88
C PRO C 460 29.65 41.95 4.74
N PHE C 461 28.67 42.64 4.16
CA PHE C 461 27.41 42.97 4.84
C PHE C 461 27.65 43.84 6.06
N GLU C 462 28.74 44.59 6.07
CA GLU C 462 29.10 45.42 7.22
C GLU C 462 29.58 46.79 6.74
N ARG C 463 29.45 47.77 7.63
CA ARG C 463 29.89 49.14 7.36
C ARG C 463 30.93 49.55 8.39
N ASP C 464 32.03 50.12 7.93
CA ASP C 464 33.11 50.60 8.79
C ASP C 464 33.06 52.13 8.82
N ILE C 465 32.76 52.69 9.98
CA ILE C 465 32.60 54.14 10.12
C ILE C 465 33.62 54.68 11.11
N SER C 466 34.77 54.01 11.22
CA SER C 466 35.83 54.50 12.09
C SER C 466 36.43 55.78 11.52
N THR C 467 36.83 56.68 12.41
CA THR C 467 37.43 57.96 12.03
C THR C 467 38.76 58.10 12.77
N GLU C 468 39.86 57.87 12.05
CA GLU C 468 41.19 57.97 12.63
C GLU C 468 42.19 58.16 11.50
N ILE C 469 43.39 58.62 11.87
CA ILE C 469 44.45 58.88 10.91
C ILE C 469 45.28 57.62 10.74
N TYR C 470 45.33 57.09 9.52
CA TYR C 470 46.00 55.82 9.26
C TYR C 470 47.50 55.95 9.49
N GLN C 471 48.08 54.95 10.14
CA GLN C 471 49.51 54.91 10.42
C GLN C 471 50.22 54.31 9.20
N ALA C 472 50.81 55.16 8.38
CA ALA C 472 51.51 54.75 7.16
C ALA C 472 52.98 55.10 7.22
N GLY C 473 53.59 54.95 8.40
CA GLY C 473 55.00 55.24 8.56
C GLY C 473 55.45 54.91 9.95
N ASN C 474 56.78 54.98 10.15
CA ASN C 474 57.35 54.70 11.45
C ASN C 474 57.03 55.80 12.47
N LYS C 475 56.85 57.03 12.00
CA LYS C 475 56.48 58.12 12.90
C LYS C 475 55.08 57.87 13.46
N PRO C 476 54.88 58.07 14.77
CA PRO C 476 53.56 57.82 15.36
C PRO C 476 52.49 58.77 14.84
N CYS C 477 51.54 58.23 14.08
CA CYS C 477 50.43 59.02 13.53
C CYS C 477 49.38 59.19 14.62
N ASN C 478 49.64 60.13 15.53
CA ASN C 478 48.71 60.39 16.62
C ASN C 478 47.36 60.91 16.09
N GLY C 479 47.41 61.79 15.10
CA GLY C 479 46.18 62.32 14.54
C GLY C 479 46.46 63.51 13.65
N VAL C 480 45.42 64.31 13.44
CA VAL C 480 45.47 65.53 12.63
C VAL C 480 45.95 65.18 11.23
N ALA C 481 47.24 65.42 10.96
CA ALA C 481 47.83 65.21 9.64
C ALA C 481 49.35 65.20 9.80
N GLY C 482 50.05 65.20 8.67
CA GLY C 482 51.50 65.19 8.67
C GLY C 482 52.07 64.21 7.67
N PHE C 483 53.40 64.20 7.52
CA PHE C 483 54.03 63.27 6.60
C PHE C 483 53.86 61.83 7.09
N ASN C 484 53.64 60.92 6.14
CA ASN C 484 53.39 59.50 6.39
C ASN C 484 52.12 59.28 7.21
N CYS C 485 51.29 60.30 7.36
CA CYS C 485 50.02 60.19 8.08
C CYS C 485 48.96 60.86 7.20
N TYR C 486 48.29 60.07 6.38
CA TYR C 486 47.37 60.58 5.37
C TYR C 486 45.93 60.39 5.82
N PHE C 487 45.09 61.38 5.52
CA PHE C 487 43.68 61.30 5.88
C PHE C 487 42.95 60.43 4.87
N PRO C 488 42.38 59.30 5.26
CA PRO C 488 41.76 58.39 4.28
C PRO C 488 40.50 58.95 3.64
N LEU C 489 39.84 59.93 4.25
CA LEU C 489 38.55 60.43 3.76
C LEU C 489 38.79 61.45 2.65
N ARG C 490 39.19 60.94 1.49
CA ARG C 490 39.29 61.77 0.31
C ARG C 490 37.90 62.09 -0.23
N SER C 491 37.73 63.33 -0.70
CA SER C 491 36.42 63.81 -1.12
C SER C 491 36.27 63.72 -2.63
N TYR C 492 35.04 63.45 -3.06
CA TYR C 492 34.74 63.39 -4.49
C TYR C 492 34.79 64.78 -5.11
N GLY C 493 34.95 64.81 -6.43
CA GLY C 493 34.98 66.06 -7.19
C GLY C 493 34.13 65.94 -8.44
N PHE C 494 32.91 65.42 -8.27
CA PHE C 494 32.01 65.21 -9.40
C PHE C 494 31.78 66.51 -10.17
N ARG C 495 31.92 66.44 -11.48
CA ARG C 495 31.81 67.62 -12.34
C ARG C 495 31.33 67.20 -13.71
N PRO C 496 30.63 68.07 -14.44
CA PRO C 496 30.21 67.73 -15.80
C PRO C 496 31.36 67.52 -16.76
N THR C 497 32.55 68.04 -16.46
CA THR C 497 33.70 67.84 -17.33
C THR C 497 34.07 66.37 -17.42
N TYR C 498 33.78 65.59 -16.39
CA TYR C 498 34.07 64.16 -16.42
C TYR C 498 33.24 63.47 -17.48
N GLY C 499 33.84 62.48 -18.13
CA GLY C 499 33.16 61.64 -19.09
C GLY C 499 32.58 60.41 -18.45
N VAL C 500 32.52 59.32 -19.23
CA VAL C 500 32.04 58.06 -18.70
C VAL C 500 33.09 57.44 -17.78
N GLY C 501 32.68 57.07 -16.58
CA GLY C 501 33.58 56.49 -15.61
C GLY C 501 33.77 57.34 -14.37
N HIS C 502 33.87 58.65 -14.53
CA HIS C 502 34.03 59.55 -13.40
C HIS C 502 32.76 60.29 -13.02
N GLN C 503 31.71 60.19 -13.82
CA GLN C 503 30.46 60.86 -13.49
C GLN C 503 29.76 60.14 -12.33
N PRO C 504 29.05 60.87 -11.48
CA PRO C 504 28.38 60.24 -10.33
C PRO C 504 27.17 59.42 -10.78
N TYR C 505 27.16 58.15 -10.38
CA TYR C 505 26.07 57.23 -10.69
C TYR C 505 25.40 56.79 -9.40
N ARG C 506 24.32 56.03 -9.55
CA ARG C 506 23.54 55.52 -8.43
C ARG C 506 23.29 54.03 -8.64
N VAL C 507 23.47 53.24 -7.58
CA VAL C 507 23.30 51.79 -7.65
C VAL C 507 22.50 51.33 -6.44
N VAL C 508 21.57 50.39 -6.67
CA VAL C 508 20.77 49.78 -5.63
C VAL C 508 20.71 48.28 -5.87
N VAL C 509 20.87 47.50 -4.80
CA VAL C 509 20.83 46.05 -4.87
C VAL C 509 19.86 45.52 -3.83
N LEU C 510 19.05 44.54 -4.22
CA LEU C 510 18.07 43.91 -3.34
C LEU C 510 18.52 42.49 -3.02
N SER C 511 18.59 42.18 -1.73
CA SER C 511 19.09 40.89 -1.26
C SER C 511 17.94 40.05 -0.72
N PHE C 512 17.82 38.83 -1.21
CA PHE C 512 16.82 37.88 -0.76
C PHE C 512 17.50 36.60 -0.28
N GLU C 513 16.76 35.80 0.46
CA GLU C 513 17.20 34.46 0.84
C GLU C 513 15.99 33.55 0.93
N LEU C 514 16.09 32.36 0.36
CA LEU C 514 14.97 31.42 0.28
C LEU C 514 15.00 30.45 1.47
N LEU C 515 15.03 31.03 2.67
CA LEU C 515 15.00 30.22 3.88
C LEU C 515 13.59 29.67 4.10
N HIS C 516 13.49 28.67 4.98
CA HIS C 516 12.22 27.99 5.24
C HIS C 516 11.47 28.67 6.38
N ALA C 517 11.23 29.97 6.21
CA ALA C 517 10.50 30.80 7.14
C ALA C 517 9.17 31.25 6.53
N PRO C 518 8.16 31.52 7.35
CA PRO C 518 6.86 31.91 6.79
C PRO C 518 6.95 33.18 5.97
N ALA C 519 6.19 33.21 4.88
CA ALA C 519 6.21 34.35 3.98
C ALA C 519 5.59 35.59 4.62
N THR C 520 6.12 36.75 4.24
CA THR C 520 5.60 38.04 4.70
C THR C 520 5.19 38.95 3.55
N VAL C 521 5.94 38.94 2.45
CA VAL C 521 5.64 39.76 1.28
C VAL C 521 5.55 38.85 0.06
N CYS C 522 4.48 39.02 -0.73
CA CYS C 522 4.26 38.21 -1.91
C CYS C 522 3.75 39.06 -3.07
N GLY C 523 3.24 38.42 -4.11
CA GLY C 523 2.72 39.12 -5.26
C GLY C 523 1.22 39.32 -5.23
N PRO C 524 0.71 40.13 -6.17
CA PRO C 524 -0.74 40.36 -6.25
C PRO C 524 -1.39 39.55 -7.37
N LYS C 525 -1.87 40.22 -8.41
CA LYS C 525 -2.48 39.60 -9.59
C LYS C 525 -3.86 39.04 -9.28
N LYS C 526 -4.82 39.27 -10.19
CA LYS C 526 -6.21 38.95 -9.92
C LYS C 526 -6.79 37.88 -10.85
N SER C 527 -6.45 37.93 -12.14
CA SER C 527 -7.00 37.05 -13.18
C SER C 527 -8.51 37.22 -13.21
N THR C 528 -9.31 36.16 -13.04
CA THR C 528 -10.76 36.25 -13.14
C THR C 528 -11.37 36.78 -11.85
N ASN C 529 -12.49 37.49 -11.99
CA ASN C 529 -13.17 38.08 -10.84
C ASN C 529 -13.95 37.07 -10.02
N LEU C 530 -15.00 36.48 -10.59
CA LEU C 530 -15.91 35.56 -9.90
C LEU C 530 -16.87 34.96 -10.92
N VAL C 531 -17.46 33.83 -10.54
CA VAL C 531 -18.57 33.22 -11.25
C VAL C 531 -19.63 32.84 -10.21
N LYS C 532 -20.88 32.78 -10.65
CA LYS C 532 -21.99 32.52 -9.73
C LYS C 532 -22.62 31.15 -9.92
N ASN C 533 -23.11 30.83 -11.13
CA ASN C 533 -23.72 29.53 -11.40
C ASN C 533 -23.09 28.95 -12.67
N LYS C 534 -21.92 28.32 -12.52
CA LYS C 534 -21.25 27.60 -13.58
C LYS C 534 -20.35 26.55 -12.94
N CYS C 535 -19.96 25.57 -13.75
CA CYS C 535 -19.00 24.56 -13.30
C CYS C 535 -17.60 25.05 -13.66
N VAL C 536 -16.87 25.51 -12.64
CA VAL C 536 -15.58 26.16 -12.86
C VAL C 536 -14.54 25.58 -11.90
N ASN C 537 -13.28 25.67 -12.32
CA ASN C 537 -12.15 25.24 -11.51
C ASN C 537 -11.72 26.36 -10.57
N PHE C 538 -10.96 25.98 -9.53
CA PHE C 538 -10.58 26.89 -8.48
C PHE C 538 -9.07 26.91 -8.28
N ASN C 539 -8.56 28.08 -7.91
CA ASN C 539 -7.20 28.26 -7.43
C ASN C 539 -7.21 29.15 -6.21
N PHE C 540 -8.08 28.82 -5.25
CA PHE C 540 -8.35 29.66 -4.09
C PHE C 540 -7.24 29.56 -3.04
N ASN C 541 -7.55 30.02 -1.83
CA ASN C 541 -6.56 30.20 -0.77
C ASN C 541 -6.42 28.93 0.05
N GLY C 542 -6.56 27.78 -0.59
CA GLY C 542 -6.42 26.51 0.10
C GLY C 542 -7.55 25.53 -0.14
N LEU C 543 -8.31 25.74 -1.19
CA LEU C 543 -9.39 24.82 -1.56
C LEU C 543 -9.13 24.10 -2.88
N THR C 544 -8.87 24.85 -3.96
CA THR C 544 -8.65 24.28 -5.29
C THR C 544 -9.78 23.33 -5.69
N GLY C 545 -11.01 23.74 -5.41
CA GLY C 545 -12.16 22.92 -5.66
C GLY C 545 -12.67 23.03 -7.09
N THR C 546 -13.85 22.46 -7.31
CA THR C 546 -14.51 22.50 -8.62
C THR C 546 -16.01 22.32 -8.37
N GLY C 547 -16.75 23.41 -8.48
CA GLY C 547 -18.17 23.36 -8.19
C GLY C 547 -18.96 24.44 -8.89
N VAL C 548 -20.17 24.67 -8.37
CA VAL C 548 -21.12 25.64 -8.91
C VAL C 548 -21.45 26.67 -7.85
N LEU C 549 -20.46 27.00 -7.02
CA LEU C 549 -20.62 27.85 -5.84
C LEU C 549 -21.40 29.12 -6.15
N THR C 550 -22.55 29.27 -5.47
CA THR C 550 -23.40 30.46 -5.66
C THR C 550 -23.31 31.42 -4.50
N GLU C 551 -23.64 30.97 -3.28
CA GLU C 551 -23.77 31.86 -2.13
C GLU C 551 -24.00 31.01 -0.89
N SER C 552 -23.73 31.61 0.27
CA SER C 552 -24.04 31.00 1.56
C SER C 552 -24.82 32.00 2.40
N ASN C 553 -26.05 31.65 2.74
CA ASN C 553 -26.93 32.51 3.54
C ASN C 553 -26.87 32.18 5.02
N LYS C 554 -26.05 31.21 5.43
CA LYS C 554 -25.93 30.87 6.83
C LYS C 554 -25.24 31.99 7.60
N LYS C 555 -25.57 32.09 8.89
CA LYS C 555 -24.95 33.08 9.77
C LYS C 555 -23.64 32.53 10.32
N PHE C 556 -22.64 32.52 9.45
CA PHE C 556 -21.35 31.93 9.78
C PHE C 556 -20.60 32.79 10.78
N LEU C 557 -19.81 32.13 11.63
CA LEU C 557 -19.00 32.83 12.62
C LEU C 557 -17.94 33.68 11.90
N PRO C 558 -17.60 34.86 12.45
CA PRO C 558 -16.67 35.75 11.76
C PRO C 558 -15.32 35.14 11.40
N PHE C 559 -14.58 34.65 12.39
CA PHE C 559 -13.23 34.15 12.13
C PHE C 559 -13.21 32.65 11.84
N GLN C 560 -14.10 32.23 10.92
CA GLN C 560 -14.14 30.83 10.49
C GLN C 560 -14.41 30.81 9.00
N GLN C 561 -13.57 30.10 8.26
CA GLN C 561 -13.55 30.18 6.81
C GLN C 561 -13.99 28.89 6.13
N PHE C 562 -13.42 27.76 6.52
CA PHE C 562 -13.60 26.50 5.80
C PHE C 562 -14.67 25.69 6.49
N GLY C 563 -15.76 25.42 5.79
CA GLY C 563 -16.82 24.59 6.34
C GLY C 563 -16.52 23.12 6.22
N ARG C 564 -17.18 22.33 7.06
CA ARG C 564 -17.06 20.88 7.06
C ARG C 564 -18.42 20.27 7.36
N ASP C 565 -18.51 18.96 7.22
CA ASP C 565 -19.76 18.24 7.45
C ASP C 565 -19.44 16.96 8.22
N ILE C 566 -20.42 16.06 8.31
CA ILE C 566 -20.24 14.79 9.02
C ILE C 566 -19.24 13.88 8.33
N ALA C 567 -18.96 14.11 7.04
CA ALA C 567 -18.02 13.29 6.29
C ALA C 567 -16.69 14.02 6.05
N ASP C 568 -16.46 15.14 6.71
CA ASP C 568 -15.21 15.91 6.59
C ASP C 568 -14.98 16.34 5.13
N THR C 569 -15.94 17.10 4.62
CA THR C 569 -15.90 17.62 3.25
C THR C 569 -16.01 19.13 3.29
N THR C 570 -15.14 19.81 2.55
CA THR C 570 -15.13 21.27 2.54
C THR C 570 -16.38 21.79 1.83
N ASP C 571 -17.08 22.72 2.47
CA ASP C 571 -18.31 23.28 1.92
C ASP C 571 -18.38 24.80 2.00
N ALA C 572 -17.25 25.46 2.27
CA ALA C 572 -17.26 26.91 2.43
C ALA C 572 -15.88 27.46 2.07
N VAL C 573 -15.87 28.69 1.56
CA VAL C 573 -14.65 29.35 1.14
C VAL C 573 -14.68 30.79 1.62
N ARG C 574 -13.59 31.24 2.24
CA ARG C 574 -13.45 32.65 2.57
C ARG C 574 -13.11 33.44 1.31
N ASP C 575 -13.87 34.52 1.08
CA ASP C 575 -13.68 35.35 -0.10
C ASP C 575 -12.64 36.42 0.20
N PRO C 576 -11.53 36.49 -0.54
CA PRO C 576 -10.47 37.44 -0.18
C PRO C 576 -10.90 38.90 -0.22
N GLN C 577 -11.96 39.25 -0.93
CA GLN C 577 -12.29 40.66 -1.15
C GLN C 577 -13.51 41.10 -0.37
N THR C 578 -14.67 40.48 -0.61
CA THR C 578 -15.89 40.85 0.10
C THR C 578 -16.09 40.08 1.39
N LEU C 579 -15.19 39.13 1.69
CA LEU C 579 -15.25 38.35 2.92
C LEU C 579 -16.54 37.54 2.97
N GLU C 580 -17.10 37.24 1.80
CA GLU C 580 -18.38 36.55 1.69
C GLU C 580 -18.15 35.05 1.53
N ILE C 581 -18.74 34.25 2.40
CA ILE C 581 -18.51 32.81 2.38
C ILE C 581 -19.27 32.18 1.22
N LEU C 582 -18.59 31.32 0.47
CA LEU C 582 -19.19 30.61 -0.65
C LEU C 582 -19.68 29.24 -0.19
N ASP C 583 -20.13 28.40 -1.14
CA ASP C 583 -20.76 27.13 -0.78
C ASP C 583 -20.38 26.08 -1.83
N ILE C 584 -19.44 25.20 -1.46
CA ILE C 584 -18.99 24.15 -2.38
C ILE C 584 -20.16 23.24 -2.73
N THR C 585 -20.30 22.93 -4.01
CA THR C 585 -21.33 22.00 -4.48
C THR C 585 -20.86 21.31 -5.76
N PRO C 586 -20.78 19.98 -5.78
CA PRO C 586 -20.22 19.28 -6.94
C PRO C 586 -21.13 19.29 -8.15
N CYS C 587 -20.74 18.56 -9.20
CA CYS C 587 -21.45 18.57 -10.47
C CYS C 587 -22.75 17.78 -10.37
N SER C 588 -23.40 17.58 -11.51
CA SER C 588 -24.69 16.89 -11.60
C SER C 588 -24.56 15.48 -12.11
N PHE C 589 -23.53 14.76 -11.68
CA PHE C 589 -23.28 13.40 -12.14
C PHE C 589 -24.44 12.48 -11.80
N GLY C 590 -24.62 11.45 -12.61
CA GLY C 590 -25.63 10.44 -12.38
C GLY C 590 -25.14 9.04 -12.74
N GLY C 591 -25.95 8.33 -13.52
CA GLY C 591 -25.58 7.01 -14.00
C GLY C 591 -26.45 6.59 -15.18
N VAL C 592 -25.90 5.81 -16.11
CA VAL C 592 -26.61 5.42 -17.32
C VAL C 592 -26.68 3.91 -17.40
N SER C 593 -27.83 3.40 -17.82
CA SER C 593 -28.04 1.99 -18.05
C SER C 593 -28.62 1.80 -19.45
N VAL C 594 -28.22 0.72 -20.11
CA VAL C 594 -28.59 0.46 -21.49
C VAL C 594 -29.58 -0.69 -21.50
N ILE C 595 -30.82 -0.41 -21.90
CA ILE C 595 -31.86 -1.42 -22.02
C ILE C 595 -31.95 -1.81 -23.49
N THR C 596 -31.59 -3.06 -23.79
CA THR C 596 -31.59 -3.53 -25.16
C THR C 596 -32.19 -4.93 -25.24
N PRO C 597 -32.86 -5.26 -26.33
CA PRO C 597 -33.24 -6.64 -26.60
C PRO C 597 -32.04 -7.40 -27.14
N GLY C 598 -32.26 -8.67 -27.47
CA GLY C 598 -31.20 -9.49 -28.02
C GLY C 598 -30.63 -8.93 -29.31
N THR C 599 -29.30 -8.81 -29.38
CA THR C 599 -28.66 -8.29 -30.58
C THR C 599 -28.87 -9.21 -31.77
N ASN C 600 -29.21 -10.47 -31.53
CA ASN C 600 -29.58 -11.37 -32.62
C ASN C 600 -30.96 -11.06 -33.19
N THR C 601 -31.75 -10.25 -32.49
CA THR C 601 -33.11 -9.93 -32.90
C THR C 601 -33.22 -8.52 -33.47
N SER C 602 -32.76 -7.51 -32.73
CA SER C 602 -32.90 -6.12 -33.16
C SER C 602 -31.58 -5.39 -32.91
N ASN C 603 -31.60 -4.07 -33.12
CA ASN C 603 -30.40 -3.26 -32.97
C ASN C 603 -30.66 -1.92 -32.29
N GLN C 604 -31.77 -1.81 -31.54
CA GLN C 604 -32.13 -0.57 -30.88
C GLN C 604 -31.92 -0.69 -29.37
N VAL C 605 -31.57 0.43 -28.74
CA VAL C 605 -31.32 0.48 -27.30
C VAL C 605 -32.07 1.65 -26.70
N ALA C 606 -32.29 1.57 -25.39
CA ALA C 606 -32.91 2.64 -24.62
C ALA C 606 -32.02 2.94 -23.43
N VAL C 607 -31.73 4.22 -23.20
CA VAL C 607 -30.80 4.66 -22.18
C VAL C 607 -31.60 5.22 -21.01
N LEU C 608 -31.29 4.73 -19.81
CA LEU C 608 -31.96 5.15 -18.59
C LEU C 608 -30.99 5.96 -17.72
N TYR C 609 -31.33 7.22 -17.48
CA TYR C 609 -30.55 8.07 -16.59
C TYR C 609 -31.15 7.94 -15.19
N GLN C 610 -30.45 7.20 -14.33
CA GLN C 610 -30.98 6.86 -13.00
C GLN C 610 -30.60 7.94 -11.98
N GLY C 611 -31.58 8.36 -11.19
CA GLY C 611 -31.37 9.34 -10.15
C GLY C 611 -31.45 10.79 -10.59
N VAL C 612 -31.65 11.05 -11.87
CA VAL C 612 -31.69 12.39 -12.42
C VAL C 612 -33.06 12.63 -13.04
N ASN C 613 -33.68 13.76 -12.70
CA ASN C 613 -34.96 14.10 -13.29
C ASN C 613 -34.78 14.46 -14.77
N CYS C 614 -35.88 14.39 -15.51
CA CYS C 614 -35.82 14.56 -16.96
C CYS C 614 -35.39 15.98 -17.34
N THR C 615 -35.85 16.99 -16.60
CA THR C 615 -35.62 18.38 -16.97
C THR C 615 -34.15 18.78 -16.93
N GLU C 616 -33.29 17.97 -16.32
CA GLU C 616 -31.86 18.28 -16.23
C GLU C 616 -31.17 17.90 -17.54
N VAL C 617 -29.84 17.83 -17.48
CA VAL C 617 -28.95 17.56 -18.61
C VAL C 617 -29.47 16.47 -19.55
N PRO C 618 -30.07 15.35 -19.05
CA PRO C 618 -30.65 14.35 -19.96
C PRO C 618 -31.35 14.91 -21.19
N VAL C 619 -32.16 15.96 -21.01
CA VAL C 619 -32.79 16.62 -22.15
C VAL C 619 -32.08 17.91 -22.54
N ALA C 620 -30.98 18.26 -21.88
CA ALA C 620 -30.24 19.49 -22.14
C ALA C 620 -28.77 19.20 -22.37
N ILE C 621 -28.46 18.11 -23.06
CA ILE C 621 -27.08 17.79 -23.39
C ILE C 621 -26.55 18.80 -24.41
N HIS C 622 -25.26 19.10 -24.32
CA HIS C 622 -24.62 20.05 -25.22
C HIS C 622 -23.33 19.45 -25.76
N ALA C 623 -23.00 19.83 -26.99
CA ALA C 623 -21.78 19.36 -27.63
C ALA C 623 -20.56 19.95 -26.94
N ASP C 624 -19.49 19.14 -26.85
CA ASP C 624 -18.25 19.54 -26.19
C ASP C 624 -18.49 19.96 -24.75
N GLN C 625 -19.45 19.32 -24.08
CA GLN C 625 -19.81 19.67 -22.71
C GLN C 625 -20.00 18.47 -21.80
N LEU C 626 -20.13 17.26 -22.33
CA LEU C 626 -20.50 16.11 -21.52
C LEU C 626 -19.51 14.97 -21.77
N THR C 627 -19.38 14.09 -20.78
CA THR C 627 -18.38 13.02 -20.82
C THR C 627 -18.75 11.91 -21.80
N PRO C 628 -19.97 11.37 -21.79
CA PRO C 628 -20.31 10.34 -22.79
C PRO C 628 -20.23 10.89 -24.21
N THR C 629 -19.43 10.24 -25.04
CA THR C 629 -19.25 10.68 -26.42
C THR C 629 -20.55 10.56 -27.21
N TRP C 630 -21.28 9.47 -27.01
CA TRP C 630 -22.52 9.27 -27.75
C TRP C 630 -23.60 10.22 -27.26
N ARG C 631 -24.17 11.00 -28.18
CA ARG C 631 -25.26 11.90 -27.86
C ARG C 631 -26.31 11.97 -28.96
N VAL C 632 -26.28 11.04 -29.93
CA VAL C 632 -27.18 11.09 -31.07
C VAL C 632 -28.63 10.93 -30.63
N TYR C 633 -28.87 10.23 -29.51
CA TYR C 633 -30.23 10.04 -29.03
C TYR C 633 -30.88 11.38 -28.66
N SER C 634 -30.13 12.24 -27.99
CA SER C 634 -30.60 13.57 -27.60
C SER C 634 -31.94 13.50 -26.87
N THR C 635 -32.85 14.43 -27.17
CA THR C 635 -34.19 14.39 -26.61
C THR C 635 -35.15 13.65 -27.53
N GLY C 636 -35.33 14.17 -28.74
CA GLY C 636 -36.12 13.53 -29.79
C GLY C 636 -37.43 12.88 -29.36
N SER C 637 -38.14 13.53 -28.44
CA SER C 637 -39.40 12.99 -27.89
C SER C 637 -39.19 11.63 -27.25
N ASN C 638 -40.28 10.92 -26.96
CA ASN C 638 -40.23 9.62 -26.31
C ASN C 638 -39.49 9.69 -24.98
N VAL C 639 -39.71 10.78 -24.23
CA VAL C 639 -39.07 11.00 -22.95
C VAL C 639 -40.11 10.75 -21.86
N PHE C 640 -39.85 9.76 -21.02
CA PHE C 640 -40.77 9.35 -19.96
C PHE C 640 -40.09 9.48 -18.62
N GLN C 641 -40.82 9.99 -17.63
CA GLN C 641 -40.30 10.17 -16.28
C GLN C 641 -40.72 9.01 -15.40
N THR C 642 -39.76 8.43 -14.70
CA THR C 642 -40.00 7.29 -13.84
C THR C 642 -39.39 7.57 -12.47
N ARG C 643 -39.96 6.95 -11.43
CA ARG C 643 -39.43 7.10 -10.09
C ARG C 643 -38.02 6.55 -9.93
N ALA C 644 -37.55 5.74 -10.88
CA ALA C 644 -36.20 5.19 -10.86
C ALA C 644 -35.30 5.90 -11.88
N GLY C 645 -35.63 7.14 -12.21
CA GLY C 645 -34.86 7.93 -13.16
C GLY C 645 -35.62 8.20 -14.44
N CYS C 646 -34.94 8.85 -15.36
CA CYS C 646 -35.51 9.25 -16.64
C CYS C 646 -34.86 8.41 -17.75
N LEU C 647 -35.70 7.76 -18.57
CA LEU C 647 -35.24 6.92 -19.65
C LEU C 647 -35.59 7.57 -21.00
N ILE C 648 -34.69 7.40 -21.97
CA ILE C 648 -34.82 8.00 -23.28
C ILE C 648 -34.83 6.90 -24.33
N GLY C 649 -35.79 6.94 -25.24
CA GLY C 649 -35.86 6.00 -26.34
C GLY C 649 -37.04 5.07 -26.33
N ALA C 650 -37.96 5.19 -25.37
CA ALA C 650 -39.13 4.34 -25.31
C ALA C 650 -40.36 5.20 -25.03
N GLU C 651 -41.52 4.70 -25.45
CA GLU C 651 -42.78 5.41 -25.29
C GLU C 651 -43.72 4.58 -24.42
N TYR C 652 -44.35 5.23 -23.45
CA TYR C 652 -45.26 4.56 -22.54
C TYR C 652 -46.53 4.13 -23.27
N VAL C 653 -47.06 2.97 -22.89
CA VAL C 653 -48.31 2.45 -23.42
C VAL C 653 -49.21 2.08 -22.25
N ASN C 654 -50.48 2.44 -22.33
CA ASN C 654 -51.44 2.19 -21.25
C ASN C 654 -52.00 0.77 -21.33
N ASN C 655 -51.08 -0.19 -21.29
CA ASN C 655 -51.45 -1.59 -21.28
C ASN C 655 -50.79 -2.31 -20.12
N SER C 656 -50.90 -3.64 -20.08
CA SER C 656 -50.33 -4.43 -18.98
C SER C 656 -49.95 -5.81 -19.51
N TYR C 657 -48.67 -6.16 -19.36
CA TYR C 657 -48.19 -7.47 -19.74
C TYR C 657 -47.23 -7.96 -18.66
N GLU C 658 -46.80 -9.21 -18.79
CA GLU C 658 -45.82 -9.78 -17.88
C GLU C 658 -44.48 -9.08 -18.05
N CYS C 659 -43.78 -8.89 -16.92
CA CYS C 659 -42.52 -8.16 -16.93
C CYS C 659 -41.47 -8.92 -17.71
N ASP C 660 -40.88 -8.27 -18.72
CA ASP C 660 -39.83 -8.87 -19.53
C ASP C 660 -38.44 -8.40 -19.11
N ILE C 661 -38.21 -7.08 -19.13
CA ILE C 661 -36.94 -6.52 -18.69
C ILE C 661 -37.22 -5.55 -17.55
N PRO C 662 -36.89 -5.92 -16.31
CA PRO C 662 -37.18 -5.04 -15.17
C PRO C 662 -36.42 -3.72 -15.27
N ILE C 663 -37.08 -2.65 -14.80
CA ILE C 663 -36.50 -1.32 -14.76
C ILE C 663 -36.41 -0.78 -13.34
N GLY C 664 -37.48 -0.93 -12.56
CA GLY C 664 -37.51 -0.45 -11.20
C GLY C 664 -38.79 0.29 -10.90
N ALA C 665 -39.23 0.20 -9.64
CA ALA C 665 -40.43 0.90 -9.15
C ALA C 665 -41.68 0.49 -9.91
N GLY C 666 -41.72 -0.73 -10.43
CA GLY C 666 -42.91 -1.25 -11.07
C GLY C 666 -43.00 -1.01 -12.57
N ILE C 667 -41.91 -0.65 -13.24
CA ILE C 667 -41.91 -0.38 -14.66
C ILE C 667 -41.09 -1.45 -15.37
N CYS C 668 -41.62 -1.95 -16.48
CA CYS C 668 -40.94 -2.97 -17.28
C CYS C 668 -40.97 -2.55 -18.75
N ALA C 669 -39.94 -2.98 -19.48
CA ALA C 669 -39.80 -2.69 -20.89
C ALA C 669 -39.63 -3.98 -21.67
N SER C 670 -39.97 -3.93 -22.95
CA SER C 670 -39.88 -5.09 -23.83
C SER C 670 -39.67 -4.61 -25.26
N TYR C 671 -39.68 -5.55 -26.20
CA TYR C 671 -39.51 -5.26 -27.62
C TYR C 671 -40.63 -5.96 -28.38
N GLN C 672 -41.69 -5.22 -28.69
CA GLN C 672 -42.83 -5.75 -29.43
C GLN C 672 -43.30 -4.67 -30.40
N THR C 673 -44.49 -4.87 -30.95
CA THR C 673 -45.07 -3.92 -31.90
C THR C 673 -45.64 -2.72 -31.14
N GLN C 674 -46.38 -1.88 -31.84
CA GLN C 674 -46.96 -0.68 -31.24
C GLN C 674 -48.01 -1.03 -30.18
N SER C 686 -41.47 -1.63 -38.18
CA SER C 686 -42.62 -1.09 -37.47
C SER C 686 -42.63 -1.56 -36.01
N GLN C 687 -41.46 -1.99 -35.53
CA GLN C 687 -41.30 -2.48 -34.17
C GLN C 687 -40.51 -1.45 -33.36
N SER C 688 -41.03 -1.11 -32.18
CA SER C 688 -40.36 -0.15 -31.30
C SER C 688 -40.17 -0.76 -29.92
N ILE C 689 -39.71 0.05 -28.96
CA ILE C 689 -39.50 -0.38 -27.59
C ILE C 689 -40.50 0.35 -26.70
N ILE C 690 -41.28 -0.42 -25.94
CA ILE C 690 -42.32 0.13 -25.09
C ILE C 690 -41.90 -0.02 -23.63
N ALA C 691 -42.58 0.71 -22.76
CA ALA C 691 -42.33 0.66 -21.31
C ALA C 691 -43.68 0.74 -20.61
N TYR C 692 -44.27 -0.42 -20.32
CA TYR C 692 -45.58 -0.50 -19.70
C TYR C 692 -45.44 -0.60 -18.18
N THR C 693 -46.54 -0.90 -17.51
CA THR C 693 -46.56 -1.14 -16.08
C THR C 693 -46.81 -2.62 -15.83
N MET C 694 -46.05 -3.20 -14.89
CA MET C 694 -46.13 -4.62 -14.63
C MET C 694 -47.54 -5.01 -14.18
N SER C 695 -48.01 -6.16 -14.65
CA SER C 695 -49.33 -6.68 -14.32
C SER C 695 -49.18 -7.88 -13.40
N LEU C 696 -49.92 -7.86 -12.29
CA LEU C 696 -49.87 -8.97 -11.36
C LEU C 696 -50.67 -10.17 -11.86
N GLY C 697 -51.76 -9.94 -12.59
CA GLY C 697 -52.56 -11.01 -13.10
C GLY C 697 -53.93 -10.51 -13.51
N ALA C 698 -54.79 -11.46 -13.87
CA ALA C 698 -56.14 -11.15 -14.29
C ALA C 698 -57.08 -11.13 -13.10
N GLU C 699 -57.99 -10.15 -13.09
CA GLU C 699 -58.96 -10.05 -12.02
C GLU C 699 -59.92 -11.24 -12.06
N ASN C 700 -60.33 -11.68 -10.86
CA ASN C 700 -61.22 -12.83 -10.75
C ASN C 700 -62.02 -12.66 -9.45
N SER C 701 -63.30 -12.34 -9.58
CA SER C 701 -64.18 -12.16 -8.44
C SER C 701 -64.76 -13.51 -8.03
N VAL C 702 -64.60 -13.87 -6.77
CA VAL C 702 -65.11 -15.13 -6.25
C VAL C 702 -66.52 -14.93 -5.75
N ALA C 703 -67.33 -15.97 -5.85
CA ALA C 703 -68.72 -15.95 -5.42
C ALA C 703 -68.84 -16.64 -4.07
N TYR C 704 -69.44 -15.95 -3.10
CA TYR C 704 -69.58 -16.45 -1.75
C TYR C 704 -71.06 -16.49 -1.37
N SER C 705 -71.46 -17.55 -0.69
CA SER C 705 -72.82 -17.69 -0.18
C SER C 705 -72.77 -18.47 1.12
N ASN C 706 -73.74 -18.20 1.99
CA ASN C 706 -73.75 -18.82 3.31
C ASN C 706 -74.35 -20.22 3.32
N ASN C 707 -74.96 -20.66 2.21
CA ASN C 707 -75.52 -22.01 2.13
C ASN C 707 -75.20 -22.64 0.78
N SER C 708 -73.97 -22.44 0.28
CA SER C 708 -73.55 -22.99 -0.99
C SER C 708 -72.18 -23.65 -0.83
N ILE C 709 -71.95 -24.69 -1.64
CA ILE C 709 -70.68 -25.41 -1.64
C ILE C 709 -70.45 -25.95 -3.04
N ALA C 710 -69.18 -26.21 -3.36
CA ALA C 710 -68.78 -26.74 -4.65
C ALA C 710 -67.99 -28.01 -4.45
N ILE C 711 -68.35 -29.06 -5.19
CA ILE C 711 -67.70 -30.36 -5.07
C ILE C 711 -67.29 -30.84 -6.46
N PRO C 712 -66.03 -31.21 -6.67
CA PRO C 712 -65.61 -31.70 -7.99
C PRO C 712 -66.19 -33.07 -8.29
N THR C 713 -66.27 -33.38 -9.58
CA THR C 713 -66.76 -34.66 -10.06
C THR C 713 -65.73 -35.50 -10.79
N ASN C 714 -64.63 -34.92 -11.24
CA ASN C 714 -63.57 -35.65 -11.93
C ASN C 714 -62.23 -35.21 -11.38
N PHE C 715 -61.17 -35.83 -11.87
CA PHE C 715 -59.82 -35.53 -11.41
C PHE C 715 -58.88 -35.52 -12.61
N THR C 716 -57.59 -35.26 -12.33
CA THR C 716 -56.57 -35.17 -13.37
C THR C 716 -55.22 -35.44 -12.74
N ILE C 717 -54.41 -36.27 -13.41
CA ILE C 717 -53.07 -36.61 -12.94
C ILE C 717 -52.07 -35.78 -13.72
N SER C 718 -51.13 -35.15 -13.01
CA SER C 718 -50.11 -34.32 -13.62
C SER C 718 -48.75 -34.66 -13.04
N VAL C 719 -47.71 -34.39 -13.83
CA VAL C 719 -46.33 -34.68 -13.44
C VAL C 719 -45.51 -33.41 -13.62
N THR C 720 -44.84 -32.97 -12.56
CA THR C 720 -44.02 -31.78 -12.58
C THR C 720 -42.59 -32.14 -12.18
N THR C 721 -41.64 -31.33 -12.64
CA THR C 721 -40.23 -31.57 -12.44
C THR C 721 -39.65 -30.58 -11.42
N GLU C 722 -38.42 -30.86 -10.98
CA GLU C 722 -37.74 -30.04 -9.99
C GLU C 722 -36.26 -30.34 -10.05
N ILE C 723 -35.43 -29.31 -10.22
CA ILE C 723 -33.99 -29.46 -10.39
C ILE C 723 -33.30 -28.79 -9.21
N LEU C 724 -32.38 -29.51 -8.57
CA LEU C 724 -31.67 -29.02 -7.39
C LEU C 724 -30.17 -29.33 -7.51
N PRO C 725 -29.30 -28.33 -7.41
CA PRO C 725 -27.87 -28.61 -7.39
C PRO C 725 -27.47 -29.37 -6.13
N VAL C 726 -26.44 -30.20 -6.26
CA VAL C 726 -26.01 -31.04 -5.15
C VAL C 726 -24.53 -30.84 -4.84
N SER C 727 -23.74 -30.45 -5.84
CA SER C 727 -22.30 -30.38 -5.65
C SER C 727 -21.69 -29.38 -6.61
N MET C 728 -20.43 -29.02 -6.33
CA MET C 728 -19.66 -28.09 -7.14
C MET C 728 -18.31 -28.70 -7.45
N THR C 729 -17.60 -28.09 -8.39
CA THR C 729 -16.32 -28.62 -8.84
C THR C 729 -15.22 -28.40 -7.79
N LYS C 730 -14.34 -29.38 -7.67
CA LYS C 730 -13.21 -29.29 -6.76
C LYS C 730 -12.00 -28.72 -7.48
N THR C 731 -11.09 -28.11 -6.73
CA THR C 731 -9.94 -27.44 -7.31
C THR C 731 -8.80 -27.40 -6.30
N SER C 732 -7.61 -27.06 -6.80
CA SER C 732 -6.43 -26.92 -5.97
C SER C 732 -5.52 -25.87 -6.60
N VAL C 733 -4.71 -25.22 -5.77
CA VAL C 733 -3.84 -24.13 -6.20
C VAL C 733 -2.47 -24.32 -5.56
N ASP C 734 -1.41 -24.01 -6.32
CA ASP C 734 -0.05 -24.06 -5.84
C ASP C 734 0.51 -22.63 -5.80
N CYS C 735 0.90 -22.18 -4.61
CA CYS C 735 1.46 -20.84 -4.48
C CYS C 735 2.77 -20.69 -5.24
N THR C 736 3.70 -21.62 -5.02
CA THR C 736 5.06 -21.44 -5.50
C THR C 736 5.11 -21.33 -7.02
N MET C 737 4.11 -21.85 -7.71
CA MET C 737 4.06 -21.79 -9.17
C MET C 737 3.20 -20.63 -9.66
N TYR C 738 2.10 -20.32 -8.98
CA TYR C 738 1.22 -19.24 -9.43
C TYR C 738 1.81 -17.87 -9.14
N ILE C 739 2.42 -17.69 -7.97
CA ILE C 739 2.95 -16.38 -7.59
C ILE C 739 4.29 -16.12 -8.28
N CYS C 740 5.24 -17.01 -8.09
CA CYS C 740 6.57 -16.88 -8.66
C CYS C 740 6.72 -17.81 -9.86
N GLY C 741 7.23 -17.28 -10.96
CA GLY C 741 7.42 -18.08 -12.16
C GLY C 741 8.60 -19.01 -12.05
N ASP C 742 8.47 -20.04 -11.21
CA ASP C 742 9.45 -21.11 -11.01
C ASP C 742 10.86 -20.60 -10.70
N SER C 743 10.97 -19.35 -10.24
CA SER C 743 12.25 -18.79 -9.87
C SER C 743 12.69 -19.34 -8.51
N THR C 744 13.81 -18.82 -8.01
CA THR C 744 14.36 -19.23 -6.71
C THR C 744 14.36 -18.10 -5.69
N GLU C 745 14.88 -16.94 -6.05
CA GLU C 745 14.88 -15.81 -5.13
C GLU C 745 13.47 -15.32 -4.84
N CYS C 746 12.56 -15.40 -5.82
CA CYS C 746 11.17 -15.08 -5.54
C CYS C 746 10.60 -16.03 -4.50
N SER C 747 10.93 -17.32 -4.61
CA SER C 747 10.49 -18.28 -3.60
C SER C 747 11.08 -17.96 -2.24
N ASN C 748 12.36 -17.54 -2.20
CA ASN C 748 13.00 -17.19 -0.94
C ASN C 748 12.29 -16.01 -0.28
N LEU C 749 11.97 -14.98 -1.07
CA LEU C 749 11.24 -13.84 -0.50
C LEU C 749 9.81 -14.20 -0.11
N LEU C 750 9.16 -15.09 -0.87
CA LEU C 750 7.82 -15.52 -0.51
C LEU C 750 7.80 -16.33 0.79
N LEU C 751 8.89 -17.06 1.06
CA LEU C 751 8.97 -17.86 2.28
C LEU C 751 8.94 -16.99 3.53
N GLN C 752 9.22 -15.69 3.41
CA GLN C 752 9.25 -14.78 4.54
C GLN C 752 7.86 -14.30 4.97
N TYR C 753 6.80 -14.98 4.54
CA TYR C 753 5.44 -14.57 4.88
C TYR C 753 4.75 -15.53 5.83
N GLY C 754 5.35 -16.66 6.15
CA GLY C 754 4.78 -17.55 7.15
C GLY C 754 3.81 -18.54 6.54
N SER C 755 2.60 -18.59 7.07
CA SER C 755 1.59 -19.57 6.69
C SER C 755 0.52 -18.98 5.79
N PHE C 756 0.89 -18.06 4.91
CA PHE C 756 -0.07 -17.48 3.97
C PHE C 756 -0.39 -18.41 2.80
N CYS C 757 0.05 -19.67 2.84
CA CYS C 757 -0.34 -20.66 1.85
C CYS C 757 -0.82 -21.94 2.50
N THR C 758 -0.31 -22.23 3.71
CA THR C 758 -0.80 -23.39 4.45
C THR C 758 -2.28 -23.23 4.78
N GLN C 759 -2.70 -22.02 5.18
CA GLN C 759 -4.11 -21.77 5.45
C GLN C 759 -4.94 -21.89 4.19
N LEU C 760 -4.45 -21.36 3.07
CA LEU C 760 -5.19 -21.43 1.81
C LEU C 760 -5.30 -22.87 1.30
N LYS C 761 -4.23 -23.66 1.40
CA LYS C 761 -4.28 -25.03 0.94
C LYS C 761 -5.19 -25.91 1.81
N ARG C 762 -5.42 -25.53 3.07
CA ARG C 762 -6.32 -26.27 3.93
C ARG C 762 -7.79 -26.01 3.61
N ALA C 763 -8.13 -24.75 3.29
CA ALA C 763 -9.52 -24.42 3.00
C ALA C 763 -10.02 -25.14 1.75
N LEU C 764 -9.19 -25.17 0.69
CA LEU C 764 -9.58 -25.86 -0.53
C LEU C 764 -9.73 -27.35 -0.32
N THR C 765 -8.84 -27.95 0.48
CA THR C 765 -8.96 -29.36 0.80
C THR C 765 -10.25 -29.65 1.58
N GLY C 766 -10.57 -28.79 2.55
CA GLY C 766 -11.82 -28.96 3.28
C GLY C 766 -13.03 -28.83 2.37
N ILE C 767 -13.00 -27.88 1.43
CA ILE C 767 -14.08 -27.72 0.48
C ILE C 767 -14.23 -28.98 -0.37
N ALA C 768 -13.10 -29.53 -0.84
CA ALA C 768 -13.16 -30.74 -1.67
C ALA C 768 -13.74 -31.92 -0.89
N VAL C 769 -13.32 -32.09 0.36
CA VAL C 769 -13.85 -33.19 1.17
C VAL C 769 -15.34 -33.00 1.42
N GLU C 770 -15.77 -31.77 1.70
CA GLU C 770 -17.19 -31.52 1.92
C GLU C 770 -18.00 -31.80 0.65
N GLN C 771 -17.46 -31.42 -0.51
CA GLN C 771 -18.15 -31.70 -1.77
C GLN C 771 -18.26 -33.19 -2.02
N ASP C 772 -17.19 -33.94 -1.72
CA ASP C 772 -17.26 -35.39 -1.87
C ASP C 772 -18.28 -36.01 -0.92
N LYS C 773 -18.43 -35.44 0.28
CA LYS C 773 -19.41 -35.94 1.23
C LYS C 773 -20.83 -35.54 0.86
N ASN C 774 -20.99 -34.44 0.11
CA ASN C 774 -22.33 -33.93 -0.19
C ASN C 774 -23.15 -34.94 -0.99
N THR C 775 -22.56 -35.53 -2.02
CA THR C 775 -23.29 -36.48 -2.85
C THR C 775 -23.53 -37.80 -2.14
N GLN C 776 -22.79 -38.08 -1.07
CA GLN C 776 -22.98 -39.32 -0.33
C GLN C 776 -24.33 -39.34 0.37
N GLU C 777 -24.73 -38.21 0.96
CA GLU C 777 -25.97 -38.18 1.74
C GLU C 777 -27.20 -38.31 0.86
N VAL C 778 -27.20 -37.66 -0.30
CA VAL C 778 -28.40 -37.60 -1.12
C VAL C 778 -28.74 -38.97 -1.70
N PHE C 779 -27.73 -39.64 -2.26
CA PHE C 779 -27.96 -40.86 -3.05
C PHE C 779 -27.79 -42.14 -2.24
N ALA C 780 -26.71 -42.25 -1.47
CA ALA C 780 -26.41 -43.48 -0.73
C ALA C 780 -27.35 -43.61 0.46
N GLN C 781 -28.57 -44.05 0.17
CA GLN C 781 -29.59 -44.25 1.19
C GLN C 781 -30.14 -45.67 1.21
N VAL C 782 -29.47 -46.61 0.54
CA VAL C 782 -29.93 -47.99 0.46
C VAL C 782 -28.81 -48.91 0.96
N LYS C 783 -29.18 -49.88 1.79
CA LYS C 783 -28.20 -50.85 2.27
C LYS C 783 -27.68 -51.72 1.13
N GLN C 784 -28.59 -52.16 0.26
CA GLN C 784 -28.25 -53.06 -0.84
C GLN C 784 -28.67 -52.44 -2.17
N ILE C 785 -28.37 -53.15 -3.25
CA ILE C 785 -28.71 -52.73 -4.60
C ILE C 785 -29.74 -53.71 -5.14
N TYR C 786 -30.93 -53.22 -5.46
CA TYR C 786 -32.01 -54.06 -5.96
C TYR C 786 -32.07 -54.02 -7.48
N LYS C 787 -32.70 -55.05 -8.05
CA LYS C 787 -32.88 -55.15 -9.48
C LYS C 787 -34.34 -55.42 -9.79
N THR C 788 -34.85 -54.77 -10.84
CA THR C 788 -36.23 -54.95 -11.24
C THR C 788 -36.44 -56.36 -11.79
N PRO C 789 -37.64 -56.92 -11.60
CA PRO C 789 -37.92 -58.25 -12.14
C PRO C 789 -37.89 -58.22 -13.66
N PRO C 790 -37.50 -59.33 -14.30
CA PRO C 790 -37.47 -59.34 -15.77
C PRO C 790 -38.82 -59.09 -16.42
N ILE C 791 -39.90 -59.54 -15.80
CA ILE C 791 -41.25 -59.32 -16.33
C ILE C 791 -41.76 -58.01 -15.76
N LYS C 792 -42.10 -57.07 -16.65
CA LYS C 792 -42.49 -55.72 -16.26
C LYS C 792 -43.90 -55.44 -16.78
N TYR C 793 -44.90 -55.80 -15.98
CA TYR C 793 -46.30 -55.46 -16.26
C TYR C 793 -46.92 -55.04 -14.93
N PHE C 794 -47.12 -53.74 -14.75
CA PHE C 794 -47.59 -53.18 -13.50
C PHE C 794 -49.05 -52.71 -13.59
N GLY C 795 -49.87 -53.46 -14.33
CA GLY C 795 -51.28 -53.15 -14.42
C GLY C 795 -51.66 -52.06 -15.39
N GLY C 796 -50.73 -51.61 -16.23
CA GLY C 796 -51.04 -50.59 -17.22
C GLY C 796 -50.10 -49.41 -17.19
N PHE C 797 -49.33 -49.28 -16.13
CA PHE C 797 -48.38 -48.18 -16.00
C PHE C 797 -47.09 -48.53 -16.74
N ASN C 798 -46.66 -47.61 -17.61
CA ASN C 798 -45.47 -47.81 -18.44
C ASN C 798 -44.32 -47.02 -17.82
N PHE C 799 -43.41 -47.73 -17.18
CA PHE C 799 -42.25 -47.12 -16.55
C PHE C 799 -40.98 -47.27 -17.38
N SER C 800 -41.10 -47.65 -18.65
CA SER C 800 -39.92 -47.83 -19.49
C SER C 800 -39.15 -46.54 -19.73
N GLN C 801 -39.77 -45.39 -19.46
CA GLN C 801 -39.11 -44.11 -19.66
C GLN C 801 -38.16 -43.75 -18.52
N ILE C 802 -38.20 -44.49 -17.41
CA ILE C 802 -37.35 -44.16 -16.26
C ILE C 802 -36.47 -45.32 -15.82
N LEU C 803 -36.80 -46.58 -16.14
CA LEU C 803 -35.93 -47.69 -15.80
C LEU C 803 -34.68 -47.67 -16.67
N PRO C 804 -33.59 -48.25 -16.20
CA PRO C 804 -32.34 -48.24 -16.97
C PRO C 804 -32.48 -48.99 -18.29
N ASP C 805 -31.73 -48.53 -19.29
CA ASP C 805 -31.77 -49.13 -20.61
C ASP C 805 -30.57 -50.06 -20.77
N PRO C 806 -30.78 -51.37 -20.89
CA PRO C 806 -29.63 -52.29 -21.02
C PRO C 806 -28.96 -52.25 -22.39
N SER C 807 -29.65 -51.76 -23.42
CA SER C 807 -29.05 -51.72 -24.75
C SER C 807 -27.89 -50.73 -24.82
N LYS C 808 -28.02 -49.61 -24.11
CA LYS C 808 -26.98 -48.58 -24.12
C LYS C 808 -25.74 -49.09 -23.39
N PRO C 809 -24.56 -48.55 -23.73
CA PRO C 809 -23.34 -48.96 -23.01
C PRO C 809 -23.42 -48.71 -21.51
N SER C 810 -24.10 -47.63 -21.10
CA SER C 810 -24.31 -47.32 -19.70
C SER C 810 -25.78 -47.47 -19.36
N LYS C 811 -26.08 -48.01 -18.18
CA LYS C 811 -27.46 -48.27 -17.77
C LYS C 811 -28.10 -46.94 -17.38
N ARG C 812 -28.51 -46.19 -18.40
CA ARG C 812 -29.13 -44.89 -18.21
C ARG C 812 -30.49 -44.87 -18.91
N SER C 813 -31.51 -44.36 -18.23
CA SER C 813 -32.82 -44.21 -18.81
C SER C 813 -32.80 -43.10 -19.86
N PRO C 814 -33.76 -43.10 -20.78
CA PRO C 814 -33.80 -42.02 -21.80
C PRO C 814 -33.86 -40.63 -21.19
N ILE C 815 -34.60 -40.44 -20.10
CA ILE C 815 -34.65 -39.14 -19.45
C ILE C 815 -33.29 -38.75 -18.91
N GLU C 816 -32.59 -39.71 -18.29
CA GLU C 816 -31.25 -39.43 -17.77
C GLU C 816 -30.28 -39.09 -18.90
N ASP C 817 -30.37 -39.80 -20.02
CA ASP C 817 -29.50 -39.50 -21.16
C ASP C 817 -29.80 -38.11 -21.71
N LEU C 818 -31.09 -37.75 -21.80
CA LEU C 818 -31.44 -36.43 -22.29
C LEU C 818 -30.92 -35.34 -21.36
N LEU C 819 -31.03 -35.56 -20.05
CA LEU C 819 -30.49 -34.59 -19.10
C LEU C 819 -28.97 -34.49 -19.20
N PHE C 820 -28.29 -35.62 -19.36
CA PHE C 820 -26.83 -35.63 -19.45
C PHE C 820 -26.35 -34.97 -20.74
N ASN C 821 -27.14 -35.05 -21.81
CA ASN C 821 -26.78 -34.47 -23.09
C ASN C 821 -27.27 -33.02 -23.22
N LYS C 822 -27.39 -32.31 -22.11
CA LYS C 822 -27.84 -30.91 -22.13
C LYS C 822 -26.99 -29.98 -21.29
N VAL C 823 -26.14 -30.50 -20.41
CA VAL C 823 -25.27 -29.68 -19.57
C VAL C 823 -23.86 -29.79 -20.15
N THR C 824 -23.33 -28.67 -20.62
CA THR C 824 -22.02 -28.64 -21.25
C THR C 824 -20.96 -28.24 -20.23
N LEU C 825 -19.90 -29.03 -20.13
CA LEU C 825 -18.82 -28.76 -19.19
C LEU C 825 -17.69 -27.97 -19.84
N LEU C 846 -8.17 -24.66 -25.33
CA LEU C 846 -7.38 -23.44 -25.36
C LEU C 846 -7.14 -22.89 -23.96
N ILE C 847 -8.24 -22.49 -23.30
CA ILE C 847 -8.13 -21.92 -21.96
C ILE C 847 -7.69 -22.98 -20.96
N CYS C 848 -8.19 -24.21 -21.09
CA CYS C 848 -7.83 -25.26 -20.16
C CYS C 848 -6.34 -25.55 -20.19
N ALA C 849 -5.76 -25.60 -21.38
CA ALA C 849 -4.31 -25.80 -21.50
C ALA C 849 -3.52 -24.59 -21.01
N GLN C 850 -4.15 -23.41 -20.95
CA GLN C 850 -3.49 -22.20 -20.50
C GLN C 850 -3.49 -22.04 -18.98
N LYS C 851 -3.74 -23.13 -18.25
CA LYS C 851 -3.69 -23.12 -16.79
C LYS C 851 -2.41 -23.77 -16.26
N PHE C 852 -1.29 -23.53 -16.94
CA PHE C 852 0.02 -24.00 -16.51
C PHE C 852 0.49 -23.35 -15.21
N ASN C 853 -0.32 -22.47 -14.62
CA ASN C 853 0.08 -21.70 -13.44
C ASN C 853 -0.39 -22.32 -12.13
N GLY C 854 -0.52 -23.64 -12.08
CA GLY C 854 -0.84 -24.32 -10.84
C GLY C 854 -2.31 -24.45 -10.51
N LEU C 855 -3.20 -24.02 -11.41
CA LEU C 855 -4.64 -24.14 -11.20
C LEU C 855 -5.12 -25.43 -11.87
N THR C 856 -5.53 -26.39 -11.05
CA THR C 856 -5.94 -27.71 -11.54
C THR C 856 -7.37 -28.01 -11.11
N VAL C 857 -7.85 -29.19 -11.49
CA VAL C 857 -9.18 -29.66 -11.15
C VAL C 857 -9.09 -31.13 -10.77
N LEU C 858 -9.74 -31.52 -9.67
CA LEU C 858 -9.71 -32.88 -9.20
C LEU C 858 -10.98 -33.62 -9.60
N PRO C 859 -10.90 -34.93 -9.85
CA PRO C 859 -12.08 -35.68 -10.28
C PRO C 859 -12.91 -36.13 -9.09
N PRO C 860 -14.23 -36.24 -9.25
CA PRO C 860 -15.07 -36.70 -8.14
C PRO C 860 -14.82 -38.16 -7.80
N LEU C 861 -15.10 -38.49 -6.53
CA LEU C 861 -14.87 -39.86 -6.06
C LEU C 861 -15.87 -40.83 -6.66
N LEU C 862 -17.14 -40.43 -6.76
CA LEU C 862 -18.20 -41.33 -7.24
C LEU C 862 -18.41 -41.12 -8.73
N THR C 863 -18.19 -42.17 -9.51
CA THR C 863 -18.41 -42.11 -10.95
C THR C 863 -19.91 -42.05 -11.25
N ASP C 864 -20.24 -41.49 -12.42
CA ASP C 864 -21.65 -41.32 -12.79
C ASP C 864 -22.38 -42.66 -12.86
N GLU C 865 -21.70 -43.73 -13.24
CA GLU C 865 -22.34 -45.04 -13.30
C GLU C 865 -22.79 -45.53 -11.93
N MET C 866 -22.02 -45.27 -10.88
CA MET C 866 -22.44 -45.63 -9.53
C MET C 866 -23.68 -44.84 -9.11
N ILE C 867 -23.75 -43.55 -9.47
CA ILE C 867 -24.94 -42.77 -9.17
C ILE C 867 -26.14 -43.31 -9.92
N ALA C 868 -25.94 -43.73 -11.18
CA ALA C 868 -27.01 -44.35 -11.94
C ALA C 868 -27.48 -45.65 -11.29
N GLN C 869 -26.53 -46.44 -10.76
CA GLN C 869 -26.89 -47.65 -10.05
C GLN C 869 -27.71 -47.34 -8.80
N TYR C 870 -27.32 -46.31 -8.05
CA TYR C 870 -28.07 -45.92 -6.86
C TYR C 870 -29.49 -45.51 -7.24
N THR C 871 -29.62 -44.72 -8.31
CA THR C 871 -30.94 -44.30 -8.77
C THR C 871 -31.78 -45.48 -9.21
N SER C 872 -31.18 -46.45 -9.90
CA SER C 872 -31.91 -47.64 -10.33
C SER C 872 -32.39 -48.43 -9.12
N ALA C 873 -31.55 -48.56 -8.09
CA ALA C 873 -31.95 -49.26 -6.88
C ALA C 873 -33.12 -48.54 -6.22
N LEU C 874 -33.06 -47.20 -6.15
CA LEU C 874 -34.16 -46.44 -5.57
C LEU C 874 -35.46 -46.65 -6.33
N LEU C 875 -35.39 -46.61 -7.67
CA LEU C 875 -36.59 -46.82 -8.48
C LEU C 875 -37.16 -48.21 -8.28
N ALA C 876 -36.29 -49.24 -8.27
CA ALA C 876 -36.76 -50.60 -8.08
C ALA C 876 -37.44 -50.75 -6.72
N GLY C 877 -36.82 -50.18 -5.68
CA GLY C 877 -37.42 -50.28 -4.35
C GLY C 877 -38.76 -49.56 -4.26
N THR C 878 -38.86 -48.39 -4.89
CA THR C 878 -40.08 -47.60 -4.74
C THR C 878 -41.20 -48.05 -5.68
N ILE C 879 -40.91 -48.85 -6.71
CA ILE C 879 -41.96 -49.38 -7.56
C ILE C 879 -42.30 -50.83 -7.25
N THR C 880 -41.45 -51.54 -6.51
CA THR C 880 -41.71 -52.93 -6.16
C THR C 880 -42.28 -53.10 -4.76
N SER C 881 -41.71 -52.41 -3.76
CA SER C 881 -42.07 -52.64 -2.36
C SER C 881 -42.75 -51.44 -1.71
N GLY C 882 -43.26 -50.49 -2.49
CA GLY C 882 -43.91 -49.34 -1.89
C GLY C 882 -42.92 -48.51 -1.08
N TRP C 883 -43.41 -47.96 0.03
CA TRP C 883 -42.57 -47.20 0.96
C TRP C 883 -42.03 -48.07 2.09
N THR C 884 -42.30 -49.37 2.06
CA THR C 884 -41.96 -50.24 3.18
C THR C 884 -40.45 -50.41 3.37
N PHE C 885 -39.65 -50.12 2.34
CA PHE C 885 -38.22 -50.36 2.42
C PHE C 885 -37.48 -49.24 3.16
N GLY C 886 -38.18 -48.21 3.61
CA GLY C 886 -37.54 -47.16 4.39
C GLY C 886 -37.48 -47.51 5.87
N ALA C 887 -38.23 -48.52 6.27
CA ALA C 887 -38.23 -48.98 7.67
C ALA C 887 -37.24 -50.12 7.87
N GLY C 888 -37.43 -51.21 7.15
CA GLY C 888 -36.54 -52.35 7.23
C GLY C 888 -36.37 -53.03 5.89
N PRO C 889 -36.48 -54.36 5.88
CA PRO C 889 -36.43 -55.09 4.60
C PRO C 889 -37.62 -54.74 3.73
N ALA C 890 -37.39 -54.78 2.42
CA ALA C 890 -38.45 -54.46 1.46
C ALA C 890 -39.55 -55.51 1.52
N LEU C 891 -40.80 -55.04 1.53
CA LEU C 891 -41.97 -55.91 1.57
C LEU C 891 -42.74 -55.74 0.27
N GLN C 892 -42.94 -56.84 -0.45
CA GLN C 892 -43.57 -56.78 -1.77
C GLN C 892 -45.05 -56.46 -1.64
N ILE C 893 -45.57 -55.79 -2.67
CA ILE C 893 -46.99 -55.40 -2.74
C ILE C 893 -47.31 -55.05 -4.19
N PRO C 894 -48.46 -55.49 -4.70
CA PRO C 894 -48.84 -55.11 -6.07
C PRO C 894 -49.02 -53.60 -6.20
N PHE C 895 -48.65 -53.09 -7.38
CA PHE C 895 -48.72 -51.65 -7.60
C PHE C 895 -50.12 -51.06 -7.52
N PRO C 896 -51.17 -51.67 -8.10
CA PRO C 896 -52.51 -51.09 -7.91
C PRO C 896 -52.93 -50.98 -6.45
N MET C 897 -52.56 -51.94 -5.61
CA MET C 897 -52.88 -51.85 -4.20
C MET C 897 -52.15 -50.68 -3.54
N GLN C 898 -50.89 -50.46 -3.95
CA GLN C 898 -50.16 -49.31 -3.43
C GLN C 898 -50.81 -48.00 -3.85
N MET C 899 -51.27 -47.90 -5.10
CA MET C 899 -51.96 -46.70 -5.54
C MET C 899 -53.28 -46.52 -4.78
N ALA C 900 -53.97 -47.62 -4.48
CA ALA C 900 -55.18 -47.53 -3.67
C ALA C 900 -54.87 -46.98 -2.29
N TYR C 901 -53.77 -47.44 -1.68
CA TYR C 901 -53.36 -46.91 -0.39
C TYR C 901 -53.04 -45.43 -0.48
N ARG C 902 -52.36 -45.01 -1.54
CA ARG C 902 -51.98 -43.61 -1.67
C ARG C 902 -53.22 -42.72 -1.86
N PHE C 903 -54.21 -43.19 -2.64
CA PHE C 903 -55.46 -42.44 -2.73
C PHE C 903 -56.18 -42.40 -1.39
N ASN C 904 -56.20 -43.52 -0.66
CA ASN C 904 -56.81 -43.53 0.67
C ASN C 904 -56.10 -42.58 1.63
N GLY C 905 -54.83 -42.29 1.37
CA GLY C 905 -54.08 -41.38 2.22
C GLY C 905 -54.37 -39.91 2.02
N ILE C 906 -55.18 -39.54 1.03
CA ILE C 906 -55.54 -38.15 0.79
C ILE C 906 -57.04 -37.92 0.89
N GLY C 907 -57.75 -38.81 1.58
CA GLY C 907 -59.17 -38.61 1.81
C GLY C 907 -60.09 -39.07 0.71
N VAL C 908 -59.58 -39.77 -0.30
CA VAL C 908 -60.39 -40.31 -1.39
C VAL C 908 -60.51 -41.81 -1.19
N THR C 909 -61.73 -42.32 -1.28
CA THR C 909 -61.98 -43.73 -1.02
C THR C 909 -61.25 -44.59 -2.05
N GLN C 910 -60.77 -45.76 -1.59
CA GLN C 910 -59.94 -46.62 -2.43
C GLN C 910 -60.69 -47.25 -3.58
N ASN C 911 -62.02 -47.26 -3.57
CA ASN C 911 -62.77 -47.85 -4.68
C ASN C 911 -62.70 -47.01 -5.94
N VAL C 912 -62.36 -45.72 -5.81
CA VAL C 912 -62.27 -44.84 -6.97
C VAL C 912 -61.19 -45.32 -7.92
N LEU C 913 -60.04 -45.74 -7.38
CA LEU C 913 -58.96 -46.23 -8.24
C LEU C 913 -59.38 -47.49 -8.98
N TYR C 914 -59.95 -48.46 -8.26
CA TYR C 914 -60.34 -49.72 -8.90
C TYR C 914 -61.41 -49.48 -9.96
N GLU C 915 -62.34 -48.56 -9.69
CA GLU C 915 -63.39 -48.27 -10.67
C GLU C 915 -62.89 -47.44 -11.84
N ASN C 916 -61.68 -46.86 -11.75
CA ASN C 916 -61.14 -46.03 -12.82
C ASN C 916 -59.67 -46.34 -13.03
N GLN C 917 -59.29 -47.61 -13.00
CA GLN C 917 -57.88 -47.98 -13.10
C GLN C 917 -57.33 -47.70 -14.49
N LYS C 918 -58.04 -48.13 -15.54
CA LYS C 918 -57.54 -47.96 -16.90
C LYS C 918 -57.40 -46.49 -17.27
N LEU C 919 -58.39 -45.67 -16.91
CA LEU C 919 -58.32 -44.24 -17.21
C LEU C 919 -57.15 -43.59 -16.49
N ILE C 920 -56.93 -43.94 -15.23
CA ILE C 920 -55.82 -43.36 -14.48
C ILE C 920 -54.49 -43.77 -15.08
N ALA C 921 -54.36 -45.04 -15.48
CA ALA C 921 -53.14 -45.50 -16.12
C ALA C 921 -52.88 -44.75 -17.42
N ASN C 922 -53.92 -44.56 -18.23
CA ASN C 922 -53.77 -43.82 -19.47
C ASN C 922 -53.37 -42.37 -19.22
N GLN C 923 -53.98 -41.74 -18.22
CA GLN C 923 -53.62 -40.36 -17.89
C GLN C 923 -52.17 -40.26 -17.44
N PHE C 924 -51.72 -41.19 -16.60
CA PHE C 924 -50.33 -41.17 -16.15
C PHE C 924 -49.38 -41.38 -17.32
N ASN C 925 -49.70 -42.32 -18.21
CA ASN C 925 -48.84 -42.58 -19.36
C ASN C 925 -48.76 -41.36 -20.26
N SER C 926 -49.89 -40.69 -20.49
CA SER C 926 -49.88 -39.46 -21.29
C SER C 926 -49.07 -38.36 -20.62
N ALA C 927 -49.22 -38.22 -19.30
CA ALA C 927 -48.51 -37.16 -18.59
C ALA C 927 -47.01 -37.38 -18.61
N ILE C 928 -46.55 -38.62 -18.40
CA ILE C 928 -45.13 -38.89 -18.36
C ILE C 928 -44.49 -38.80 -19.74
N GLY C 929 -45.29 -38.87 -20.80
CA GLY C 929 -44.74 -38.77 -22.15
C GLY C 929 -44.41 -37.35 -22.60
N LYS C 930 -44.99 -36.35 -21.94
CA LYS C 930 -44.75 -34.97 -22.30
C LYS C 930 -43.53 -34.37 -21.62
N ILE C 931 -42.96 -35.05 -20.63
CA ILE C 931 -41.76 -34.53 -19.97
C ILE C 931 -40.59 -34.47 -20.94
N GLN C 932 -40.41 -35.54 -21.72
CA GLN C 932 -39.33 -35.56 -22.71
C GLN C 932 -39.52 -34.46 -23.74
N ASP C 933 -40.76 -34.26 -24.21
CA ASP C 933 -41.03 -33.21 -25.18
C ASP C 933 -40.73 -31.84 -24.60
N SER C 934 -41.13 -31.60 -23.34
CA SER C 934 -40.87 -30.31 -22.71
C SER C 934 -39.38 -30.07 -22.54
N LEU C 935 -38.63 -31.11 -22.16
CA LEU C 935 -37.18 -30.95 -22.00
C LEU C 935 -36.49 -30.71 -23.34
N SER C 936 -36.89 -31.44 -24.38
CA SER C 936 -36.26 -31.30 -25.69
C SER C 936 -36.68 -30.02 -26.41
N SER C 937 -37.82 -29.43 -26.05
CA SER C 937 -38.28 -28.21 -26.68
C SER C 937 -37.68 -26.97 -26.01
N THR C 938 -37.90 -26.83 -24.71
CA THR C 938 -37.37 -25.68 -23.99
C THR C 938 -35.86 -25.85 -23.80
N PRO C 939 -35.04 -24.91 -24.25
CA PRO C 939 -33.59 -25.04 -24.12
C PRO C 939 -33.01 -24.42 -22.85
N SER C 940 -33.84 -23.91 -21.94
CA SER C 940 -33.36 -23.27 -20.72
C SER C 940 -33.96 -23.90 -19.47
N ALA C 941 -34.47 -25.14 -19.56
CA ALA C 941 -35.03 -25.80 -18.40
C ALA C 941 -33.96 -26.08 -17.35
N LEU C 942 -32.79 -26.54 -17.78
CA LEU C 942 -31.69 -26.86 -16.87
C LEU C 942 -30.77 -25.65 -16.74
N GLY C 943 -31.28 -24.61 -16.11
CA GLY C 943 -30.54 -23.39 -15.92
C GLY C 943 -29.82 -23.33 -14.59
N LYS C 944 -30.41 -23.95 -13.57
CA LYS C 944 -29.78 -23.95 -12.25
C LYS C 944 -28.47 -24.72 -12.25
N LEU C 945 -28.43 -25.87 -12.92
CA LEU C 945 -27.21 -26.65 -12.97
C LEU C 945 -26.13 -25.98 -13.82
N GLN C 946 -26.52 -25.29 -14.88
CA GLN C 946 -25.55 -24.64 -15.75
C GLN C 946 -24.84 -23.48 -15.05
N ASP C 947 -25.54 -22.76 -14.18
CA ASP C 947 -24.92 -21.65 -13.47
C ASP C 947 -23.83 -22.13 -12.54
N VAL C 948 -24.00 -23.30 -11.94
CA VAL C 948 -22.99 -23.83 -11.02
C VAL C 948 -21.67 -24.05 -11.73
N VAL C 949 -21.71 -24.63 -12.94
CA VAL C 949 -20.47 -24.85 -13.67
C VAL C 949 -19.99 -23.61 -14.41
N ASN C 950 -20.88 -22.64 -14.67
CA ASN C 950 -20.46 -21.40 -15.30
C ASN C 950 -19.75 -20.47 -14.32
N HIS C 951 -20.15 -20.48 -13.06
CA HIS C 951 -19.52 -19.61 -12.08
C HIS C 951 -18.15 -20.11 -11.67
N ASN C 952 -17.84 -21.39 -11.89
CA ASN C 952 -16.57 -21.97 -11.51
C ASN C 952 -15.52 -21.89 -12.61
N ALA C 953 -15.86 -21.36 -13.78
CA ALA C 953 -14.92 -21.20 -14.87
C ALA C 953 -14.43 -19.75 -14.98
N GLN C 954 -15.33 -18.79 -14.90
CA GLN C 954 -14.92 -17.39 -14.99
C GLN C 954 -14.10 -16.96 -13.78
N ALA C 955 -14.29 -17.60 -12.63
CA ALA C 955 -13.45 -17.31 -11.47
C ALA C 955 -12.00 -17.66 -11.75
N LEU C 956 -11.75 -18.85 -12.29
CA LEU C 956 -10.40 -19.24 -12.67
C LEU C 956 -9.88 -18.36 -13.81
N ASN C 957 -10.76 -17.98 -14.74
CA ASN C 957 -10.35 -17.12 -15.84
C ASN C 957 -9.86 -15.77 -15.33
N THR C 958 -10.58 -15.17 -14.39
CA THR C 958 -10.12 -13.91 -13.82
C THR C 958 -8.87 -14.10 -12.98
N LEU C 959 -8.78 -15.21 -12.25
CA LEU C 959 -7.59 -15.47 -11.45
C LEU C 959 -6.34 -15.61 -12.31
N VAL C 960 -6.50 -16.13 -13.52
CA VAL C 960 -5.33 -16.27 -14.40
C VAL C 960 -5.10 -15.01 -15.23
N LYS C 961 -6.14 -14.22 -15.50
CA LYS C 961 -5.96 -12.96 -16.21
C LYS C 961 -5.37 -11.89 -15.32
N GLN C 962 -5.51 -12.01 -14.00
CA GLN C 962 -4.92 -11.05 -13.08
C GLN C 962 -3.40 -11.06 -13.11
N LEU C 963 -2.77 -12.08 -13.70
CA LEU C 963 -1.32 -12.18 -13.75
C LEU C 963 -0.70 -11.15 -14.69
N SER C 964 -1.49 -10.48 -15.52
CA SER C 964 -0.97 -9.49 -16.45
C SER C 964 -0.98 -8.08 -15.89
N SER C 965 -1.34 -7.90 -14.63
CA SER C 965 -1.39 -6.59 -14.01
C SER C 965 -0.03 -6.25 -13.40
N LYS C 966 0.43 -5.02 -13.64
CA LYS C 966 1.74 -4.61 -13.15
C LYS C 966 1.74 -4.36 -11.64
N PHE C 967 0.58 -4.04 -11.07
CA PHE C 967 0.45 -3.75 -9.64
C PHE C 967 1.37 -2.61 -9.22
N GLY C 968 1.49 -1.60 -10.07
CA GLY C 968 2.35 -0.47 -9.78
C GLY C 968 3.82 -0.80 -9.75
N ALA C 969 4.29 -1.65 -10.66
CA ALA C 969 5.69 -2.02 -10.77
C ALA C 969 6.17 -1.73 -12.20
N ILE C 970 7.47 -1.94 -12.42
CA ILE C 970 8.05 -1.69 -13.73
C ILE C 970 7.46 -2.63 -14.78
N SER C 971 7.32 -3.91 -14.44
CA SER C 971 6.84 -4.90 -15.38
C SER C 971 6.16 -6.03 -14.62
N SER C 972 5.38 -6.83 -15.35
CA SER C 972 4.68 -7.97 -14.78
C SER C 972 5.44 -9.27 -14.94
N VAL C 973 6.67 -9.22 -15.45
CA VAL C 973 7.50 -10.40 -15.68
C VAL C 973 8.65 -10.36 -14.69
N LEU C 974 8.76 -11.42 -13.87
CA LEU C 974 9.83 -11.49 -12.88
C LEU C 974 11.19 -11.58 -13.54
N ASN C 975 11.31 -12.37 -14.61
CA ASN C 975 12.58 -12.52 -15.30
C ASN C 975 13.06 -11.20 -15.89
N ASP C 976 12.14 -10.41 -16.44
CA ASP C 976 12.51 -9.10 -16.97
C ASP C 976 13.04 -8.19 -15.87
N ILE C 977 12.38 -8.19 -14.71
CA ILE C 977 12.84 -7.37 -13.59
C ILE C 977 14.22 -7.82 -13.13
N LEU C 978 14.42 -9.13 -13.02
CA LEU C 978 15.72 -9.63 -12.58
C LEU C 978 16.80 -9.40 -13.62
N SER C 979 16.41 -9.23 -14.90
CA SER C 979 17.39 -8.95 -15.94
C SER C 979 17.65 -7.47 -16.14
N ARG C 980 16.81 -6.60 -15.58
CA ARG C 980 16.99 -5.16 -15.76
C ARG C 980 17.45 -4.43 -14.50
N LEU C 981 17.36 -5.03 -13.33
CA LEU C 981 17.73 -4.35 -12.09
C LEU C 981 18.62 -5.24 -11.23
N ASP C 982 19.40 -4.58 -10.38
CA ASP C 982 20.27 -5.25 -9.42
C ASP C 982 19.46 -5.79 -8.25
N PRO C 983 19.99 -6.76 -7.51
CA PRO C 983 19.24 -7.37 -6.39
C PRO C 983 18.77 -6.36 -5.36
N PRO C 984 19.56 -5.35 -4.98
CA PRO C 984 19.08 -4.43 -3.93
C PRO C 984 17.78 -3.73 -4.26
N GLU C 985 17.52 -3.41 -5.52
CA GLU C 985 16.25 -2.84 -5.93
C GLU C 985 15.27 -3.88 -6.47
N ALA C 986 15.78 -5.02 -6.94
CA ALA C 986 14.89 -6.11 -7.35
C ALA C 986 14.09 -6.64 -6.17
N GLU C 987 14.73 -6.76 -5.00
CA GLU C 987 14.02 -7.23 -3.82
C GLU C 987 12.95 -6.25 -3.35
N VAL C 988 12.95 -5.02 -3.85
CA VAL C 988 11.86 -4.09 -3.58
C VAL C 988 10.81 -4.14 -4.68
N GLN C 989 11.23 -4.23 -5.94
CA GLN C 989 10.28 -4.19 -7.05
C GLN C 989 9.41 -5.44 -7.12
N ILE C 990 9.91 -6.58 -6.63
CA ILE C 990 9.13 -7.82 -6.72
C ILE C 990 8.25 -8.06 -5.50
N ASP C 991 8.36 -7.24 -4.46
CA ASP C 991 7.49 -7.39 -3.30
C ASP C 991 6.06 -6.97 -3.63
N ARG C 992 5.91 -5.91 -4.43
CA ARG C 992 4.58 -5.42 -4.79
C ARG C 992 3.78 -6.49 -5.53
N LEU C 993 4.42 -7.17 -6.48
CA LEU C 993 3.74 -8.24 -7.21
C LEU C 993 3.34 -9.37 -6.27
N ILE C 994 4.21 -9.70 -5.32
CA ILE C 994 3.90 -10.76 -4.36
C ILE C 994 2.66 -10.39 -3.55
N THR C 995 2.61 -9.16 -3.04
CA THR C 995 1.46 -8.73 -2.25
C THR C 995 0.19 -8.72 -3.09
N GLY C 996 0.25 -8.20 -4.31
CA GLY C 996 -0.93 -8.16 -5.15
C GLY C 996 -1.45 -9.54 -5.49
N ARG C 997 -0.54 -10.47 -5.83
CA ARG C 997 -0.96 -11.81 -6.17
C ARG C 997 -1.50 -12.55 -4.95
N LEU C 998 -0.92 -12.29 -3.77
CA LEU C 998 -1.46 -12.89 -2.55
C LEU C 998 -2.88 -12.41 -2.28
N GLN C 999 -3.13 -11.11 -2.46
CA GLN C 999 -4.49 -10.59 -2.28
C GLN C 999 -5.45 -11.19 -3.29
N SER C 1000 -5.03 -11.29 -4.56
CA SER C 1000 -5.88 -11.86 -5.59
C SER C 1000 -6.18 -13.33 -5.32
N LEU C 1001 -5.24 -14.04 -4.71
CA LEU C 1001 -5.48 -15.44 -4.35
C LEU C 1001 -6.37 -15.57 -3.13
N GLN C 1002 -6.26 -14.64 -2.17
CA GLN C 1002 -7.13 -14.67 -1.00
C GLN C 1002 -8.58 -14.41 -1.38
N THR C 1003 -8.82 -13.48 -2.30
CA THR C 1003 -10.20 -13.17 -2.70
C THR C 1003 -10.90 -14.40 -3.27
N TYR C 1004 -10.18 -15.19 -4.07
CA TYR C 1004 -10.77 -16.35 -4.71
C TYR C 1004 -11.26 -17.37 -3.69
N VAL C 1005 -10.41 -17.72 -2.72
CA VAL C 1005 -10.84 -18.69 -1.71
C VAL C 1005 -11.92 -18.09 -0.83
N THR C 1006 -11.89 -16.78 -0.58
CA THR C 1006 -12.94 -16.16 0.21
C THR C 1006 -14.31 -16.31 -0.45
N GLN C 1007 -14.37 -16.11 -1.77
CA GLN C 1007 -15.64 -16.27 -2.47
C GLN C 1007 -16.03 -17.75 -2.58
N GLN C 1008 -15.05 -18.63 -2.78
CA GLN C 1008 -15.35 -20.05 -2.88
C GLN C 1008 -15.90 -20.61 -1.57
N LEU C 1009 -15.45 -20.10 -0.44
CA LEU C 1009 -15.98 -20.55 0.84
C LEU C 1009 -17.46 -20.23 0.98
N ILE C 1010 -17.90 -19.07 0.49
CA ILE C 1010 -19.31 -18.72 0.54
C ILE C 1010 -20.12 -19.56 -0.43
N ARG C 1011 -19.60 -19.75 -1.65
CA ARG C 1011 -20.31 -20.59 -2.62
C ARG C 1011 -20.45 -22.02 -2.12
N ALA C 1012 -19.45 -22.53 -1.39
CA ALA C 1012 -19.53 -23.89 -0.88
C ALA C 1012 -20.68 -24.04 0.11
N ALA C 1013 -20.85 -23.08 1.02
CA ALA C 1013 -21.97 -23.13 1.95
C ALA C 1013 -23.30 -22.99 1.23
N GLU C 1014 -23.35 -22.13 0.21
CA GLU C 1014 -24.58 -21.98 -0.56
C GLU C 1014 -24.98 -23.29 -1.23
N ILE C 1015 -23.99 -24.03 -1.76
CA ILE C 1015 -24.28 -25.32 -2.37
C ILE C 1015 -24.67 -26.35 -1.31
N ARG C 1016 -24.01 -26.31 -0.14
CA ARG C 1016 -24.29 -27.29 0.90
C ARG C 1016 -25.71 -27.17 1.42
N ALA C 1017 -26.22 -25.93 1.53
CA ALA C 1017 -27.60 -25.75 1.98
C ALA C 1017 -28.58 -26.43 1.02
N SER C 1018 -28.38 -26.23 -0.28
CA SER C 1018 -29.23 -26.88 -1.26
C SER C 1018 -29.07 -28.40 -1.25
N ALA C 1019 -27.85 -28.89 -1.01
CA ALA C 1019 -27.65 -30.33 -0.90
C ALA C 1019 -28.42 -30.91 0.28
N ASN C 1020 -28.41 -30.22 1.42
CA ASN C 1020 -29.19 -30.67 2.56
C ASN C 1020 -30.69 -30.66 2.26
N LEU C 1021 -31.16 -29.61 1.58
CA LEU C 1021 -32.57 -29.56 1.20
C LEU C 1021 -32.92 -30.72 0.28
N ALA C 1022 -32.06 -31.03 -0.69
CA ALA C 1022 -32.30 -32.15 -1.59
C ALA C 1022 -32.32 -33.47 -0.85
N ALA C 1023 -31.42 -33.64 0.12
CA ALA C 1023 -31.41 -34.86 0.92
C ALA C 1023 -32.71 -35.03 1.69
N THR C 1024 -33.19 -33.94 2.32
CA THR C 1024 -34.45 -34.00 3.05
C THR C 1024 -35.61 -34.32 2.11
N LYS C 1025 -35.63 -33.70 0.93
CA LYS C 1025 -36.70 -33.95 -0.03
C LYS C 1025 -36.68 -35.40 -0.50
N MET C 1026 -35.49 -35.95 -0.76
CA MET C 1026 -35.39 -37.34 -1.16
C MET C 1026 -35.87 -38.27 -0.05
N SER C 1027 -35.52 -37.95 1.20
CA SER C 1027 -35.96 -38.79 2.32
C SER C 1027 -37.48 -38.76 2.46
N GLU C 1028 -38.10 -37.59 2.29
CA GLU C 1028 -39.53 -37.46 2.55
C GLU C 1028 -40.40 -37.88 1.36
N CYS C 1029 -40.23 -37.22 0.22
CA CYS C 1029 -41.17 -37.43 -0.89
C CYS C 1029 -40.99 -38.78 -1.56
N VAL C 1030 -39.76 -39.29 -1.62
CA VAL C 1030 -39.51 -40.53 -2.37
C VAL C 1030 -39.84 -41.75 -1.54
N LEU C 1031 -39.31 -41.82 -0.31
CA LEU C 1031 -39.48 -42.99 0.54
C LEU C 1031 -40.80 -42.98 1.31
N GLY C 1032 -41.77 -42.18 0.89
CA GLY C 1032 -43.04 -42.13 1.60
C GLY C 1032 -43.95 -41.11 0.98
N GLN C 1033 -45.02 -40.80 1.71
CA GLN C 1033 -46.02 -39.83 1.28
C GLN C 1033 -46.01 -38.65 2.25
N SER C 1034 -45.99 -37.44 1.69
CA SER C 1034 -45.85 -36.22 2.46
C SER C 1034 -47.17 -35.48 2.53
N LYS C 1035 -47.55 -35.07 3.74
CA LYS C 1035 -48.74 -34.26 3.95
C LYS C 1035 -48.47 -32.77 3.91
N ARG C 1036 -47.20 -32.35 3.82
CA ARG C 1036 -46.87 -30.94 3.79
C ARG C 1036 -47.33 -30.32 2.48
N VAL C 1037 -47.99 -29.17 2.57
CA VAL C 1037 -48.57 -28.53 1.40
C VAL C 1037 -47.47 -27.91 0.55
N ASP C 1038 -47.51 -28.19 -0.75
CA ASP C 1038 -46.60 -27.59 -1.72
C ASP C 1038 -45.13 -27.86 -1.37
N PHE C 1039 -44.84 -29.08 -0.93
CA PHE C 1039 -43.47 -29.51 -0.68
C PHE C 1039 -42.95 -30.48 -1.73
N CYS C 1040 -43.77 -31.43 -2.17
CA CYS C 1040 -43.41 -32.39 -3.20
C CYS C 1040 -44.30 -32.21 -4.42
N GLY C 1041 -44.56 -30.96 -4.80
CA GLY C 1041 -45.38 -30.67 -5.97
C GLY C 1041 -46.62 -29.88 -5.63
N LYS C 1042 -47.24 -29.27 -6.65
CA LYS C 1042 -48.45 -28.49 -6.47
C LYS C 1042 -49.66 -29.42 -6.56
N GLY C 1043 -50.40 -29.54 -5.47
CA GLY C 1043 -51.54 -30.43 -5.41
C GLY C 1043 -51.43 -31.41 -4.27
N TYR C 1044 -52.04 -32.59 -4.42
CA TYR C 1044 -51.97 -33.65 -3.43
C TYR C 1044 -50.91 -34.66 -3.87
N HIS C 1045 -49.80 -34.71 -3.14
CA HIS C 1045 -48.68 -35.55 -3.53
C HIS C 1045 -49.04 -37.03 -3.47
N LEU C 1046 -48.60 -37.78 -4.48
CA LEU C 1046 -48.79 -39.22 -4.51
C LEU C 1046 -47.46 -39.98 -4.45
N MET C 1047 -46.57 -39.77 -5.43
CA MET C 1047 -45.30 -40.48 -5.49
C MET C 1047 -44.24 -39.53 -6.03
N SER C 1048 -43.02 -40.04 -6.16
CA SER C 1048 -41.90 -39.27 -6.70
C SER C 1048 -40.80 -40.21 -7.11
N PHE C 1049 -40.07 -39.84 -8.17
CA PHE C 1049 -38.93 -40.60 -8.65
C PHE C 1049 -37.73 -39.68 -8.85
N PRO C 1050 -36.54 -40.10 -8.45
CA PRO C 1050 -35.34 -39.31 -8.70
C PRO C 1050 -34.66 -39.69 -10.00
N GLN C 1051 -33.97 -38.71 -10.58
CA GLN C 1051 -33.17 -38.92 -11.78
C GLN C 1051 -31.84 -38.19 -11.60
N SER C 1052 -30.75 -38.84 -12.01
CA SER C 1052 -29.41 -38.30 -11.84
C SER C 1052 -29.10 -37.31 -12.95
N ALA C 1053 -28.41 -36.24 -12.58
CA ALA C 1053 -28.01 -35.19 -13.51
C ALA C 1053 -26.59 -34.76 -13.16
N PRO C 1054 -25.86 -34.20 -14.12
CA PRO C 1054 -24.50 -33.71 -13.82
C PRO C 1054 -24.53 -32.62 -12.76
N HIS C 1055 -23.89 -32.91 -11.62
CA HIS C 1055 -23.80 -31.98 -10.49
C HIS C 1055 -25.19 -31.55 -10.01
N GLY C 1056 -26.08 -32.53 -9.84
CA GLY C 1056 -27.41 -32.23 -9.36
C GLY C 1056 -28.29 -33.46 -9.42
N VAL C 1057 -29.57 -33.24 -9.10
CA VAL C 1057 -30.56 -34.30 -9.11
C VAL C 1057 -31.88 -33.70 -9.58
N VAL C 1058 -32.69 -34.53 -10.25
CA VAL C 1058 -33.98 -34.10 -10.80
C VAL C 1058 -35.06 -35.03 -10.26
N PHE C 1059 -36.14 -34.44 -9.74
CA PHE C 1059 -37.26 -35.18 -9.22
C PHE C 1059 -38.44 -35.10 -10.19
N LEU C 1060 -39.32 -36.10 -10.10
CA LEU C 1060 -40.55 -36.14 -10.88
C LEU C 1060 -41.69 -36.38 -9.91
N HIS C 1061 -42.50 -35.35 -9.69
CA HIS C 1061 -43.58 -35.39 -8.71
C HIS C 1061 -44.90 -35.73 -9.38
N VAL C 1062 -45.60 -36.73 -8.85
CA VAL C 1062 -46.92 -37.11 -9.33
C VAL C 1062 -47.95 -36.60 -8.33
N THR C 1063 -48.92 -35.83 -8.82
CA THR C 1063 -49.89 -35.16 -7.96
C THR C 1063 -51.30 -35.55 -8.38
N TYR C 1064 -52.29 -34.92 -7.75
CA TYR C 1064 -53.69 -35.19 -7.99
C TYR C 1064 -54.43 -33.86 -7.94
N VAL C 1065 -55.01 -33.46 -9.05
CA VAL C 1065 -55.65 -32.15 -9.20
C VAL C 1065 -57.12 -32.36 -9.53
N PRO C 1066 -58.05 -31.81 -8.73
CA PRO C 1066 -59.47 -31.97 -9.06
C PRO C 1066 -59.83 -31.29 -10.37
N ALA C 1067 -60.73 -31.93 -11.11
CA ALA C 1067 -61.20 -31.44 -12.39
C ALA C 1067 -62.47 -30.59 -12.17
N GLN C 1068 -63.21 -30.34 -13.25
CA GLN C 1068 -64.41 -29.51 -13.21
C GLN C 1068 -65.31 -29.85 -12.03
N GLU C 1069 -65.89 -28.82 -11.43
CA GLU C 1069 -66.70 -28.92 -10.22
C GLU C 1069 -68.15 -28.58 -10.53
N LYS C 1070 -68.97 -28.55 -9.48
CA LYS C 1070 -70.39 -28.24 -9.62
C LYS C 1070 -70.90 -27.75 -8.26
N ASN C 1071 -71.56 -26.59 -8.27
CA ASN C 1071 -72.08 -26.03 -7.04
C ASN C 1071 -73.31 -26.82 -6.57
N PHE C 1072 -73.60 -26.70 -5.27
CA PHE C 1072 -74.69 -27.42 -4.65
C PHE C 1072 -75.27 -26.56 -3.53
N THR C 1073 -76.20 -27.15 -2.77
CA THR C 1073 -76.78 -26.52 -1.58
C THR C 1073 -76.55 -27.47 -0.40
N THR C 1074 -76.02 -26.93 0.69
CA THR C 1074 -75.64 -27.72 1.84
C THR C 1074 -76.43 -27.30 3.08
N ALA C 1075 -76.22 -28.04 4.16
CA ALA C 1075 -76.87 -27.78 5.44
C ALA C 1075 -75.97 -28.35 6.54
N PRO C 1076 -75.78 -27.61 7.64
CA PRO C 1076 -74.86 -28.10 8.68
C PRO C 1076 -75.28 -29.39 9.33
N ALA C 1077 -76.58 -29.65 9.47
CA ALA C 1077 -77.04 -30.83 10.20
C ALA C 1077 -78.46 -31.16 9.75
N ILE C 1078 -78.97 -32.29 10.22
CA ILE C 1078 -80.32 -32.76 9.93
C ILE C 1078 -80.96 -33.21 11.23
N CYS C 1079 -82.25 -32.87 11.39
CA CYS C 1079 -83.00 -33.19 12.61
C CYS C 1079 -84.21 -34.04 12.22
N HIS C 1080 -84.16 -35.34 12.54
CA HIS C 1080 -85.27 -36.21 12.19
C HIS C 1080 -86.27 -36.40 13.32
N ASP C 1081 -85.85 -37.04 14.41
CA ASP C 1081 -86.72 -37.27 15.56
C ASP C 1081 -86.42 -36.27 16.67
N GLY C 1082 -86.49 -34.98 16.32
CA GLY C 1082 -86.15 -33.95 17.29
C GLY C 1082 -84.73 -34.01 17.79
N LYS C 1083 -83.84 -34.68 17.06
CA LYS C 1083 -82.45 -34.82 17.45
C LYS C 1083 -81.55 -34.44 16.28
N ALA C 1084 -80.48 -33.71 16.58
CA ALA C 1084 -79.55 -33.28 15.55
C ALA C 1084 -78.72 -34.45 15.07
N HIS C 1085 -78.42 -34.46 13.76
CA HIS C 1085 -77.57 -35.48 13.16
C HIS C 1085 -76.44 -34.82 12.40
N PHE C 1086 -75.25 -35.38 12.52
CA PHE C 1086 -74.06 -34.83 11.87
C PHE C 1086 -73.40 -35.88 10.99
N PRO C 1087 -72.74 -35.48 9.91
CA PRO C 1087 -72.10 -36.48 9.03
C PRO C 1087 -70.86 -37.05 9.69
N ARG C 1088 -70.78 -38.38 9.71
CA ARG C 1088 -69.61 -39.04 10.29
C ARG C 1088 -68.35 -38.72 9.51
N GLU C 1089 -68.42 -38.77 8.17
CA GLU C 1089 -67.29 -38.41 7.33
C GLU C 1089 -67.86 -37.93 5.99
N GLY C 1090 -67.94 -36.62 5.84
CA GLY C 1090 -68.46 -36.04 4.61
C GLY C 1090 -69.21 -34.76 4.91
N VAL C 1091 -70.10 -34.39 3.99
CA VAL C 1091 -70.91 -33.19 4.12
C VAL C 1091 -72.28 -33.46 3.52
N PHE C 1092 -73.32 -32.97 4.19
CA PHE C 1092 -74.68 -33.10 3.65
C PHE C 1092 -74.83 -32.25 2.40
N VAL C 1093 -75.54 -32.78 1.42
CA VAL C 1093 -75.66 -32.14 0.12
C VAL C 1093 -77.02 -32.50 -0.48
N SER C 1094 -77.54 -31.61 -1.33
CA SER C 1094 -78.80 -31.85 -2.01
C SER C 1094 -78.74 -31.23 -3.40
N ASN C 1095 -79.50 -31.81 -4.32
CA ASN C 1095 -79.63 -31.28 -5.67
C ASN C 1095 -80.83 -30.35 -5.83
N GLY C 1096 -81.59 -30.11 -4.75
CA GLY C 1096 -82.78 -29.29 -4.78
C GLY C 1096 -84.04 -30.03 -4.36
N THR C 1097 -84.04 -31.35 -4.50
CA THR C 1097 -85.20 -32.18 -4.15
C THR C 1097 -84.91 -33.13 -3.01
N HIS C 1098 -83.84 -33.91 -3.09
CA HIS C 1098 -83.50 -34.91 -2.08
C HIS C 1098 -82.13 -34.62 -1.50
N TRP C 1099 -81.99 -34.90 -0.20
CA TRP C 1099 -80.73 -34.69 0.50
C TRP C 1099 -79.85 -35.94 0.39
N PHE C 1100 -78.54 -35.71 0.43
CA PHE C 1100 -77.56 -36.78 0.26
C PHE C 1100 -76.35 -36.49 1.12
N VAL C 1101 -75.51 -37.51 1.27
CA VAL C 1101 -74.22 -37.39 1.97
C VAL C 1101 -73.13 -37.90 1.04
N THR C 1102 -72.03 -37.15 0.97
CA THR C 1102 -70.94 -37.50 0.07
C THR C 1102 -69.61 -37.05 0.67
N GLN C 1103 -68.54 -37.66 0.19
CA GLN C 1103 -67.20 -37.30 0.64
C GLN C 1103 -66.80 -35.94 0.07
N ARG C 1104 -65.71 -35.39 0.60
CA ARG C 1104 -65.36 -34.00 0.39
C ARG C 1104 -64.51 -33.76 -0.86
N ASN C 1105 -64.07 -34.80 -1.56
CA ASN C 1105 -63.18 -34.61 -2.69
C ASN C 1105 -63.64 -35.31 -3.97
N PHE C 1106 -64.76 -36.04 -3.93
CA PHE C 1106 -65.26 -36.71 -5.11
C PHE C 1106 -66.77 -36.87 -4.97
N TYR C 1107 -67.52 -36.38 -5.95
CA TYR C 1107 -68.98 -36.44 -5.87
C TYR C 1107 -69.45 -37.88 -5.91
N GLU C 1108 -70.15 -38.30 -4.86
CA GLU C 1108 -70.67 -39.66 -4.75
C GLU C 1108 -71.87 -39.66 -3.82
N PRO C 1109 -73.05 -39.31 -4.33
CA PRO C 1109 -74.23 -39.22 -3.47
C PRO C 1109 -74.60 -40.57 -2.85
N GLN C 1110 -75.14 -40.50 -1.64
CA GLN C 1110 -75.56 -41.70 -0.92
C GLN C 1110 -76.77 -41.35 -0.05
N ILE C 1111 -77.51 -42.37 0.33
CA ILE C 1111 -78.69 -42.21 1.15
C ILE C 1111 -78.28 -42.09 2.61
N ILE C 1112 -78.87 -41.12 3.31
CA ILE C 1112 -78.54 -40.91 4.72
C ILE C 1112 -79.16 -42.01 5.55
N THR C 1113 -78.33 -42.74 6.29
CA THR C 1113 -78.77 -43.84 7.14
C THR C 1113 -78.33 -43.58 8.58
N THR C 1114 -78.56 -44.57 9.44
CA THR C 1114 -78.18 -44.47 10.84
C THR C 1114 -76.73 -44.83 11.10
N ASP C 1115 -75.99 -45.25 10.08
CA ASP C 1115 -74.57 -45.55 10.22
C ASP C 1115 -73.66 -44.54 9.51
N ASN C 1116 -74.21 -43.72 8.62
CA ASN C 1116 -73.45 -42.63 8.03
C ASN C 1116 -73.41 -41.39 8.89
N THR C 1117 -74.25 -41.32 9.93
CA THR C 1117 -74.37 -40.15 10.78
C THR C 1117 -74.37 -40.57 12.25
N PHE C 1118 -74.03 -39.62 13.11
CA PHE C 1118 -74.06 -39.82 14.55
C PHE C 1118 -74.88 -38.72 15.20
N VAL C 1119 -75.63 -39.08 16.23
CA VAL C 1119 -76.54 -38.15 16.89
C VAL C 1119 -75.83 -37.48 18.06
N SER C 1120 -76.08 -36.18 18.23
CA SER C 1120 -75.48 -35.43 19.33
C SER C 1120 -76.27 -34.13 19.51
N GLY C 1121 -76.62 -33.82 20.74
CA GLY C 1121 -77.29 -32.57 21.05
C GLY C 1121 -78.78 -32.61 20.79
N ASN C 1122 -79.38 -31.42 20.80
CA ASN C 1122 -80.80 -31.24 20.61
C ASN C 1122 -81.07 -30.57 19.26
N CYS C 1123 -82.34 -30.23 19.02
CA CYS C 1123 -82.79 -29.71 17.75
C CYS C 1123 -82.99 -28.20 17.77
N ASP C 1124 -82.34 -27.49 18.69
CA ASP C 1124 -82.54 -26.05 18.79
C ASP C 1124 -81.25 -25.28 19.03
N VAL C 1125 -80.10 -25.93 18.87
CA VAL C 1125 -78.81 -25.29 19.15
C VAL C 1125 -78.06 -24.90 17.87
N VAL C 1126 -78.03 -25.77 16.88
CA VAL C 1126 -77.27 -25.50 15.66
C VAL C 1126 -78.02 -24.48 14.82
N ILE C 1127 -77.29 -23.72 14.00
CA ILE C 1127 -77.87 -22.69 13.17
C ILE C 1127 -77.89 -23.17 11.73
N GLY C 1128 -79.07 -23.17 11.12
CA GLY C 1128 -79.22 -23.58 9.74
C GLY C 1128 -79.66 -25.01 9.51
N ILE C 1129 -80.08 -25.72 10.56
CA ILE C 1129 -80.51 -27.10 10.41
C ILE C 1129 -81.78 -27.16 9.54
N VAL C 1130 -81.97 -28.30 8.89
CA VAL C 1130 -83.12 -28.52 8.03
C VAL C 1130 -83.88 -29.74 8.52
N ASN C 1131 -85.18 -29.76 8.22
CA ASN C 1131 -86.05 -30.85 8.63
C ASN C 1131 -86.09 -31.91 7.54
N ASN C 1132 -85.72 -33.14 7.90
CA ASN C 1132 -85.71 -34.25 6.95
C ASN C 1132 -85.73 -35.55 7.75
N THR C 1133 -85.76 -36.67 7.03
CA THR C 1133 -85.82 -37.98 7.64
C THR C 1133 -84.59 -38.80 7.28
N VAL C 1134 -84.20 -39.69 8.20
CA VAL C 1134 -83.05 -40.57 8.02
C VAL C 1134 -83.54 -42.00 7.94
N TYR C 1135 -83.08 -42.73 6.92
CA TYR C 1135 -83.47 -44.12 6.76
C TYR C 1135 -82.78 -45.01 7.78
N ASP C 1136 -83.48 -46.04 8.22
CA ASP C 1136 -82.93 -47.06 9.11
C ASP C 1136 -82.99 -48.40 8.40
N PRO C 1137 -81.85 -49.00 8.03
CA PRO C 1137 -81.90 -50.28 7.31
C PRO C 1137 -82.51 -51.41 8.10
N LEU C 1138 -82.42 -51.38 9.43
CA LEU C 1138 -82.82 -52.53 10.23
C LEU C 1138 -84.33 -52.67 10.32
N GLN C 1139 -85.05 -51.56 10.53
CA GLN C 1139 -86.48 -51.64 10.85
C GLN C 1139 -87.34 -52.28 9.75
N PRO C 1140 -87.18 -51.98 8.44
CA PRO C 1140 -88.10 -52.58 7.47
C PRO C 1140 -87.87 -54.08 7.29
N GLU C 1141 -86.59 -54.46 7.16
CA GLU C 1141 -86.24 -55.87 7.08
C GLU C 1141 -86.62 -56.61 8.36
N LEU C 1142 -86.64 -55.92 9.50
CA LEU C 1142 -87.05 -56.54 10.75
C LEU C 1142 -88.56 -56.76 10.83
N ASP C 1143 -89.36 -55.69 10.74
CA ASP C 1143 -90.80 -55.85 10.91
C ASP C 1143 -91.42 -56.61 9.74
N SER C 1144 -90.75 -56.63 8.58
CA SER C 1144 -91.16 -57.54 7.51
C SER C 1144 -90.97 -58.99 7.93
N PHE C 1145 -89.86 -59.29 8.62
CA PHE C 1145 -89.58 -60.65 9.05
C PHE C 1145 -90.17 -60.98 10.42
N LYS C 1146 -90.23 -59.98 11.33
CA LYS C 1146 -90.77 -60.23 12.66
C LYS C 1146 -92.28 -60.39 12.66
N GLU C 1147 -92.95 -60.07 11.56
CA GLU C 1147 -94.40 -60.22 11.46
C GLU C 1147 -94.76 -61.52 10.76
N VAL D 1 55.02 32.78 -35.47
CA VAL D 1 55.69 32.53 -36.75
C VAL D 1 57.16 32.22 -36.52
N GLN D 2 57.83 33.05 -35.72
CA GLN D 2 59.25 32.91 -35.42
C GLN D 2 59.50 33.09 -33.93
N LEU D 3 58.70 32.40 -33.12
CA LEU D 3 58.90 32.43 -31.67
C LEU D 3 60.30 31.95 -31.33
N ALA D 4 60.99 32.70 -30.47
CA ALA D 4 62.39 32.41 -30.15
C ALA D 4 62.47 31.11 -29.36
N GLN D 5 63.27 30.16 -29.85
CA GLN D 5 63.42 28.86 -29.22
C GLN D 5 64.90 28.57 -28.97
N SER D 6 65.16 27.75 -27.96
CA SER D 6 66.54 27.44 -27.59
C SER D 6 67.26 26.68 -28.70
N GLY D 7 68.58 26.82 -28.73
CA GLY D 7 69.40 26.17 -29.74
C GLY D 7 69.66 24.71 -29.45
N SER D 8 70.51 24.13 -30.28
CA SER D 8 70.85 22.72 -30.17
C SER D 8 71.96 22.50 -29.14
N GLU D 9 71.97 21.31 -28.55
CA GLU D 9 73.00 20.91 -27.60
C GLU D 9 73.39 19.46 -27.86
N LEU D 10 74.58 19.09 -27.37
CA LEU D 10 75.07 17.73 -27.40
C LEU D 10 75.11 17.21 -25.98
N ARG D 11 74.45 16.08 -25.73
CA ARG D 11 74.29 15.55 -24.39
C ARG D 11 74.76 14.10 -24.33
N LYS D 12 75.35 13.73 -23.20
CA LYS D 12 75.73 12.37 -22.89
C LYS D 12 74.55 11.63 -22.27
N PRO D 13 74.53 10.29 -22.36
CA PRO D 13 73.43 9.54 -21.75
C PRO D 13 73.32 9.78 -20.25
N GLY D 14 72.08 9.83 -19.77
CA GLY D 14 71.81 10.08 -18.37
C GLY D 14 71.82 11.53 -17.95
N ALA D 15 72.06 12.46 -18.87
CA ALA D 15 72.10 13.87 -18.54
C ALA D 15 70.69 14.46 -18.58
N SER D 16 70.59 15.79 -18.54
CA SER D 16 69.33 16.49 -18.58
C SER D 16 69.39 17.59 -19.62
N VAL D 17 68.23 17.91 -20.20
CA VAL D 17 68.11 18.90 -21.27
C VAL D 17 67.02 19.90 -20.89
N LYS D 18 67.29 21.18 -21.12
CA LYS D 18 66.31 22.24 -20.92
C LYS D 18 66.10 22.96 -22.24
N VAL D 19 64.84 23.06 -22.66
CA VAL D 19 64.46 23.74 -23.90
C VAL D 19 63.40 24.79 -23.57
N SER D 20 63.63 26.01 -24.02
CA SER D 20 62.73 27.12 -23.78
C SER D 20 61.96 27.46 -25.06
N CYS D 21 60.89 28.22 -24.90
CA CYS D 21 60.08 28.67 -26.03
C CYS D 21 59.53 30.06 -25.69
N ASP D 22 60.22 31.09 -26.17
CA ASP D 22 59.78 32.45 -25.95
C ASP D 22 58.51 32.72 -26.74
N THR D 23 57.66 33.60 -26.19
CA THR D 23 56.33 33.81 -26.74
C THR D 23 56.02 35.28 -27.08
N SER D 24 56.62 36.25 -26.41
CA SER D 24 56.22 37.66 -26.47
C SER D 24 56.37 38.31 -27.85
N GLY D 25 56.72 37.57 -28.90
CA GLY D 25 56.91 38.19 -30.20
C GLY D 25 55.66 38.83 -30.78
N HIS D 26 54.50 38.27 -30.46
CA HIS D 26 53.24 38.75 -31.03
C HIS D 26 52.18 38.78 -29.93
N SER D 27 50.93 38.95 -30.34
CA SER D 27 49.78 38.96 -29.44
C SER D 27 48.93 37.73 -29.70
N PHE D 28 48.38 37.15 -28.63
CA PHE D 28 47.75 35.84 -28.69
C PHE D 28 46.37 35.90 -28.06
N THR D 29 45.36 35.47 -28.81
CA THR D 29 44.02 35.27 -28.26
C THR D 29 43.81 33.78 -27.93
N SER D 30 44.60 33.31 -26.97
CA SER D 30 44.56 31.92 -26.55
C SER D 30 45.19 31.81 -25.17
N ASN D 31 45.01 30.65 -24.55
CA ASN D 31 45.53 30.38 -23.22
C ASN D 31 46.16 29.00 -23.17
N ALA D 32 46.96 28.65 -24.18
CA ALA D 32 47.58 27.33 -24.23
C ALA D 32 48.84 27.39 -25.08
N ILE D 33 49.74 26.44 -24.84
CA ILE D 33 50.94 26.25 -25.65
C ILE D 33 51.10 24.76 -25.91
N HIS D 34 51.59 24.43 -27.11
CA HIS D 34 51.69 23.05 -27.55
C HIS D 34 53.13 22.70 -27.88
N TRP D 35 53.39 21.39 -27.94
CA TRP D 35 54.70 20.87 -28.28
C TRP D 35 54.55 19.79 -29.33
N VAL D 36 55.40 19.82 -30.36
CA VAL D 36 55.37 18.85 -31.44
C VAL D 36 56.76 18.26 -31.59
N ARG D 37 56.85 16.93 -31.64
CA ARG D 37 58.10 16.22 -31.79
C ARG D 37 58.13 15.50 -33.13
N GLN D 38 59.32 15.46 -33.75
CA GLN D 38 59.52 14.77 -35.02
C GLN D 38 60.78 13.94 -34.94
N ALA D 39 60.69 12.68 -35.37
CA ALA D 39 61.86 11.82 -35.44
C ALA D 39 62.79 12.32 -36.54
N PRO D 40 64.07 11.94 -36.48
CA PRO D 40 65.02 12.44 -37.50
C PRO D 40 64.63 12.12 -38.92
N GLY D 41 63.96 10.98 -39.16
CA GLY D 41 63.57 10.63 -40.51
C GLY D 41 62.09 10.30 -40.67
N GLN D 42 61.35 10.32 -39.58
CA GLN D 42 59.94 9.95 -39.58
C GLN D 42 59.08 11.21 -39.54
N GLY D 43 57.77 11.03 -39.36
CA GLY D 43 56.82 12.11 -39.39
C GLY D 43 56.64 12.77 -38.03
N LEU D 44 55.48 13.41 -37.87
CA LEU D 44 55.15 14.20 -36.70
C LEU D 44 54.25 13.41 -35.76
N GLU D 45 54.42 13.64 -34.46
CA GLU D 45 53.55 13.05 -33.45
C GLU D 45 53.47 13.99 -32.24
N TRP D 46 52.25 14.09 -31.69
CA TRP D 46 51.96 14.99 -30.59
C TRP D 46 52.41 14.41 -29.25
N MET D 47 52.64 15.29 -28.27
CA MET D 47 52.93 14.87 -26.90
C MET D 47 51.94 15.41 -25.88
N GLY D 48 51.50 16.65 -26.02
CA GLY D 48 50.56 17.19 -25.05
C GLY D 48 50.57 18.71 -25.07
N TRP D 49 49.95 19.27 -24.03
CA TRP D 49 49.78 20.71 -23.90
C TRP D 49 49.59 21.05 -22.43
N ILE D 50 49.80 22.32 -22.11
CA ILE D 50 49.60 22.84 -20.76
C ILE D 50 48.72 24.07 -20.85
N ASN D 51 47.85 24.25 -19.86
CA ASN D 51 46.90 25.34 -19.85
C ASN D 51 47.52 26.58 -19.21
N THR D 52 47.58 27.67 -19.96
CA THR D 52 48.04 28.93 -19.40
C THR D 52 47.05 29.42 -18.35
N ASP D 53 47.57 30.14 -17.35
CA ASP D 53 46.84 30.66 -16.21
C ASP D 53 46.37 29.56 -15.26
N THR D 54 46.70 28.30 -15.53
CA THR D 54 46.33 27.20 -14.65
C THR D 54 47.55 26.35 -14.32
N GLY D 55 48.49 26.27 -15.25
CA GLY D 55 49.69 25.48 -15.03
C GLY D 55 49.49 23.99 -14.98
N THR D 56 48.41 23.48 -15.59
CA THR D 56 48.10 22.06 -15.54
C THR D 56 48.53 21.40 -16.84
N PRO D 57 49.51 20.51 -16.84
CA PRO D 57 49.93 19.84 -18.06
C PRO D 57 48.96 18.72 -18.44
N THR D 58 49.14 18.22 -19.66
CA THR D 58 48.37 17.10 -20.17
C THR D 58 49.27 16.25 -21.04
N TYR D 59 49.35 14.95 -20.75
CA TYR D 59 50.28 14.05 -21.40
C TYR D 59 49.54 13.11 -22.35
N ALA D 60 50.25 12.67 -23.38
CA ALA D 60 49.73 11.71 -24.34
C ALA D 60 49.97 10.29 -23.84
N GLN D 61 49.78 9.31 -24.72
CA GLN D 61 49.91 7.91 -24.33
C GLN D 61 51.37 7.53 -24.10
N GLY D 62 52.21 7.68 -25.11
CA GLY D 62 53.59 7.24 -25.07
C GLY D 62 54.59 8.25 -24.57
N PHE D 63 54.15 9.42 -24.11
CA PHE D 63 55.05 10.48 -23.66
C PHE D 63 54.64 10.97 -22.27
N THR D 64 54.42 10.04 -21.36
CA THR D 64 54.00 10.37 -20.00
C THR D 64 55.13 10.14 -19.01
N GLY D 65 55.18 10.98 -17.98
CA GLY D 65 56.12 10.82 -16.89
C GLY D 65 57.46 11.50 -17.10
N ARG D 66 58.27 10.99 -18.01
CA ARG D 66 59.63 11.49 -18.17
C ARG D 66 59.67 12.93 -18.68
N PHE D 67 58.71 13.31 -19.52
CA PHE D 67 58.66 14.65 -20.06
C PHE D 67 58.08 15.61 -19.02
N VAL D 68 58.63 16.83 -18.98
CA VAL D 68 58.22 17.84 -18.02
C VAL D 68 57.87 19.11 -18.77
N PHE D 69 56.67 19.63 -18.54
CA PHE D 69 56.21 20.89 -19.11
C PHE D 69 56.09 21.92 -17.98
N SER D 70 56.69 23.09 -18.19
CA SER D 70 56.68 24.14 -17.20
C SER D 70 56.43 25.49 -17.87
N LEU D 71 55.96 26.44 -17.07
CA LEU D 71 55.69 27.80 -17.52
C LEU D 71 56.60 28.77 -16.76
N ASP D 72 56.37 30.06 -17.01
CA ASP D 72 57.14 31.12 -16.37
C ASP D 72 56.32 31.77 -15.26
N THR D 73 56.99 32.61 -14.47
CA THR D 73 56.29 33.40 -13.47
C THR D 73 55.29 34.35 -14.13
N SER D 74 55.62 34.85 -15.32
CA SER D 74 54.70 35.62 -16.14
C SER D 74 53.79 34.74 -17.00
N ALA D 75 53.97 33.42 -16.92
CA ALA D 75 53.18 32.46 -17.70
C ALA D 75 53.28 32.74 -19.20
N ARG D 76 54.47 33.11 -19.65
CA ARG D 76 54.71 33.41 -21.06
C ARG D 76 55.80 32.56 -21.69
N THR D 77 56.90 32.34 -20.99
CA THR D 77 58.01 31.54 -21.52
C THR D 77 57.85 30.10 -21.03
N ALA D 78 57.68 29.17 -21.97
CA ALA D 78 57.47 27.77 -21.65
C ALA D 78 58.79 27.01 -21.76
N TYR D 79 59.11 26.23 -20.72
CA TYR D 79 60.32 25.43 -20.67
C TYR D 79 59.98 23.95 -20.76
N LEU D 80 60.88 23.19 -21.39
CA LEU D 80 60.75 21.75 -21.54
C LEU D 80 61.94 21.07 -20.87
N GLN D 81 61.67 20.05 -20.08
CA GLN D 81 62.70 19.34 -19.32
C GLN D 81 62.61 17.85 -19.60
N ILE D 82 63.78 17.22 -19.79
CA ILE D 82 63.86 15.78 -19.99
C ILE D 82 65.12 15.27 -19.30
N SER D 83 65.04 14.03 -18.80
CA SER D 83 66.16 13.38 -18.14
C SER D 83 66.21 11.93 -18.57
N SER D 84 67.36 11.30 -18.31
CA SER D 84 67.60 9.89 -18.66
C SER D 84 67.43 9.67 -20.17
N LEU D 85 68.23 10.41 -20.94
CA LEU D 85 68.17 10.29 -22.39
C LEU D 85 68.67 8.93 -22.84
N LYS D 86 68.04 8.40 -23.89
CA LYS D 86 68.39 7.12 -24.46
C LYS D 86 69.08 7.33 -25.82
N ALA D 87 69.48 6.22 -26.43
CA ALA D 87 70.12 6.28 -27.74
C ALA D 87 69.13 6.65 -28.83
N ASP D 88 67.85 6.28 -28.65
CA ASP D 88 66.81 6.59 -29.62
C ASP D 88 66.10 7.90 -29.31
N ASP D 89 66.50 8.61 -28.26
CA ASP D 89 65.84 9.84 -27.84
C ASP D 89 66.12 10.99 -28.79
N THR D 90 67.13 10.87 -29.66
CA THR D 90 67.47 11.97 -30.56
C THR D 90 66.31 12.27 -31.51
N ALA D 91 65.96 13.54 -31.61
CA ALA D 91 64.83 14.02 -32.41
C ALA D 91 64.89 15.53 -32.44
N VAL D 92 63.87 16.16 -33.03
CA VAL D 92 63.71 17.60 -33.03
C VAL D 92 62.40 17.94 -32.32
N PHE D 93 62.45 18.97 -31.47
CA PHE D 93 61.32 19.36 -30.64
C PHE D 93 60.89 20.76 -31.02
N TYR D 94 59.67 20.90 -31.52
CA TYR D 94 59.10 22.18 -31.91
C TYR D 94 58.18 22.71 -30.83
N CYS D 95 57.78 23.97 -30.99
CA CYS D 95 56.89 24.66 -30.06
C CYS D 95 55.83 25.38 -30.89
N ALA D 96 54.60 24.89 -30.86
CA ALA D 96 53.52 25.41 -31.68
C ALA D 96 52.53 26.17 -30.83
N ARG D 97 51.97 27.24 -31.39
CA ARG D 97 51.03 28.09 -30.68
C ARG D 97 49.79 28.33 -31.52
N GLU D 98 48.65 28.43 -30.84
CA GLU D 98 47.35 28.61 -31.46
C GLU D 98 47.18 30.04 -31.98
N ARG D 99 46.29 30.19 -32.97
CA ARG D 99 45.98 31.49 -33.55
C ARG D 99 44.87 32.21 -32.77
N ASP D 100 43.67 31.64 -32.74
CA ASP D 100 42.56 32.14 -31.96
C ASP D 100 42.01 31.03 -31.07
N TYR D 101 41.19 31.42 -30.12
CA TYR D 101 40.68 30.45 -29.14
C TYR D 101 39.78 29.43 -29.83
N SER D 102 39.89 28.18 -29.39
CA SER D 102 39.12 27.06 -29.94
C SER D 102 39.38 26.86 -31.43
N ASP D 103 40.60 27.15 -31.87
CA ASP D 103 41.04 26.91 -33.24
C ASP D 103 42.26 25.98 -33.17
N TYR D 104 42.01 24.67 -33.16
CA TYR D 104 43.03 23.70 -32.81
C TYR D 104 44.05 23.43 -33.92
N PHE D 105 44.13 24.29 -34.93
CA PHE D 105 45.17 24.21 -35.94
C PHE D 105 46.29 25.19 -35.59
N PHE D 106 47.53 24.74 -35.73
CA PHE D 106 48.70 25.48 -35.27
C PHE D 106 49.22 26.36 -36.41
N ASP D 107 49.43 27.65 -36.12
CA ASP D 107 49.94 28.59 -37.08
C ASP D 107 51.30 29.16 -36.68
N TYR D 108 51.46 29.53 -35.42
CA TYR D 108 52.75 30.02 -34.89
C TYR D 108 53.60 28.84 -34.48
N TRP D 109 54.78 28.72 -35.08
CA TRP D 109 55.72 27.65 -34.82
C TRP D 109 57.09 28.22 -34.50
N GLY D 110 57.77 27.64 -33.51
CA GLY D 110 59.15 27.98 -33.28
C GLY D 110 60.07 27.39 -34.33
N GLN D 111 61.31 27.87 -34.33
CA GLN D 111 62.24 27.39 -35.36
C GLN D 111 62.65 25.95 -35.13
N GLY D 112 62.44 25.41 -33.94
CA GLY D 112 62.82 24.05 -33.66
C GLY D 112 64.09 23.97 -32.83
N THR D 113 64.21 22.89 -32.07
CA THR D 113 65.37 22.62 -31.23
C THR D 113 65.85 21.20 -31.46
N LEU D 114 67.17 21.04 -31.61
CA LEU D 114 67.77 19.75 -31.92
C LEU D 114 68.46 19.21 -30.66
N VAL D 115 68.21 17.94 -30.38
CA VAL D 115 68.84 17.25 -29.25
C VAL D 115 69.59 16.04 -29.80
N THR D 116 70.88 15.95 -29.48
CA THR D 116 71.75 14.89 -29.97
C THR D 116 72.31 14.11 -28.80
N VAL D 117 72.28 12.78 -28.90
CA VAL D 117 72.80 11.89 -27.87
C VAL D 117 74.03 11.20 -28.43
N SER D 118 75.18 11.42 -27.79
CA SER D 118 76.45 10.86 -28.23
C SER D 118 77.44 11.00 -27.07
N SER D 119 78.70 10.68 -27.33
CA SER D 119 79.74 10.79 -26.32
C SER D 119 81.01 11.41 -26.90
N GLU E 1 40.65 5.07 -31.64
CA GLU E 1 40.88 6.49 -31.87
C GLU E 1 41.08 6.77 -33.35
N VAL E 2 40.89 8.03 -33.76
CA VAL E 2 40.96 8.39 -35.17
C VAL E 2 42.42 8.41 -35.61
N VAL E 3 42.73 7.68 -36.67
CA VAL E 3 44.08 7.59 -37.20
C VAL E 3 44.03 7.71 -38.71
N MET E 4 45.01 8.40 -39.28
CA MET E 4 45.08 8.65 -40.71
C MET E 4 45.77 7.52 -41.46
N THR E 5 45.57 7.51 -42.78
CA THR E 5 46.38 6.71 -43.70
C THR E 5 46.59 7.56 -44.93
N GLN E 6 47.82 7.62 -45.43
CA GLN E 6 48.18 8.52 -46.51
C GLN E 6 48.91 7.77 -47.62
N SER E 7 48.48 7.98 -48.85
CA SER E 7 49.12 7.43 -50.04
C SER E 7 48.99 8.45 -51.16
N PRO E 8 49.97 8.50 -52.08
CA PRO E 8 51.21 7.71 -52.14
C PRO E 8 52.24 8.13 -51.09
N ALA E 9 53.15 7.20 -50.75
CA ALA E 9 54.12 7.47 -49.70
C ALA E 9 55.05 8.62 -50.08
N SER E 10 55.53 8.64 -51.32
CA SER E 10 56.49 9.64 -51.76
C SER E 10 56.12 10.14 -53.15
N LEU E 11 56.49 11.39 -53.44
CA LEU E 11 56.23 12.01 -54.73
C LEU E 11 57.53 12.58 -55.28
N SER E 12 57.80 12.33 -56.56
CA SER E 12 58.99 12.84 -57.24
C SER E 12 58.54 13.32 -58.63
N VAL E 13 58.20 14.61 -58.72
CA VAL E 13 57.64 15.20 -59.93
C VAL E 13 58.35 16.52 -60.21
N SER E 14 58.54 16.80 -61.49
CA SER E 14 59.19 18.03 -61.90
C SER E 14 58.31 19.24 -61.53
N PRO E 15 58.94 20.39 -61.24
CA PRO E 15 58.16 21.57 -60.85
C PRO E 15 57.21 22.02 -61.96
N GLY E 16 56.05 22.52 -61.55
CA GLY E 16 55.07 23.05 -62.47
C GLY E 16 54.01 22.08 -62.94
N GLU E 17 53.87 20.92 -62.28
CA GLU E 17 52.88 19.93 -62.65
C GLU E 17 51.85 19.78 -61.55
N ARG E 18 50.58 19.68 -61.94
CA ARG E 18 49.50 19.50 -60.99
C ARG E 18 49.60 18.14 -60.31
N ALA E 19 49.48 18.12 -58.98
CA ALA E 19 49.54 16.90 -58.21
C ALA E 19 48.38 16.86 -57.22
N THR E 20 47.90 15.66 -56.93
CA THR E 20 46.80 15.45 -56.01
C THR E 20 47.21 14.43 -54.94
N LEU E 21 46.96 14.77 -53.68
CA LEU E 21 47.24 13.89 -52.55
C LEU E 21 45.95 13.68 -51.76
N SER E 22 45.76 12.45 -51.28
CA SER E 22 44.56 12.08 -50.54
C SER E 22 44.93 11.65 -49.13
N CYS E 23 44.20 12.18 -48.15
CA CYS E 23 44.37 11.81 -46.74
C CYS E 23 43.02 11.32 -46.23
N ARG E 24 42.94 10.02 -45.95
CA ARG E 24 41.71 9.40 -45.47
C ARG E 24 41.84 9.03 -44.00
N ALA E 25 40.84 9.37 -43.22
CA ALA E 25 40.80 9.08 -41.78
C ALA E 25 39.86 7.92 -41.53
N ARG E 26 40.37 6.88 -40.84
CA ARG E 26 39.57 5.72 -40.50
C ARG E 26 38.77 6.06 -39.24
N ALA E 27 37.55 6.53 -39.45
CA ALA E 27 36.64 6.87 -38.36
C ALA E 27 35.23 6.46 -38.77
N SER E 28 34.50 5.83 -37.85
CA SER E 28 33.14 5.40 -38.16
C SER E 28 32.21 6.58 -38.40
N LEU E 29 32.34 7.63 -37.59
CA LEU E 29 31.44 8.77 -37.65
C LEU E 29 31.99 9.93 -38.47
N GLY E 30 33.17 9.79 -39.08
CA GLY E 30 33.71 10.82 -39.94
C GLY E 30 34.39 11.94 -39.16
N ILE E 31 34.85 12.93 -39.93
CA ILE E 31 35.56 14.07 -39.39
C ILE E 31 34.78 15.37 -39.56
N SER E 32 34.06 15.53 -40.67
CA SER E 32 33.23 16.70 -40.95
C SER E 32 34.08 17.97 -41.01
N THR E 33 34.99 18.01 -41.99
CA THR E 33 35.76 19.18 -42.38
C THR E 33 36.68 19.68 -41.26
N ASP E 34 37.01 18.84 -40.29
CA ASP E 34 37.94 19.20 -39.23
C ASP E 34 39.34 18.65 -39.54
N LEU E 35 39.92 19.16 -40.63
CA LEU E 35 41.22 18.71 -41.09
C LEU E 35 42.08 19.90 -41.46
N ALA E 36 43.40 19.73 -41.35
CA ALA E 36 44.36 20.76 -41.71
C ALA E 36 45.52 20.14 -42.47
N TRP E 37 46.18 20.95 -43.29
CA TRP E 37 47.33 20.54 -44.08
C TRP E 37 48.56 21.31 -43.64
N TYR E 38 49.72 20.66 -43.72
CA TYR E 38 50.97 21.28 -43.29
C TYR E 38 52.06 20.98 -44.32
N GLN E 39 52.99 21.94 -44.45
CA GLN E 39 54.11 21.83 -45.36
C GLN E 39 55.39 22.12 -44.60
N GLN E 40 56.31 21.15 -44.59
CA GLN E 40 57.55 21.25 -43.82
C GLN E 40 58.75 21.09 -44.75
N ARG E 41 59.36 22.21 -45.12
CA ARG E 41 60.64 22.17 -45.81
C ARG E 41 61.72 21.64 -44.85
N PRO E 42 62.72 20.93 -45.38
CA PRO E 42 63.81 20.47 -44.51
C PRO E 42 64.49 21.64 -43.81
N GLY E 43 64.88 21.43 -42.57
CA GLY E 43 65.41 22.50 -41.75
C GLY E 43 64.35 23.13 -40.86
N GLN E 44 63.77 24.24 -41.33
CA GLN E 44 62.82 25.00 -40.53
C GLN E 44 61.58 24.16 -40.19
N ALA E 45 60.79 24.67 -39.25
CA ALA E 45 59.63 23.97 -38.74
C ALA E 45 58.51 23.96 -39.78
N PRO E 46 57.54 23.05 -39.63
CA PRO E 46 56.37 23.07 -40.52
C PRO E 46 55.62 24.39 -40.42
N ARG E 47 55.07 24.81 -41.55
CA ARG E 47 54.28 26.03 -41.64
C ARG E 47 52.85 25.68 -42.06
N LEU E 48 51.89 26.42 -41.51
CA LEU E 48 50.49 26.15 -41.79
C LEU E 48 50.19 26.39 -43.27
N LEU E 49 49.43 25.47 -43.86
CA LEU E 49 49.08 25.54 -45.28
C LEU E 49 47.60 25.79 -45.49
N ILE E 50 46.73 24.94 -44.95
CA ILE E 50 45.28 25.06 -45.11
C ILE E 50 44.62 24.62 -43.82
N TYR E 51 43.72 25.45 -43.30
CA TYR E 51 42.91 25.11 -42.15
C TYR E 51 41.45 25.00 -42.57
N GLY E 52 40.71 24.14 -41.86
CA GLY E 52 39.36 23.88 -42.31
C GLY E 52 39.35 22.99 -43.53
N ALA E 53 38.17 22.89 -44.16
CA ALA E 53 38.02 22.05 -45.34
C ALA E 53 38.84 22.58 -46.51
N SER E 54 38.67 23.87 -46.84
CA SER E 54 39.37 24.45 -47.98
C SER E 54 39.93 25.84 -47.73
N THR E 55 39.55 26.53 -46.66
CA THR E 55 40.00 27.89 -46.44
C THR E 55 41.51 27.95 -46.24
N ARG E 56 42.11 29.02 -46.74
CA ARG E 56 43.55 29.24 -46.63
C ARG E 56 43.84 30.27 -45.55
N ALA E 57 45.01 30.14 -44.93
CA ALA E 57 45.39 30.98 -43.81
C ALA E 57 45.96 32.31 -44.31
N THR E 58 46.57 33.06 -43.40
CA THR E 58 47.16 34.34 -43.74
C THR E 58 48.57 34.16 -44.28
N GLY E 59 48.89 34.87 -45.35
CA GLY E 59 50.23 34.84 -45.92
C GLY E 59 50.50 33.69 -46.87
N ILE E 60 49.48 32.97 -47.30
CA ILE E 60 49.62 31.87 -48.25
C ILE E 60 49.01 32.29 -49.58
N PRO E 61 49.69 32.08 -50.70
CA PRO E 61 49.11 32.44 -52.00
C PRO E 61 47.94 31.53 -52.36
N ALA E 62 47.15 32.00 -53.33
CA ALA E 62 45.99 31.26 -53.82
C ALA E 62 46.36 30.13 -54.76
N ARG E 63 47.64 29.75 -54.83
CA ARG E 63 48.05 28.64 -55.67
C ARG E 63 47.43 27.33 -55.19
N PHE E 64 47.36 27.12 -53.88
CA PHE E 64 46.89 25.88 -53.31
C PHE E 64 45.37 25.87 -53.22
N SER E 65 44.78 24.71 -53.51
CA SER E 65 43.33 24.51 -53.42
C SER E 65 43.05 23.15 -52.82
N GLY E 66 42.02 23.08 -51.97
CA GLY E 66 41.67 21.83 -51.32
C GLY E 66 40.17 21.59 -51.37
N SER E 67 39.80 20.34 -51.12
CA SER E 67 38.40 19.94 -51.13
C SER E 67 38.26 18.66 -50.32
N GLY E 68 37.04 18.15 -50.24
CA GLY E 68 36.75 16.95 -49.49
C GLY E 68 35.67 17.16 -48.46
N SER E 69 35.00 16.09 -48.05
CA SER E 69 33.92 16.20 -47.06
C SER E 69 33.67 14.84 -46.44
N GLY E 70 33.38 14.85 -45.14
CA GLY E 70 32.98 13.65 -44.42
C GLY E 70 34.11 12.76 -43.96
N THR E 71 34.71 12.01 -44.88
CA THR E 71 35.75 11.06 -44.50
C THR E 71 36.98 11.19 -45.39
N GLU E 72 36.77 11.55 -46.65
CA GLU E 72 37.85 11.65 -47.63
C GLU E 72 38.10 13.11 -47.98
N PHE E 73 39.38 13.46 -48.12
CA PHE E 73 39.78 14.81 -48.45
C PHE E 73 40.98 14.76 -49.39
N THR E 74 41.04 15.72 -50.31
CA THR E 74 42.06 15.73 -51.34
C THR E 74 42.61 17.15 -51.49
N LEU E 75 43.92 17.23 -51.75
CA LEU E 75 44.61 18.50 -51.95
C LEU E 75 45.13 18.58 -53.38
N THR E 76 44.89 19.71 -54.03
CA THR E 76 45.32 19.93 -55.41
C THR E 76 46.25 21.13 -55.46
N ILE E 77 47.33 21.01 -56.22
CA ILE E 77 48.33 22.07 -56.33
C ILE E 77 48.56 22.39 -57.79
N SER E 78 49.06 23.61 -58.04
CA SER E 78 49.41 24.05 -59.38
C SER E 78 50.66 24.90 -59.31
N SER E 79 51.43 24.88 -60.41
CA SER E 79 52.67 25.65 -60.54
C SER E 79 53.64 25.32 -59.40
N LEU E 80 54.04 24.05 -59.36
CA LEU E 80 54.98 23.60 -58.34
C LEU E 80 56.33 24.27 -58.55
N GLN E 81 57.00 24.60 -57.44
CA GLN E 81 58.25 25.34 -57.46
C GLN E 81 59.36 24.52 -56.82
N SER E 82 60.60 24.94 -57.10
CA SER E 82 61.77 24.24 -56.57
C SER E 82 61.83 24.35 -55.05
N GLU E 83 61.49 25.50 -54.50
CA GLU E 83 61.55 25.70 -53.05
C GLU E 83 60.47 24.94 -52.30
N ASP E 84 59.53 24.30 -53.02
CA ASP E 84 58.46 23.54 -52.40
C ASP E 84 58.87 22.12 -52.04
N SER E 85 60.16 21.84 -51.91
CA SER E 85 60.63 20.54 -51.45
C SER E 85 60.22 20.36 -50.00
N ALA E 86 59.21 19.53 -49.75
CA ALA E 86 58.67 19.38 -48.41
C ALA E 86 57.89 18.08 -48.33
N VAL E 87 57.57 17.67 -47.10
CA VAL E 87 56.74 16.51 -46.82
C VAL E 87 55.41 17.02 -46.27
N TYR E 88 54.32 16.57 -46.87
CA TYR E 88 52.99 17.09 -46.56
C TYR E 88 52.25 16.14 -45.61
N TYR E 89 51.67 16.71 -44.56
CA TYR E 89 50.97 15.95 -43.54
C TYR E 89 49.54 16.48 -43.38
N CYS E 90 48.68 15.64 -42.79
CA CYS E 90 47.31 16.01 -42.49
C CYS E 90 47.02 15.73 -41.02
N GLN E 91 46.20 16.59 -40.42
CA GLN E 91 45.87 16.51 -39.01
C GLN E 91 44.36 16.70 -38.83
N GLN E 92 43.78 15.94 -37.90
CA GLN E 92 42.36 16.05 -37.57
C GLN E 92 42.20 16.64 -36.18
N TYR E 93 41.55 17.79 -36.11
CA TYR E 93 41.12 18.37 -34.83
C TYR E 93 39.65 18.06 -34.56
N SER E 94 39.34 16.76 -34.55
CA SER E 94 37.97 16.30 -34.35
C SER E 94 37.76 15.59 -33.02
N ASN E 95 38.71 14.77 -32.60
CA ASN E 95 38.70 14.11 -31.31
C ASN E 95 39.89 14.60 -30.50
N TRP E 96 40.15 13.98 -29.35
CA TRP E 96 41.30 14.46 -28.61
C TRP E 96 42.35 13.37 -28.37
N PRO E 97 42.54 12.42 -29.30
CA PRO E 97 43.90 11.91 -29.62
C PRO E 97 44.48 12.64 -30.83
N LEU E 98 44.94 13.87 -30.63
CA LEU E 98 45.50 14.64 -31.73
C LEU E 98 46.70 13.92 -32.34
N THR E 99 46.54 13.46 -33.59
CA THR E 99 47.60 12.77 -34.32
C THR E 99 47.74 13.36 -35.71
N PHE E 100 48.84 13.01 -36.37
CA PHE E 100 49.16 13.44 -37.72
C PHE E 100 49.14 12.23 -38.65
N GLY E 101 49.20 12.51 -39.95
CA GLY E 101 49.18 11.46 -40.95
C GLY E 101 50.55 10.87 -41.19
N GLY E 102 50.58 9.89 -42.11
CA GLY E 102 51.83 9.26 -42.47
C GLY E 102 52.76 10.13 -43.30
N GLY E 103 52.20 11.10 -44.02
CA GLY E 103 53.01 12.03 -44.78
C GLY E 103 53.22 11.58 -46.22
N THR E 104 53.43 12.56 -47.09
CA THR E 104 53.75 12.34 -48.49
C THR E 104 55.06 13.06 -48.78
N LYS E 105 56.08 12.30 -49.17
CA LYS E 105 57.43 12.84 -49.33
C LYS E 105 57.54 13.37 -50.76
N VAL E 106 57.29 14.67 -50.92
CA VAL E 106 57.27 15.30 -52.23
C VAL E 106 58.66 15.86 -52.53
N GLU E 107 59.27 15.38 -53.62
CA GLU E 107 60.63 15.74 -53.98
C GLU E 107 60.65 16.51 -55.29
N ILE E 108 61.51 17.52 -55.36
CA ILE E 108 61.68 18.31 -56.57
C ILE E 108 62.84 17.73 -57.38
N LYS E 109 62.58 17.42 -58.65
CA LYS E 109 63.58 16.83 -59.53
C LYS E 109 64.71 17.81 -59.82
N VAL F 1 12.78 87.11 -1.68
CA VAL F 1 11.82 87.54 -0.68
C VAL F 1 10.75 88.42 -1.33
N GLN F 2 11.18 89.39 -2.12
CA GLN F 2 10.30 90.34 -2.79
C GLN F 2 10.69 90.49 -4.25
N LEU F 3 10.87 89.36 -4.93
CA LEU F 3 11.23 89.39 -6.34
C LEU F 3 10.12 90.01 -7.17
N ALA F 4 10.49 90.60 -8.30
CA ALA F 4 9.54 91.33 -9.14
C ALA F 4 8.99 90.42 -10.23
N GLN F 5 7.68 90.52 -10.45
CA GLN F 5 6.98 89.78 -11.50
C GLN F 5 6.20 90.77 -12.37
N SER F 6 5.41 90.23 -13.29
CA SER F 6 4.59 91.05 -14.16
C SER F 6 3.34 91.54 -13.42
N GLY F 7 2.71 92.57 -13.98
CA GLY F 7 1.52 93.14 -13.39
C GLY F 7 0.26 92.37 -13.74
N SER F 8 -0.85 92.84 -13.16
CA SER F 8 -2.14 92.20 -13.42
C SER F 8 -2.55 92.39 -14.86
N GLU F 9 -3.12 91.34 -15.45
CA GLU F 9 -3.51 91.34 -16.85
C GLU F 9 -4.89 90.72 -17.02
N LEU F 10 -5.58 91.13 -18.07
CA LEU F 10 -6.88 90.59 -18.43
C LEU F 10 -6.79 89.96 -19.81
N ARG F 11 -7.21 88.71 -19.93
CA ARG F 11 -7.13 87.96 -21.17
C ARG F 11 -8.47 87.31 -21.48
N LYS F 12 -8.83 87.31 -22.77
CA LYS F 12 -10.03 86.62 -23.21
C LYS F 12 -9.82 85.11 -23.12
N PRO F 13 -10.89 84.34 -22.90
CA PRO F 13 -10.74 82.89 -22.79
C PRO F 13 -10.19 82.28 -24.08
N GLY F 14 -9.34 81.27 -23.92
CA GLY F 14 -8.74 80.59 -25.04
C GLY F 14 -7.47 81.21 -25.59
N ALA F 15 -7.07 82.37 -25.08
CA ALA F 15 -5.89 83.06 -25.57
C ALA F 15 -4.66 82.62 -24.76
N SER F 16 -3.55 83.31 -24.95
CA SER F 16 -2.30 83.02 -24.24
C SER F 16 -1.94 84.19 -23.35
N VAL F 17 -1.31 83.88 -22.22
CA VAL F 17 -0.95 84.88 -21.22
C VAL F 17 0.56 84.83 -21.01
N LYS F 18 1.17 86.01 -20.90
CA LYS F 18 2.60 86.15 -20.70
C LYS F 18 2.87 86.51 -19.24
N VAL F 19 3.70 85.72 -18.57
CA VAL F 19 4.05 85.93 -17.17
C VAL F 19 5.57 85.87 -17.06
N SER F 20 6.14 86.83 -16.32
CA SER F 20 7.58 86.93 -16.16
C SER F 20 7.94 87.00 -14.67
N CYS F 21 9.24 86.91 -14.40
CA CYS F 21 9.73 86.98 -13.02
C CYS F 21 11.16 87.54 -13.05
N ASP F 22 11.37 88.66 -12.38
CA ASP F 22 12.70 89.24 -12.26
C ASP F 22 13.46 88.54 -11.15
N THR F 23 14.69 88.12 -11.45
CA THR F 23 15.51 87.37 -10.51
C THR F 23 16.93 87.89 -10.37
N SER F 24 17.43 88.68 -11.32
CA SER F 24 18.81 89.14 -11.32
C SER F 24 19.12 90.16 -10.21
N GLY F 25 18.17 90.43 -9.32
CA GLY F 25 18.42 91.41 -8.27
C GLY F 25 19.40 90.97 -7.21
N HIS F 26 19.61 89.67 -7.06
CA HIS F 26 20.53 89.14 -6.05
C HIS F 26 21.35 88.02 -6.68
N SER F 27 22.14 87.35 -5.84
CA SER F 27 22.93 86.20 -6.24
C SER F 27 22.37 84.95 -5.58
N PHE F 28 22.09 83.94 -6.40
CA PHE F 28 21.47 82.71 -5.94
C PHE F 28 22.38 81.53 -6.24
N THR F 29 22.62 80.70 -5.24
CA THR F 29 23.42 79.48 -5.41
C THR F 29 22.50 78.29 -5.70
N SER F 30 21.73 78.42 -6.77
CA SER F 30 20.76 77.40 -7.13
C SER F 30 20.61 77.37 -8.66
N ASN F 31 20.35 76.18 -9.18
CA ASN F 31 20.15 75.96 -10.60
C ASN F 31 18.68 75.78 -10.96
N ALA F 32 17.76 76.09 -10.05
CA ALA F 32 16.33 75.87 -10.27
C ALA F 32 15.53 77.08 -9.79
N ILE F 33 14.53 77.47 -10.59
CA ILE F 33 13.57 78.50 -10.21
C ILE F 33 12.18 77.91 -10.40
N HIS F 34 11.31 78.11 -9.42
CA HIS F 34 10.02 77.44 -9.38
C HIS F 34 8.88 78.45 -9.54
N TRP F 35 7.73 77.93 -9.96
CA TRP F 35 6.51 78.70 -10.11
C TRP F 35 5.40 78.05 -9.31
N VAL F 36 4.58 78.86 -8.66
CA VAL F 36 3.52 78.39 -7.78
C VAL F 36 2.19 79.01 -8.20
N ARG F 37 1.16 78.20 -8.31
CA ARG F 37 -0.18 78.64 -8.68
C ARG F 37 -1.11 78.48 -7.49
N GLN F 38 -1.87 79.53 -7.17
CA GLN F 38 -2.79 79.53 -6.05
C GLN F 38 -4.22 79.69 -6.55
N ALA F 39 -5.11 78.83 -6.07
CA ALA F 39 -6.52 78.96 -6.40
C ALA F 39 -7.12 80.18 -5.70
N PRO F 40 -8.15 80.79 -6.28
CA PRO F 40 -8.73 81.99 -5.65
C PRO F 40 -9.24 81.76 -4.25
N GLY F 41 -9.81 80.59 -3.96
CA GLY F 41 -10.36 80.33 -2.64
C GLY F 41 -10.00 78.98 -2.07
N GLN F 42 -9.00 78.33 -2.66
CA GLN F 42 -8.54 77.01 -2.21
C GLN F 42 -7.05 77.07 -1.87
N GLY F 43 -6.48 75.91 -1.57
CA GLY F 43 -5.09 75.82 -1.19
C GLY F 43 -4.15 75.86 -2.38
N LEU F 44 -2.85 75.81 -2.06
CA LEU F 44 -1.83 75.84 -3.09
C LEU F 44 -1.78 74.52 -3.85
N GLU F 45 -1.35 74.61 -5.11
CA GLU F 45 -1.17 73.43 -5.97
C GLU F 45 0.15 73.61 -6.70
N TRP F 46 1.13 72.77 -6.37
CA TRP F 46 2.43 72.84 -7.02
C TRP F 46 2.30 72.54 -8.50
N MET F 47 2.94 73.38 -9.33
CA MET F 47 2.82 73.29 -10.77
C MET F 47 4.06 72.75 -11.46
N GLY F 48 5.24 73.18 -11.06
CA GLY F 48 6.47 72.67 -11.65
C GLY F 48 7.55 73.74 -11.63
N TRP F 49 8.63 73.45 -12.36
CA TRP F 49 9.78 74.33 -12.43
C TRP F 49 10.54 74.04 -13.72
N ILE F 50 11.49 74.91 -14.03
CA ILE F 50 12.36 74.75 -15.19
C ILE F 50 13.81 74.86 -14.71
N ASN F 51 14.66 73.99 -15.25
CA ASN F 51 16.06 73.93 -14.84
C ASN F 51 16.78 75.19 -15.33
N THR F 52 17.15 76.07 -14.40
CA THR F 52 17.91 77.25 -14.76
C THR F 52 19.28 76.86 -15.29
N ASP F 53 19.74 77.58 -16.32
CA ASP F 53 21.01 77.38 -17.01
C ASP F 53 21.04 76.09 -17.81
N THR F 54 19.93 75.35 -17.88
CA THR F 54 19.88 74.12 -18.66
C THR F 54 18.70 74.14 -19.62
N GLY F 55 17.63 74.83 -19.24
CA GLY F 55 16.46 74.95 -20.08
C GLY F 55 15.56 73.75 -20.14
N THR F 56 15.72 72.79 -19.22
CA THR F 56 14.89 71.59 -19.24
C THR F 56 13.70 71.80 -18.31
N PRO F 57 12.48 71.86 -18.83
CA PRO F 57 11.31 72.06 -17.97
C PRO F 57 10.97 70.80 -17.18
N THR F 58 10.23 71.01 -16.09
CA THR F 58 9.72 69.92 -15.26
C THR F 58 8.25 70.18 -14.98
N TYR F 59 7.38 69.31 -15.48
CA TYR F 59 5.95 69.46 -15.37
C TYR F 59 5.38 68.51 -14.33
N ALA F 60 4.20 68.83 -13.84
CA ALA F 60 3.48 68.02 -12.87
C ALA F 60 2.48 67.11 -13.57
N GLN F 61 1.65 66.42 -12.79
CA GLN F 61 0.67 65.51 -13.36
C GLN F 61 -0.39 66.27 -14.16
N GLY F 62 -0.98 67.31 -13.55
CA GLY F 62 -2.02 68.09 -14.18
C GLY F 62 -1.58 69.42 -14.74
N PHE F 63 -0.28 69.66 -14.90
CA PHE F 63 0.20 70.94 -15.40
C PHE F 63 1.14 70.75 -16.58
N THR F 64 0.74 69.92 -17.54
CA THR F 64 1.52 69.66 -18.73
C THR F 64 0.62 69.74 -19.97
N GLY F 65 1.24 69.97 -21.12
CA GLY F 65 0.50 70.10 -22.36
C GLY F 65 0.16 71.53 -22.69
N ARG F 66 -0.57 72.20 -21.79
CA ARG F 66 -0.93 73.59 -21.99
C ARG F 66 -0.03 74.57 -21.26
N PHE F 67 0.65 74.12 -20.20
CA PHE F 67 1.56 74.97 -19.45
C PHE F 67 2.95 74.88 -20.09
N VAL F 68 3.55 76.05 -20.33
CA VAL F 68 4.83 76.15 -21.04
C VAL F 68 5.85 76.80 -20.11
N PHE F 69 7.00 76.16 -19.97
CA PHE F 69 8.13 76.71 -19.22
C PHE F 69 9.22 77.14 -20.18
N SER F 70 9.81 78.30 -19.92
CA SER F 70 10.83 78.85 -20.80
C SER F 70 11.76 79.74 -19.98
N LEU F 71 12.92 80.04 -20.56
CA LEU F 71 13.92 80.89 -19.95
C LEU F 71 14.35 81.95 -20.95
N ASP F 72 15.31 82.79 -20.55
CA ASP F 72 15.81 83.87 -21.37
C ASP F 72 17.19 83.51 -21.93
N THR F 73 17.68 84.37 -22.83
CA THR F 73 19.00 84.17 -23.41
C THR F 73 20.08 84.27 -22.35
N SER F 74 19.95 85.22 -21.42
CA SER F 74 20.94 85.39 -20.36
C SER F 74 20.75 84.40 -19.21
N ALA F 75 19.69 83.60 -19.24
CA ALA F 75 19.42 82.58 -18.22
C ALA F 75 19.32 83.19 -16.82
N ARG F 76 18.74 84.38 -16.72
CA ARG F 76 18.55 85.05 -15.43
C ARG F 76 17.09 85.22 -15.05
N THR F 77 16.21 85.47 -16.02
CA THR F 77 14.79 85.64 -15.75
C THR F 77 14.02 84.40 -16.18
N ALA F 78 12.90 84.16 -15.52
CA ALA F 78 12.03 83.03 -15.80
C ALA F 78 10.68 83.53 -16.31
N TYR F 79 10.12 82.78 -17.27
CA TYR F 79 8.85 83.15 -17.89
C TYR F 79 7.89 81.97 -17.84
N LEU F 80 6.60 82.29 -17.76
CA LEU F 80 5.53 81.30 -17.69
C LEU F 80 4.50 81.61 -18.76
N GLN F 81 4.13 80.59 -19.54
CA GLN F 81 3.15 80.75 -20.61
C GLN F 81 2.04 79.72 -20.44
N ILE F 82 0.80 80.17 -20.54
CA ILE F 82 -0.37 79.31 -20.45
C ILE F 82 -1.25 79.59 -21.68
N SER F 83 -1.67 78.52 -22.36
CA SER F 83 -2.52 78.62 -23.53
C SER F 83 -3.81 77.86 -23.28
N SER F 84 -4.78 78.07 -24.18
CA SER F 84 -6.11 77.46 -24.11
C SER F 84 -6.77 77.77 -22.76
N LEU F 85 -6.87 79.07 -22.47
CA LEU F 85 -7.41 79.52 -21.20
C LEU F 85 -8.89 79.17 -21.08
N LYS F 86 -9.29 78.70 -19.90
CA LYS F 86 -10.67 78.41 -19.59
C LYS F 86 -11.16 79.33 -18.47
N ALA F 87 -12.49 79.36 -18.32
CA ALA F 87 -13.09 80.24 -17.31
C ALA F 87 -12.66 79.86 -15.90
N ASP F 88 -12.51 78.57 -15.62
CA ASP F 88 -12.13 78.09 -14.30
C ASP F 88 -10.62 78.00 -14.11
N ASP F 89 -9.83 78.33 -15.14
CA ASP F 89 -8.38 78.26 -15.05
C ASP F 89 -7.75 79.52 -14.47
N THR F 90 -8.56 80.52 -14.14
CA THR F 90 -8.02 81.75 -13.56
C THR F 90 -7.41 81.48 -12.20
N ALA F 91 -6.26 82.10 -11.94
CA ALA F 91 -5.54 81.92 -10.69
C ALA F 91 -4.47 83.00 -10.60
N VAL F 92 -3.80 83.04 -9.44
CA VAL F 92 -2.72 83.99 -9.20
C VAL F 92 -1.41 83.20 -9.22
N PHE F 93 -0.49 83.61 -10.08
CA PHE F 93 0.77 82.90 -10.29
C PHE F 93 1.88 83.59 -9.50
N TYR F 94 2.72 82.78 -8.86
CA TYR F 94 3.83 83.28 -8.04
C TYR F 94 5.14 82.66 -8.50
N CYS F 95 6.22 83.42 -8.33
CA CYS F 95 7.56 82.99 -8.70
C CYS F 95 8.39 82.82 -7.43
N ALA F 96 9.06 81.68 -7.32
CA ALA F 96 9.83 81.34 -6.13
C ALA F 96 11.23 80.87 -6.52
N ARG F 97 12.19 81.12 -5.63
CA ARG F 97 13.57 80.70 -5.83
C ARG F 97 14.13 80.18 -4.52
N GLU F 98 14.81 79.04 -4.58
CA GLU F 98 15.43 78.44 -3.41
C GLU F 98 16.75 79.12 -3.09
N ARG F 99 17.30 78.80 -1.91
CA ARG F 99 18.50 79.48 -1.42
C ARG F 99 19.76 78.66 -1.68
N ASP F 100 19.82 77.43 -1.19
CA ASP F 100 21.03 76.63 -1.20
C ASP F 100 20.92 75.49 -2.21
N TYR F 101 22.08 75.04 -2.70
CA TYR F 101 22.12 73.89 -3.58
C TYR F 101 21.74 72.62 -2.82
N SER F 102 21.02 71.74 -3.50
CA SER F 102 20.48 70.50 -2.94
C SER F 102 19.54 70.77 -1.76
N ASP F 103 19.11 72.02 -1.58
CA ASP F 103 18.15 72.39 -0.54
C ASP F 103 16.92 72.95 -1.25
N TYR F 104 15.79 72.26 -1.09
CA TYR F 104 14.61 72.52 -1.90
C TYR F 104 13.51 73.25 -1.14
N PHE F 105 13.88 74.21 -0.29
CA PHE F 105 12.90 75.11 0.33
C PHE F 105 12.94 76.46 -0.37
N PHE F 106 11.76 76.99 -0.67
CA PHE F 106 11.64 78.23 -1.43
C PHE F 106 11.84 79.41 -0.48
N ASP F 107 13.09 79.84 -0.34
CA ASP F 107 13.41 80.93 0.57
C ASP F 107 13.02 82.29 -0.01
N TYR F 108 13.10 82.45 -1.33
CA TYR F 108 12.81 83.71 -1.99
C TYR F 108 11.57 83.56 -2.86
N TRP F 109 10.72 84.58 -2.86
CA TRP F 109 9.45 84.54 -3.57
C TRP F 109 9.24 85.85 -4.33
N GLY F 110 8.44 85.77 -5.40
CA GLY F 110 8.14 86.93 -6.19
C GLY F 110 7.01 87.76 -5.60
N GLN F 111 6.69 88.86 -6.30
CA GLN F 111 5.62 89.73 -5.85
C GLN F 111 4.24 89.16 -6.15
N GLY F 112 4.10 88.42 -7.25
CA GLY F 112 2.84 87.81 -7.60
C GLY F 112 2.20 88.49 -8.80
N THR F 113 1.55 87.69 -9.65
CA THR F 113 0.85 88.18 -10.83
C THR F 113 -0.53 87.56 -10.89
N LEU F 114 -1.55 88.37 -11.07
CA LEU F 114 -2.94 87.93 -11.12
C LEU F 114 -3.49 88.10 -12.53
N VAL F 115 -4.09 87.03 -13.06
CA VAL F 115 -4.75 87.06 -14.36
C VAL F 115 -6.20 86.68 -14.16
N THR F 116 -7.06 87.22 -15.02
CA THR F 116 -8.50 86.99 -14.93
C THR F 116 -9.02 86.53 -16.29
N VAL F 117 -9.83 85.46 -16.28
CA VAL F 117 -10.45 84.96 -17.48
C VAL F 117 -11.95 85.23 -17.41
N SER F 118 -12.38 86.34 -18.01
CA SER F 118 -13.79 86.73 -17.99
C SER F 118 -14.07 87.57 -19.22
N SER F 119 -15.26 88.16 -19.27
CA SER F 119 -15.66 89.00 -20.39
C SER F 119 -15.56 90.49 -20.03
N GLU G 1 1.45 58.25 -5.33
CA GLU G 1 2.14 59.41 -4.78
C GLU G 1 1.64 59.72 -3.37
N VAL G 2 1.96 60.92 -2.89
CA VAL G 2 1.60 61.36 -1.54
C VAL G 2 0.59 62.49 -1.66
N VAL G 3 -0.56 62.31 -1.02
CA VAL G 3 -1.58 63.34 -0.91
C VAL G 3 -1.46 63.90 0.50
N MET G 4 -0.87 65.09 0.61
CA MET G 4 -0.49 65.65 1.90
C MET G 4 -1.72 66.24 2.59
N THR G 5 -1.90 65.89 3.86
CA THR G 5 -3.10 66.24 4.60
C THR G 5 -2.78 67.29 5.65
N GLN G 6 -3.64 68.30 5.76
CA GLN G 6 -3.52 69.35 6.77
C GLN G 6 -4.85 69.54 7.47
N SER G 7 -4.84 69.49 8.80
CA SER G 7 -6.03 69.68 9.61
C SER G 7 -5.67 70.51 10.83
N PRO G 8 -6.61 71.32 11.34
CA PRO G 8 -7.96 71.57 10.82
C PRO G 8 -7.95 72.47 9.58
N ALA G 9 -9.07 72.48 8.85
CA ALA G 9 -9.14 73.25 7.61
C ALA G 9 -9.04 74.75 7.84
N SER G 10 -9.55 75.26 8.96
CA SER G 10 -9.50 76.68 9.23
C SER G 10 -9.58 76.91 10.74
N LEU G 11 -8.85 77.91 11.23
CA LEU G 11 -8.83 78.25 12.64
C LEU G 11 -9.06 79.75 12.80
N SER G 12 -9.72 80.12 13.89
CA SER G 12 -9.96 81.52 14.22
C SER G 12 -9.98 81.64 15.74
N VAL G 13 -8.84 81.98 16.32
CA VAL G 13 -8.69 82.08 17.77
C VAL G 13 -8.38 83.53 18.13
N SER G 14 -8.49 83.82 19.43
CA SER G 14 -8.20 85.17 19.91
C SER G 14 -6.72 85.47 19.74
N PRO G 15 -6.37 86.71 19.39
CA PRO G 15 -4.95 87.06 19.25
C PRO G 15 -4.19 86.89 20.56
N GLY G 16 -2.93 86.47 20.45
CA GLY G 16 -2.09 86.25 21.60
C GLY G 16 -2.11 84.85 22.17
N GLU G 17 -2.69 83.89 21.46
CA GLU G 17 -2.76 82.50 21.91
C GLU G 17 -2.12 81.60 20.87
N ARG G 18 -1.27 80.67 21.34
CA ARG G 18 -0.62 79.73 20.45
C ARG G 18 -1.65 78.85 19.75
N ALA G 19 -1.50 78.70 18.44
CA ALA G 19 -2.40 77.89 17.62
C ALA G 19 -1.58 76.76 16.99
N THR G 20 -1.90 75.53 17.35
CA THR G 20 -1.21 74.36 16.82
C THR G 20 -1.88 73.91 15.53
N LEU G 21 -1.12 73.86 14.45
CA LEU G 21 -1.61 73.42 13.15
C LEU G 21 -1.02 72.04 12.87
N SER G 22 -1.89 71.03 12.88
CA SER G 22 -1.44 69.65 12.63
C SER G 22 -1.12 69.49 11.15
N CYS G 23 0.11 69.08 10.85
CA CYS G 23 0.60 68.91 9.49
C CYS G 23 1.17 67.51 9.39
N ARG G 24 0.33 66.55 9.02
CA ARG G 24 0.70 65.15 8.93
C ARG G 24 0.75 64.72 7.48
N ALA G 25 1.85 64.12 7.07
CA ALA G 25 2.04 63.66 5.69
C ALA G 25 2.05 62.13 5.66
N ARG G 26 1.48 61.58 4.59
CA ARG G 26 1.37 60.13 4.43
C ARG G 26 2.70 59.57 3.92
N ALA G 27 3.68 59.58 4.81
CA ALA G 27 5.00 59.04 4.54
C ALA G 27 5.18 57.76 5.35
N SER G 28 5.31 56.63 4.65
CA SER G 28 5.43 55.35 5.34
C SER G 28 6.75 55.24 6.08
N LEU G 29 7.85 55.57 5.41
CA LEU G 29 9.18 55.50 6.02
C LEU G 29 9.62 56.82 6.63
N GLY G 30 8.80 57.86 6.54
CA GLY G 30 9.11 59.13 7.16
C GLY G 30 9.70 60.13 6.19
N ILE G 31 9.89 61.35 6.70
CA ILE G 31 10.44 62.45 5.91
C ILE G 31 11.80 62.90 6.44
N SER G 32 12.20 62.47 7.64
CA SER G 32 13.48 62.85 8.24
C SER G 32 13.59 64.37 8.40
N THR G 33 12.54 64.96 8.95
CA THR G 33 12.49 66.39 9.27
C THR G 33 12.76 67.26 8.04
N ASP G 34 12.32 66.81 6.87
CA ASP G 34 12.45 67.58 5.64
C ASP G 34 11.16 68.35 5.36
N LEU G 35 10.86 69.29 6.25
CA LEU G 35 9.62 70.05 6.20
C LEU G 35 9.93 71.54 6.04
N ALA G 36 9.05 72.24 5.31
CA ALA G 36 9.15 73.67 5.11
C ALA G 36 7.79 74.30 5.36
N TRP G 37 7.78 75.47 5.99
CA TRP G 37 6.55 76.16 6.36
C TRP G 37 6.44 77.46 5.58
N TYR G 38 5.28 77.68 4.95
CA TYR G 38 5.03 78.88 4.16
C TYR G 38 3.74 79.54 4.63
N GLN G 39 3.78 80.87 4.74
CA GLN G 39 2.62 81.67 5.10
C GLN G 39 2.24 82.53 3.91
N GLN G 40 0.98 82.42 3.49
CA GLN G 40 0.49 83.11 2.30
C GLN G 40 -0.57 84.14 2.70
N ARG G 41 -0.17 85.40 2.73
CA ARG G 41 -1.14 86.48 2.87
C ARG G 41 -1.93 86.60 1.56
N PRO G 42 -3.23 86.90 1.63
CA PRO G 42 -4.00 87.13 0.41
C PRO G 42 -3.38 88.24 -0.42
N GLY G 43 -3.33 88.03 -1.73
CA GLY G 43 -2.61 88.95 -2.60
C GLY G 43 -1.20 88.48 -2.90
N GLN G 44 -0.24 89.00 -2.15
CA GLN G 44 1.17 88.70 -2.37
C GLN G 44 1.46 87.21 -2.21
N ALA G 45 2.67 86.83 -2.63
CA ALA G 45 3.07 85.43 -2.66
C ALA G 45 3.30 84.90 -1.25
N PRO G 46 3.25 83.58 -1.07
CA PRO G 46 3.59 82.99 0.22
C PRO G 46 5.03 83.30 0.60
N ARG G 47 5.27 83.39 1.92
CA ARG G 47 6.60 83.65 2.45
C ARG G 47 7.04 82.48 3.33
N LEU G 48 8.22 81.95 3.06
CA LEU G 48 8.76 80.86 3.85
C LEU G 48 9.11 81.36 5.25
N LEU G 49 8.78 80.56 6.27
CA LEU G 49 9.07 80.90 7.65
C LEU G 49 10.04 79.95 8.31
N ILE G 50 9.84 78.64 8.13
CA ILE G 50 10.66 77.62 8.79
C ILE G 50 11.09 76.60 7.75
N TYR G 51 12.38 76.30 7.71
CA TYR G 51 12.94 75.26 6.86
C TYR G 51 13.61 74.21 7.75
N GLY G 52 13.42 72.94 7.41
CA GLY G 52 13.97 71.86 8.19
C GLY G 52 13.07 71.42 9.32
N ALA G 53 13.65 71.09 10.47
CA ALA G 53 12.87 70.60 11.61
C ALA G 53 12.25 71.74 12.40
N SER G 54 13.09 72.59 12.99
CA SER G 54 12.59 73.66 13.86
C SER G 54 13.25 75.00 13.54
N THR G 55 14.45 74.96 12.97
CA THR G 55 15.17 76.20 12.69
C THR G 55 14.44 77.03 11.64
N ARG G 56 14.52 78.34 11.78
CA ARG G 56 13.84 79.28 10.90
C ARG G 56 14.82 79.95 9.95
N ALA G 57 14.28 80.52 8.87
CA ALA G 57 15.09 81.23 7.90
C ALA G 57 15.53 82.57 8.46
N THR G 58 16.50 83.19 7.77
CA THR G 58 17.02 84.47 8.20
C THR G 58 15.95 85.56 8.06
N GLY G 59 15.78 86.35 9.12
CA GLY G 59 14.79 87.41 9.13
C GLY G 59 13.41 87.00 9.58
N ILE G 60 13.18 85.71 9.80
CA ILE G 60 11.87 85.23 10.25
C ILE G 60 11.74 85.47 11.75
N PRO G 61 10.65 86.09 12.21
CA PRO G 61 10.49 86.32 13.66
C PRO G 61 10.41 85.00 14.42
N ALA G 62 10.88 85.05 15.67
CA ALA G 62 10.93 83.87 16.53
C ALA G 62 9.55 83.35 16.91
N ARG G 63 8.49 84.12 16.66
CA ARG G 63 7.14 83.68 17.02
C ARG G 63 6.76 82.41 16.25
N PHE G 64 7.10 82.35 14.97
CA PHE G 64 6.81 81.17 14.14
C PHE G 64 7.81 80.08 14.47
N SER G 65 7.37 79.07 15.22
CA SER G 65 8.22 77.96 15.62
C SER G 65 7.49 76.65 15.34
N GLY G 66 8.18 75.72 14.66
CA GLY G 66 7.60 74.45 14.31
C GLY G 66 8.47 73.31 14.81
N SER G 67 7.92 72.10 14.68
CA SER G 67 8.61 70.89 15.11
C SER G 67 7.99 69.70 14.39
N GLY G 68 8.54 68.52 14.66
CA GLY G 68 8.05 67.30 14.05
C GLY G 68 9.14 66.45 13.44
N SER G 69 8.85 65.16 13.22
CA SER G 69 9.84 64.25 12.67
C SER G 69 9.12 63.03 12.10
N GLY G 70 9.39 62.72 10.83
CA GLY G 70 8.85 61.53 10.20
C GLY G 70 7.45 61.68 9.65
N THR G 71 6.46 61.65 10.53
CA THR G 71 5.07 61.72 10.08
C THR G 71 4.28 62.82 10.76
N GLU G 72 4.48 63.05 12.06
CA GLU G 72 3.71 64.01 12.83
C GLU G 72 4.49 65.30 12.96
N PHE G 73 3.90 66.41 12.52
CA PHE G 73 4.52 67.73 12.60
C PHE G 73 3.51 68.72 13.16
N THR G 74 4.02 69.70 13.91
CA THR G 74 3.16 70.69 14.55
C THR G 74 3.87 72.04 14.53
N LEU G 75 3.11 73.08 14.18
CA LEU G 75 3.61 74.45 14.14
C LEU G 75 2.87 75.28 15.18
N THR G 76 3.61 76.01 16.00
CA THR G 76 3.04 76.85 17.04
C THR G 76 3.56 78.27 16.88
N ILE G 77 2.64 79.23 16.86
CA ILE G 77 2.99 80.65 16.73
C ILE G 77 2.54 81.35 18.01
N SER G 78 3.47 82.03 18.67
CA SER G 78 3.21 82.70 19.93
C SER G 78 2.84 84.15 19.68
N SER G 79 1.82 84.63 20.39
CA SER G 79 1.37 86.02 20.32
C SER G 79 0.97 86.42 18.89
N LEU G 80 -0.09 85.77 18.41
CA LEU G 80 -0.64 86.09 17.10
C LEU G 80 -1.10 87.54 17.06
N GLN G 81 -0.76 88.24 15.98
CA GLN G 81 -1.14 89.62 15.76
C GLN G 81 -2.03 89.72 14.53
N SER G 82 -2.49 90.94 14.24
CA SER G 82 -3.37 91.16 13.09
C SER G 82 -2.66 90.95 11.76
N GLU G 83 -1.34 91.12 11.72
CA GLU G 83 -0.59 90.92 10.47
C GLU G 83 -0.34 89.45 10.16
N ASP G 84 -0.66 88.54 11.09
CA ASP G 84 -0.48 87.11 10.88
C ASP G 84 -1.71 86.44 10.30
N SER G 85 -2.76 87.18 9.99
CA SER G 85 -3.97 86.60 9.42
C SER G 85 -3.73 86.18 7.97
N ALA G 86 -3.38 84.92 7.77
CA ALA G 86 -3.05 84.41 6.44
C ALA G 86 -3.34 82.91 6.42
N VAL G 87 -2.87 82.25 5.36
CA VAL G 87 -3.02 80.81 5.19
C VAL G 87 -1.65 80.17 5.23
N TYR G 88 -1.49 79.16 6.07
CA TYR G 88 -0.21 78.49 6.28
C TYR G 88 -0.17 77.16 5.55
N TYR G 89 0.93 76.90 4.87
CA TYR G 89 1.13 75.67 4.12
C TYR G 89 2.45 75.01 4.54
N CYS G 90 2.46 73.69 4.52
CA CYS G 90 3.67 72.93 4.83
C CYS G 90 3.96 71.95 3.70
N GLN G 91 5.24 71.75 3.43
CA GLN G 91 5.69 70.93 2.31
C GLN G 91 6.75 69.94 2.79
N GLN G 92 6.74 68.75 2.19
CA GLN G 92 7.73 67.72 2.48
C GLN G 92 8.53 67.44 1.20
N TYR G 93 9.81 67.80 1.22
CA TYR G 93 10.71 67.57 0.08
C TYR G 93 11.55 66.32 0.30
N SER G 94 10.88 65.18 0.46
CA SER G 94 11.56 63.90 0.66
C SER G 94 11.77 63.17 -0.67
N ASN G 95 10.69 62.81 -1.35
CA ASN G 95 10.76 62.27 -2.69
C ASN G 95 10.60 63.42 -3.68
N TRP G 96 10.35 63.11 -4.95
CA TRP G 96 10.14 64.22 -5.87
C TRP G 96 8.80 64.20 -6.61
N PRO G 97 7.67 63.87 -5.94
CA PRO G 97 6.39 64.46 -6.35
C PRO G 97 6.08 65.70 -5.52
N LEU G 98 6.80 66.79 -5.76
CA LEU G 98 6.72 67.96 -4.88
C LEU G 98 5.29 68.47 -4.76
N THR G 99 4.72 68.35 -3.56
CA THR G 99 3.34 68.75 -3.31
C THR G 99 3.25 69.43 -1.95
N PHE G 100 2.22 70.24 -1.78
CA PHE G 100 1.98 70.97 -0.55
C PHE G 100 0.71 70.44 0.14
N GLY G 101 0.42 70.99 1.31
CA GLY G 101 -0.75 70.59 2.06
C GLY G 101 -2.03 71.23 1.55
N GLY G 102 -3.13 70.90 2.22
CA GLY G 102 -4.42 71.44 1.84
C GLY G 102 -4.59 72.91 2.16
N GLY G 103 -3.84 73.43 3.12
CA GLY G 103 -3.92 74.84 3.47
C GLY G 103 -4.90 75.12 4.59
N THR G 104 -4.42 75.74 5.66
CA THR G 104 -5.25 76.09 6.82
C THR G 104 -5.40 77.61 6.87
N LYS G 105 -6.64 78.08 6.85
CA LYS G 105 -6.95 79.50 6.84
C LYS G 105 -7.01 80.01 8.28
N VAL G 106 -6.08 80.88 8.65
CA VAL G 106 -6.05 81.47 9.99
C VAL G 106 -6.71 82.84 9.92
N GLU G 107 -7.68 83.08 10.81
CA GLU G 107 -8.43 84.32 10.83
C GLU G 107 -8.22 85.03 12.16
N ILE G 108 -8.21 86.36 12.11
CA ILE G 108 -8.05 87.20 13.28
C ILE G 108 -9.41 87.72 13.72
N LYS G 109 -9.75 87.52 14.98
CA LYS G 109 -11.05 87.93 15.52
C LYS G 109 -11.20 89.46 15.47
N VAL H 1 72.65 15.36 4.45
CA VAL H 1 73.50 15.04 5.59
C VAL H 1 74.11 16.33 6.14
N GLN H 2 74.43 17.26 5.25
CA GLN H 2 74.97 18.56 5.60
C GLN H 2 74.20 19.65 4.87
N LEU H 3 72.87 19.58 4.93
CA LEU H 3 72.03 20.57 4.27
C LEU H 3 72.30 21.96 4.85
N ALA H 4 72.46 22.93 3.95
CA ALA H 4 72.82 24.28 4.36
C ALA H 4 71.64 24.97 5.02
N GLN H 5 71.89 25.61 6.17
CA GLN H 5 70.91 26.38 6.89
C GLN H 5 71.48 27.76 7.19
N SER H 6 70.77 28.54 8.00
CA SER H 6 71.20 29.87 8.37
C SER H 6 72.06 29.82 9.63
N GLY H 7 72.57 30.99 10.05
CA GLY H 7 73.38 31.07 11.24
C GLY H 7 72.58 31.44 12.49
N SER H 8 73.26 31.41 13.62
CA SER H 8 72.63 31.75 14.89
C SER H 8 72.25 33.23 14.92
N GLU H 9 71.06 33.52 15.43
CA GLU H 9 70.56 34.88 15.51
C GLU H 9 69.97 35.13 16.89
N LEU H 10 70.29 36.30 17.46
CA LEU H 10 69.79 36.71 18.77
C LEU H 10 68.75 37.80 18.57
N ARG H 11 67.58 37.61 19.20
CA ARG H 11 66.47 38.53 19.05
C ARG H 11 65.93 38.94 20.41
N LYS H 12 65.51 40.19 20.52
CA LYS H 12 64.87 40.67 21.72
C LYS H 12 63.45 40.09 21.82
N PRO H 13 62.88 40.06 23.02
CA PRO H 13 61.48 39.61 23.15
C PRO H 13 60.54 40.50 22.33
N GLY H 14 59.56 39.87 21.71
CA GLY H 14 58.63 40.57 20.84
C GLY H 14 59.07 40.67 19.40
N ALA H 15 60.27 40.20 19.06
CA ALA H 15 60.78 40.24 17.70
C ALA H 15 60.51 38.90 17.01
N SER H 16 61.09 38.72 15.82
CA SER H 16 60.91 37.50 15.04
C SER H 16 62.24 37.02 14.51
N VAL H 17 62.33 35.72 14.25
CA VAL H 17 63.55 35.09 13.74
C VAL H 17 63.19 34.26 12.52
N LYS H 18 64.07 34.28 11.52
CA LYS H 18 63.86 33.59 10.25
C LYS H 18 64.83 32.42 10.14
N VAL H 19 64.31 31.29 9.64
CA VAL H 19 65.08 30.06 9.48
C VAL H 19 65.02 29.63 8.03
N SER H 20 66.17 29.23 7.48
CA SER H 20 66.27 28.76 6.11
C SER H 20 66.94 27.40 6.08
N CYS H 21 66.69 26.65 5.01
CA CYS H 21 67.21 25.28 4.87
C CYS H 21 67.38 24.98 3.38
N ASP H 22 68.61 25.05 2.90
CA ASP H 22 68.89 24.73 1.51
C ASP H 22 68.80 23.22 1.29
N THR H 23 68.49 22.83 0.06
CA THR H 23 68.31 21.43 -0.30
C THR H 23 69.26 20.95 -1.40
N SER H 24 69.81 21.86 -2.21
CA SER H 24 70.61 21.47 -3.37
C SER H 24 71.93 20.80 -2.99
N GLY H 25 72.20 20.58 -1.70
CA GLY H 25 73.42 19.89 -1.32
C GLY H 25 73.50 18.48 -1.87
N HIS H 26 72.38 17.77 -1.86
CA HIS H 26 72.32 16.41 -2.38
C HIS H 26 71.09 16.27 -3.27
N SER H 27 71.00 15.12 -3.95
CA SER H 27 69.86 14.81 -4.81
C SER H 27 68.84 14.00 -4.02
N PHE H 28 67.59 14.46 -4.04
CA PHE H 28 66.53 13.89 -3.21
C PHE H 28 65.41 13.36 -4.10
N THR H 29 65.14 12.07 -3.99
CA THR H 29 63.98 11.46 -4.63
C THR H 29 62.82 11.35 -3.63
N SER H 30 62.44 12.49 -3.07
CA SER H 30 61.42 12.55 -2.04
C SER H 30 60.43 13.66 -2.38
N ASN H 31 59.45 13.86 -1.47
CA ASN H 31 58.41 14.84 -1.71
C ASN H 31 58.05 15.63 -0.45
N ALA H 32 58.77 15.44 0.65
CA ALA H 32 58.41 16.08 1.91
C ALA H 32 59.65 16.64 2.59
N ILE H 33 59.50 17.82 3.19
CA ILE H 33 60.52 18.44 4.03
C ILE H 33 59.89 18.74 5.39
N HIS H 34 60.60 18.38 6.45
CA HIS H 34 60.07 18.44 7.81
C HIS H 34 60.87 19.41 8.66
N TRP H 35 60.46 19.55 9.92
CA TRP H 35 61.09 20.47 10.85
C TRP H 35 61.05 19.86 12.25
N VAL H 36 62.13 20.06 13.02
CA VAL H 36 62.27 19.50 14.35
C VAL H 36 62.76 20.59 15.30
N ARG H 37 62.20 20.61 16.50
CA ARG H 37 62.60 21.53 17.55
C ARG H 37 63.23 20.76 18.70
N GLN H 38 64.35 21.27 19.22
CA GLN H 38 65.02 20.69 20.38
C GLN H 38 65.33 21.78 21.38
N ALA H 39 64.78 21.66 22.58
CA ALA H 39 65.15 22.56 23.65
C ALA H 39 66.60 22.33 24.06
N PRO H 40 67.28 23.35 24.60
CA PRO H 40 68.70 23.19 24.93
C PRO H 40 68.97 22.06 25.92
N GLY H 41 68.07 21.84 26.87
CA GLY H 41 68.26 20.78 27.84
C GLY H 41 67.33 19.60 27.66
N GLN H 42 66.37 19.73 26.75
CA GLN H 42 65.35 18.71 26.53
C GLN H 42 65.56 18.06 25.16
N GLY H 43 64.64 17.17 24.80
CA GLY H 43 64.74 16.37 23.60
C GLY H 43 64.14 17.04 22.38
N LEU H 44 64.01 16.24 21.32
CA LEU H 44 63.49 16.71 20.04
C LEU H 44 61.97 16.68 20.03
N GLU H 45 61.37 17.67 19.39
CA GLU H 45 59.93 17.76 19.24
C GLU H 45 59.59 17.98 17.78
N TRP H 46 58.75 17.12 17.21
CA TRP H 46 58.36 17.23 15.82
C TRP H 46 57.45 18.43 15.61
N MET H 47 57.65 19.12 14.49
CA MET H 47 56.87 20.31 14.16
C MET H 47 55.77 20.04 13.13
N GLY H 48 56.12 19.44 12.01
CA GLY H 48 55.16 19.15 10.96
C GLY H 48 55.87 18.94 9.64
N TRP H 49 55.10 19.02 8.55
CA TRP H 49 55.65 18.85 7.22
C TRP H 49 54.81 19.65 6.22
N ILE H 50 55.44 19.99 5.11
CA ILE H 50 54.80 20.70 4.01
C ILE H 50 54.98 19.89 2.74
N ASN H 51 53.92 19.80 1.95
CA ASN H 51 53.94 18.99 0.73
C ASN H 51 54.67 19.73 -0.37
N THR H 52 55.81 19.19 -0.79
CA THR H 52 56.56 19.78 -1.90
C THR H 52 55.75 19.70 -3.18
N ASP H 53 55.92 20.71 -4.04
CA ASP H 53 55.19 20.90 -5.29
C ASP H 53 53.72 21.23 -5.08
N THR H 54 53.29 21.43 -3.85
CA THR H 54 51.92 21.87 -3.58
C THR H 54 51.95 23.07 -2.64
N GLY H 55 52.94 23.13 -1.75
CA GLY H 55 53.11 24.27 -0.89
C GLY H 55 52.18 24.32 0.32
N THR H 56 51.48 23.23 0.62
CA THR H 56 50.56 23.26 1.76
C THR H 56 51.18 22.58 2.97
N PRO H 57 51.13 23.21 4.14
CA PRO H 57 51.77 22.62 5.33
C PRO H 57 50.85 21.67 6.08
N THR H 58 51.38 21.10 7.18
CA THR H 58 50.60 20.25 8.07
C THR H 58 51.29 20.26 9.42
N TYR H 59 50.51 20.41 10.49
CA TYR H 59 51.06 20.65 11.82
C TYR H 59 50.49 19.67 12.82
N ALA H 60 51.23 19.46 13.90
CA ALA H 60 50.82 18.56 14.98
C ALA H 60 49.85 19.28 15.90
N GLN H 61 49.50 18.64 17.01
CA GLN H 61 48.53 19.22 17.94
C GLN H 61 49.08 20.45 18.64
N GLY H 62 50.30 20.35 19.18
CA GLY H 62 50.86 21.42 20.00
C GLY H 62 51.69 22.45 19.29
N PHE H 63 52.05 22.22 18.02
CA PHE H 63 52.91 23.14 17.30
C PHE H 63 52.18 23.79 16.12
N THR H 64 50.93 24.20 16.35
CA THR H 64 50.11 24.80 15.31
C THR H 64 49.85 26.27 15.60
N GLY H 65 49.58 27.03 14.55
CA GLY H 65 49.21 28.42 14.68
C GLY H 65 50.35 29.41 14.60
N ARG H 66 51.35 29.24 15.45
CA ARG H 66 52.43 30.22 15.58
C ARG H 66 53.58 29.97 14.61
N PHE H 67 53.49 28.96 13.74
CA PHE H 67 54.56 28.64 12.81
C PHE H 67 54.01 28.53 11.40
N VAL H 68 54.81 28.97 10.43
CA VAL H 68 54.41 29.01 9.03
C VAL H 68 55.47 28.34 8.18
N PHE H 69 55.04 27.47 7.27
CA PHE H 69 55.93 26.77 6.35
C PHE H 69 55.81 27.37 4.95
N SER H 70 56.95 27.48 4.27
CA SER H 70 56.98 27.99 2.90
C SER H 70 58.18 27.40 2.19
N LEU H 71 58.14 27.45 0.85
CA LEU H 71 59.17 26.87 -0.01
C LEU H 71 59.85 27.97 -0.81
N ASP H 72 60.87 27.57 -1.57
CA ASP H 72 61.65 28.48 -2.39
C ASP H 72 61.07 28.59 -3.80
N THR H 73 61.71 29.44 -4.61
CA THR H 73 61.30 29.57 -6.00
C THR H 73 61.52 28.27 -6.76
N SER H 74 62.63 27.58 -6.50
CA SER H 74 62.94 26.31 -7.13
C SER H 74 62.41 25.12 -6.33
N ALA H 75 61.57 25.37 -5.32
CA ALA H 75 60.99 24.32 -4.49
C ALA H 75 62.08 23.47 -3.82
N ARG H 76 63.17 24.12 -3.43
CA ARG H 76 64.26 23.45 -2.73
C ARG H 76 64.42 23.96 -1.31
N THR H 77 64.61 25.26 -1.13
CA THR H 77 64.85 25.84 0.18
C THR H 77 63.53 26.10 0.90
N ALA H 78 63.43 25.61 2.14
CA ALA H 78 62.24 25.81 2.95
C ALA H 78 62.48 26.94 3.94
N TYR H 79 61.58 27.92 3.93
CA TYR H 79 61.67 29.06 4.84
C TYR H 79 60.74 28.84 6.02
N LEU H 80 61.25 29.08 7.22
CA LEU H 80 60.49 28.92 8.45
C LEU H 80 60.34 30.27 9.14
N GLN H 81 59.13 30.57 9.58
CA GLN H 81 58.81 31.84 10.22
C GLN H 81 58.39 31.60 11.66
N ILE H 82 58.86 32.46 12.56
CA ILE H 82 58.54 32.38 13.98
C ILE H 82 58.00 33.73 14.41
N SER H 83 56.85 33.72 15.11
CA SER H 83 56.20 34.94 15.57
C SER H 83 55.88 34.83 17.05
N SER H 84 55.86 35.98 17.72
CA SER H 84 55.52 36.08 19.14
C SER H 84 56.46 35.21 19.99
N LEU H 85 57.74 35.57 19.96
CA LEU H 85 58.74 34.84 20.72
C LEU H 85 58.48 34.94 22.22
N LYS H 86 58.58 33.80 22.90
CA LYS H 86 58.36 33.72 24.33
C LYS H 86 59.66 33.43 25.06
N ALA H 87 59.64 33.63 26.37
CA ALA H 87 60.82 33.34 27.19
C ALA H 87 61.14 31.85 27.22
N ASP H 88 60.12 31.00 27.14
CA ASP H 88 60.30 29.56 27.13
C ASP H 88 60.44 28.98 25.73
N ASP H 89 60.50 29.83 24.71
CA ASP H 89 60.58 29.38 23.32
C ASP H 89 62.00 29.09 22.86
N THR H 90 62.98 29.15 23.75
CA THR H 90 64.36 28.86 23.35
C THR H 90 64.49 27.39 22.95
N ALA H 91 65.12 27.15 21.81
CA ALA H 91 65.27 25.82 21.25
C ALA H 91 66.21 25.90 20.06
N VAL H 92 66.63 24.72 19.59
CA VAL H 92 67.45 24.61 18.40
C VAL H 92 66.59 24.03 17.28
N PHE H 93 66.57 24.71 16.14
CA PHE H 93 65.71 24.35 15.02
C PHE H 93 66.52 23.54 14.01
N TYR H 94 66.06 22.35 13.68
CA TYR H 94 66.72 21.49 12.72
C TYR H 94 65.87 21.29 11.47
N CYS H 95 66.54 21.01 10.37
CA CYS H 95 65.90 20.71 9.09
C CYS H 95 66.29 19.32 8.67
N ALA H 96 65.31 18.46 8.42
CA ALA H 96 65.54 17.08 8.06
C ALA H 96 64.86 16.77 6.73
N ARG H 97 65.54 15.99 5.90
CA ARG H 97 65.02 15.58 4.60
C ARG H 97 65.12 14.08 4.45
N GLU H 98 64.30 13.53 3.58
CA GLU H 98 64.19 12.09 3.40
C GLU H 98 64.80 11.67 2.08
N ARG H 99 65.46 10.51 2.07
CA ARG H 99 66.14 10.05 0.86
C ARG H 99 65.13 9.52 -0.17
N ASP H 100 64.40 8.47 0.19
CA ASP H 100 63.48 7.82 -0.72
C ASP H 100 62.05 8.26 -0.43
N TYR H 101 61.12 7.74 -1.23
CA TYR H 101 59.71 7.97 -0.99
C TYR H 101 59.15 6.90 -0.05
N SER H 102 58.15 7.30 0.74
CA SER H 102 57.37 6.42 1.61
C SER H 102 58.16 5.85 2.78
N ASP H 103 59.45 6.19 2.90
CA ASP H 103 60.25 5.80 4.05
C ASP H 103 60.23 6.96 5.06
N TYR H 104 59.50 6.78 6.15
CA TYR H 104 59.23 7.86 7.07
C TYR H 104 60.25 7.98 8.20
N PHE H 105 61.47 7.51 7.96
CA PHE H 105 62.61 7.81 8.83
C PHE H 105 63.48 8.85 8.15
N PHE H 106 64.04 9.76 8.94
CA PHE H 106 64.82 10.87 8.41
C PHE H 106 66.23 10.38 8.06
N ASP H 107 66.64 10.61 6.81
CA ASP H 107 67.96 10.19 6.37
C ASP H 107 68.94 11.34 6.25
N TYR H 108 68.52 12.46 5.66
CA TYR H 108 69.36 13.65 5.55
C TYR H 108 68.96 14.67 6.59
N TRP H 109 69.94 15.39 7.12
CA TRP H 109 69.71 16.39 8.16
C TRP H 109 70.47 17.66 7.82
N GLY H 110 69.97 18.78 8.32
CA GLY H 110 70.62 20.06 8.11
C GLY H 110 71.79 20.26 9.04
N GLN H 111 72.37 21.47 8.98
CA GLN H 111 73.47 21.80 9.86
C GLN H 111 73.02 22.25 11.24
N GLY H 112 71.73 22.55 11.40
CA GLY H 112 71.22 23.01 12.68
C GLY H 112 71.14 24.52 12.78
N THR H 113 69.98 25.02 13.22
CA THR H 113 69.76 26.46 13.39
C THR H 113 69.43 26.74 14.84
N LEU H 114 70.16 27.68 15.44
CA LEU H 114 69.99 28.02 16.84
C LEU H 114 69.39 29.42 16.98
N VAL H 115 68.41 29.56 17.86
CA VAL H 115 67.79 30.83 18.16
C VAL H 115 67.84 31.05 19.65
N THR H 116 67.83 32.33 20.05
CA THR H 116 67.92 32.70 21.46
C THR H 116 67.24 34.05 21.66
N VAL H 117 66.46 34.15 22.73
CA VAL H 117 65.75 35.39 23.07
C VAL H 117 66.32 35.90 24.38
N SER H 118 66.92 37.09 24.34
CA SER H 118 67.51 37.73 25.50
C SER H 118 67.74 39.20 25.18
N SER H 119 68.28 39.93 26.14
CA SER H 119 68.57 41.35 25.95
C SER H 119 69.64 41.82 26.93
N GLU I 1 46.55 9.21 20.99
CA GLU I 1 47.72 9.10 20.12
C GLU I 1 48.65 8.00 20.61
N VAL I 2 49.83 7.90 19.99
CA VAL I 2 50.84 6.91 20.35
C VAL I 2 52.00 7.65 21.01
N VAL I 3 52.25 7.33 22.27
CA VAL I 3 53.34 7.91 23.04
C VAL I 3 54.22 6.79 23.55
N MET I 4 55.52 6.88 23.30
CA MET I 4 56.48 5.88 23.73
C MET I 4 57.30 6.39 24.91
N THR I 5 57.83 5.45 25.69
CA THR I 5 58.68 5.76 26.83
C THR I 5 60.08 5.22 26.54
N GLN I 6 61.10 5.98 26.89
CA GLN I 6 62.50 5.59 26.66
C GLN I 6 63.20 5.54 28.01
N SER I 7 63.53 4.34 28.46
CA SER I 7 64.18 4.11 29.74
C SER I 7 65.40 3.24 29.54
N PRO I 8 66.42 3.36 30.41
CA PRO I 8 66.54 4.24 31.57
C PRO I 8 66.68 5.72 31.22
N ALA I 9 66.51 6.59 32.21
CA ALA I 9 66.61 8.03 31.97
C ALA I 9 68.00 8.41 31.49
N SER I 10 69.04 7.84 32.12
CA SER I 10 70.42 8.15 31.75
C SER I 10 71.28 6.95 32.09
N LEU I 11 71.83 6.30 31.08
CA LEU I 11 72.70 5.15 31.31
C LEU I 11 74.05 5.59 31.85
N SER I 12 74.73 4.66 32.53
CA SER I 12 76.05 4.93 33.08
C SER I 12 76.82 3.60 33.07
N VAL I 13 77.64 3.41 32.03
CA VAL I 13 78.47 2.22 31.91
C VAL I 13 79.88 2.65 31.51
N SER I 14 80.85 1.80 31.84
CA SER I 14 82.24 2.04 31.48
C SER I 14 82.49 1.62 30.03
N PRO I 15 83.44 2.25 29.36
CA PRO I 15 83.80 1.81 28.01
C PRO I 15 84.27 0.37 28.00
N GLY I 16 83.94 -0.35 26.93
CA GLY I 16 84.22 -1.76 26.83
C GLY I 16 83.13 -2.67 27.36
N GLU I 17 82.07 -2.10 27.93
CA GLU I 17 80.93 -2.86 28.44
C GLU I 17 79.71 -2.55 27.60
N ARG I 18 78.98 -3.59 27.20
CA ARG I 18 77.82 -3.41 26.34
C ARG I 18 76.75 -2.60 27.04
N ALA I 19 76.20 -1.61 26.32
CA ALA I 19 75.14 -0.76 26.83
C ALA I 19 73.85 -1.08 26.10
N THR I 20 72.77 -1.29 26.87
CA THR I 20 71.48 -1.67 26.33
C THR I 20 70.46 -0.57 26.58
N LEU I 21 69.79 -0.14 25.51
CA LEU I 21 68.73 0.87 25.60
C LEU I 21 67.42 0.24 25.15
N SER I 22 66.35 0.46 25.91
CA SER I 22 65.04 -0.07 25.61
C SER I 22 64.07 1.07 25.35
N CYS I 23 63.42 1.04 24.20
CA CYS I 23 62.39 2.03 23.83
C CYS I 23 61.08 1.28 23.62
N ARG I 24 60.12 1.51 24.50
CA ARG I 24 58.82 0.86 24.45
C ARG I 24 57.72 1.88 24.18
N ALA I 25 56.75 1.48 23.36
CA ALA I 25 55.67 2.35 22.95
C ALA I 25 54.35 1.86 23.54
N ARG I 26 53.55 2.80 24.04
CA ARG I 26 52.24 2.49 24.62
C ARG I 26 51.21 2.40 23.51
N ALA I 27 51.14 1.23 22.88
CA ALA I 27 50.18 0.96 21.84
C ALA I 27 49.48 -0.36 22.14
N SER I 28 48.15 -0.37 22.01
CA SER I 28 47.39 -1.58 22.26
C SER I 28 47.73 -2.67 21.24
N LEU I 29 47.88 -2.29 19.97
CA LEU I 29 48.18 -3.25 18.92
C LEU I 29 49.67 -3.40 18.64
N GLY I 30 50.47 -2.37 18.91
CA GLY I 30 51.91 -2.42 18.71
C GLY I 30 52.34 -1.56 17.54
N ILE I 31 53.65 -1.63 17.26
CA ILE I 31 54.26 -0.85 16.20
C ILE I 31 54.69 -1.73 15.02
N SER I 32 55.00 -3.01 15.26
CA SER I 32 55.40 -3.96 14.22
C SER I 32 56.69 -3.50 13.53
N THR I 33 57.75 -3.38 14.33
CA THR I 33 59.12 -3.14 13.88
C THR I 33 59.28 -1.84 13.10
N ASP I 34 58.35 -0.90 13.26
CA ASP I 34 58.45 0.40 12.59
C ASP I 34 59.02 1.43 13.57
N LEU I 35 60.27 1.21 13.96
CA LEU I 35 60.95 2.04 14.92
C LEU I 35 62.32 2.44 14.39
N ALA I 36 62.79 3.63 14.79
CA ALA I 36 64.09 4.13 14.38
C ALA I 36 64.81 4.71 15.60
N TRP I 37 66.14 4.75 15.52
CA TRP I 37 66.98 5.25 16.60
C TRP I 37 67.85 6.38 16.09
N TYR I 38 68.05 7.40 16.93
CA TYR I 38 68.75 8.62 16.55
C TYR I 38 69.79 8.99 17.60
N GLN I 39 70.83 9.69 17.15
CA GLN I 39 71.90 10.17 18.02
C GLN I 39 72.04 11.68 17.84
N GLN I 40 72.09 12.41 18.95
CA GLN I 40 72.21 13.87 18.92
C GLN I 40 73.36 14.29 19.83
N ARG I 41 74.53 14.51 19.25
CA ARG I 41 75.64 15.10 19.99
C ARG I 41 75.36 16.57 20.24
N PRO I 42 75.83 17.11 21.37
CA PRO I 42 75.66 18.54 21.62
C PRO I 42 76.29 19.37 20.51
N GLY I 43 75.63 20.45 20.15
CA GLY I 43 76.10 21.27 19.04
C GLY I 43 75.46 20.92 17.72
N GLN I 44 76.15 20.08 16.94
CA GLN I 44 75.71 19.75 15.59
C GLN I 44 74.34 19.06 15.60
N ALA I 45 73.75 18.95 14.42
CA ALA I 45 72.44 18.37 14.25
C ALA I 45 72.48 16.87 14.52
N PRO I 46 71.35 16.27 14.91
CA PRO I 46 71.32 14.83 15.18
C PRO I 46 71.54 14.01 13.92
N ARG I 47 72.10 12.82 14.12
CA ARG I 47 72.39 11.87 13.05
C ARG I 47 71.66 10.57 13.31
N LEU I 48 71.15 9.95 12.24
CA LEU I 48 70.43 8.69 12.36
C LEU I 48 71.34 7.58 12.87
N LEU I 49 70.75 6.61 13.57
CA LEU I 49 71.48 5.41 13.98
C LEU I 49 71.01 4.18 13.22
N ILE I 50 69.71 3.87 13.27
CA ILE I 50 69.17 2.66 12.67
C ILE I 50 67.75 2.96 12.17
N TYR I 51 67.46 2.55 10.95
CA TYR I 51 66.11 2.60 10.41
C TYR I 51 65.51 1.20 10.44
N GLY I 52 64.26 1.10 10.88
CA GLY I 52 63.64 -0.19 11.04
C GLY I 52 64.10 -0.88 12.32
N ALA I 53 63.67 -2.13 12.47
CA ALA I 53 63.96 -2.87 13.68
C ALA I 53 65.46 -3.15 13.83
N SER I 54 66.08 -3.71 12.79
CA SER I 54 67.44 -4.20 12.90
C SER I 54 68.39 -3.54 11.90
N THR I 55 68.00 -3.42 10.64
CA THR I 55 68.93 -3.03 9.59
C THR I 55 69.47 -1.62 9.82
N ARG I 56 70.71 -1.41 9.38
CA ARG I 56 71.41 -0.14 9.55
C ARG I 56 71.57 0.57 8.22
N ALA I 57 71.54 1.90 8.27
CA ALA I 57 71.73 2.69 7.07
C ALA I 57 73.21 2.80 6.71
N THR I 58 73.46 3.26 5.49
CA THR I 58 74.84 3.38 5.01
C THR I 58 75.59 4.43 5.82
N GLY I 59 76.83 4.10 6.20
CA GLY I 59 77.66 5.00 6.98
C GLY I 59 77.58 4.83 8.47
N ILE I 60 76.99 3.76 8.96
CA ILE I 60 76.85 3.50 10.39
C ILE I 60 77.93 2.51 10.80
N PRO I 61 78.75 2.83 11.80
CA PRO I 61 79.77 1.88 12.26
C PRO I 61 79.13 0.64 12.88
N ALA I 62 79.89 -0.46 12.87
CA ALA I 62 79.43 -1.76 13.35
C ALA I 62 79.20 -1.80 14.86
N ARG I 63 79.43 -0.70 15.59
CA ARG I 63 79.24 -0.72 17.03
C ARG I 63 77.77 -0.69 17.43
N PHE I 64 76.90 -0.21 16.52
CA PHE I 64 75.49 -0.10 16.83
C PHE I 64 74.74 -1.35 16.37
N SER I 65 73.80 -1.81 17.20
CA SER I 65 72.99 -2.97 16.88
C SER I 65 71.61 -2.80 17.49
N GLY I 66 70.58 -3.16 16.73
CA GLY I 66 69.20 -3.05 17.20
C GLY I 66 68.49 -4.38 17.33
N SER I 67 67.47 -4.43 18.18
CA SER I 67 66.73 -5.67 18.41
C SER I 67 65.36 -5.33 18.94
N GLY I 68 64.48 -6.31 18.87
CA GLY I 68 63.13 -6.18 19.41
C GLY I 68 62.07 -6.19 18.31
N SER I 69 60.87 -6.60 18.68
CA SER I 69 59.76 -6.67 17.75
C SER I 69 58.45 -6.61 18.50
N GLY I 70 57.42 -6.08 17.85
CA GLY I 70 56.08 -6.04 18.40
C GLY I 70 55.82 -4.90 19.35
N THR I 71 56.29 -5.01 20.59
CA THR I 71 56.10 -3.97 21.60
C THR I 71 57.36 -3.64 22.39
N GLU I 72 58.33 -4.52 22.47
CA GLU I 72 59.58 -4.28 23.18
C GLU I 72 60.73 -4.24 22.18
N PHE I 73 61.50 -3.16 22.22
CA PHE I 73 62.64 -2.98 21.32
C PHE I 73 63.86 -2.59 22.14
N THR I 74 64.97 -3.28 21.93
CA THR I 74 66.19 -3.08 22.70
C THR I 74 67.34 -2.78 21.75
N LEU I 75 68.09 -1.71 22.04
CA LEU I 75 69.26 -1.33 21.27
C LEU I 75 70.51 -1.60 22.09
N THR I 76 71.48 -2.29 21.49
CA THR I 76 72.72 -2.66 22.15
C THR I 76 73.91 -2.05 21.42
N ILE I 77 74.85 -1.50 22.19
CA ILE I 77 76.04 -0.86 21.66
C ILE I 77 77.26 -1.51 22.30
N SER I 78 78.25 -1.87 21.49
CA SER I 78 79.47 -2.50 21.95
C SER I 78 80.67 -1.63 21.60
N SER I 79 81.69 -1.69 22.46
CA SER I 79 82.96 -0.97 22.26
C SER I 79 82.72 0.54 22.17
N LEU I 80 82.25 1.09 23.29
CA LEU I 80 81.98 2.52 23.37
C LEU I 80 83.28 3.33 23.29
N GLN I 81 83.20 4.51 22.70
CA GLN I 81 84.30 5.46 22.67
C GLN I 81 83.81 6.82 23.19
N SER I 82 84.66 7.83 23.04
CA SER I 82 84.34 9.16 23.52
C SER I 82 83.30 9.86 22.67
N GLU I 83 83.16 9.47 21.40
CA GLU I 83 82.19 10.11 20.50
C GLU I 83 80.77 9.58 20.69
N ASP I 84 80.57 8.56 21.51
CA ASP I 84 79.25 8.00 21.75
C ASP I 84 78.49 8.72 22.84
N SER I 85 79.08 9.72 23.48
CA SER I 85 78.42 10.49 24.53
C SER I 85 77.47 11.47 23.86
N ALA I 86 76.21 11.06 23.70
CA ALA I 86 75.21 11.89 23.04
C ALA I 86 73.83 11.45 23.49
N VAL I 87 72.85 12.31 23.23
CA VAL I 87 71.46 12.04 23.58
C VAL I 87 70.85 11.16 22.51
N TYR I 88 70.21 10.07 22.92
CA TYR I 88 69.65 9.07 22.01
C TYR I 88 68.13 9.15 22.03
N TYR I 89 67.52 8.99 20.86
CA TYR I 89 66.08 9.08 20.69
C TYR I 89 65.54 7.84 20.00
N CYS I 90 64.22 7.77 19.88
CA CYS I 90 63.54 6.71 19.15
C CYS I 90 62.19 7.20 18.68
N GLN I 91 61.92 7.07 17.38
CA GLN I 91 60.65 7.48 16.80
C GLN I 91 59.99 6.28 16.11
N GLN I 92 58.67 6.24 16.16
CA GLN I 92 57.89 5.16 15.54
C GLN I 92 57.14 5.75 14.33
N TYR I 93 57.48 5.26 13.14
CA TYR I 93 56.81 5.68 11.91
C TYR I 93 55.73 4.66 11.52
N SER I 94 54.81 4.42 12.44
CA SER I 94 53.70 3.49 12.22
C SER I 94 52.36 4.18 12.12
N ASN I 95 52.07 5.11 13.03
CA ASN I 95 50.86 5.90 13.06
C ASN I 95 51.20 7.34 12.70
N TRP I 96 50.23 8.24 12.87
CA TRP I 96 50.52 9.64 12.56
C TRP I 96 50.38 10.59 13.74
N PRO I 97 50.81 10.22 14.97
CA PRO I 97 51.36 11.23 15.87
C PRO I 97 52.88 11.27 15.78
N LEU I 98 53.43 11.79 14.69
CA LEU I 98 54.87 11.74 14.49
C LEU I 98 55.60 12.44 15.63
N THR I 99 56.28 11.67 16.48
CA THR I 99 56.96 12.18 17.65
C THR I 99 58.25 11.40 17.86
N PHE I 100 59.12 11.94 18.70
CA PHE I 100 60.40 11.35 19.04
C PHE I 100 60.34 10.73 20.44
N GLY I 101 61.47 10.16 20.86
CA GLY I 101 61.54 9.51 22.15
C GLY I 101 61.54 10.50 23.30
N GLY I 102 61.50 9.94 24.51
CA GLY I 102 61.50 10.75 25.72
C GLY I 102 62.82 11.38 26.07
N GLY I 103 63.91 10.94 25.43
CA GLY I 103 65.22 11.52 25.69
C GLY I 103 66.06 10.72 26.65
N THR I 104 67.13 10.11 26.14
CA THR I 104 68.08 9.34 26.94
C THR I 104 69.45 9.95 26.79
N LYS I 105 70.10 10.27 27.91
CA LYS I 105 71.41 10.89 27.93
C LYS I 105 72.41 9.90 28.52
N VAL I 106 73.03 9.10 27.66
CA VAL I 106 73.99 8.12 28.11
C VAL I 106 75.25 8.83 28.62
N GLU I 107 75.87 8.24 29.65
CA GLU I 107 77.06 8.79 30.27
C GLU I 107 78.16 7.75 30.28
N ILE I 108 79.39 8.21 30.00
CA ILE I 108 80.56 7.34 29.97
C ILE I 108 81.29 7.43 31.30
N LYS I 109 81.50 6.28 31.94
CA LYS I 109 82.21 6.25 33.21
C LYS I 109 83.71 6.48 33.02
#